data_1JM4
#
_entry.id   1JM4
#
_cell.length_a   ?
_cell.length_b   ?
_cell.length_c   ?
_cell.angle_alpha   ?
_cell.angle_beta   ?
_cell.angle_gamma   ?
#
loop_
_entity.id
_entity.type
_entity.pdbx_description
1 polymer 'HIV-1 Tat Peptide'
2 polymer 'P300/CBP-associated Factor'
#
loop_
_entity_poly.entity_id
_entity_poly.type
_entity_poly.pdbx_seq_one_letter_code
_entity_poly.pdbx_strand_id
1 'polypeptide(L)' SYGR(ALY)KRRQRC A
2 'polypeptide(L)'
;GSHMSKEPRDPDQLYSTLKSILQQVKSHQSAWPFMEPVKRTEAPGYYEVIRFPMDLKTMSERLKNRYYVSKKLFMADLQR
VFTNCKEYNPPESEYYKCANILEKFFFSKIKEAGLIDK
;
B
#
# COMPACT_ATOMS: atom_id res chain seq x y z
N SER A 1 -4.60 -7.51 -20.89
CA SER A 1 -3.46 -6.60 -21.21
C SER A 1 -3.09 -5.77 -19.98
N TYR A 2 -2.01 -6.09 -19.33
CA TYR A 2 -1.60 -5.30 -18.13
C TYR A 2 -2.76 -5.22 -17.13
N GLY A 3 -2.61 -4.45 -16.09
CA GLY A 3 -3.69 -4.33 -15.08
C GLY A 3 -5.00 -3.94 -15.77
N ARG A 4 -6.03 -3.71 -15.02
CA ARG A 4 -7.34 -3.31 -15.63
C ARG A 4 -8.01 -2.23 -14.78
N LYS A 6 -11.19 -1.75 -13.72
CA LYS A 6 -12.41 -1.23 -14.42
C LYS A 6 -13.68 -1.74 -13.75
N ARG A 7 -14.77 -1.80 -14.45
CA ARG A 7 -16.03 -2.29 -13.85
C ARG A 7 -15.96 -3.82 -13.68
N ARG A 8 -16.98 -4.41 -13.13
CA ARG A 8 -16.97 -5.89 -12.95
C ARG A 8 -17.33 -6.59 -14.25
N GLN A 9 -16.45 -7.41 -14.76
CA GLN A 9 -16.74 -8.13 -16.04
C GLN A 9 -17.97 -9.03 -15.87
N ARG A 10 -19.09 -8.62 -16.42
CA ARG A 10 -20.31 -9.45 -16.29
C ARG A 10 -20.26 -10.63 -17.26
N CYS A 11 -20.09 -11.83 -16.74
CA CYS A 11 -20.03 -13.02 -17.63
C CYS A 11 -21.37 -13.74 -17.66
N GLY B 1 25.55 4.45 -0.59
CA GLY B 1 25.50 3.83 0.78
C GLY B 1 24.93 2.42 0.68
N SER B 2 25.25 1.58 1.61
CA SER B 2 24.72 0.17 1.57
C SER B 2 24.61 -0.40 2.99
N HIS B 3 23.43 -0.43 3.54
CA HIS B 3 23.26 -0.97 4.91
C HIS B 3 21.94 -1.75 5.00
N MET B 4 20.88 -1.20 4.48
CA MET B 4 19.56 -1.90 4.53
C MET B 4 19.22 -2.28 5.97
N SER B 5 18.88 -1.31 6.78
CA SER B 5 18.54 -1.61 8.20
C SER B 5 17.14 -2.24 8.28
N LYS B 6 16.12 -1.45 8.10
CA LYS B 6 14.74 -1.99 8.17
C LYS B 6 14.52 -2.77 9.47
N GLU B 7 14.89 -2.20 10.58
CA GLU B 7 14.71 -2.91 11.88
C GLU B 7 13.63 -2.21 12.73
N PRO B 8 12.58 -2.92 13.04
CA PRO B 8 11.48 -2.33 13.83
C PRO B 8 11.83 -2.32 15.33
N ARG B 9 12.95 -2.86 15.70
CA ARG B 9 13.34 -2.89 17.14
C ARG B 9 12.27 -3.58 17.98
N ASP B 10 11.27 -2.87 18.41
CA ASP B 10 10.21 -3.50 19.24
C ASP B 10 8.92 -3.68 18.41
N PRO B 11 8.31 -4.84 18.52
CA PRO B 11 7.07 -5.10 17.77
C PRO B 11 5.98 -4.11 18.16
N ASP B 12 5.68 -3.99 19.43
CA ASP B 12 4.63 -3.03 19.87
C ASP B 12 4.97 -1.63 19.35
N GLN B 13 6.20 -1.23 19.43
CA GLN B 13 6.59 0.11 18.92
C GLN B 13 6.13 0.26 17.47
N LEU B 14 6.21 -0.79 16.71
CA LEU B 14 5.76 -0.73 15.29
C LEU B 14 4.23 -0.65 15.22
N TYR B 15 3.55 -1.37 16.08
CA TYR B 15 2.06 -1.36 16.05
C TYR B 15 1.53 0.07 15.99
N SER B 16 1.97 0.91 16.89
CA SER B 16 1.48 2.31 16.88
C SER B 16 2.22 3.12 15.80
N THR B 17 3.38 2.69 15.41
CA THR B 17 4.10 3.42 14.33
C THR B 17 3.34 3.21 13.02
N LEU B 18 3.20 1.98 12.61
CA LEU B 18 2.42 1.70 11.38
C LEU B 18 1.03 2.32 11.54
N LYS B 19 0.49 2.27 12.72
CA LYS B 19 -0.82 2.92 12.97
C LYS B 19 -0.67 4.43 12.72
N SER B 20 0.50 4.95 12.96
CA SER B 20 0.72 6.40 12.70
C SER B 20 0.77 6.64 11.19
N ILE B 21 1.65 5.97 10.49
CA ILE B 21 1.70 6.13 9.02
C ILE B 21 0.30 5.87 8.42
N LEU B 22 -0.33 4.81 8.86
CA LEU B 22 -1.69 4.48 8.35
C LEU B 22 -2.70 5.55 8.76
N GLN B 23 -2.79 5.83 10.03
CA GLN B 23 -3.76 6.85 10.53
C GLN B 23 -3.76 8.09 9.65
N GLN B 24 -2.60 8.56 9.23
CA GLN B 24 -2.56 9.75 8.34
C GLN B 24 -2.85 9.32 6.90
N VAL B 25 -2.59 8.09 6.59
CA VAL B 25 -2.86 7.58 5.22
C VAL B 25 -4.37 7.30 5.07
N LYS B 26 -4.97 6.76 6.09
CA LYS B 26 -6.43 6.48 6.02
C LYS B 26 -7.21 7.78 5.82
N SER B 27 -6.80 8.83 6.47
CA SER B 27 -7.50 10.13 6.31
C SER B 27 -6.81 11.00 5.24
N HIS B 28 -5.98 10.40 4.42
CA HIS B 28 -5.29 11.19 3.37
C HIS B 28 -6.28 11.61 2.28
N GLN B 29 -6.04 12.72 1.65
CA GLN B 29 -6.97 13.18 0.58
C GLN B 29 -6.72 12.45 -0.74
N SER B 30 -5.87 11.47 -0.75
CA SER B 30 -5.59 10.74 -2.02
C SER B 30 -5.62 9.22 -1.82
N ALA B 31 -5.84 8.76 -0.62
CA ALA B 31 -5.86 7.29 -0.38
C ALA B 31 -7.23 6.68 -0.75
N TRP B 32 -8.10 7.46 -1.34
CA TRP B 32 -9.44 6.92 -1.72
C TRP B 32 -9.34 5.65 -2.58
N PRO B 33 -8.50 5.68 -3.60
CA PRO B 33 -8.39 4.49 -4.50
C PRO B 33 -7.81 3.30 -3.74
N PHE B 34 -6.95 3.54 -2.79
CA PHE B 34 -6.35 2.41 -2.03
C PHE B 34 -7.32 1.89 -0.96
N MET B 35 -8.48 2.48 -0.83
CA MET B 35 -9.42 2.02 0.22
C MET B 35 -10.44 1.04 -0.37
N GLU B 36 -10.09 0.38 -1.44
CA GLU B 36 -11.02 -0.60 -2.05
C GLU B 36 -10.26 -1.79 -2.63
N PRO B 37 -10.94 -2.91 -2.76
CA PRO B 37 -10.31 -4.12 -3.31
C PRO B 37 -10.41 -4.12 -4.83
N VAL B 38 -9.46 -4.70 -5.52
CA VAL B 38 -9.54 -4.71 -7.01
C VAL B 38 -10.57 -5.78 -7.44
N LYS B 39 -10.34 -6.44 -8.55
CA LYS B 39 -11.30 -7.49 -8.99
C LYS B 39 -10.88 -8.87 -8.47
N ARG B 40 -9.61 -9.17 -8.54
CA ARG B 40 -9.13 -10.50 -8.07
C ARG B 40 -9.89 -11.62 -8.78
N THR B 41 -10.42 -11.35 -9.94
CA THR B 41 -11.16 -12.39 -10.70
C THR B 41 -11.33 -11.97 -12.15
N GLU B 42 -11.60 -10.71 -12.39
CA GLU B 42 -11.77 -10.23 -13.78
C GLU B 42 -10.83 -9.04 -14.05
N ALA B 43 -9.85 -8.85 -13.22
CA ALA B 43 -8.90 -7.72 -13.44
C ALA B 43 -7.62 -8.23 -14.11
N PRO B 44 -7.60 -8.22 -15.42
CA PRO B 44 -6.41 -8.69 -16.16
C PRO B 44 -5.16 -7.93 -15.72
N GLY B 45 -4.03 -8.57 -15.72
CA GLY B 45 -2.78 -7.87 -15.31
C GLY B 45 -2.40 -8.34 -13.90
N TYR B 46 -3.30 -8.26 -12.96
CA TYR B 46 -2.99 -8.71 -11.57
C TYR B 46 -2.45 -10.14 -11.61
N TYR B 47 -2.08 -10.69 -10.48
CA TYR B 47 -1.50 -12.06 -10.48
C TYR B 47 -0.33 -12.14 -11.48
N GLU B 48 0.27 -11.01 -11.76
CA GLU B 48 1.41 -10.98 -12.72
C GLU B 48 2.14 -9.64 -12.57
N VAL B 49 1.43 -8.56 -12.70
CA VAL B 49 2.06 -7.22 -12.51
C VAL B 49 1.87 -6.79 -11.06
N ILE B 50 0.76 -7.19 -10.50
CA ILE B 50 0.46 -6.81 -9.08
C ILE B 50 0.64 -8.03 -8.18
N ARG B 51 1.86 -8.39 -7.89
CA ARG B 51 2.10 -9.58 -7.01
C ARG B 51 1.23 -9.50 -5.76
N PHE B 52 1.33 -8.42 -5.03
CA PHE B 52 0.49 -8.26 -3.83
C PHE B 52 -0.33 -6.97 -3.93
N PRO B 53 -1.48 -7.06 -4.57
CA PRO B 53 -2.35 -5.88 -4.73
C PRO B 53 -2.59 -5.20 -3.38
N MET B 54 -3.22 -5.89 -2.46
CA MET B 54 -3.49 -5.31 -1.12
C MET B 54 -4.23 -3.97 -1.25
N ASP B 55 -4.73 -3.46 -0.16
CA ASP B 55 -5.46 -2.16 -0.21
C ASP B 55 -5.92 -1.78 1.20
N LEU B 56 -5.95 -0.51 1.50
CA LEU B 56 -6.39 -0.10 2.86
C LEU B 56 -7.74 -0.71 3.20
N LYS B 57 -8.57 -0.91 2.20
CA LYS B 57 -9.91 -1.53 2.45
C LYS B 57 -9.73 -2.86 3.21
N THR B 58 -8.67 -3.57 2.96
CA THR B 58 -8.44 -4.87 3.67
C THR B 58 -7.15 -4.82 4.49
N MET B 59 -6.21 -4.01 4.10
CA MET B 59 -4.92 -3.93 4.84
C MET B 59 -5.11 -3.25 6.19
N SER B 60 -5.82 -2.16 6.22
CA SER B 60 -6.02 -1.44 7.52
C SER B 60 -6.64 -2.39 8.55
N GLU B 61 -7.31 -3.41 8.10
CA GLU B 61 -7.95 -4.36 9.06
C GLU B 61 -6.87 -5.19 9.77
N ARG B 62 -5.70 -5.26 9.20
CA ARG B 62 -4.61 -6.05 9.83
C ARG B 62 -3.96 -5.26 10.97
N LEU B 63 -3.67 -4.00 10.74
CA LEU B 63 -3.05 -3.17 11.81
C LEU B 63 -3.89 -3.28 13.09
N LYS B 64 -5.17 -3.50 12.94
CA LYS B 64 -6.03 -3.68 14.15
C LYS B 64 -5.83 -5.09 14.70
N ASN B 65 -5.45 -6.01 13.86
CA ASN B 65 -5.21 -7.41 14.32
C ASN B 65 -3.71 -7.68 14.42
N ARG B 66 -2.90 -6.65 14.34
CA ARG B 66 -1.42 -6.87 14.39
C ARG B 66 -1.00 -7.92 13.37
N TYR B 67 -1.52 -7.85 12.18
CA TYR B 67 -1.11 -8.82 11.13
C TYR B 67 0.13 -8.29 10.40
N TYR B 68 0.41 -7.02 10.54
CA TYR B 68 1.61 -6.44 9.89
C TYR B 68 2.28 -5.47 10.87
N VAL B 69 2.74 -5.98 11.97
CA VAL B 69 3.33 -5.08 13.01
C VAL B 69 4.86 -5.14 12.97
N SER B 70 5.46 -5.06 11.81
CA SER B 70 6.94 -5.12 11.74
C SER B 70 7.47 -4.26 10.58
N LYS B 71 8.74 -4.38 10.29
CA LYS B 71 9.36 -3.57 9.20
C LYS B 71 8.74 -3.92 7.82
N LYS B 72 9.50 -4.50 6.92
CA LYS B 72 8.94 -4.82 5.57
C LYS B 72 7.57 -5.48 5.66
N LEU B 73 7.25 -6.11 6.75
CA LEU B 73 5.92 -6.77 6.87
C LEU B 73 4.81 -5.77 6.54
N PHE B 74 4.79 -4.66 7.22
CA PHE B 74 3.74 -3.64 6.93
C PHE B 74 4.11 -2.81 5.70
N MET B 75 5.36 -2.49 5.55
CA MET B 75 5.79 -1.69 4.36
C MET B 75 5.62 -2.50 3.09
N ALA B 76 5.64 -3.80 3.20
CA ALA B 76 5.46 -4.66 1.99
C ALA B 76 4.08 -4.42 1.38
N ASP B 77 3.05 -4.67 2.13
CA ASP B 77 1.67 -4.48 1.60
C ASP B 77 1.43 -3.01 1.24
N LEU B 78 1.85 -2.10 2.09
CA LEU B 78 1.64 -0.66 1.77
C LEU B 78 2.46 -0.28 0.53
N GLN B 79 3.75 -0.51 0.58
CA GLN B 79 4.58 -0.19 -0.61
C GLN B 79 4.04 -0.95 -1.82
N ARG B 80 3.48 -2.11 -1.60
CA ARG B 80 2.89 -2.89 -2.72
C ARG B 80 1.74 -2.11 -3.33
N VAL B 81 0.80 -1.68 -2.52
CA VAL B 81 -0.34 -0.89 -3.04
C VAL B 81 0.18 0.30 -3.85
N PHE B 82 1.28 0.87 -3.45
CA PHE B 82 1.83 2.03 -4.19
C PHE B 82 2.60 1.58 -5.43
N THR B 83 3.45 0.61 -5.30
CA THR B 83 4.27 0.16 -6.47
C THR B 83 3.44 -0.67 -7.45
N ASN B 84 2.56 -1.51 -6.97
CA ASN B 84 1.76 -2.35 -7.91
C ASN B 84 0.70 -1.49 -8.62
N CYS B 85 0.03 -0.64 -7.90
CA CYS B 85 -1.00 0.22 -8.56
C CYS B 85 -0.35 1.07 -9.64
N LYS B 86 0.84 1.54 -9.40
CA LYS B 86 1.54 2.37 -10.42
C LYS B 86 2.05 1.47 -11.55
N GLU B 87 2.31 0.23 -11.26
CA GLU B 87 2.80 -0.69 -12.33
C GLU B 87 1.84 -0.71 -13.51
N TYR B 88 0.60 -0.31 -13.29
CA TYR B 88 -0.39 -0.31 -14.39
C TYR B 88 -1.02 1.08 -14.53
N ASN B 89 -1.45 1.66 -13.44
CA ASN B 89 -2.09 3.00 -13.49
C ASN B 89 -1.27 3.98 -14.33
N PRO B 90 -1.91 5.01 -14.81
CA PRO B 90 -1.23 6.02 -15.64
C PRO B 90 0.05 6.51 -14.96
N PRO B 91 1.01 6.90 -15.75
CA PRO B 91 2.25 7.46 -15.18
C PRO B 91 1.95 8.78 -14.46
N GLU B 92 0.79 9.36 -14.71
CA GLU B 92 0.43 10.65 -14.04
C GLU B 92 -0.90 11.17 -14.58
N SER B 93 -1.96 10.41 -14.45
CA SER B 93 -3.27 10.88 -14.96
C SER B 93 -4.30 10.95 -13.84
N GLU B 94 -4.61 9.85 -13.22
CA GLU B 94 -5.62 9.87 -12.14
C GLU B 94 -5.18 9.01 -10.95
N TYR B 95 -4.68 7.84 -11.21
CA TYR B 95 -4.26 6.94 -10.09
C TYR B 95 -2.87 7.34 -9.59
N TYR B 96 -1.94 7.57 -10.47
CA TYR B 96 -0.56 7.94 -10.04
C TYR B 96 -0.59 9.06 -9.01
N LYS B 97 -1.40 10.06 -9.24
CA LYS B 97 -1.45 11.21 -8.28
C LYS B 97 -1.55 10.73 -6.84
N CYS B 98 -2.47 9.84 -6.56
CA CYS B 98 -2.61 9.34 -5.16
C CYS B 98 -1.37 8.55 -4.76
N ALA B 99 -1.10 7.46 -5.43
CA ALA B 99 0.10 6.64 -5.10
C ALA B 99 1.34 7.53 -4.99
N ASN B 100 1.38 8.59 -5.74
CA ASN B 100 2.54 9.52 -5.67
C ASN B 100 2.49 10.30 -4.36
N ILE B 101 1.40 10.99 -4.11
CA ILE B 101 1.28 11.76 -2.84
C ILE B 101 1.42 10.83 -1.64
N LEU B 102 0.54 9.86 -1.51
CA LEU B 102 0.63 8.92 -0.36
C LEU B 102 2.06 8.39 -0.21
N GLU B 103 2.64 7.91 -1.27
CA GLU B 103 4.03 7.40 -1.20
C GLU B 103 4.97 8.50 -0.70
N LYS B 104 4.68 9.73 -1.03
CA LYS B 104 5.56 10.85 -0.62
C LYS B 104 5.31 11.25 0.83
N PHE B 105 4.07 11.39 1.21
CA PHE B 105 3.77 11.81 2.61
C PHE B 105 4.11 10.72 3.61
N PHE B 106 3.61 9.53 3.43
CA PHE B 106 3.88 8.44 4.39
C PHE B 106 5.40 8.17 4.48
N PHE B 107 6.14 8.55 3.47
CA PHE B 107 7.61 8.32 3.49
C PHE B 107 8.24 8.99 4.72
N SER B 108 8.03 10.27 4.87
CA SER B 108 8.62 11.01 6.02
C SER B 108 8.33 10.27 7.33
N LYS B 109 7.22 9.62 7.43
CA LYS B 109 6.87 8.90 8.69
C LYS B 109 7.61 7.55 8.76
N ILE B 110 7.50 6.77 7.73
CA ILE B 110 8.18 5.45 7.74
C ILE B 110 9.69 5.65 7.73
N LYS B 111 10.16 6.70 7.11
CA LYS B 111 11.63 6.97 7.12
C LYS B 111 12.06 7.38 8.53
N GLU B 112 11.32 8.25 9.15
CA GLU B 112 11.66 8.66 10.54
C GLU B 112 11.28 7.56 11.52
N ALA B 113 10.26 6.81 11.21
CA ALA B 113 9.82 5.71 12.11
C ALA B 113 10.85 4.57 12.11
N GLY B 114 11.55 4.41 11.02
CA GLY B 114 12.56 3.32 10.95
C GLY B 114 12.08 2.24 9.98
N LEU B 115 11.25 2.61 9.03
CA LEU B 115 10.75 1.61 8.05
C LEU B 115 11.62 1.61 6.81
N ILE B 116 11.94 2.77 6.31
CA ILE B 116 12.75 2.86 5.08
C ILE B 116 14.21 3.16 5.42
N ASP B 117 14.47 3.64 6.61
CA ASP B 117 15.87 3.97 7.04
C ASP B 117 16.69 4.60 5.90
N LYS B 118 16.05 5.30 5.02
CA LYS B 118 16.78 5.94 3.88
C LYS B 118 16.50 7.44 3.84
N SER A 1 11.17 -7.17 17.86
CA SER A 1 10.12 -6.55 16.99
C SER A 1 10.77 -5.80 15.83
N TYR A 2 10.77 -6.39 14.65
CA TYR A 2 11.39 -5.72 13.48
C TYR A 2 10.60 -4.46 13.12
N GLY A 3 11.13 -3.66 12.23
CA GLY A 3 10.41 -2.41 11.84
C GLY A 3 10.37 -1.45 13.03
N ARG A 4 10.93 -0.29 12.88
CA ARG A 4 10.92 0.70 14.00
C ARG A 4 9.85 1.76 13.77
N LYS A 6 9.97 4.67 14.00
CA LYS A 6 10.07 5.73 15.05
C LYS A 6 10.38 7.08 14.41
N ARG A 7 10.70 8.07 15.20
CA ARG A 7 11.01 9.41 14.64
C ARG A 7 12.51 9.57 14.41
N ARG A 8 13.01 9.04 13.31
CA ARG A 8 14.47 9.16 13.02
C ARG A 8 15.29 8.66 14.22
N GLN A 9 16.58 8.84 14.19
CA GLN A 9 17.43 8.36 15.31
C GLN A 9 18.11 9.55 16.00
N ARG A 10 17.84 9.74 17.27
CA ARG A 10 18.48 10.87 18.00
C ARG A 10 18.28 12.18 17.24
N CYS A 11 18.94 13.22 17.65
CA CYS A 11 18.77 14.53 16.97
C CYS A 11 19.95 15.45 17.29
N GLY B 1 -12.71 -16.13 -23.20
CA GLY B 1 -12.77 -16.45 -24.65
C GLY B 1 -11.83 -15.50 -25.42
N SER B 2 -11.87 -14.24 -25.12
CA SER B 2 -10.98 -13.28 -25.84
C SER B 2 -10.60 -12.12 -24.92
N HIS B 3 -10.54 -12.36 -23.64
CA HIS B 3 -10.17 -11.27 -22.69
C HIS B 3 -9.21 -11.80 -21.62
N MET B 4 -8.31 -10.97 -21.17
CA MET B 4 -7.34 -11.42 -20.12
C MET B 4 -8.08 -11.74 -18.81
N SER B 5 -7.35 -12.03 -17.76
CA SER B 5 -8.01 -12.34 -16.46
C SER B 5 -7.66 -11.27 -15.42
N LYS B 6 -6.43 -10.84 -15.39
CA LYS B 6 -6.03 -9.80 -14.40
C LYS B 6 -5.68 -8.50 -15.10
N GLU B 7 -5.32 -8.55 -16.35
CA GLU B 7 -4.97 -7.31 -17.09
C GLU B 7 -6.12 -6.29 -16.98
N PRO B 8 -5.76 -5.04 -16.81
CA PRO B 8 -6.79 -3.98 -16.68
C PRO B 8 -7.32 -3.55 -18.05
N ARG B 9 -6.88 -4.18 -19.11
CA ARG B 9 -7.38 -3.82 -20.46
C ARG B 9 -7.13 -2.33 -20.75
N ASP B 10 -8.05 -1.47 -20.38
CA ASP B 10 -7.85 -0.01 -20.65
C ASP B 10 -7.37 0.72 -19.40
N PRO B 11 -6.56 1.74 -19.60
CA PRO B 11 -6.02 2.52 -18.47
C PRO B 11 -7.12 3.41 -17.87
N ASP B 12 -7.87 4.08 -18.70
CA ASP B 12 -8.96 4.97 -18.18
C ASP B 12 -9.81 4.23 -17.15
N GLN B 13 -10.12 3.00 -17.40
CA GLN B 13 -10.93 2.22 -16.43
C GLN B 13 -10.20 2.17 -15.08
N LEU B 14 -9.02 1.62 -15.06
CA LEU B 14 -8.25 1.56 -13.78
C LEU B 14 -8.04 2.97 -13.22
N TYR B 15 -7.80 3.92 -14.08
CA TYR B 15 -7.55 5.32 -13.63
C TYR B 15 -8.49 5.74 -12.50
N SER B 16 -9.76 5.81 -12.78
CA SER B 16 -10.72 6.19 -11.72
C SER B 16 -10.88 5.04 -10.72
N THR B 17 -10.53 3.84 -11.11
CA THR B 17 -10.63 2.70 -10.16
C THR B 17 -9.61 2.89 -9.04
N LEU B 18 -8.34 2.91 -9.37
CA LEU B 18 -7.30 3.15 -8.32
C LEU B 18 -7.66 4.42 -7.55
N LYS B 19 -8.17 5.40 -8.27
CA LYS B 19 -8.62 6.65 -7.59
C LYS B 19 -9.61 6.31 -6.48
N SER B 20 -10.47 5.36 -6.72
CA SER B 20 -11.47 4.95 -5.69
C SER B 20 -10.79 4.15 -4.57
N ILE B 21 -10.17 3.05 -4.90
CA ILE B 21 -9.49 2.22 -3.85
C ILE B 21 -8.61 3.12 -2.97
N LEU B 22 -7.80 3.95 -3.56
CA LEU B 22 -6.92 4.85 -2.76
C LEU B 22 -7.76 5.90 -2.03
N GLN B 23 -8.86 6.29 -2.61
CA GLN B 23 -9.72 7.33 -1.96
C GLN B 23 -10.19 6.86 -0.58
N GLN B 24 -10.76 5.69 -0.50
CA GLN B 24 -11.23 5.19 0.82
C GLN B 24 -10.04 4.69 1.64
N VAL B 25 -8.98 4.30 0.98
CA VAL B 25 -7.78 3.83 1.71
C VAL B 25 -7.15 5.00 2.47
N LYS B 26 -6.83 6.06 1.79
CA LYS B 26 -6.23 7.24 2.47
C LYS B 26 -7.22 7.82 3.47
N SER B 27 -8.49 7.62 3.26
CA SER B 27 -9.50 8.14 4.21
C SER B 27 -9.95 7.04 5.18
N HIS B 28 -9.22 5.95 5.25
CA HIS B 28 -9.62 4.85 6.16
C HIS B 28 -9.20 5.16 7.60
N GLN B 29 -9.92 4.64 8.56
CA GLN B 29 -9.55 4.89 9.99
C GLN B 29 -8.35 4.03 10.41
N SER B 30 -7.87 3.20 9.53
CA SER B 30 -6.70 2.35 9.87
C SER B 30 -5.57 2.66 8.89
N ALA B 31 -5.76 3.59 7.99
CA ALA B 31 -4.70 3.91 7.01
C ALA B 31 -3.64 4.84 7.62
N TRP B 32 -3.93 5.43 8.74
CA TRP B 32 -2.95 6.33 9.40
C TRP B 32 -1.53 5.70 9.39
N PRO B 33 -1.43 4.45 9.79
CA PRO B 33 -0.10 3.76 9.81
C PRO B 33 0.50 3.73 8.40
N PHE B 34 -0.32 3.60 7.39
CA PHE B 34 0.21 3.54 6.00
C PHE B 34 0.29 4.93 5.38
N MET B 35 -0.43 5.87 5.93
CA MET B 35 -0.42 7.24 5.35
C MET B 35 0.69 8.08 6.01
N GLU B 36 1.65 7.44 6.62
CA GLU B 36 2.79 8.22 7.21
C GLU B 36 4.10 7.81 6.51
N PRO B 37 5.09 8.65 6.63
CA PRO B 37 6.38 8.41 5.94
C PRO B 37 7.42 7.81 6.89
N VAL B 38 7.74 6.55 6.71
CA VAL B 38 8.80 5.92 7.58
C VAL B 38 10.06 6.80 7.57
N LYS B 39 10.97 6.59 6.67
CA LYS B 39 12.22 7.41 6.62
C LYS B 39 13.11 6.94 5.47
N ARG B 40 13.12 5.66 5.22
CA ARG B 40 13.96 5.11 4.11
C ARG B 40 15.43 5.50 4.31
N THR B 41 15.91 5.39 5.53
CA THR B 41 17.33 5.75 5.81
C THR B 41 17.65 5.56 7.30
N GLU B 42 16.68 5.76 8.15
CA GLU B 42 16.91 5.57 9.60
C GLU B 42 16.17 4.34 10.11
N ALA B 43 14.86 4.30 9.88
CA ALA B 43 14.01 3.15 10.33
C ALA B 43 14.75 1.81 10.18
N PRO B 44 15.36 1.37 11.25
CA PRO B 44 16.10 0.09 11.22
C PRO B 44 15.18 -1.07 10.85
N GLY B 45 15.72 -2.13 10.32
CA GLY B 45 14.86 -3.29 9.94
C GLY B 45 14.51 -3.19 8.46
N TYR B 46 14.20 -2.01 7.99
CA TYR B 46 13.84 -1.84 6.54
C TYR B 46 15.01 -2.30 5.67
N TYR B 47 14.99 -3.52 5.23
CA TYR B 47 16.10 -4.03 4.37
C TYR B 47 15.87 -5.52 4.03
N GLU B 48 15.48 -6.28 5.01
CA GLU B 48 15.23 -7.73 4.75
C GLU B 48 13.73 -8.05 4.80
N VAL B 49 12.95 -7.15 5.36
CA VAL B 49 11.48 -7.39 5.44
C VAL B 49 10.73 -6.39 4.55
N ILE B 50 11.30 -5.24 4.34
CA ILE B 50 10.62 -4.22 3.50
C ILE B 50 11.31 -4.10 2.15
N ARG B 51 11.00 -4.97 1.24
CA ARG B 51 11.63 -4.90 -0.11
C ARG B 51 11.43 -3.50 -0.71
N PHE B 52 10.23 -3.01 -0.68
CA PHE B 52 9.97 -1.65 -1.23
C PHE B 52 9.13 -0.82 -0.25
N PRO B 53 9.78 -0.27 0.75
CA PRO B 53 9.08 0.57 1.75
C PRO B 53 8.11 1.54 1.07
N MET B 54 6.83 1.23 1.09
CA MET B 54 5.83 2.11 0.43
C MET B 54 4.88 2.73 1.46
N ASP B 55 4.02 3.62 1.04
CA ASP B 55 3.06 4.24 2.00
C ASP B 55 2.12 5.19 1.26
N LEU B 56 0.88 5.25 1.66
CA LEU B 56 -0.06 6.18 0.99
C LEU B 56 0.50 7.60 1.06
N LYS B 57 1.35 7.87 2.02
CA LYS B 57 1.95 9.22 2.13
C LYS B 57 2.62 9.62 0.81
N THR B 58 3.25 8.67 0.16
CA THR B 58 3.93 8.99 -1.13
C THR B 58 3.36 8.14 -2.26
N MET B 59 2.70 7.05 -1.95
CA MET B 59 2.12 6.21 -3.03
C MET B 59 1.00 6.97 -3.75
N SER B 60 0.25 7.75 -3.03
CA SER B 60 -0.85 8.53 -3.68
C SER B 60 -0.25 9.60 -4.59
N GLU B 61 0.88 10.14 -4.22
CA GLU B 61 1.52 11.18 -5.07
C GLU B 61 1.73 10.63 -6.48
N ARG B 62 1.82 9.34 -6.61
CA ARG B 62 2.00 8.73 -7.96
C ARG B 62 0.65 8.71 -8.69
N LEU B 63 -0.33 8.09 -8.11
CA LEU B 63 -1.68 8.04 -8.76
C LEU B 63 -2.14 9.47 -9.12
N LYS B 64 -1.99 10.39 -8.20
CA LYS B 64 -2.38 11.80 -8.51
C LYS B 64 -1.63 12.26 -9.75
N ASN B 65 -0.47 11.70 -9.99
CA ASN B 65 0.30 12.08 -11.21
C ASN B 65 0.19 10.95 -12.24
N ARG B 66 -0.81 10.11 -12.10
CA ARG B 66 -0.97 8.97 -13.06
C ARG B 66 0.28 8.10 -13.08
N TYR B 67 1.11 8.20 -12.09
CA TYR B 67 2.32 7.34 -12.07
C TYR B 67 1.91 5.87 -11.95
N TYR B 68 0.69 5.60 -11.58
CA TYR B 68 0.23 4.18 -11.48
C TYR B 68 -1.16 4.03 -12.08
N VAL B 69 -1.31 3.14 -13.05
CA VAL B 69 -2.65 2.96 -13.67
C VAL B 69 -2.83 1.49 -14.11
N SER B 70 -2.65 0.57 -13.21
CA SER B 70 -2.84 -0.87 -13.58
C SER B 70 -2.67 -1.76 -12.34
N LYS B 71 -2.92 -3.03 -12.50
CA LYS B 71 -2.78 -3.97 -11.34
C LYS B 71 -1.31 -4.05 -10.91
N LYS B 72 -0.48 -4.61 -11.74
CA LYS B 72 0.97 -4.74 -11.38
C LYS B 72 1.51 -3.41 -10.85
N LEU B 73 0.98 -2.32 -11.33
CA LEU B 73 1.46 -0.99 -10.84
C LEU B 73 0.79 -0.63 -9.51
N PHE B 74 -0.52 -0.60 -9.49
CA PHE B 74 -1.23 -0.24 -8.23
C PHE B 74 -1.11 -1.36 -7.19
N MET B 75 -1.67 -2.51 -7.48
CA MET B 75 -1.61 -3.63 -6.50
C MET B 75 -0.19 -3.82 -5.98
N ALA B 76 0.80 -3.45 -6.74
CA ALA B 76 2.20 -3.62 -6.28
C ALA B 76 2.48 -2.73 -5.06
N ASP B 77 2.58 -1.45 -5.28
CA ASP B 77 2.85 -0.52 -4.14
C ASP B 77 1.87 -0.77 -2.99
N LEU B 78 0.60 -0.85 -3.29
CA LEU B 78 -0.40 -1.09 -2.22
C LEU B 78 -0.10 -2.41 -1.50
N GLN B 79 0.08 -3.47 -2.24
CA GLN B 79 0.40 -4.78 -1.58
C GLN B 79 1.74 -4.64 -0.85
N ARG B 80 2.70 -3.98 -1.44
CA ARG B 80 4.01 -3.79 -0.78
C ARG B 80 3.79 -3.13 0.58
N VAL B 81 2.75 -2.36 0.72
CA VAL B 81 2.45 -1.71 2.03
C VAL B 81 1.79 -2.71 2.97
N PHE B 82 0.95 -3.56 2.45
CA PHE B 82 0.29 -4.58 3.33
C PHE B 82 1.24 -5.76 3.55
N THR B 83 1.78 -6.30 2.49
CA THR B 83 2.71 -7.45 2.62
C THR B 83 3.87 -7.09 3.56
N ASN B 84 4.50 -5.97 3.35
CA ASN B 84 5.64 -5.59 4.24
C ASN B 84 5.12 -5.28 5.65
N CYS B 85 4.06 -4.53 5.75
CA CYS B 85 3.49 -4.20 7.09
C CYS B 85 3.26 -5.49 7.89
N LYS B 86 2.77 -6.50 7.24
CA LYS B 86 2.55 -7.80 7.94
C LYS B 86 3.85 -8.62 8.05
N GLU B 87 4.99 -7.98 7.95
CA GLU B 87 6.27 -8.73 8.06
C GLU B 87 7.06 -8.28 9.28
N TYR B 88 6.78 -7.11 9.79
CA TYR B 88 7.54 -6.63 10.97
C TYR B 88 6.62 -6.06 12.07
N ASN B 89 5.50 -5.52 11.70
CA ASN B 89 4.59 -4.93 12.74
C ASN B 89 4.35 -5.91 13.89
N PRO B 90 3.69 -5.44 14.92
CA PRO B 90 3.41 -6.28 16.10
C PRO B 90 2.60 -7.52 15.71
N PRO B 91 2.83 -8.60 16.42
CA PRO B 91 2.09 -9.87 16.13
C PRO B 91 0.59 -9.65 16.36
N GLU B 92 -0.09 -9.11 15.39
CA GLU B 92 -1.55 -8.88 15.55
C GLU B 92 -1.84 -8.10 16.84
N SER B 93 -1.12 -7.04 17.07
CA SER B 93 -1.36 -6.24 18.30
C SER B 93 -2.14 -4.97 17.96
N GLU B 94 -1.60 -4.12 17.13
CA GLU B 94 -2.33 -2.88 16.76
C GLU B 94 -1.87 -2.37 15.40
N TYR B 95 -0.59 -2.42 15.14
CA TYR B 95 -0.07 -1.94 13.81
C TYR B 95 -0.28 -3.02 12.75
N TYR B 96 -0.29 -4.26 13.14
CA TYR B 96 -0.50 -5.35 12.14
C TYR B 96 -1.99 -5.53 11.84
N LYS B 97 -2.85 -4.93 12.63
CA LYS B 97 -4.31 -5.10 12.40
C LYS B 97 -4.80 -4.17 11.28
N CYS B 98 -4.46 -2.91 11.34
CA CYS B 98 -4.95 -1.96 10.30
C CYS B 98 -4.71 -2.51 8.89
N ALA B 99 -3.62 -3.21 8.68
CA ALA B 99 -3.37 -3.77 7.33
C ALA B 99 -4.53 -4.67 6.93
N ASN B 100 -5.01 -5.47 7.83
CA ASN B 100 -6.16 -6.36 7.50
C ASN B 100 -7.39 -5.51 7.14
N ILE B 101 -7.65 -4.48 7.90
CA ILE B 101 -8.81 -3.59 7.58
C ILE B 101 -8.57 -2.91 6.23
N LEU B 102 -7.53 -2.13 6.12
CA LEU B 102 -7.23 -1.48 4.81
C LEU B 102 -7.24 -2.52 3.68
N GLU B 103 -6.60 -3.63 3.89
CA GLU B 103 -6.57 -4.68 2.83
C GLU B 103 -7.94 -5.32 2.67
N LYS B 104 -8.77 -5.24 3.67
CA LYS B 104 -10.11 -5.88 3.57
C LYS B 104 -11.08 -5.00 2.76
N PHE B 105 -11.03 -3.72 2.97
CA PHE B 105 -11.97 -2.81 2.24
C PHE B 105 -11.55 -2.65 0.78
N PHE B 106 -10.31 -2.36 0.52
CA PHE B 106 -9.87 -2.16 -0.88
C PHE B 106 -10.03 -3.46 -1.69
N PHE B 107 -10.02 -4.59 -1.04
CA PHE B 107 -10.15 -5.88 -1.76
C PHE B 107 -11.48 -5.93 -2.52
N SER B 108 -12.57 -5.81 -1.82
CA SER B 108 -13.90 -5.83 -2.51
C SER B 108 -13.92 -4.81 -3.64
N LYS B 109 -13.10 -3.81 -3.55
CA LYS B 109 -13.05 -2.80 -4.63
C LYS B 109 -12.21 -3.31 -5.80
N ILE B 110 -11.00 -3.74 -5.52
CA ILE B 110 -10.14 -4.26 -6.63
C ILE B 110 -10.70 -5.58 -7.16
N LYS B 111 -11.15 -6.45 -6.29
CA LYS B 111 -11.72 -7.73 -6.78
C LYS B 111 -12.84 -7.43 -7.77
N GLU B 112 -13.62 -6.43 -7.49
CA GLU B 112 -14.69 -6.02 -8.42
C GLU B 112 -14.07 -5.17 -9.53
N ALA B 113 -12.97 -4.53 -9.25
CA ALA B 113 -12.27 -3.71 -10.28
C ALA B 113 -11.65 -4.63 -11.33
N GLY B 114 -11.13 -5.75 -10.91
CA GLY B 114 -10.50 -6.69 -11.88
C GLY B 114 -9.01 -6.85 -11.53
N LEU B 115 -8.63 -6.59 -10.30
CA LEU B 115 -7.20 -6.74 -9.93
C LEU B 115 -6.96 -8.12 -9.32
N ILE B 116 -7.69 -8.44 -8.29
CA ILE B 116 -7.49 -9.75 -7.61
C ILE B 116 -8.27 -10.84 -8.35
N ASP B 117 -9.31 -10.46 -9.05
CA ASP B 117 -10.10 -11.46 -9.82
C ASP B 117 -10.43 -12.69 -8.97
N LYS B 118 -10.46 -12.54 -7.66
CA LYS B 118 -10.79 -13.71 -6.79
C LYS B 118 -10.86 -13.27 -5.33
N SER A 1 -5.59 -9.22 -19.17
CA SER A 1 -4.36 -9.48 -18.39
C SER A 1 -3.98 -8.25 -17.56
N TYR A 2 -2.85 -8.29 -16.91
CA TYR A 2 -2.43 -7.12 -16.08
C TYR A 2 -3.53 -6.73 -15.10
N GLY A 3 -3.31 -5.69 -14.33
CA GLY A 3 -4.35 -5.26 -13.34
C GLY A 3 -5.68 -5.03 -14.05
N ARG A 4 -6.66 -4.55 -13.34
CA ARG A 4 -7.99 -4.30 -13.98
C ARG A 4 -8.90 -3.56 -12.99
N LYS A 6 -11.75 -2.26 -13.34
CA LYS A 6 -13.09 -2.08 -13.97
C LYS A 6 -14.20 -2.51 -13.00
N ARG A 7 -15.43 -2.41 -13.41
CA ARG A 7 -16.56 -2.81 -12.52
C ARG A 7 -16.88 -4.29 -12.69
N ARG A 8 -16.75 -4.81 -13.89
CA ARG A 8 -17.06 -6.24 -14.12
C ARG A 8 -16.68 -6.64 -15.54
N GLN A 9 -16.66 -7.93 -15.81
CA GLN A 9 -16.29 -8.39 -17.18
C GLN A 9 -17.49 -8.25 -18.13
N ARG A 10 -17.83 -7.03 -18.48
CA ARG A 10 -18.99 -6.83 -19.41
C ARG A 10 -18.49 -6.50 -20.82
N CYS A 11 -19.19 -6.94 -21.82
CA CYS A 11 -18.76 -6.66 -23.22
C CYS A 11 -19.84 -5.87 -23.96
N GLY B 1 29.57 -0.82 14.98
CA GLY B 1 29.55 0.66 15.13
C GLY B 1 28.16 1.18 14.76
N SER B 2 27.35 1.52 15.73
CA SER B 2 25.98 2.03 15.43
C SER B 2 25.25 1.08 14.49
N HIS B 3 25.59 -0.18 14.52
CA HIS B 3 24.91 -1.15 13.62
C HIS B 3 23.41 -1.20 13.93
N MET B 4 22.59 -0.88 12.96
CA MET B 4 21.12 -0.90 13.20
C MET B 4 20.44 -1.92 12.28
N SER B 5 19.14 -1.95 12.27
CA SER B 5 18.43 -2.92 11.39
C SER B 5 17.09 -2.35 10.94
N LYS B 6 16.32 -3.11 10.21
CA LYS B 6 15.00 -2.61 9.74
C LYS B 6 13.86 -3.35 10.44
N GLU B 7 13.95 -3.50 11.73
CA GLU B 7 12.87 -4.22 12.47
C GLU B 7 12.37 -3.37 13.64
N PRO B 8 11.09 -3.46 13.91
CA PRO B 8 10.49 -2.70 15.03
C PRO B 8 11.00 -3.21 16.37
N ARG B 9 11.83 -2.44 17.00
CA ARG B 9 12.36 -2.86 18.32
C ARG B 9 11.22 -3.03 19.32
N ASP B 10 10.12 -2.37 19.08
CA ASP B 10 8.95 -2.50 19.99
C ASP B 10 7.65 -2.46 19.17
N PRO B 11 6.83 -3.47 19.33
CA PRO B 11 5.55 -3.53 18.57
C PRO B 11 4.72 -2.28 18.86
N ASP B 12 4.79 -1.76 20.06
CA ASP B 12 4.01 -0.54 20.39
C ASP B 12 4.60 0.68 19.70
N GLN B 13 5.90 0.83 19.75
CA GLN B 13 6.53 1.99 19.08
C GLN B 13 6.12 2.03 17.60
N LEU B 14 6.05 0.89 16.96
CA LEU B 14 5.64 0.85 15.54
C LEU B 14 4.11 0.95 15.42
N TYR B 15 3.40 0.60 16.46
CA TYR B 15 1.91 0.66 16.40
C TYR B 15 1.46 2.04 15.92
N SER B 16 1.85 3.07 16.63
CA SER B 16 1.46 4.43 16.20
C SER B 16 2.20 4.83 14.93
N THR B 17 3.33 4.23 14.67
CA THR B 17 4.07 4.57 13.43
C THR B 17 3.21 4.24 12.22
N LEU B 18 2.79 3.00 12.09
CA LEU B 18 1.90 2.64 10.96
C LEU B 18 0.65 3.52 11.02
N LYS B 19 0.09 3.67 12.20
CA LYS B 19 -1.10 4.55 12.35
C LYS B 19 -0.79 5.94 11.79
N SER B 20 0.42 6.41 11.98
CA SER B 20 0.78 7.75 11.43
C SER B 20 0.89 7.68 9.91
N ILE B 21 1.79 6.89 9.39
CA ILE B 21 1.93 6.77 7.92
C ILE B 21 0.56 6.49 7.28
N LEU B 22 -0.21 5.64 7.89
CA LEU B 22 -1.57 5.32 7.35
C LEU B 22 -2.50 6.50 7.57
N GLN B 23 -2.52 7.05 8.76
CA GLN B 23 -3.44 8.20 9.04
C GLN B 23 -3.32 9.26 7.94
N GLN B 24 -2.12 9.60 7.54
CA GLN B 24 -1.95 10.62 6.48
C GLN B 24 -2.15 9.98 5.10
N VAL B 25 -1.94 8.69 5.02
CA VAL B 25 -2.12 7.99 3.71
C VAL B 25 -3.61 7.74 3.45
N LYS B 26 -4.34 7.40 4.48
CA LYS B 26 -5.80 7.16 4.31
C LYS B 26 -6.48 8.38 3.70
N SER B 27 -6.26 9.53 4.28
CA SER B 27 -6.90 10.77 3.73
C SER B 27 -5.98 11.44 2.70
N HIS B 28 -5.03 10.71 2.19
CA HIS B 28 -4.10 11.30 1.17
C HIS B 28 -4.87 11.62 -0.11
N GLN B 29 -4.39 12.57 -0.87
CA GLN B 29 -5.08 12.93 -2.14
C GLN B 29 -4.71 11.94 -3.27
N SER B 30 -3.98 10.90 -2.96
CA SER B 30 -3.60 9.92 -4.02
C SER B 30 -3.93 8.49 -3.60
N ALA B 31 -4.49 8.31 -2.44
CA ALA B 31 -4.83 6.94 -1.97
C ALA B 31 -6.15 6.46 -2.57
N TRP B 32 -6.85 7.31 -3.28
CA TRP B 32 -8.14 6.90 -3.89
C TRP B 32 -7.99 5.55 -4.63
N PRO B 33 -7.03 5.44 -5.52
CA PRO B 33 -6.83 4.15 -6.23
C PRO B 33 -6.46 3.04 -5.23
N PHE B 34 -6.03 3.41 -4.05
CA PHE B 34 -5.66 2.37 -3.05
C PHE B 34 -6.72 2.31 -1.95
N MET B 35 -7.95 2.59 -2.28
CA MET B 35 -9.02 2.54 -1.23
C MET B 35 -10.08 1.51 -1.61
N GLU B 36 -9.75 0.56 -2.45
CA GLU B 36 -10.74 -0.48 -2.81
C GLU B 36 -10.02 -1.83 -3.07
N PRO B 37 -10.78 -2.90 -3.04
CA PRO B 37 -10.21 -4.24 -3.25
C PRO B 37 -10.28 -4.64 -4.73
N VAL B 38 -10.13 -3.69 -5.61
CA VAL B 38 -10.22 -3.99 -7.09
C VAL B 38 -11.45 -4.87 -7.36
N LYS B 39 -11.54 -5.46 -8.53
CA LYS B 39 -12.71 -6.31 -8.83
C LYS B 39 -12.83 -7.44 -7.79
N ARG B 40 -11.74 -8.10 -7.50
CA ARG B 40 -11.77 -9.21 -6.49
C ARG B 40 -12.75 -10.31 -6.89
N THR B 41 -12.83 -10.61 -8.17
CA THR B 41 -13.75 -11.69 -8.62
C THR B 41 -13.61 -11.90 -10.12
N GLU B 42 -13.49 -10.84 -10.86
CA GLU B 42 -13.34 -10.97 -12.35
C GLU B 42 -12.02 -10.35 -12.82
N ALA B 43 -11.38 -9.56 -11.99
CA ALA B 43 -10.09 -8.93 -12.39
C ALA B 43 -9.15 -9.96 -13.02
N PRO B 44 -9.05 -9.93 -14.33
CA PRO B 44 -8.19 -10.89 -15.05
C PRO B 44 -6.75 -10.37 -15.15
N GLY B 45 -5.85 -10.95 -14.41
CA GLY B 45 -4.43 -10.49 -14.48
C GLY B 45 -3.83 -10.39 -13.08
N TYR B 46 -4.65 -10.19 -12.08
CA TYR B 46 -4.12 -10.10 -10.69
C TYR B 46 -3.35 -11.37 -10.33
N TYR B 47 -2.08 -11.39 -10.63
CA TYR B 47 -1.26 -12.60 -10.31
C TYR B 47 0.19 -12.37 -10.76
N GLU B 48 0.39 -11.68 -11.84
CA GLU B 48 1.77 -11.40 -12.32
C GLU B 48 2.11 -9.95 -12.03
N VAL B 49 1.12 -9.10 -11.99
CA VAL B 49 1.37 -7.67 -11.67
C VAL B 49 0.89 -7.37 -10.25
N ILE B 50 -0.07 -8.11 -9.78
CA ILE B 50 -0.57 -7.87 -8.40
C ILE B 50 -0.55 -9.18 -7.61
N ARG B 51 0.60 -9.59 -7.15
CA ARG B 51 0.68 -10.86 -6.37
C ARG B 51 -0.30 -10.82 -5.20
N PHE B 52 -0.10 -9.90 -4.29
CA PHE B 52 -1.02 -9.79 -3.13
C PHE B 52 -1.77 -8.46 -3.17
N PRO B 53 -2.82 -8.41 -3.97
CA PRO B 53 -3.62 -7.17 -4.10
C PRO B 53 -3.88 -6.53 -2.73
N MET B 54 -3.04 -5.62 -2.34
CA MET B 54 -3.24 -4.93 -1.03
C MET B 54 -3.83 -3.54 -1.27
N ASP B 55 -4.44 -2.96 -0.30
CA ASP B 55 -5.06 -1.63 -0.50
C ASP B 55 -5.58 -1.08 0.83
N LEU B 56 -5.57 0.21 1.01
CA LEU B 56 -6.05 0.79 2.30
C LEU B 56 -7.41 0.20 2.70
N LYS B 57 -8.32 0.08 1.76
CA LYS B 57 -9.65 -0.51 2.08
C LYS B 57 -9.47 -1.86 2.81
N THR B 58 -8.39 -2.54 2.55
CA THR B 58 -8.16 -3.86 3.21
C THR B 58 -7.01 -3.77 4.21
N MET B 59 -6.02 -2.99 3.92
CA MET B 59 -4.85 -2.88 4.83
C MET B 59 -5.21 -2.06 6.08
N SER B 60 -5.90 -0.97 5.90
CA SER B 60 -6.28 -0.14 7.07
C SER B 60 -7.08 -0.98 8.06
N GLU B 61 -7.71 -2.03 7.58
CA GLU B 61 -8.51 -2.90 8.49
C GLU B 61 -7.58 -3.67 9.42
N ARG B 62 -6.35 -3.87 9.02
CA ARG B 62 -5.39 -4.60 9.88
C ARG B 62 -4.92 -3.72 11.03
N LEU B 63 -4.51 -2.51 10.73
CA LEU B 63 -4.07 -1.58 11.82
C LEU B 63 -5.14 -1.51 12.89
N LYS B 64 -6.38 -1.67 12.52
CA LYS B 64 -7.48 -1.68 13.51
C LYS B 64 -7.63 -3.07 14.11
N ASN B 65 -7.22 -4.08 13.38
CA ASN B 65 -7.31 -5.48 13.90
C ASN B 65 -5.95 -5.97 14.38
N ARG B 66 -4.98 -5.09 14.50
CA ARG B 66 -3.63 -5.52 14.94
C ARG B 66 -3.15 -6.70 14.11
N TYR B 67 -2.94 -6.49 12.83
CA TYR B 67 -2.47 -7.61 11.95
C TYR B 67 -1.09 -7.27 11.39
N TYR B 68 -0.96 -6.12 10.78
CA TYR B 68 0.36 -5.72 10.23
C TYR B 68 1.00 -4.66 11.13
N VAL B 69 1.70 -5.09 12.15
CA VAL B 69 2.31 -4.10 13.09
C VAL B 69 3.83 -4.26 13.13
N SER B 70 4.49 -4.12 12.01
CA SER B 70 5.97 -4.25 12.01
C SER B 70 6.57 -3.64 10.73
N LYS B 71 7.81 -3.93 10.45
CA LYS B 71 8.45 -3.37 9.22
C LYS B 71 8.08 -4.18 7.99
N LYS B 72 8.71 -5.31 7.80
CA LYS B 72 8.40 -6.16 6.60
C LYS B 72 6.89 -6.35 6.44
N LEU B 73 6.15 -6.23 7.50
CA LEU B 73 4.68 -6.41 7.39
C LEU B 73 4.02 -5.15 6.81
N PHE B 74 4.05 -4.08 7.53
CA PHE B 74 3.42 -2.83 7.04
C PHE B 74 4.09 -2.35 5.76
N MET B 75 5.37 -2.07 5.81
CA MET B 75 6.10 -1.59 4.60
C MET B 75 5.77 -2.46 3.39
N ALA B 76 5.51 -3.73 3.61
CA ALA B 76 5.19 -4.63 2.46
C ALA B 76 3.86 -4.26 1.82
N ASP B 77 2.78 -4.44 2.53
CA ASP B 77 1.45 -4.11 1.95
C ASP B 77 1.45 -2.70 1.34
N LEU B 78 2.03 -1.75 2.01
CA LEU B 78 2.09 -0.37 1.45
C LEU B 78 3.02 -0.35 0.24
N GLN B 79 4.21 -0.86 0.38
CA GLN B 79 5.15 -0.89 -0.78
C GLN B 79 4.53 -1.69 -1.92
N ARG B 80 3.73 -2.68 -1.60
CA ARG B 80 3.07 -3.48 -2.65
C ARG B 80 1.97 -2.66 -3.32
N VAL B 81 1.17 -1.99 -2.53
CA VAL B 81 0.09 -1.14 -3.11
C VAL B 81 0.68 -0.14 -4.09
N PHE B 82 1.86 0.34 -3.82
CA PHE B 82 2.49 1.33 -4.76
C PHE B 82 3.11 0.61 -5.96
N THR B 83 3.98 -0.33 -5.71
CA THR B 83 4.65 -1.03 -6.84
C THR B 83 3.63 -1.82 -7.68
N ASN B 84 2.65 -2.42 -7.06
CA ASN B 84 1.68 -3.23 -7.86
C ASN B 84 0.69 -2.31 -8.61
N CYS B 85 0.15 -1.31 -7.95
CA CYS B 85 -0.79 -0.40 -8.65
C CYS B 85 -0.08 0.31 -9.79
N LYS B 86 1.18 0.59 -9.62
CA LYS B 86 1.96 1.25 -10.71
C LYS B 86 2.26 0.23 -11.81
N GLU B 87 2.18 -1.04 -11.49
CA GLU B 87 2.46 -2.09 -12.50
C GLU B 87 1.32 -2.17 -13.53
N TYR B 88 0.24 -1.47 -13.31
CA TYR B 88 -0.89 -1.54 -14.28
C TYR B 88 -1.49 -0.15 -14.53
N ASN B 89 -1.63 0.64 -13.49
CA ASN B 89 -2.24 2.00 -13.65
C ASN B 89 -1.70 2.73 -14.89
N PRO B 90 -2.46 3.67 -15.37
CA PRO B 90 -2.06 4.44 -16.58
C PRO B 90 -0.61 4.92 -16.47
N PRO B 91 0.02 5.12 -17.60
CA PRO B 91 1.42 5.60 -17.61
C PRO B 91 1.49 7.02 -17.05
N GLU B 92 1.46 7.16 -15.75
CA GLU B 92 1.51 8.52 -15.14
C GLU B 92 0.40 9.39 -15.71
N SER B 93 -0.80 8.84 -15.82
CA SER B 93 -1.92 9.65 -16.37
C SER B 93 -2.76 10.24 -15.23
N GLU B 94 -3.42 9.42 -14.48
CA GLU B 94 -4.24 9.94 -13.35
C GLU B 94 -4.19 9.00 -12.17
N TYR B 95 -4.28 7.72 -12.40
CA TYR B 95 -4.23 6.75 -11.27
C TYR B 95 -2.78 6.50 -10.86
N TYR B 96 -1.93 6.24 -11.80
CA TYR B 96 -0.49 6.00 -11.46
C TYR B 96 0.12 7.25 -10.85
N LYS B 97 -0.39 8.40 -11.21
CA LYS B 97 0.17 9.67 -10.64
C LYS B 97 -0.10 9.74 -9.14
N CYS B 98 -1.00 8.94 -8.63
CA CYS B 98 -1.28 8.98 -7.16
C CYS B 98 -0.21 8.17 -6.41
N ALA B 99 0.13 7.02 -6.93
CA ALA B 99 1.17 6.19 -6.26
C ALA B 99 2.47 6.98 -6.12
N ASN B 100 2.83 7.73 -7.12
CA ASN B 100 4.08 8.53 -7.04
C ASN B 100 4.06 9.44 -5.81
N ILE B 101 3.02 10.22 -5.67
CA ILE B 101 2.92 11.12 -4.49
C ILE B 101 2.90 10.27 -3.21
N LEU B 102 1.93 9.43 -3.10
CA LEU B 102 1.81 8.57 -1.89
C LEU B 102 3.13 7.86 -1.60
N GLU B 103 3.60 7.06 -2.54
CA GLU B 103 4.87 6.31 -2.33
C GLU B 103 5.97 7.24 -1.79
N LYS B 104 5.99 8.46 -2.24
CA LYS B 104 7.05 9.41 -1.75
C LYS B 104 6.69 9.98 -0.38
N PHE B 105 5.53 10.57 -0.27
CA PHE B 105 5.13 11.18 1.04
C PHE B 105 5.24 10.16 2.17
N PHE B 106 4.50 9.09 2.12
CA PHE B 106 4.57 8.07 3.21
C PHE B 106 6.03 7.65 3.44
N PHE B 107 6.86 7.82 2.45
CA PHE B 107 8.30 7.41 2.59
C PHE B 107 8.99 8.22 3.69
N SER B 108 8.94 9.52 3.62
CA SER B 108 9.59 10.35 4.68
C SER B 108 9.10 9.91 6.06
N LYS B 109 7.82 9.71 6.20
CA LYS B 109 7.27 9.26 7.50
C LYS B 109 7.94 7.96 7.93
N ILE B 110 7.90 6.96 7.09
CA ILE B 110 8.54 5.66 7.45
C ILE B 110 10.06 5.83 7.53
N LYS B 111 10.61 6.72 6.73
CA LYS B 111 12.07 6.95 6.80
C LYS B 111 12.40 7.64 8.11
N GLU B 112 11.56 8.55 8.51
CA GLU B 112 11.76 9.23 9.82
C GLU B 112 11.28 8.31 10.93
N ALA B 113 10.35 7.45 10.63
CA ALA B 113 9.87 6.47 11.64
C ALA B 113 10.97 5.44 11.90
N GLY B 114 11.68 5.07 10.87
CA GLY B 114 12.78 4.09 11.04
C GLY B 114 12.47 2.82 10.25
N LEU B 115 11.68 2.90 9.21
CA LEU B 115 11.38 1.68 8.41
C LEU B 115 12.36 1.56 7.25
N ILE B 116 12.54 2.63 6.51
CA ILE B 116 13.47 2.60 5.35
C ILE B 116 14.85 3.08 5.76
N ASP B 117 14.94 3.81 6.84
CA ASP B 117 16.27 4.29 7.31
C ASP B 117 17.07 4.92 6.16
N LYS B 118 16.41 5.63 5.29
CA LYS B 118 17.15 6.27 4.16
C LYS B 118 17.05 7.80 4.25
N SER A 1 -2.99 -8.10 -21.56
CA SER A 1 -4.20 -8.36 -20.74
C SER A 1 -3.82 -8.56 -19.26
N TYR A 2 -3.62 -7.49 -18.54
CA TYR A 2 -3.24 -7.62 -17.11
C TYR A 2 -3.71 -6.39 -16.33
N GLY A 3 -3.98 -6.56 -15.05
CA GLY A 3 -4.46 -5.41 -14.24
C GLY A 3 -5.83 -4.95 -14.77
N ARG A 4 -6.81 -4.87 -13.91
CA ARG A 4 -8.16 -4.45 -14.38
C ARG A 4 -8.69 -3.29 -13.54
N LYS A 6 -11.62 -2.67 -12.33
CA LYS A 6 -12.90 -2.18 -12.92
C LYS A 6 -13.99 -2.10 -11.86
N ARG A 7 -15.23 -2.06 -12.26
CA ARG A 7 -16.33 -1.97 -11.27
C ARG A 7 -17.18 -3.25 -11.31
N ARG A 8 -16.56 -4.38 -11.06
CA ARG A 8 -17.33 -5.66 -11.08
C ARG A 8 -18.07 -5.81 -12.42
N GLN A 9 -18.84 -6.85 -12.56
CA GLN A 9 -19.59 -7.05 -13.84
C GLN A 9 -21.00 -7.55 -13.55
N ARG A 10 -21.71 -7.98 -14.57
CA ARG A 10 -23.10 -8.46 -14.34
C ARG A 10 -23.27 -9.86 -14.96
N CYS A 11 -23.67 -10.82 -14.17
CA CYS A 11 -23.88 -12.19 -14.71
C CYS A 11 -25.18 -12.79 -14.18
N GLY B 1 18.79 -13.26 9.77
CA GLY B 1 17.51 -13.82 10.27
C GLY B 1 16.76 -12.75 11.06
N SER B 2 15.72 -12.19 10.48
CA SER B 2 14.95 -11.13 11.20
C SER B 2 15.89 -10.03 11.69
N HIS B 3 16.99 -9.84 11.02
CA HIS B 3 17.94 -8.77 11.44
C HIS B 3 18.27 -7.85 10.26
N MET B 4 19.19 -8.25 9.42
CA MET B 4 19.55 -7.41 8.24
C MET B 4 19.96 -5.99 8.70
N SER B 5 19.02 -5.10 8.83
CA SER B 5 19.37 -3.72 9.27
C SER B 5 18.10 -2.91 9.53
N LYS B 6 17.04 -3.55 9.95
CA LYS B 6 15.78 -2.82 10.22
C LYS B 6 15.21 -3.23 11.58
N GLU B 7 14.90 -2.28 12.42
CA GLU B 7 14.35 -2.61 13.76
C GLU B 7 13.45 -1.48 14.26
N PRO B 8 12.21 -1.81 14.57
CA PRO B 8 11.25 -0.79 15.06
C PRO B 8 11.45 -0.54 16.55
N ARG B 9 12.47 -1.12 17.15
CA ARG B 9 12.68 -0.92 18.61
C ARG B 9 11.46 -1.38 19.41
N ASP B 10 10.48 -0.53 19.57
CA ASP B 10 9.27 -0.94 20.31
C ASP B 10 8.06 -1.00 19.36
N PRO B 11 7.31 -2.07 19.44
CA PRO B 11 6.12 -2.22 18.56
C PRO B 11 5.17 -1.03 18.73
N ASP B 12 5.06 -0.52 19.93
CA ASP B 12 4.15 0.63 20.16
C ASP B 12 4.68 1.87 19.42
N GLN B 13 5.94 2.18 19.58
CA GLN B 13 6.50 3.36 18.87
C GLN B 13 6.21 3.25 17.37
N LEU B 14 6.16 2.05 16.86
CA LEU B 14 5.87 1.86 15.41
C LEU B 14 4.36 1.97 15.16
N TYR B 15 3.56 1.53 16.09
CA TYR B 15 2.08 1.59 15.89
C TYR B 15 1.66 2.98 15.43
N SER B 16 2.02 4.00 16.15
CA SER B 16 1.65 5.37 15.74
C SER B 16 2.52 5.82 14.57
N THR B 17 3.69 5.28 14.43
CA THR B 17 4.53 5.64 13.27
C THR B 17 3.82 5.19 12.00
N LEU B 18 3.55 3.92 11.89
CA LEU B 18 2.78 3.42 10.72
C LEU B 18 1.49 4.23 10.59
N LYS B 19 0.84 4.49 11.69
CA LYS B 19 -0.37 5.34 11.66
C LYS B 19 -0.02 6.70 11.06
N SER B 20 1.14 7.20 11.37
CA SER B 20 1.56 8.51 10.80
C SER B 20 1.70 8.39 9.28
N ILE B 21 2.54 7.50 8.82
CA ILE B 21 2.69 7.34 7.34
C ILE B 21 1.33 7.06 6.70
N LEU B 22 0.59 6.12 7.24
CA LEU B 22 -0.75 5.81 6.66
C LEU B 22 -1.68 7.01 6.76
N GLN B 23 -1.77 7.60 7.93
CA GLN B 23 -2.66 8.78 8.12
C GLN B 23 -2.51 9.79 6.98
N GLN B 24 -1.31 10.15 6.63
CA GLN B 24 -1.11 11.11 5.51
C GLN B 24 -1.37 10.41 4.18
N VAL B 25 -1.23 9.11 4.16
CA VAL B 25 -1.45 8.34 2.90
C VAL B 25 -2.96 8.14 2.68
N LYS B 26 -3.67 7.71 3.69
CA LYS B 26 -5.13 7.47 3.54
C LYS B 26 -5.81 8.70 2.93
N SER B 27 -5.62 9.85 3.52
CA SER B 27 -6.27 11.07 2.97
C SER B 27 -5.30 11.82 2.04
N HIS B 28 -4.40 11.11 1.42
CA HIS B 28 -3.43 11.79 0.51
C HIS B 28 -4.11 12.25 -0.78
N GLN B 29 -3.44 13.06 -1.56
CA GLN B 29 -4.04 13.55 -2.82
C GLN B 29 -3.92 12.50 -3.94
N SER B 30 -3.41 11.33 -3.64
CA SER B 30 -3.29 10.29 -4.69
C SER B 30 -3.53 8.90 -4.10
N ALA B 31 -4.10 8.83 -2.93
CA ALA B 31 -4.41 7.51 -2.32
C ALA B 31 -5.73 6.95 -2.87
N TRP B 32 -6.45 7.73 -3.65
CA TRP B 32 -7.76 7.25 -4.17
C TRP B 32 -7.62 5.91 -4.90
N PRO B 33 -6.62 5.77 -5.75
CA PRO B 33 -6.44 4.50 -6.48
C PRO B 33 -5.96 3.38 -5.55
N PHE B 34 -5.64 3.70 -4.32
CA PHE B 34 -5.20 2.63 -3.38
C PHE B 34 -6.17 2.54 -2.19
N MET B 35 -7.07 3.49 -2.09
CA MET B 35 -8.03 3.50 -0.97
C MET B 35 -9.27 2.66 -1.32
N GLU B 36 -9.27 2.02 -2.46
CA GLU B 36 -10.44 1.18 -2.85
C GLU B 36 -9.97 -0.24 -3.20
N PRO B 37 -10.81 -1.21 -2.95
CA PRO B 37 -10.46 -2.62 -3.24
C PRO B 37 -10.68 -2.94 -4.72
N VAL B 38 -9.82 -3.73 -5.31
CA VAL B 38 -10.00 -4.07 -6.74
C VAL B 38 -11.32 -4.82 -6.96
N LYS B 39 -11.39 -6.05 -6.53
CA LYS B 39 -12.66 -6.82 -6.71
C LYS B 39 -12.69 -8.04 -5.79
N ARG B 40 -13.60 -8.92 -6.09
CA ARG B 40 -13.69 -10.22 -5.39
C ARG B 40 -14.56 -11.11 -6.26
N THR B 41 -14.44 -10.97 -7.57
CA THR B 41 -15.37 -11.70 -8.46
C THR B 41 -15.06 -11.51 -9.96
N GLU B 42 -14.47 -10.42 -10.38
CA GLU B 42 -14.30 -10.22 -11.86
C GLU B 42 -12.85 -9.94 -12.25
N ALA B 43 -12.26 -8.93 -11.67
CA ALA B 43 -10.87 -8.52 -12.07
C ALA B 43 -9.98 -9.74 -12.37
N PRO B 44 -9.88 -10.05 -13.64
CA PRO B 44 -9.10 -11.24 -14.07
C PRO B 44 -7.66 -10.88 -14.40
N GLY B 45 -7.43 -9.77 -15.06
CA GLY B 45 -6.04 -9.37 -15.42
C GLY B 45 -5.12 -9.50 -14.20
N TYR B 46 -5.68 -9.37 -13.02
CA TYR B 46 -4.85 -9.51 -11.79
C TYR B 46 -4.28 -10.92 -11.70
N TYR B 47 -3.85 -11.33 -10.53
CA TYR B 47 -3.25 -12.69 -10.40
C TYR B 47 -2.08 -12.86 -11.37
N GLU B 48 -1.52 -11.77 -11.83
CA GLU B 48 -0.37 -11.85 -12.77
C GLU B 48 0.54 -10.63 -12.56
N VAL B 49 -0.04 -9.47 -12.44
CA VAL B 49 0.78 -8.25 -12.19
C VAL B 49 0.65 -7.81 -10.74
N ILE B 50 -0.44 -8.15 -10.10
CA ILE B 50 -0.62 -7.76 -8.68
C ILE B 50 -0.64 -9.00 -7.79
N ARG B 51 0.50 -9.43 -7.33
CA ARG B 51 0.55 -10.66 -6.48
C ARG B 51 -0.45 -10.56 -5.33
N PHE B 52 -0.30 -9.58 -4.49
CA PHE B 52 -1.24 -9.45 -3.34
C PHE B 52 -2.02 -8.13 -3.43
N PRO B 53 -3.11 -8.15 -4.17
CA PRO B 53 -3.95 -6.94 -4.33
C PRO B 53 -4.29 -6.33 -2.97
N MET B 54 -3.58 -5.32 -2.56
CA MET B 54 -3.87 -4.68 -1.25
C MET B 54 -4.18 -3.20 -1.42
N ASP B 55 -4.94 -2.62 -0.53
CA ASP B 55 -5.28 -1.18 -0.67
C ASP B 55 -5.50 -0.54 0.70
N LEU B 56 -5.25 0.74 0.82
CA LEU B 56 -5.45 1.42 2.12
C LEU B 56 -6.84 1.15 2.67
N LYS B 57 -7.80 0.97 1.81
CA LYS B 57 -9.19 0.68 2.28
C LYS B 57 -9.17 -0.52 3.25
N THR B 58 -8.38 -1.51 2.97
CA THR B 58 -8.30 -2.69 3.88
C THR B 58 -6.92 -2.75 4.56
N MET B 59 -5.96 -2.03 4.06
CA MET B 59 -4.60 -2.05 4.70
C MET B 59 -4.64 -1.33 6.04
N SER B 60 -5.30 -0.19 6.10
CA SER B 60 -5.36 0.57 7.38
C SER B 60 -6.29 -0.15 8.37
N GLU B 61 -7.27 -0.86 7.87
CA GLU B 61 -8.19 -1.60 8.78
C GLU B 61 -7.39 -2.50 9.72
N ARG B 62 -6.20 -2.86 9.33
CA ARG B 62 -5.35 -3.73 10.19
C ARG B 62 -4.71 -2.90 11.31
N LEU B 63 -3.97 -1.88 10.95
CA LEU B 63 -3.34 -1.03 12.00
C LEU B 63 -4.41 -0.54 12.97
N LYS B 64 -5.60 -0.33 12.49
CA LYS B 64 -6.71 0.09 13.41
C LYS B 64 -6.84 -0.94 14.52
N ASN B 65 -6.61 -2.19 14.20
CA ASN B 65 -6.67 -3.26 15.23
C ASN B 65 -5.27 -3.55 15.75
N ARG B 66 -4.36 -2.62 15.58
CA ARG B 66 -2.96 -2.85 16.04
C ARG B 66 -2.40 -4.14 15.44
N TYR B 67 -2.75 -4.43 14.23
CA TYR B 67 -2.23 -5.68 13.58
C TYR B 67 -0.95 -5.38 12.80
N TYR B 68 -0.91 -4.24 12.15
CA TYR B 68 0.32 -3.88 11.37
C TYR B 68 1.14 -2.85 12.16
N VAL B 69 1.91 -3.30 13.11
CA VAL B 69 2.72 -2.36 13.93
C VAL B 69 4.22 -2.58 13.68
N SER B 70 4.57 -3.10 12.53
CA SER B 70 6.02 -3.34 12.25
C SER B 70 6.32 -3.04 10.78
N LYS B 71 7.55 -2.74 10.47
CA LYS B 71 7.91 -2.43 9.06
C LYS B 71 7.63 -3.61 8.13
N LYS B 72 7.92 -4.81 8.56
CA LYS B 72 7.67 -5.99 7.67
C LYS B 72 6.19 -6.09 7.33
N LEU B 73 5.34 -5.76 8.26
CA LEU B 73 3.87 -5.83 8.00
C LEU B 73 3.40 -4.60 7.22
N PHE B 74 3.72 -3.44 7.70
CA PHE B 74 3.26 -2.19 7.03
C PHE B 74 3.99 -1.96 5.70
N MET B 75 5.28 -2.03 5.70
CA MET B 75 6.02 -1.79 4.42
C MET B 75 5.66 -2.86 3.39
N ALA B 76 5.13 -3.97 3.83
CA ALA B 76 4.76 -5.04 2.85
C ALA B 76 3.52 -4.63 2.06
N ASP B 77 2.40 -4.53 2.73
CA ASP B 77 1.15 -4.15 2.02
C ASP B 77 1.32 -2.79 1.34
N LEU B 78 1.77 -1.81 2.07
CA LEU B 78 1.96 -0.45 1.46
C LEU B 78 2.83 -0.58 0.21
N GLN B 79 4.00 -1.14 0.33
CA GLN B 79 4.87 -1.29 -0.88
C GLN B 79 4.14 -2.16 -1.91
N ARG B 80 3.47 -3.19 -1.44
CA ARG B 80 2.70 -4.04 -2.38
C ARG B 80 1.68 -3.20 -3.14
N VAL B 81 1.14 -2.21 -2.50
CA VAL B 81 0.14 -1.34 -3.17
C VAL B 81 0.84 -0.50 -4.24
N PHE B 82 1.97 0.08 -3.91
CA PHE B 82 2.71 0.90 -4.91
C PHE B 82 3.42 -0.02 -5.91
N THR B 83 4.21 -0.94 -5.43
CA THR B 83 4.95 -1.84 -6.35
C THR B 83 4.00 -2.50 -7.36
N ASN B 84 2.90 -3.02 -6.91
CA ASN B 84 1.94 -3.68 -7.85
C ASN B 84 1.20 -2.66 -8.70
N CYS B 85 0.63 -1.65 -8.09
CA CYS B 85 -0.13 -0.64 -8.89
C CYS B 85 0.74 -0.09 -10.03
N LYS B 86 2.03 0.04 -9.80
CA LYS B 86 2.92 0.57 -10.88
C LYS B 86 3.09 -0.46 -11.99
N GLU B 87 2.74 -1.70 -11.74
CA GLU B 87 2.89 -2.75 -12.78
C GLU B 87 1.69 -2.73 -13.75
N TYR B 88 0.67 -1.97 -13.45
CA TYR B 88 -0.52 -1.93 -14.36
C TYR B 88 -0.85 -0.48 -14.72
N ASN B 89 -1.03 0.34 -13.72
CA ASN B 89 -1.41 1.78 -13.95
C ASN B 89 -0.70 2.38 -15.18
N PRO B 90 -1.39 3.31 -15.82
CA PRO B 90 -0.83 3.96 -17.03
C PRO B 90 0.62 4.42 -16.81
N PRO B 91 1.24 4.86 -17.87
CA PRO B 91 2.63 5.37 -17.76
C PRO B 91 2.63 6.73 -17.07
N GLU B 92 2.44 6.74 -15.77
CA GLU B 92 2.39 8.04 -15.04
C GLU B 92 1.33 8.95 -15.67
N SER B 93 0.25 8.38 -16.13
CA SER B 93 -0.81 9.21 -16.76
C SER B 93 -1.76 9.77 -15.71
N GLU B 94 -2.43 8.91 -14.98
CA GLU B 94 -3.37 9.40 -13.94
C GLU B 94 -3.37 8.46 -12.74
N TYR B 95 -3.48 7.19 -12.98
CA TYR B 95 -3.49 6.21 -11.86
C TYR B 95 -2.07 5.91 -11.36
N TYR B 96 -1.11 5.97 -12.24
CA TYR B 96 0.29 5.66 -11.84
C TYR B 96 0.95 6.85 -11.14
N LYS B 97 0.77 8.04 -11.66
CA LYS B 97 1.40 9.23 -11.03
C LYS B 97 1.10 9.26 -9.52
N CYS B 98 -0.03 8.74 -9.11
CA CYS B 98 -0.36 8.72 -7.67
C CYS B 98 0.64 7.84 -6.92
N ALA B 99 0.88 6.64 -7.39
CA ALA B 99 1.86 5.76 -6.72
C ALA B 99 3.20 6.48 -6.57
N ASN B 100 3.57 7.27 -7.54
CA ASN B 100 4.84 8.02 -7.45
C ASN B 100 4.74 9.08 -6.35
N ILE B 101 3.72 9.88 -6.39
CA ILE B 101 3.52 10.91 -5.33
C ILE B 101 3.49 10.23 -3.95
N LEU B 102 2.58 9.32 -3.77
CA LEU B 102 2.46 8.63 -2.46
C LEU B 102 3.78 7.95 -2.10
N GLU B 103 4.34 7.19 -2.99
CA GLU B 103 5.63 6.50 -2.69
C GLU B 103 6.66 7.51 -2.19
N LYS B 104 6.75 8.65 -2.81
CA LYS B 104 7.74 9.67 -2.36
C LYS B 104 7.29 10.32 -1.06
N PHE B 105 6.02 10.50 -0.89
CA PHE B 105 5.52 11.13 0.37
C PHE B 105 5.74 10.22 1.57
N PHE B 106 5.24 9.01 1.51
CA PHE B 106 5.44 8.09 2.67
C PHE B 106 6.94 7.76 2.81
N PHE B 107 7.70 7.93 1.77
CA PHE B 107 9.16 7.63 1.85
C PHE B 107 9.82 8.58 2.88
N SER B 108 9.64 9.85 2.71
CA SER B 108 10.26 10.82 3.67
C SER B 108 9.89 10.44 5.10
N LYS B 109 8.75 9.84 5.29
CA LYS B 109 8.34 9.44 6.67
C LYS B 109 9.03 8.14 7.08
N ILE B 110 8.87 7.10 6.31
CA ILE B 110 9.52 5.82 6.68
C ILE B 110 11.03 6.02 6.81
N LYS B 111 11.65 6.70 5.90
CA LYS B 111 13.10 6.94 6.00
C LYS B 111 13.42 7.64 7.31
N GLU B 112 12.66 8.65 7.63
CA GLU B 112 12.88 9.37 8.91
C GLU B 112 12.29 8.57 10.07
N ALA B 113 11.46 7.60 9.77
CA ALA B 113 10.85 6.76 10.84
C ALA B 113 11.76 5.58 11.18
N GLY B 114 12.86 5.44 10.50
CA GLY B 114 13.73 4.25 10.73
C GLY B 114 13.08 3.03 10.07
N LEU B 115 12.20 3.26 9.13
CA LEU B 115 11.51 2.14 8.45
C LEU B 115 12.38 1.62 7.31
N ILE B 116 12.99 2.52 6.58
CA ILE B 116 13.83 2.12 5.43
C ILE B 116 15.26 2.63 5.61
N ASP B 117 15.66 2.81 6.84
CA ASP B 117 17.05 3.26 7.10
C ASP B 117 18.04 2.22 6.58
N LYS B 118 17.58 1.04 6.25
CA LYS B 118 18.50 -0.02 5.73
C LYS B 118 19.33 0.53 4.57
N SER A 1 9.46 -8.58 15.12
CA SER A 1 9.62 -7.11 15.03
C SER A 1 10.99 -6.76 14.44
N TYR A 2 11.04 -6.47 13.16
CA TYR A 2 12.34 -6.13 12.53
C TYR A 2 12.31 -4.69 12.01
N GLY A 3 11.27 -4.33 11.30
CA GLY A 3 11.15 -2.94 10.76
C GLY A 3 11.40 -1.92 11.87
N ARG A 4 11.41 -0.66 11.54
CA ARG A 4 11.64 0.39 12.58
C ARG A 4 10.99 1.71 12.17
N LYS A 6 10.47 4.64 12.97
CA LYS A 6 10.81 5.65 14.02
C LYS A 6 11.21 6.97 13.36
N ARG A 7 11.03 8.07 14.05
CA ARG A 7 11.44 9.38 13.47
C ARG A 7 12.95 9.46 13.36
N ARG A 8 13.65 8.69 14.16
CA ARG A 8 15.14 8.71 14.09
C ARG A 8 15.72 7.55 14.90
N GLN A 9 16.95 7.66 15.33
CA GLN A 9 17.55 6.55 16.13
C GLN A 9 18.37 7.13 17.30
N ARG A 10 17.71 7.54 18.34
CA ARG A 10 18.44 8.11 19.52
C ARG A 10 17.91 7.50 20.82
N CYS A 11 18.09 6.22 21.00
CA CYS A 11 17.61 5.57 22.25
C CYS A 11 18.12 6.31 23.48
N GLY B 1 -3.90 -21.53 -23.40
CA GLY B 1 -5.33 -21.15 -23.21
C GLY B 1 -5.40 -19.93 -22.29
N SER B 2 -6.50 -19.23 -22.31
CA SER B 2 -6.64 -18.03 -21.44
C SER B 2 -8.03 -17.97 -20.82
N HIS B 3 -8.12 -17.72 -19.55
CA HIS B 3 -9.46 -17.66 -18.89
C HIS B 3 -9.38 -16.83 -17.60
N MET B 4 -8.55 -15.83 -17.59
CA MET B 4 -8.44 -14.99 -16.36
C MET B 4 -9.29 -13.72 -16.51
N SER B 5 -9.22 -12.84 -15.55
CA SER B 5 -10.02 -11.59 -15.64
C SER B 5 -9.49 -10.54 -14.65
N LYS B 6 -8.23 -10.60 -14.35
CA LYS B 6 -7.64 -9.61 -13.39
C LYS B 6 -7.08 -8.41 -14.14
N GLU B 7 -7.49 -8.20 -15.37
CA GLU B 7 -6.95 -7.05 -16.14
C GLU B 7 -7.85 -5.81 -15.97
N PRO B 8 -7.23 -4.66 -15.99
CA PRO B 8 -7.99 -3.40 -15.82
C PRO B 8 -8.58 -2.90 -17.16
N ARG B 9 -8.72 -3.78 -18.13
CA ARG B 9 -9.26 -3.36 -19.45
C ARG B 9 -8.40 -2.23 -20.05
N ASP B 10 -8.68 -1.00 -19.70
CA ASP B 10 -7.85 0.12 -20.25
C ASP B 10 -7.14 0.86 -19.11
N PRO B 11 -5.95 1.32 -19.39
CA PRO B 11 -5.17 2.05 -18.36
C PRO B 11 -5.98 3.23 -17.81
N ASP B 12 -6.38 4.15 -18.64
CA ASP B 12 -7.18 5.30 -18.17
C ASP B 12 -8.38 4.83 -17.37
N GLN B 13 -9.01 3.75 -17.80
CA GLN B 13 -10.17 3.22 -17.04
C GLN B 13 -9.78 2.99 -15.58
N LEU B 14 -8.59 2.48 -15.37
CA LEU B 14 -8.12 2.26 -13.97
C LEU B 14 -7.61 3.56 -13.36
N TYR B 15 -7.19 4.49 -14.18
CA TYR B 15 -6.66 5.79 -13.66
C TYR B 15 -7.59 6.35 -12.58
N SER B 16 -8.84 6.51 -12.91
CA SER B 16 -9.80 6.99 -11.88
C SER B 16 -10.07 5.88 -10.87
N THR B 17 -9.94 4.64 -11.29
CA THR B 17 -10.16 3.52 -10.33
C THR B 17 -9.12 3.62 -9.21
N LEU B 18 -7.85 3.61 -9.55
CA LEU B 18 -6.82 3.78 -8.50
C LEU B 18 -7.09 5.07 -7.73
N LYS B 19 -7.58 6.06 -8.43
CA LYS B 19 -7.95 7.33 -7.74
C LYS B 19 -9.07 7.06 -6.74
N SER B 20 -10.01 6.24 -7.10
CA SER B 20 -11.12 5.91 -6.16
C SER B 20 -10.56 5.12 -4.98
N ILE B 21 -9.98 3.97 -5.23
CA ILE B 21 -9.41 3.17 -4.12
C ILE B 21 -8.42 4.02 -3.33
N LEU B 22 -7.51 4.67 -4.01
CA LEU B 22 -6.51 5.53 -3.31
C LEU B 22 -7.22 6.66 -2.55
N GLN B 23 -8.14 7.34 -3.21
CA GLN B 23 -8.87 8.46 -2.53
C GLN B 23 -9.35 8.05 -1.13
N GLN B 24 -10.10 6.99 -1.03
CA GLN B 24 -10.58 6.55 0.31
C GLN B 24 -9.44 5.91 1.10
N VAL B 25 -8.46 5.41 0.41
CA VAL B 25 -7.32 4.75 1.10
C VAL B 25 -6.38 5.81 1.70
N LYS B 26 -5.75 6.58 0.88
CA LYS B 26 -4.82 7.62 1.41
C LYS B 26 -5.55 8.50 2.43
N SER B 27 -6.81 8.77 2.21
CA SER B 27 -7.57 9.63 3.16
C SER B 27 -8.30 8.79 4.20
N HIS B 28 -7.91 7.55 4.35
CA HIS B 28 -8.59 6.69 5.36
C HIS B 28 -8.04 6.96 6.76
N GLN B 29 -8.82 6.68 7.77
CA GLN B 29 -8.34 6.91 9.16
C GLN B 29 -7.29 5.86 9.55
N SER B 30 -7.06 4.89 8.72
CA SER B 30 -6.04 3.85 9.04
C SER B 30 -4.89 3.92 8.03
N ALA B 31 -4.97 4.82 7.09
CA ALA B 31 -3.86 4.94 6.09
C ALA B 31 -2.72 5.77 6.65
N TRP B 32 -2.95 6.47 7.74
CA TRP B 32 -1.86 7.27 8.38
C TRP B 32 -0.55 6.45 8.44
N PRO B 33 -0.65 5.21 8.89
CA PRO B 33 0.56 4.35 9.00
C PRO B 33 1.19 4.06 7.64
N PHE B 34 0.51 4.37 6.57
CA PHE B 34 1.09 4.11 5.22
C PHE B 34 1.32 5.43 4.49
N MET B 35 0.77 6.49 4.99
CA MET B 35 0.92 7.80 4.32
C MET B 35 2.19 8.52 4.82
N GLU B 36 3.05 7.81 5.51
CA GLU B 36 4.32 8.43 5.99
C GLU B 36 5.52 7.60 5.51
N PRO B 37 6.51 8.27 4.97
CA PRO B 37 7.70 7.55 4.43
C PRO B 37 8.57 7.00 5.57
N VAL B 38 8.74 5.71 5.64
CA VAL B 38 9.62 5.12 6.70
C VAL B 38 11.00 5.77 6.64
N LYS B 39 11.60 6.01 7.78
CA LYS B 39 12.95 6.62 7.79
C LYS B 39 13.91 5.82 6.90
N ARG B 40 14.24 6.35 5.75
CA ARG B 40 15.15 5.62 4.83
C ARG B 40 16.61 5.83 5.27
N THR B 41 16.90 5.50 6.49
CA THR B 41 18.27 5.67 7.03
C THR B 41 18.29 5.21 8.49
N GLU B 42 17.23 5.46 9.19
CA GLU B 42 17.16 5.03 10.61
C GLU B 42 16.00 4.05 10.83
N ALA B 43 15.50 3.46 9.77
CA ALA B 43 14.41 2.46 9.91
C ALA B 43 14.95 1.06 9.56
N PRO B 44 15.86 0.57 10.39
CA PRO B 44 16.47 -0.75 10.12
C PRO B 44 15.41 -1.85 10.12
N GLY B 45 15.71 -2.96 9.51
CA GLY B 45 14.72 -4.07 9.45
C GLY B 45 13.94 -3.98 8.13
N TYR B 46 13.83 -2.80 7.58
CA TYR B 46 13.09 -2.65 6.30
C TYR B 46 13.93 -3.19 5.14
N TYR B 47 13.92 -4.48 4.94
CA TYR B 47 14.71 -5.07 3.83
C TYR B 47 14.26 -6.51 3.55
N GLU B 48 13.93 -7.25 4.57
CA GLU B 48 13.48 -8.65 4.35
C GLU B 48 11.98 -8.78 4.67
N VAL B 49 11.50 -7.97 5.59
CA VAL B 49 10.06 -8.03 5.94
C VAL B 49 9.25 -7.08 5.06
N ILE B 50 9.89 -6.08 4.52
CA ILE B 50 9.14 -5.07 3.74
C ILE B 50 9.32 -5.24 2.24
N ARG B 51 10.29 -6.01 1.83
CA ARG B 51 10.52 -6.22 0.37
C ARG B 51 10.71 -4.90 -0.38
N PHE B 52 9.64 -4.22 -0.69
CA PHE B 52 9.76 -2.92 -1.40
C PHE B 52 9.05 -1.80 -0.62
N PRO B 53 9.70 -1.34 0.42
CA PRO B 53 9.15 -0.25 1.27
C PRO B 53 8.35 0.77 0.46
N MET B 54 7.06 0.63 0.43
CA MET B 54 6.20 1.60 -0.31
C MET B 54 5.20 2.26 0.64
N ASP B 55 4.79 3.46 0.37
CA ASP B 55 3.83 4.14 1.29
C ASP B 55 2.93 5.10 0.52
N LEU B 56 1.72 5.27 0.96
CA LEU B 56 0.81 6.23 0.27
C LEU B 56 1.48 7.61 0.19
N LYS B 57 2.42 7.86 1.07
CA LYS B 57 3.14 9.17 1.05
C LYS B 57 3.69 9.41 -0.36
N THR B 58 4.21 8.40 -0.99
CA THR B 58 4.76 8.56 -2.36
C THR B 58 4.03 7.66 -3.35
N MET B 59 3.44 6.59 -2.88
CA MET B 59 2.72 5.67 -3.80
C MET B 59 1.63 6.44 -4.55
N SER B 60 1.06 7.44 -3.93
CA SER B 60 0.00 8.22 -4.61
C SER B 60 0.61 9.20 -5.60
N GLU B 61 1.85 9.57 -5.40
CA GLU B 61 2.50 10.52 -6.35
C GLU B 61 2.76 9.84 -7.68
N ARG B 62 2.81 8.54 -7.71
CA ARG B 62 3.07 7.83 -8.98
C ARG B 62 1.86 7.94 -9.92
N LEU B 63 0.68 7.82 -9.39
CA LEU B 63 -0.53 7.94 -10.26
C LEU B 63 -0.51 9.27 -11.00
N LYS B 64 -0.19 10.34 -10.32
CA LYS B 64 -0.09 11.66 -11.00
C LYS B 64 0.89 11.55 -12.18
N ASN B 65 1.89 10.73 -12.02
CA ASN B 65 2.88 10.53 -13.12
C ASN B 65 2.55 9.26 -13.92
N ARG B 66 1.40 8.68 -13.69
CA ARG B 66 1.03 7.43 -14.39
C ARG B 66 2.17 6.41 -14.31
N TYR B 67 2.57 6.08 -13.12
CA TYR B 67 3.64 5.05 -12.96
C TYR B 67 3.01 3.74 -12.49
N TYR B 68 1.80 3.79 -12.02
CA TYR B 68 1.10 2.54 -11.59
C TYR B 68 -0.34 2.59 -12.07
N VAL B 69 -0.54 2.95 -13.31
CA VAL B 69 -1.91 3.08 -13.84
C VAL B 69 -2.45 1.72 -14.30
N SER B 70 -2.63 0.81 -13.38
CA SER B 70 -3.13 -0.54 -13.74
C SER B 70 -3.35 -1.37 -12.47
N LYS B 71 -3.80 -2.59 -12.60
CA LYS B 71 -4.04 -3.42 -11.37
C LYS B 71 -2.74 -4.11 -10.92
N LYS B 72 -1.98 -4.68 -11.82
CA LYS B 72 -0.70 -5.34 -11.41
C LYS B 72 0.20 -4.33 -10.70
N LEU B 73 0.18 -3.10 -11.14
CA LEU B 73 1.05 -2.07 -10.53
C LEU B 73 0.43 -1.53 -9.24
N PHE B 74 -0.73 -0.93 -9.33
CA PHE B 74 -1.36 -0.33 -8.12
C PHE B 74 -1.66 -1.40 -7.06
N MET B 75 -2.30 -2.48 -7.44
CA MET B 75 -2.61 -3.53 -6.42
C MET B 75 -1.32 -4.08 -5.83
N ALA B 76 -0.26 -4.06 -6.58
CA ALA B 76 1.04 -4.56 -6.04
C ALA B 76 1.59 -3.59 -5.01
N ASP B 77 1.99 -2.42 -5.43
CA ASP B 77 2.55 -1.42 -4.48
C ASP B 77 1.60 -1.22 -3.30
N LEU B 78 0.35 -0.94 -3.57
CA LEU B 78 -0.62 -0.74 -2.45
C LEU B 78 -0.62 -1.96 -1.52
N GLN B 79 -0.81 -3.12 -2.07
CA GLN B 79 -0.79 -4.35 -1.22
C GLN B 79 0.58 -4.48 -0.56
N ARG B 80 1.62 -4.10 -1.25
CA ARG B 80 2.98 -4.16 -0.64
C ARG B 80 3.00 -3.31 0.64
N VAL B 81 2.22 -2.26 0.66
CA VAL B 81 2.15 -1.40 1.88
C VAL B 81 1.26 -2.08 2.92
N PHE B 82 0.31 -2.85 2.47
CA PHE B 82 -0.57 -3.58 3.42
C PHE B 82 0.14 -4.84 3.90
N THR B 83 0.84 -5.50 3.02
CA THR B 83 1.57 -6.74 3.41
C THR B 83 2.83 -6.39 4.20
N ASN B 84 3.66 -5.52 3.68
CA ASN B 84 4.89 -5.15 4.42
C ASN B 84 4.53 -4.62 5.81
N CYS B 85 3.43 -3.92 5.92
CA CYS B 85 3.01 -3.41 7.25
C CYS B 85 2.37 -4.54 8.04
N LYS B 86 1.86 -5.52 7.35
CA LYS B 86 1.26 -6.69 8.04
C LYS B 86 2.35 -7.67 8.50
N GLU B 87 3.60 -7.33 8.29
CA GLU B 87 4.70 -8.25 8.71
C GLU B 87 5.52 -7.63 9.85
N TYR B 88 6.00 -6.44 9.67
CA TYR B 88 6.81 -5.78 10.73
C TYR B 88 5.91 -5.32 11.88
N ASN B 89 4.91 -4.50 11.58
CA ASN B 89 4.01 -3.95 12.64
C ASN B 89 3.68 -4.99 13.72
N PRO B 90 3.33 -4.49 14.89
CA PRO B 90 3.00 -5.38 16.02
C PRO B 90 1.97 -6.43 15.62
N PRO B 91 2.02 -7.57 16.27
CA PRO B 91 1.04 -8.65 15.97
C PRO B 91 -0.37 -8.21 16.33
N GLU B 92 -1.02 -7.49 15.44
CA GLU B 92 -2.41 -7.02 15.73
C GLU B 92 -2.44 -6.20 17.02
N SER B 93 -1.61 -5.21 17.14
CA SER B 93 -1.61 -4.37 18.37
C SER B 93 -2.09 -2.96 18.05
N GLU B 94 -1.47 -2.30 17.11
CA GLU B 94 -1.90 -0.92 16.76
C GLU B 94 -1.55 -0.61 15.30
N TYR B 95 -0.34 -0.88 14.90
CA TYR B 95 0.07 -0.58 13.51
C TYR B 95 -0.42 -1.67 12.54
N TYR B 96 -0.53 -2.88 13.02
CA TYR B 96 -0.98 -3.99 12.12
C TYR B 96 -2.50 -3.99 11.98
N LYS B 97 -3.19 -3.26 12.81
CA LYS B 97 -4.69 -3.26 12.74
C LYS B 97 -5.19 -2.43 11.55
N CYS B 98 -4.57 -1.31 11.29
CA CYS B 98 -5.06 -0.44 10.18
C CYS B 98 -5.12 -1.22 8.86
N ALA B 99 -4.20 -2.12 8.63
CA ALA B 99 -4.23 -2.89 7.36
C ALA B 99 -5.55 -3.64 7.23
N ASN B 100 -5.99 -4.29 8.28
CA ASN B 100 -7.29 -5.01 8.22
C ASN B 100 -8.40 -4.02 7.84
N ILE B 101 -8.31 -2.81 8.30
CA ILE B 101 -9.34 -1.80 7.97
C ILE B 101 -9.13 -1.31 6.52
N LEU B 102 -8.02 -0.67 6.27
CA LEU B 102 -7.75 -0.19 4.89
C LEU B 102 -7.94 -1.32 3.87
N GLU B 103 -7.43 -2.48 4.17
CA GLU B 103 -7.57 -3.63 3.22
C GLU B 103 -9.05 -3.94 2.97
N LYS B 104 -9.82 -4.08 4.01
CA LYS B 104 -11.27 -4.37 3.80
C LYS B 104 -11.94 -3.20 3.08
N PHE B 105 -11.44 -2.01 3.27
CA PHE B 105 -12.04 -0.82 2.59
C PHE B 105 -11.63 -0.79 1.13
N PHE B 106 -10.36 -0.93 0.84
CA PHE B 106 -9.91 -0.89 -0.58
C PHE B 106 -10.19 -2.24 -1.26
N PHE B 107 -10.45 -3.27 -0.50
CA PHE B 107 -10.73 -4.61 -1.11
C PHE B 107 -12.06 -4.55 -1.88
N SER B 108 -13.13 -4.20 -1.23
CA SER B 108 -14.46 -4.13 -1.91
C SER B 108 -14.34 -3.31 -3.20
N LYS B 109 -13.41 -2.40 -3.26
CA LYS B 109 -13.25 -1.57 -4.49
C LYS B 109 -12.48 -2.35 -5.54
N ILE B 110 -11.31 -2.83 -5.19
CA ILE B 110 -10.51 -3.60 -6.19
C ILE B 110 -11.28 -4.85 -6.63
N LYS B 111 -11.96 -5.48 -5.72
CA LYS B 111 -12.76 -6.69 -6.11
C LYS B 111 -13.85 -6.28 -7.10
N GLU B 112 -14.57 -5.24 -6.79
CA GLU B 112 -15.63 -4.78 -7.73
C GLU B 112 -15.01 -4.05 -8.92
N ALA B 113 -13.82 -3.52 -8.74
CA ALA B 113 -13.14 -2.80 -9.85
C ALA B 113 -12.55 -3.79 -10.86
N GLY B 114 -12.53 -5.05 -10.54
CA GLY B 114 -11.95 -6.05 -11.47
C GLY B 114 -10.45 -6.17 -11.19
N LEU B 115 -10.03 -5.83 -10.00
CA LEU B 115 -8.58 -5.91 -9.65
C LEU B 115 -8.30 -7.27 -9.05
N ILE B 116 -9.18 -7.73 -8.20
CA ILE B 116 -8.98 -9.02 -7.51
C ILE B 116 -9.90 -10.09 -8.08
N ASP B 117 -10.62 -9.78 -9.14
CA ASP B 117 -11.50 -10.81 -9.76
C ASP B 117 -10.66 -11.97 -10.28
N LYS B 118 -9.36 -11.81 -10.35
CA LYS B 118 -8.51 -12.92 -10.86
C LYS B 118 -9.01 -13.43 -12.21
N SER A 1 -2.65 -0.78 -21.08
CA SER A 1 -3.54 -0.75 -19.88
C SER A 1 -4.09 -2.14 -19.59
N TYR A 2 -3.71 -2.74 -18.50
CA TYR A 2 -4.20 -4.11 -18.17
C TYR A 2 -5.02 -4.06 -16.88
N GLY A 3 -4.45 -3.53 -15.82
CA GLY A 3 -5.16 -3.46 -14.50
C GLY A 3 -6.63 -3.06 -14.68
N ARG A 4 -7.53 -3.77 -14.07
CA ARG A 4 -8.97 -3.43 -14.21
C ARG A 4 -9.50 -2.83 -12.91
N LYS A 6 -11.93 -1.84 -11.35
CA LYS A 6 -13.42 -1.74 -11.38
C LYS A 6 -14.04 -2.76 -10.43
N ARG A 7 -15.32 -3.01 -10.57
CA ARG A 7 -15.99 -3.99 -9.67
C ARG A 7 -16.05 -5.36 -10.33
N ARG A 8 -16.95 -6.20 -9.88
CA ARG A 8 -17.07 -7.56 -10.48
C ARG A 8 -17.80 -7.49 -11.83
N GLN A 9 -17.68 -8.50 -12.64
CA GLN A 9 -18.38 -8.48 -13.96
C GLN A 9 -19.55 -9.47 -13.96
N ARG A 10 -20.33 -9.48 -12.92
CA ARG A 10 -21.49 -10.41 -12.87
C ARG A 10 -22.38 -10.25 -14.09
N CYS A 11 -23.42 -11.02 -14.19
CA CYS A 11 -24.32 -10.91 -15.37
C CYS A 11 -25.77 -11.19 -14.96
N GLY B 1 23.55 1.20 19.55
CA GLY B 1 24.06 1.22 18.15
C GLY B 1 22.98 0.67 17.20
N SER B 2 23.27 -0.40 16.51
CA SER B 2 22.28 -0.99 15.57
C SER B 2 21.65 0.10 14.68
N HIS B 3 22.26 0.37 13.56
CA HIS B 3 21.70 1.43 12.65
C HIS B 3 21.84 1.00 11.19
N MET B 4 21.70 -0.27 10.92
CA MET B 4 21.81 -0.75 9.51
C MET B 4 20.83 -1.90 9.26
N SER B 5 19.75 -1.93 9.99
CA SER B 5 18.76 -3.02 9.79
C SER B 5 17.38 -2.44 9.44
N LYS B 6 16.40 -3.27 9.27
CA LYS B 6 15.04 -2.76 8.93
C LYS B 6 13.99 -3.36 9.87
N GLU B 7 14.31 -3.48 11.13
CA GLU B 7 13.33 -4.06 12.09
C GLU B 7 12.79 -2.95 13.02
N PRO B 8 11.51 -3.06 13.34
CA PRO B 8 10.88 -2.05 14.20
C PRO B 8 10.99 -2.42 15.69
N ARG B 9 12.06 -3.07 16.06
CA ARG B 9 12.25 -3.46 17.50
C ARG B 9 11.03 -4.24 18.00
N ASP B 10 10.03 -3.56 18.53
CA ASP B 10 8.83 -4.29 19.04
C ASP B 10 7.61 -3.93 18.19
N PRO B 11 6.66 -4.83 18.16
CA PRO B 11 5.42 -4.59 17.37
C PRO B 11 4.64 -3.40 17.93
N ASP B 12 4.72 -3.17 19.21
CA ASP B 12 3.97 -2.02 19.81
C ASP B 12 4.48 -0.70 19.26
N GLN B 13 5.78 -0.48 19.28
CA GLN B 13 6.34 0.79 18.76
C GLN B 13 5.82 1.05 17.34
N LEU B 14 5.82 0.04 16.51
CA LEU B 14 5.35 0.23 15.11
C LEU B 14 3.82 0.21 15.03
N TYR B 15 3.17 -0.43 15.96
CA TYR B 15 1.68 -0.53 15.92
C TYR B 15 1.06 0.85 15.66
N SER B 16 1.32 1.79 16.51
CA SER B 16 0.75 3.15 16.31
C SER B 16 1.46 3.86 15.17
N THR B 17 2.68 3.46 14.89
CA THR B 17 3.40 4.07 13.75
C THR B 17 2.66 3.78 12.46
N LEU B 18 2.46 2.52 12.16
CA LEU B 18 1.67 2.17 10.93
C LEU B 18 0.32 2.86 11.02
N LYS B 19 -0.22 2.92 12.21
CA LYS B 19 -1.50 3.65 12.41
C LYS B 19 -1.35 5.08 11.89
N SER B 20 -0.17 5.64 12.04
CA SER B 20 0.07 7.03 11.55
C SER B 20 0.25 7.04 10.03
N ILE B 21 1.25 6.37 9.53
CA ILE B 21 1.46 6.34 8.04
C ILE B 21 0.14 6.00 7.33
N LEU B 22 -0.47 4.91 7.71
CA LEU B 22 -1.77 4.52 7.08
C LEU B 22 -2.83 5.61 7.29
N GLN B 23 -2.83 6.23 8.44
CA GLN B 23 -3.84 7.30 8.71
C GLN B 23 -3.74 8.40 7.66
N GLN B 24 -2.58 8.95 7.46
CA GLN B 24 -2.42 10.03 6.46
C GLN B 24 -2.41 9.44 5.05
N VAL B 25 -2.06 8.19 4.93
CA VAL B 25 -2.03 7.53 3.60
C VAL B 25 -3.48 7.22 3.15
N LYS B 26 -4.29 6.76 4.05
CA LYS B 26 -5.70 6.45 3.68
C LYS B 26 -6.48 7.74 3.47
N SER B 27 -6.26 8.73 4.30
CA SER B 27 -6.99 10.01 4.13
C SER B 27 -6.25 10.93 3.15
N HIS B 28 -5.27 10.41 2.46
CA HIS B 28 -4.52 11.25 1.49
C HIS B 28 -5.39 11.54 0.26
N GLN B 29 -5.12 12.63 -0.42
CA GLN B 29 -5.94 12.97 -1.62
C GLN B 29 -5.47 12.17 -2.84
N SER B 30 -4.45 11.36 -2.70
CA SER B 30 -3.97 10.57 -3.88
C SER B 30 -4.01 9.06 -3.59
N ALA B 31 -4.43 8.67 -2.43
CA ALA B 31 -4.47 7.21 -2.10
C ALA B 31 -5.72 6.54 -2.69
N TRP B 32 -6.48 7.25 -3.47
CA TRP B 32 -7.70 6.63 -4.08
C TRP B 32 -7.36 5.28 -4.75
N PRO B 33 -6.35 5.26 -5.59
CA PRO B 33 -5.97 3.99 -6.26
C PRO B 33 -5.62 2.92 -5.23
N PHE B 34 -5.31 3.32 -4.03
CA PHE B 34 -4.92 2.31 -3.00
C PHE B 34 -5.99 2.26 -1.93
N MET B 35 -7.21 2.50 -2.30
CA MET B 35 -8.29 2.55 -1.30
C MET B 35 -9.49 1.71 -1.78
N GLU B 36 -9.37 1.08 -2.93
CA GLU B 36 -10.47 0.19 -3.41
C GLU B 36 -9.89 -1.18 -3.77
N PRO B 37 -10.58 -2.22 -3.39
CA PRO B 37 -10.10 -3.60 -3.65
C PRO B 37 -10.37 -4.02 -5.09
N VAL B 38 -9.35 -4.28 -5.87
CA VAL B 38 -9.58 -4.74 -7.27
C VAL B 38 -10.32 -6.10 -7.23
N LYS B 39 -9.69 -7.20 -7.59
CA LYS B 39 -10.38 -8.52 -7.55
C LYS B 39 -9.43 -9.61 -8.07
N ARG B 40 -9.29 -10.69 -7.35
CA ARG B 40 -8.39 -11.78 -7.81
C ARG B 40 -9.16 -12.76 -8.69
N THR B 41 -9.97 -12.27 -9.59
CA THR B 41 -10.77 -13.18 -10.45
C THR B 41 -11.57 -12.38 -11.48
N GLU B 42 -12.11 -11.25 -11.09
CA GLU B 42 -12.90 -10.44 -12.05
C GLU B 42 -12.16 -9.15 -12.41
N ALA B 43 -10.87 -9.12 -12.22
CA ALA B 43 -10.09 -7.91 -12.60
C ALA B 43 -9.13 -8.26 -13.75
N PRO B 44 -9.66 -8.30 -14.95
CA PRO B 44 -8.85 -8.66 -16.14
C PRO B 44 -7.56 -7.84 -16.20
N GLY B 45 -6.55 -8.36 -16.85
CA GLY B 45 -5.27 -7.61 -16.96
C GLY B 45 -4.32 -8.04 -15.84
N TYR B 46 -4.85 -8.43 -14.72
CA TYR B 46 -3.97 -8.87 -13.60
C TYR B 46 -3.22 -10.13 -13.97
N TYR B 47 -2.55 -10.75 -13.02
CA TYR B 47 -1.77 -12.00 -13.30
C TYR B 47 -0.59 -11.73 -14.24
N GLU B 48 -0.32 -10.49 -14.55
CA GLU B 48 0.84 -10.18 -15.45
C GLU B 48 1.37 -8.78 -15.16
N VAL B 49 1.08 -8.26 -14.00
CA VAL B 49 1.58 -6.91 -13.60
C VAL B 49 1.44 -6.74 -12.09
N ILE B 50 0.40 -7.29 -11.51
CA ILE B 50 0.21 -7.18 -10.04
C ILE B 50 0.33 -8.56 -9.39
N ARG B 51 1.11 -8.67 -8.36
CA ARG B 51 1.29 -9.99 -7.69
C ARG B 51 0.40 -10.06 -6.45
N PHE B 52 0.59 -9.17 -5.53
CA PHE B 52 -0.24 -9.17 -4.29
C PHE B 52 -1.14 -7.93 -4.25
N PRO B 53 -2.17 -7.93 -5.08
CA PRO B 53 -3.12 -6.80 -5.14
C PRO B 53 -3.45 -6.28 -3.74
N MET B 54 -2.73 -5.29 -3.28
CA MET B 54 -2.97 -4.75 -1.92
C MET B 54 -3.66 -3.39 -2.00
N ASP B 55 -4.11 -2.87 -0.88
CA ASP B 55 -4.79 -1.56 -0.88
C ASP B 55 -5.15 -1.12 0.53
N LEU B 56 -5.16 0.17 0.78
CA LEU B 56 -5.57 0.67 2.12
C LEU B 56 -6.96 0.13 2.45
N LYS B 57 -7.74 -0.12 1.43
CA LYS B 57 -9.11 -0.68 1.65
C LYS B 57 -9.03 -1.89 2.59
N THR B 58 -8.04 -2.72 2.42
CA THR B 58 -7.94 -3.93 3.27
C THR B 58 -6.66 -3.90 4.12
N MET B 59 -5.64 -3.20 3.68
CA MET B 59 -4.39 -3.13 4.49
C MET B 59 -4.72 -2.66 5.90
N SER B 60 -5.67 -1.79 6.03
CA SER B 60 -6.03 -1.25 7.36
C SER B 60 -6.72 -2.32 8.20
N GLU B 61 -7.51 -3.16 7.57
CA GLU B 61 -8.21 -4.23 8.32
C GLU B 61 -7.20 -5.04 9.14
N ARG B 62 -6.01 -5.18 8.64
CA ARG B 62 -4.97 -5.93 9.39
C ARG B 62 -4.59 -5.17 10.66
N LEU B 63 -4.16 -3.94 10.51
CA LEU B 63 -3.82 -3.12 11.70
C LEU B 63 -5.04 -3.07 12.62
N LYS B 64 -6.21 -3.03 12.06
CA LYS B 64 -7.44 -3.04 12.90
C LYS B 64 -7.43 -4.30 13.77
N ASN B 65 -6.82 -5.34 13.29
CA ASN B 65 -6.73 -6.60 14.10
C ASN B 65 -5.28 -6.80 14.57
N ARG B 66 -4.49 -5.76 14.57
CA ARG B 66 -3.08 -5.88 15.00
C ARG B 66 -2.36 -6.97 14.22
N TYR B 67 -2.69 -7.13 12.96
CA TYR B 67 -2.02 -8.16 12.13
C TYR B 67 -0.74 -7.58 11.54
N TYR B 68 -0.77 -6.36 11.11
CA TYR B 68 0.45 -5.71 10.54
C TYR B 68 1.05 -4.74 11.55
N VAL B 69 2.10 -5.15 12.23
CA VAL B 69 2.70 -4.24 13.25
C VAL B 69 4.22 -4.16 13.07
N SER B 70 4.70 -4.20 11.86
CA SER B 70 6.17 -4.10 11.63
C SER B 70 6.46 -3.53 10.25
N LYS B 71 7.68 -3.68 9.79
CA LYS B 71 8.04 -3.13 8.45
C LYS B 71 7.67 -4.12 7.35
N LYS B 72 8.38 -5.23 7.27
CA LYS B 72 8.11 -6.25 6.20
C LYS B 72 6.60 -6.46 6.02
N LEU B 73 5.84 -6.30 7.06
CA LEU B 73 4.37 -6.48 6.94
C LEU B 73 3.71 -5.21 6.38
N PHE B 74 4.02 -4.08 6.95
CA PHE B 74 3.41 -2.81 6.46
C PHE B 74 4.08 -2.35 5.18
N MET B 75 5.38 -2.16 5.22
CA MET B 75 6.12 -1.71 4.01
C MET B 75 5.76 -2.59 2.82
N ALA B 76 5.70 -3.87 3.01
CA ALA B 76 5.38 -4.79 1.89
C ALA B 76 4.08 -4.39 1.19
N ASP B 77 2.96 -4.74 1.76
CA ASP B 77 1.65 -4.43 1.12
C ASP B 77 1.59 -2.98 0.64
N LEU B 78 2.21 -2.08 1.35
CA LEU B 78 2.17 -0.66 0.92
C LEU B 78 3.02 -0.48 -0.33
N GLN B 79 4.19 -1.05 -0.36
CA GLN B 79 5.02 -0.96 -1.60
C GLN B 79 4.28 -1.66 -2.73
N ARG B 80 3.76 -2.83 -2.45
CA ARG B 80 2.98 -3.58 -3.47
C ARG B 80 1.90 -2.68 -4.07
N VAL B 81 1.25 -1.90 -3.24
CA VAL B 81 0.22 -0.97 -3.78
C VAL B 81 0.90 0.04 -4.70
N PHE B 82 2.08 0.46 -4.36
CA PHE B 82 2.80 1.43 -5.24
C PHE B 82 3.38 0.71 -6.46
N THR B 83 4.16 -0.31 -6.25
CA THR B 83 4.73 -1.06 -7.40
C THR B 83 3.62 -1.53 -8.34
N ASN B 84 2.76 -2.39 -7.86
CA ASN B 84 1.66 -2.91 -8.74
C ASN B 84 0.94 -1.74 -9.44
N CYS B 85 0.55 -0.73 -8.71
CA CYS B 85 -0.14 0.43 -9.37
C CYS B 85 0.82 1.17 -10.29
N LYS B 86 2.08 1.19 -9.95
CA LYS B 86 3.07 1.87 -10.82
C LYS B 86 3.41 0.99 -12.04
N GLU B 87 3.01 -0.26 -12.00
CA GLU B 87 3.29 -1.16 -13.16
C GLU B 87 2.13 -1.17 -14.15
N TYR B 88 1.08 -0.45 -13.86
CA TYR B 88 -0.09 -0.43 -14.79
C TYR B 88 -0.57 1.01 -15.00
N ASN B 89 -0.92 1.67 -13.92
CA ASN B 89 -1.45 3.08 -14.00
C ASN B 89 -0.78 3.91 -15.11
N PRO B 90 -1.50 4.89 -15.59
CA PRO B 90 -0.97 5.75 -16.67
C PRO B 90 0.44 6.25 -16.34
N PRO B 91 1.22 6.48 -17.37
CA PRO B 91 2.60 6.99 -17.16
C PRO B 91 2.56 8.38 -16.54
N GLU B 92 2.39 8.45 -15.24
CA GLU B 92 2.32 9.78 -14.57
C GLU B 92 1.24 10.64 -15.22
N SER B 93 0.05 10.11 -15.36
CA SER B 93 -1.04 10.91 -15.99
C SER B 93 -2.08 11.30 -14.95
N GLU B 94 -2.50 10.38 -14.13
CA GLU B 94 -3.52 10.72 -13.10
C GLU B 94 -3.49 9.69 -11.97
N TYR B 95 -3.52 8.43 -12.32
CA TYR B 95 -3.51 7.38 -11.26
C TYR B 95 -2.08 7.12 -10.77
N TYR B 96 -1.12 7.06 -11.66
CA TYR B 96 0.28 6.80 -11.24
C TYR B 96 0.81 7.98 -10.41
N LYS B 97 0.44 9.18 -10.75
CA LYS B 97 0.92 10.36 -9.98
C LYS B 97 0.63 10.18 -8.49
N CYS B 98 -0.32 9.35 -8.15
CA CYS B 98 -0.65 9.14 -6.72
C CYS B 98 0.50 8.42 -6.01
N ALA B 99 0.91 7.28 -6.53
CA ALA B 99 2.03 6.54 -5.88
C ALA B 99 3.19 7.47 -5.57
N ASN B 100 3.54 8.31 -6.51
CA ASN B 100 4.65 9.28 -6.26
C ASN B 100 4.33 10.14 -5.04
N ILE B 101 3.26 10.89 -5.09
CA ILE B 101 2.88 11.76 -3.94
C ILE B 101 2.82 10.92 -2.66
N LEU B 102 1.93 9.97 -2.58
CA LEU B 102 1.85 9.14 -1.34
C LEU B 102 3.23 8.59 -0.96
N GLU B 103 3.87 7.90 -1.86
CA GLU B 103 5.22 7.33 -1.54
C GLU B 103 6.13 8.41 -0.94
N LYS B 104 5.91 9.64 -1.28
CA LYS B 104 6.78 10.71 -0.74
C LYS B 104 6.35 11.11 0.67
N PHE B 105 5.08 11.31 0.89
CA PHE B 105 4.59 11.71 2.23
C PHE B 105 4.71 10.56 3.22
N PHE B 106 4.17 9.41 2.88
CA PHE B 106 4.23 8.27 3.82
C PHE B 106 5.70 7.92 4.17
N PHE B 107 6.63 8.36 3.36
CA PHE B 107 8.06 8.05 3.64
C PHE B 107 8.53 8.72 4.94
N SER B 108 8.31 10.01 5.04
CA SER B 108 8.75 10.74 6.27
C SER B 108 8.33 10.00 7.54
N LYS B 109 7.20 9.36 7.54
CA LYS B 109 6.76 8.64 8.78
C LYS B 109 7.47 7.29 8.90
N ILE B 110 7.45 6.50 7.86
CA ILE B 110 8.14 5.17 7.95
C ILE B 110 9.64 5.36 8.11
N LYS B 111 10.21 6.30 7.41
CA LYS B 111 11.68 6.54 7.56
C LYS B 111 11.96 6.92 9.02
N GLU B 112 11.07 7.68 9.61
CA GLU B 112 11.24 8.04 11.04
C GLU B 112 10.79 6.88 11.92
N ALA B 113 9.93 6.03 11.40
CA ALA B 113 9.46 4.85 12.18
C ALA B 113 10.56 3.79 12.23
N GLY B 114 11.30 3.65 11.16
CA GLY B 114 12.36 2.61 11.12
C GLY B 114 12.02 1.60 10.02
N LEU B 115 11.31 2.01 9.01
CA LEU B 115 10.97 1.06 7.91
C LEU B 115 11.98 1.21 6.78
N ILE B 116 12.10 2.41 6.29
CA ILE B 116 13.01 2.66 5.13
C ILE B 116 14.42 2.99 5.64
N ASP B 117 14.53 3.42 6.87
CA ASP B 117 15.88 3.73 7.44
C ASP B 117 16.71 4.58 6.47
N LYS B 118 16.06 5.38 5.66
CA LYS B 118 16.82 6.22 4.70
C LYS B 118 16.60 7.70 5.00
N SER A 1 13.96 -7.07 16.43
CA SER A 1 13.80 -5.64 16.06
C SER A 1 12.79 -5.48 14.93
N TYR A 2 13.05 -6.08 13.79
CA TYR A 2 12.09 -5.96 12.66
C TYR A 2 11.78 -4.49 12.38
N GLY A 3 10.72 -4.22 11.65
CA GLY A 3 10.35 -2.80 11.32
C GLY A 3 10.44 -1.92 12.56
N ARG A 4 10.36 -0.63 12.39
CA ARG A 4 10.42 0.29 13.56
C ARG A 4 9.25 1.27 13.52
N LYS A 6 8.38 5.06 12.86
CA LYS A 6 8.51 6.21 13.80
C LYS A 6 8.84 7.48 13.02
N ARG A 7 8.53 8.63 13.56
CA ARG A 7 8.81 9.90 12.84
C ARG A 7 10.24 9.93 12.30
N ARG A 8 11.19 10.38 13.08
CA ARG A 8 12.60 10.42 12.59
C ARG A 8 13.56 10.42 13.78
N GLN A 9 14.69 11.07 13.66
CA GLN A 9 15.66 11.08 14.78
C GLN A 9 16.71 12.18 14.56
N ARG A 10 17.35 12.61 15.62
CA ARG A 10 18.37 13.69 15.47
C ARG A 10 19.63 13.11 14.80
N CYS A 11 19.87 13.47 13.57
CA CYS A 11 21.07 12.95 12.87
C CYS A 11 22.31 13.76 13.25
N GLY B 1 -14.49 -10.13 -15.56
CA GLY B 1 -14.90 -10.37 -16.97
C GLY B 1 -14.45 -11.77 -17.40
N SER B 2 -13.43 -12.28 -16.80
CA SER B 2 -12.93 -13.64 -17.18
C SER B 2 -12.31 -14.34 -15.96
N HIS B 3 -12.24 -15.65 -15.99
CA HIS B 3 -11.65 -16.39 -14.84
C HIS B 3 -10.23 -16.85 -15.18
N MET B 4 -9.25 -16.01 -14.97
CA MET B 4 -7.86 -16.39 -15.30
C MET B 4 -6.87 -15.37 -14.73
N SER B 5 -7.05 -14.11 -15.06
CA SER B 5 -6.13 -13.07 -14.54
C SER B 5 -6.83 -11.70 -14.51
N LYS B 6 -6.08 -10.65 -14.32
CA LYS B 6 -6.70 -9.29 -14.28
C LYS B 6 -6.07 -8.38 -15.33
N GLU B 7 -6.53 -7.16 -15.44
CA GLU B 7 -5.95 -6.21 -16.43
C GLU B 7 -6.65 -4.85 -16.34
N PRO B 8 -5.89 -3.80 -16.45
CA PRO B 8 -6.48 -2.44 -16.36
C PRO B 8 -7.17 -2.04 -17.67
N ARG B 9 -7.22 -2.92 -18.63
CA ARG B 9 -7.87 -2.58 -19.93
C ARG B 9 -7.24 -1.31 -20.52
N ASP B 10 -7.75 -0.15 -20.19
CA ASP B 10 -7.14 1.11 -20.70
C ASP B 10 -6.42 1.83 -19.56
N PRO B 11 -5.34 2.49 -19.90
CA PRO B 11 -4.53 3.21 -18.87
C PRO B 11 -5.40 4.27 -18.18
N ASP B 12 -5.92 5.20 -18.92
CA ASP B 12 -6.77 6.26 -18.31
C ASP B 12 -7.86 5.64 -17.45
N GLN B 13 -8.45 4.57 -17.89
CA GLN B 13 -9.52 3.91 -17.09
C GLN B 13 -8.99 3.54 -15.71
N LEU B 14 -7.81 2.98 -15.65
CA LEU B 14 -7.24 2.61 -14.33
C LEU B 14 -6.69 3.83 -13.61
N TYR B 15 -6.34 4.86 -14.33
CA TYR B 15 -5.79 6.09 -13.67
C TYR B 15 -6.70 6.52 -12.51
N SER B 16 -7.95 6.75 -12.78
CA SER B 16 -8.88 7.13 -11.69
C SER B 16 -9.22 5.90 -10.84
N THR B 17 -9.05 4.73 -11.38
CA THR B 17 -9.33 3.50 -10.58
C THR B 17 -8.36 3.43 -9.41
N LEU B 18 -7.09 3.37 -9.69
CA LEU B 18 -6.08 3.36 -8.58
C LEU B 18 -6.30 4.61 -7.72
N LYS B 19 -6.60 5.71 -8.36
CA LYS B 19 -6.91 6.95 -7.61
C LYS B 19 -8.15 6.70 -6.76
N SER B 20 -9.06 5.93 -7.26
CA SER B 20 -10.30 5.60 -6.49
C SER B 20 -9.96 4.68 -5.33
N ILE B 21 -9.45 3.51 -5.61
CA ILE B 21 -9.06 2.59 -4.49
C ILE B 21 -8.13 3.33 -3.53
N LEU B 22 -7.27 4.15 -4.06
CA LEU B 22 -6.35 4.94 -3.19
C LEU B 22 -7.15 6.04 -2.50
N GLN B 23 -8.06 6.64 -3.21
CA GLN B 23 -8.89 7.72 -2.62
C GLN B 23 -9.52 7.26 -1.30
N GLN B 24 -10.17 6.13 -1.30
CA GLN B 24 -10.80 5.64 -0.04
C GLN B 24 -9.74 5.05 0.89
N VAL B 25 -8.64 4.61 0.34
CA VAL B 25 -7.56 4.06 1.19
C VAL B 25 -6.93 5.17 2.04
N LYS B 26 -6.19 6.04 1.43
CA LYS B 26 -5.54 7.15 2.21
C LYS B 26 -6.55 7.85 3.12
N SER B 27 -7.81 7.79 2.79
CA SER B 27 -8.83 8.45 3.66
C SER B 27 -9.56 7.40 4.51
N HIS B 28 -9.01 6.22 4.63
CA HIS B 28 -9.69 5.16 5.43
C HIS B 28 -9.41 5.37 6.92
N GLN B 29 -10.13 4.67 7.76
CA GLN B 29 -9.91 4.81 9.24
C GLN B 29 -8.69 4.01 9.69
N SER B 30 -8.11 3.23 8.83
CA SER B 30 -6.91 2.45 9.21
C SER B 30 -5.79 2.72 8.22
N ALA B 31 -5.93 3.71 7.39
CA ALA B 31 -4.86 4.03 6.42
C ALA B 31 -3.74 4.83 7.10
N TRP B 32 -3.90 5.15 8.36
CA TRP B 32 -2.85 5.96 9.04
C TRP B 32 -1.48 5.26 9.00
N PRO B 33 -1.41 4.01 9.41
CA PRO B 33 -0.11 3.29 9.41
C PRO B 33 0.44 3.17 7.99
N PHE B 34 -0.38 3.39 7.00
CA PHE B 34 0.10 3.25 5.60
C PHE B 34 0.28 4.62 4.94
N MET B 35 -0.21 5.67 5.54
CA MET B 35 -0.07 7.00 4.91
C MET B 35 1.14 7.75 5.48
N GLU B 36 2.12 7.03 5.96
CA GLU B 36 3.36 7.71 6.46
C GLU B 36 4.59 7.06 5.81
N PRO B 37 5.68 7.79 5.78
CA PRO B 37 6.89 7.30 5.11
C PRO B 37 7.92 6.78 6.12
N VAL B 38 8.62 5.73 5.77
CA VAL B 38 9.70 5.22 6.68
C VAL B 38 11.07 5.58 6.08
N LYS B 39 12.11 5.42 6.83
CA LYS B 39 13.45 5.80 6.31
C LYS B 39 14.52 4.78 6.73
N ARG B 40 15.76 5.11 6.56
CA ARG B 40 16.86 4.18 6.97
C ARG B 40 17.72 4.83 8.05
N THR B 41 17.63 6.12 8.21
CA THR B 41 18.45 6.81 9.25
C THR B 41 17.94 6.45 10.64
N GLU B 42 16.71 6.04 10.75
CA GLU B 42 16.15 5.71 12.09
C GLU B 42 15.05 4.65 12.00
N ALA B 43 14.94 3.98 10.87
CA ALA B 43 13.90 2.94 10.73
C ALA B 43 14.56 1.59 10.41
N PRO B 44 15.25 1.04 11.39
CA PRO B 44 15.96 -0.25 11.18
C PRO B 44 14.95 -1.39 11.02
N GLY B 45 15.39 -2.50 10.48
CA GLY B 45 14.46 -3.64 10.28
C GLY B 45 13.87 -3.59 8.87
N TYR B 46 13.59 -2.41 8.37
CA TYR B 46 13.02 -2.29 7.01
C TYR B 46 14.00 -2.84 5.97
N TYR B 47 13.99 -4.13 5.78
CA TYR B 47 14.92 -4.76 4.78
C TYR B 47 14.72 -6.28 4.79
N GLU B 48 14.44 -6.84 5.94
CA GLU B 48 14.20 -8.31 6.02
C GLU B 48 12.70 -8.58 6.14
N VAL B 49 11.97 -7.63 6.66
CA VAL B 49 10.50 -7.80 6.79
C VAL B 49 9.78 -6.94 5.75
N ILE B 50 10.39 -5.86 5.34
CA ILE B 50 9.74 -4.98 4.32
C ILE B 50 10.56 -4.99 3.03
N ARG B 51 10.23 -5.86 2.12
CA ARG B 51 10.99 -5.92 0.84
C ARG B 51 11.06 -4.55 0.18
N PHE B 52 9.94 -4.00 -0.20
CA PHE B 52 9.93 -2.67 -0.86
C PHE B 52 9.22 -1.63 0.00
N PRO B 53 9.97 -0.97 0.86
CA PRO B 53 9.39 0.08 1.73
C PRO B 53 8.47 1.02 0.94
N MET B 54 7.20 0.78 0.97
CA MET B 54 6.25 1.65 0.22
C MET B 54 5.11 2.09 1.14
N ASP B 55 4.56 3.25 0.90
CA ASP B 55 3.44 3.73 1.76
C ASP B 55 2.51 4.66 0.96
N LEU B 56 1.29 4.79 1.39
CA LEU B 56 0.32 5.67 0.67
C LEU B 56 0.82 7.12 0.70
N LYS B 57 1.64 7.46 1.66
CA LYS B 57 2.15 8.86 1.75
C LYS B 57 3.05 9.15 0.53
N THR B 58 3.72 8.16 0.02
CA THR B 58 4.61 8.38 -1.15
C THR B 58 4.07 7.63 -2.37
N MET B 59 3.35 6.56 -2.17
CA MET B 59 2.80 5.79 -3.32
C MET B 59 1.78 6.64 -4.08
N SER B 60 1.06 7.48 -3.40
CA SER B 60 0.06 8.34 -4.10
C SER B 60 0.76 9.31 -5.05
N GLU B 61 1.97 9.68 -4.72
CA GLU B 61 2.71 10.62 -5.62
C GLU B 61 2.93 9.99 -7.00
N ARG B 62 3.15 8.71 -7.03
CA ARG B 62 3.36 8.03 -8.34
C ARG B 62 2.09 8.13 -9.19
N LEU B 63 0.94 7.95 -8.59
CA LEU B 63 -0.33 8.05 -9.36
C LEU B 63 -0.39 9.39 -10.09
N LYS B 64 0.16 10.42 -9.49
CA LYS B 64 0.14 11.76 -10.15
C LYS B 64 1.08 11.77 -11.36
N ASN B 65 2.01 10.86 -11.41
CA ASN B 65 2.96 10.84 -12.55
C ASN B 65 2.70 9.63 -13.46
N ARG B 66 1.60 8.93 -13.26
CA ARG B 66 1.27 7.75 -14.13
C ARG B 66 2.30 6.62 -13.95
N TYR B 67 3.17 6.71 -12.98
CA TYR B 67 4.18 5.65 -12.80
C TYR B 67 3.49 4.32 -12.48
N TYR B 68 2.65 4.31 -11.48
CA TYR B 68 1.90 3.06 -11.14
C TYR B 68 0.50 3.14 -11.73
N VAL B 69 0.38 3.00 -13.02
CA VAL B 69 -0.96 3.10 -13.67
C VAL B 69 -1.40 1.75 -14.26
N SER B 70 -1.28 0.69 -13.51
CA SER B 70 -1.69 -0.64 -14.04
C SER B 70 -2.10 -1.57 -12.90
N LYS B 71 -1.99 -2.85 -13.10
CA LYS B 71 -2.39 -3.82 -12.03
C LYS B 71 -1.16 -4.27 -11.23
N LYS B 72 -0.32 -5.07 -11.83
CA LYS B 72 0.90 -5.54 -11.10
C LYS B 72 1.68 -4.36 -10.54
N LEU B 73 1.50 -3.20 -11.11
CA LEU B 73 2.23 -2.00 -10.62
C LEU B 73 1.57 -1.44 -9.35
N PHE B 74 0.44 -0.82 -9.50
CA PHE B 74 -0.24 -0.23 -8.31
C PHE B 74 -0.60 -1.31 -7.29
N MET B 75 -1.21 -2.37 -7.74
CA MET B 75 -1.59 -3.45 -6.78
C MET B 75 -0.37 -3.92 -6.00
N ALA B 76 0.78 -3.92 -6.62
CA ALA B 76 2.01 -4.36 -5.90
C ALA B 76 2.30 -3.41 -4.75
N ASP B 77 2.42 -2.13 -5.03
CA ASP B 77 2.70 -1.16 -3.94
C ASP B 77 1.69 -1.32 -2.81
N LEU B 78 0.45 -1.54 -3.14
CA LEU B 78 -0.59 -1.70 -2.09
C LEU B 78 -0.41 -3.04 -1.37
N GLN B 79 -0.33 -4.12 -2.11
CA GLN B 79 -0.13 -5.45 -1.47
C GLN B 79 1.10 -5.40 -0.55
N ARG B 80 2.19 -4.92 -1.06
CA ARG B 80 3.41 -4.81 -0.24
C ARG B 80 3.13 -3.99 1.02
N VAL B 81 2.51 -2.85 0.86
CA VAL B 81 2.18 -2.00 2.03
C VAL B 81 1.36 -2.80 3.05
N PHE B 82 0.50 -3.67 2.57
CA PHE B 82 -0.33 -4.47 3.51
C PHE B 82 0.48 -5.64 4.07
N THR B 83 1.05 -6.45 3.21
CA THR B 83 1.79 -7.64 3.69
C THR B 83 3.08 -7.25 4.41
N ASN B 84 3.73 -6.18 4.02
CA ASN B 84 5.01 -5.82 4.72
C ASN B 84 4.69 -5.13 6.06
N CYS B 85 3.70 -4.29 6.09
CA CYS B 85 3.37 -3.60 7.38
C CYS B 85 2.90 -4.60 8.43
N LYS B 86 2.11 -5.56 8.03
CA LYS B 86 1.64 -6.57 9.02
C LYS B 86 2.73 -7.61 9.30
N GLU B 87 3.82 -7.56 8.57
CA GLU B 87 4.92 -8.53 8.80
C GLU B 87 5.63 -8.21 10.12
N TYR B 88 5.76 -6.95 10.44
CA TYR B 88 6.42 -6.57 11.72
C TYR B 88 5.37 -6.11 12.74
N ASN B 89 4.38 -5.39 12.30
CA ASN B 89 3.33 -4.86 13.22
C ASN B 89 2.90 -5.91 14.26
N PRO B 90 2.37 -5.42 15.37
CA PRO B 90 1.92 -6.33 16.45
C PRO B 90 1.04 -7.46 15.90
N PRO B 91 1.02 -8.56 16.61
CA PRO B 91 0.20 -9.72 16.19
C PRO B 91 -1.29 -9.36 16.25
N GLU B 92 -1.80 -8.68 15.27
CA GLU B 92 -3.24 -8.29 15.29
C GLU B 92 -3.57 -7.54 16.57
N SER B 93 -2.70 -6.67 17.01
CA SER B 93 -2.96 -5.91 18.25
C SER B 93 -3.61 -4.56 17.94
N GLU B 94 -2.93 -3.70 17.24
CA GLU B 94 -3.51 -2.38 16.91
C GLU B 94 -3.12 -1.96 15.49
N TYR B 95 -1.88 -2.14 15.14
CA TYR B 95 -1.42 -1.74 13.78
C TYR B 95 -1.80 -2.82 12.76
N TYR B 96 -1.54 -4.06 13.06
CA TYR B 96 -1.87 -5.15 12.10
C TYR B 96 -3.35 -5.11 11.75
N LYS B 97 -4.18 -4.65 12.64
CA LYS B 97 -5.64 -4.59 12.36
C LYS B 97 -5.90 -3.73 11.13
N CYS B 98 -5.26 -2.60 11.03
CA CYS B 98 -5.47 -1.71 9.87
C CYS B 98 -5.18 -2.44 8.56
N ALA B 99 -4.09 -3.15 8.49
CA ALA B 99 -3.77 -3.89 7.22
C ALA B 99 -4.97 -4.76 6.81
N ASN B 100 -5.49 -5.52 7.73
CA ASN B 100 -6.67 -6.37 7.39
C ASN B 100 -7.79 -5.53 6.79
N ILE B 101 -8.30 -4.58 7.53
CA ILE B 101 -9.40 -3.72 7.01
C ILE B 101 -9.02 -3.13 5.65
N LEU B 102 -7.98 -2.33 5.60
CA LEU B 102 -7.58 -1.72 4.30
C LEU B 102 -7.45 -2.81 3.22
N GLU B 103 -6.69 -3.83 3.49
CA GLU B 103 -6.57 -4.93 2.50
C GLU B 103 -7.96 -5.46 2.15
N LYS B 104 -8.90 -5.30 3.04
CA LYS B 104 -10.28 -5.79 2.76
C LYS B 104 -11.03 -4.79 1.88
N PHE B 105 -11.10 -3.55 2.31
CA PHE B 105 -11.85 -2.53 1.51
C PHE B 105 -11.27 -2.39 0.10
N PHE B 106 -10.02 -2.04 0.00
CA PHE B 106 -9.42 -1.87 -1.37
C PHE B 106 -9.67 -3.13 -2.22
N PHE B 107 -9.88 -4.25 -1.58
CA PHE B 107 -10.13 -5.52 -2.34
C PHE B 107 -11.46 -5.42 -3.09
N SER B 108 -12.54 -5.18 -2.39
CA SER B 108 -13.86 -5.04 -3.09
C SER B 108 -13.75 -4.00 -4.19
N LYS B 109 -12.81 -3.09 -4.07
CA LYS B 109 -12.63 -2.06 -5.12
C LYS B 109 -11.83 -2.64 -6.28
N ILE B 110 -10.66 -3.15 -6.02
CA ILE B 110 -9.85 -3.72 -7.13
C ILE B 110 -10.60 -4.88 -7.80
N LYS B 111 -11.19 -5.76 -7.03
CA LYS B 111 -11.94 -6.88 -7.65
C LYS B 111 -13.03 -6.33 -8.55
N GLU B 112 -13.75 -5.34 -8.08
CA GLU B 112 -14.81 -4.73 -8.92
C GLU B 112 -14.14 -3.85 -10.00
N ALA B 113 -12.97 -3.33 -9.70
CA ALA B 113 -12.26 -2.49 -10.70
C ALA B 113 -11.63 -3.35 -11.79
N GLY B 114 -11.76 -4.65 -11.72
CA GLY B 114 -11.10 -5.52 -12.72
C GLY B 114 -9.59 -5.51 -12.45
N LEU B 115 -9.20 -5.20 -11.24
CA LEU B 115 -7.76 -5.17 -10.90
C LEU B 115 -7.28 -6.58 -10.55
N ILE B 116 -8.11 -7.32 -9.88
CA ILE B 116 -7.72 -8.70 -9.46
C ILE B 116 -8.45 -9.75 -10.28
N ASP B 117 -9.41 -9.35 -11.07
CA ASP B 117 -10.12 -10.32 -11.93
C ASP B 117 -10.56 -9.63 -13.22
N LYS B 118 -9.97 -8.50 -13.55
CA LYS B 118 -10.36 -7.80 -14.80
C LYS B 118 -11.87 -7.51 -14.81
N SER A 1 10.53 14.60 14.80
CA SER A 1 10.40 13.19 15.24
C SER A 1 9.30 12.48 14.46
N TYR A 2 9.43 12.38 13.17
CA TYR A 2 8.38 11.70 12.35
C TYR A 2 8.93 10.41 11.76
N GLY A 3 8.08 9.43 11.54
CA GLY A 3 8.55 8.15 10.95
C GLY A 3 9.44 7.42 11.95
N ARG A 4 8.99 6.32 12.49
CA ARG A 4 9.82 5.55 13.45
C ARG A 4 9.96 4.10 12.98
N LYS A 6 10.16 1.05 14.48
CA LYS A 6 11.33 0.40 15.15
C LYS A 6 11.01 -1.05 15.50
N ARG A 7 10.38 -1.78 14.60
CA ARG A 7 10.04 -3.22 14.84
C ARG A 7 9.62 -3.47 16.30
N ARG A 8 8.75 -2.66 16.83
CA ARG A 8 8.31 -2.85 18.24
C ARG A 8 9.51 -2.76 19.19
N GLN A 9 9.24 -2.72 20.47
CA GLN A 9 10.36 -2.63 21.46
C GLN A 9 10.62 -3.98 22.12
N ARG A 10 11.28 -3.98 23.25
CA ARG A 10 11.56 -5.26 23.95
C ARG A 10 12.24 -6.24 22.99
N CYS A 11 13.55 -6.34 23.04
CA CYS A 11 14.27 -7.28 22.15
C CYS A 11 14.10 -8.72 22.64
N GLY B 1 -17.75 6.15 -20.50
CA GLY B 1 -16.71 6.74 -19.61
C GLY B 1 -16.41 8.17 -20.06
N SER B 2 -16.85 9.15 -19.32
CA SER B 2 -16.58 10.56 -19.71
C SER B 2 -16.54 11.45 -18.47
N HIS B 3 -17.50 11.33 -17.60
CA HIS B 3 -17.51 12.18 -16.37
C HIS B 3 -16.82 11.44 -15.22
N MET B 4 -16.83 10.14 -15.25
CA MET B 4 -16.17 9.37 -14.14
C MET B 4 -15.63 8.05 -14.67
N SER B 5 -14.53 8.09 -15.39
CA SER B 5 -13.95 6.83 -15.93
C SER B 5 -12.98 6.21 -14.91
N LYS B 6 -13.50 5.58 -13.90
CA LYS B 6 -12.61 4.96 -12.87
C LYS B 6 -13.39 3.95 -12.03
N GLU B 7 -13.73 2.82 -12.59
CA GLU B 7 -14.49 1.80 -11.83
C GLU B 7 -14.18 0.39 -12.37
N PRO B 8 -14.04 -0.56 -11.48
CA PRO B 8 -13.72 -1.94 -11.89
C PRO B 8 -14.97 -2.68 -12.40
N ARG B 9 -16.09 -2.00 -12.52
CA ARG B 9 -17.33 -2.67 -12.99
C ARG B 9 -17.67 -3.87 -12.09
N ASP B 10 -17.13 -5.03 -12.38
CA ASP B 10 -17.41 -6.22 -11.53
C ASP B 10 -16.23 -6.47 -10.58
N PRO B 11 -16.53 -6.74 -9.33
CA PRO B 11 -15.46 -6.99 -8.35
C PRO B 11 -14.62 -8.20 -8.75
N ASP B 12 -15.26 -9.26 -9.16
CA ASP B 12 -14.51 -10.49 -9.57
C ASP B 12 -13.43 -10.12 -10.59
N GLN B 13 -13.76 -9.32 -11.56
CA GLN B 13 -12.74 -8.92 -12.58
C GLN B 13 -11.51 -8.35 -11.87
N LEU B 14 -11.71 -7.60 -10.81
CA LEU B 14 -10.56 -7.03 -10.08
C LEU B 14 -9.94 -8.09 -9.15
N TYR B 15 -10.75 -9.01 -8.68
CA TYR B 15 -10.25 -10.07 -7.74
C TYR B 15 -8.90 -10.62 -8.21
N SER B 16 -8.86 -11.23 -9.36
CA SER B 16 -7.58 -11.75 -9.87
C SER B 16 -6.66 -10.59 -10.28
N THR B 17 -7.22 -9.43 -10.50
CA THR B 17 -6.36 -8.27 -10.86
C THR B 17 -5.57 -7.82 -9.63
N LEU B 18 -6.24 -7.52 -8.54
CA LEU B 18 -5.50 -7.14 -7.30
C LEU B 18 -4.52 -8.27 -6.98
N LYS B 19 -4.92 -9.48 -7.26
CA LYS B 19 -4.02 -10.63 -7.08
C LYS B 19 -2.75 -10.40 -7.90
N SER B 20 -2.90 -9.81 -9.05
CA SER B 20 -1.72 -9.52 -9.92
C SER B 20 -0.87 -8.40 -9.32
N ILE B 21 -1.38 -7.19 -9.26
CA ILE B 21 -0.58 -6.06 -8.69
C ILE B 21 0.06 -6.47 -7.36
N LEU B 22 -0.74 -6.88 -6.42
CA LEU B 22 -0.19 -7.31 -5.10
C LEU B 22 0.88 -8.38 -5.30
N GLN B 23 0.66 -9.32 -6.18
CA GLN B 23 1.70 -10.37 -6.40
C GLN B 23 3.03 -9.73 -6.77
N GLN B 24 3.11 -9.13 -7.93
CA GLN B 24 4.38 -8.44 -8.32
C GLN B 24 4.82 -7.48 -7.22
N VAL B 25 3.87 -7.01 -6.45
CA VAL B 25 4.19 -6.08 -5.34
C VAL B 25 4.84 -6.87 -4.20
N LYS B 26 4.21 -7.91 -3.74
CA LYS B 26 4.81 -8.72 -2.65
C LYS B 26 6.19 -9.22 -3.04
N SER B 27 6.49 -9.24 -4.30
CA SER B 27 7.83 -9.70 -4.75
C SER B 27 8.62 -8.52 -5.34
N HIS B 28 8.21 -7.32 -5.03
CA HIS B 28 8.93 -6.13 -5.59
C HIS B 28 10.20 -5.83 -4.79
N GLN B 29 11.11 -5.11 -5.37
CA GLN B 29 12.38 -4.79 -4.66
C GLN B 29 12.21 -3.62 -3.69
N SER B 30 11.01 -3.14 -3.49
CA SER B 30 10.83 -1.99 -2.56
C SER B 30 9.63 -2.19 -1.63
N ALA B 31 8.93 -3.29 -1.75
CA ALA B 31 7.77 -3.53 -0.85
C ALA B 31 8.22 -4.05 0.52
N TRP B 32 9.46 -4.47 0.63
CA TRP B 32 9.98 -4.96 1.96
C TRP B 32 9.50 -4.06 3.11
N PRO B 33 9.65 -2.77 2.97
CA PRO B 33 9.20 -1.82 4.03
C PRO B 33 7.69 -1.95 4.27
N PHE B 34 6.94 -2.22 3.25
CA PHE B 34 5.45 -2.31 3.41
C PHE B 34 5.01 -3.71 3.81
N MET B 35 5.94 -4.62 4.00
CA MET B 35 5.54 -5.99 4.41
C MET B 35 5.55 -6.14 5.92
N GLU B 36 5.45 -5.05 6.63
CA GLU B 36 5.44 -5.13 8.11
C GLU B 36 4.40 -4.15 8.70
N PRO B 37 3.91 -4.47 9.87
CA PRO B 37 2.89 -3.62 10.52
C PRO B 37 3.52 -2.61 11.47
N VAL B 38 3.35 -1.34 11.22
CA VAL B 38 3.93 -0.33 12.15
C VAL B 38 3.32 -0.48 13.55
N LYS B 39 4.07 -0.19 14.57
CA LYS B 39 3.56 -0.36 15.95
C LYS B 39 2.51 0.71 16.28
N ARG B 40 1.61 0.39 17.17
CA ARG B 40 0.61 1.40 17.62
C ARG B 40 1.07 1.98 18.96
N THR B 41 2.35 2.04 19.15
CA THR B 41 2.92 2.54 20.43
C THR B 41 4.43 2.77 20.27
N GLU B 42 5.09 1.86 19.60
CA GLU B 42 6.55 2.02 19.36
C GLU B 42 6.77 2.85 18.09
N ALA B 43 5.73 3.08 17.33
CA ALA B 43 5.87 3.88 16.09
C ALA B 43 5.19 5.25 16.26
N PRO B 44 5.79 6.08 17.09
CA PRO B 44 5.23 7.42 17.36
C PRO B 44 5.10 8.23 16.07
N GLY B 45 5.94 7.96 15.10
CA GLY B 45 5.87 8.73 13.82
C GLY B 45 4.43 8.68 13.28
N TYR B 46 3.72 7.63 13.55
CA TYR B 46 2.32 7.53 13.06
C TYR B 46 1.37 8.33 13.96
N TYR B 47 0.08 8.16 13.78
CA TYR B 47 -0.92 8.90 14.61
C TYR B 47 -0.78 10.41 14.44
N GLU B 48 -0.05 10.85 13.44
CA GLU B 48 0.09 12.32 13.22
C GLU B 48 0.46 12.58 11.75
N VAL B 49 0.11 11.67 10.89
CA VAL B 49 0.43 11.82 9.43
C VAL B 49 -0.22 10.69 8.65
N ILE B 50 -0.26 9.52 9.23
CA ILE B 50 -0.83 8.34 8.53
C ILE B 50 -2.34 8.27 8.75
N ARG B 51 -3.11 8.56 7.73
CA ARG B 51 -4.59 8.49 7.88
C ARG B 51 -5.00 7.06 8.27
N PHE B 52 -4.66 6.10 7.47
CA PHE B 52 -5.01 4.69 7.81
C PHE B 52 -3.80 3.78 7.63
N PRO B 53 -2.94 3.77 8.62
CA PRO B 53 -1.74 2.88 8.64
C PRO B 53 -2.03 1.53 7.97
N MET B 54 -1.42 1.28 6.84
CA MET B 54 -1.65 -0.02 6.15
C MET B 54 -0.34 -0.53 5.54
N ASP B 55 -0.28 -1.80 5.25
CA ASP B 55 0.98 -2.36 4.66
C ASP B 55 0.67 -3.73 4.04
N LEU B 56 1.47 -4.16 3.10
CA LEU B 56 1.22 -5.49 2.46
C LEU B 56 1.03 -6.57 3.52
N LYS B 57 1.81 -6.52 4.57
CA LYS B 57 1.66 -7.53 5.67
C LYS B 57 0.19 -7.62 6.12
N THR B 58 -0.51 -6.52 6.13
CA THR B 58 -1.93 -6.55 6.58
C THR B 58 -2.88 -6.35 5.40
N MET B 59 -2.51 -5.54 4.46
CA MET B 59 -3.39 -5.29 3.28
C MET B 59 -3.66 -6.59 2.52
N SER B 60 -2.75 -7.52 2.59
CA SER B 60 -2.94 -8.81 1.87
C SER B 60 -4.01 -9.67 2.56
N GLU B 61 -3.99 -9.71 3.86
CA GLU B 61 -5.01 -10.53 4.59
C GLU B 61 -6.42 -10.18 4.13
N ARG B 62 -6.61 -9.00 3.59
CA ARG B 62 -7.96 -8.61 3.12
C ARG B 62 -8.30 -9.30 1.80
N LEU B 63 -7.48 -9.14 0.80
CA LEU B 63 -7.76 -9.81 -0.49
C LEU B 63 -7.90 -11.32 -0.27
N LYS B 64 -7.00 -11.89 0.49
CA LYS B 64 -7.10 -13.35 0.79
C LYS B 64 -8.48 -13.65 1.37
N ASN B 65 -9.08 -12.67 2.00
CA ASN B 65 -10.45 -12.86 2.55
C ASN B 65 -11.47 -12.21 1.62
N ARG B 66 -11.08 -11.90 0.41
CA ARG B 66 -12.02 -11.22 -0.53
C ARG B 66 -12.64 -9.98 0.12
N TYR B 67 -11.83 -9.02 0.45
CA TYR B 67 -12.34 -7.77 1.08
C TYR B 67 -12.05 -6.60 0.14
N TYR B 68 -10.82 -6.44 -0.24
CA TYR B 68 -10.48 -5.37 -1.22
C TYR B 68 -10.65 -5.93 -2.63
N VAL B 69 -11.71 -5.58 -3.30
CA VAL B 69 -11.96 -6.17 -4.64
C VAL B 69 -12.53 -5.12 -5.61
N SER B 70 -11.96 -3.93 -5.63
CA SER B 70 -12.47 -2.89 -6.56
C SER B 70 -11.42 -1.78 -6.74
N LYS B 71 -11.87 -0.59 -7.06
CA LYS B 71 -10.92 0.54 -7.26
C LYS B 71 -10.68 1.27 -5.93
N LYS B 72 -11.65 2.05 -5.50
CA LYS B 72 -11.50 2.81 -4.23
C LYS B 72 -11.03 1.90 -3.08
N LEU B 73 -11.28 0.63 -3.18
CA LEU B 73 -10.86 -0.30 -2.09
C LEU B 73 -9.38 -0.65 -2.21
N PHE B 74 -9.04 -1.51 -3.13
CA PHE B 74 -7.63 -1.94 -3.29
C PHE B 74 -6.71 -0.75 -3.56
N MET B 75 -6.99 0.01 -4.57
CA MET B 75 -6.11 1.16 -4.89
C MET B 75 -5.94 2.07 -3.68
N ALA B 76 -6.93 2.17 -2.84
CA ALA B 76 -6.82 3.04 -1.64
C ALA B 76 -5.74 2.53 -0.70
N ASP B 77 -6.01 1.45 -0.01
CA ASP B 77 -5.00 0.88 0.94
C ASP B 77 -3.62 0.84 0.30
N LEU B 78 -3.56 0.64 -0.98
CA LEU B 78 -2.24 0.62 -1.67
C LEU B 78 -1.71 2.06 -1.79
N GLN B 79 -2.54 2.98 -2.21
CA GLN B 79 -2.09 4.40 -2.26
C GLN B 79 -1.73 4.83 -0.85
N ARG B 80 -2.57 4.51 0.10
CA ARG B 80 -2.27 4.86 1.52
C ARG B 80 -0.86 4.41 1.89
N VAL B 81 -0.49 3.22 1.48
CA VAL B 81 0.88 2.73 1.76
C VAL B 81 1.92 3.64 1.10
N PHE B 82 1.62 4.11 -0.09
CA PHE B 82 2.60 5.00 -0.79
C PHE B 82 2.50 6.43 -0.26
N THR B 83 1.32 7.00 -0.24
CA THR B 83 1.18 8.40 0.24
C THR B 83 1.63 8.51 1.71
N ASN B 84 1.26 7.58 2.54
CA ASN B 84 1.71 7.67 3.97
C ASN B 84 3.22 7.42 4.02
N CYS B 85 3.70 6.42 3.33
CA CYS B 85 5.16 6.15 3.29
C CYS B 85 5.89 7.42 2.85
N LYS B 86 5.33 8.12 1.90
CA LYS B 86 5.96 9.40 1.42
C LYS B 86 5.60 10.57 2.32
N GLU B 87 5.23 10.32 3.56
CA GLU B 87 4.85 11.45 4.45
C GLU B 87 5.85 11.55 5.60
N TYR B 88 6.48 10.45 5.94
CA TYR B 88 7.47 10.50 7.07
C TYR B 88 8.79 9.79 6.69
N ASN B 89 8.74 8.85 5.79
CA ASN B 89 10.01 8.13 5.41
C ASN B 89 11.14 9.12 5.15
N PRO B 90 12.35 8.60 5.08
CA PRO B 90 13.53 9.47 4.85
C PRO B 90 13.39 10.25 3.54
N PRO B 91 14.07 11.37 3.47
CA PRO B 91 14.02 12.22 2.25
C PRO B 91 14.59 11.45 1.05
N GLU B 92 13.83 10.53 0.51
CA GLU B 92 14.34 9.73 -0.65
C GLU B 92 15.70 9.12 -0.32
N SER B 93 15.84 8.62 0.88
CA SER B 93 17.14 7.99 1.28
C SER B 93 17.12 6.49 1.00
N GLU B 94 16.31 5.76 1.72
CA GLU B 94 16.24 4.29 1.50
C GLU B 94 14.82 3.77 1.71
N TYR B 95 14.14 4.27 2.72
CA TYR B 95 12.75 3.82 2.97
C TYR B 95 11.78 4.52 2.02
N TYR B 96 12.06 5.75 1.69
CA TYR B 96 11.15 6.51 0.77
C TYR B 96 11.38 6.11 -0.68
N LYS B 97 12.61 5.82 -1.04
CA LYS B 97 12.90 5.44 -2.45
C LYS B 97 12.03 4.27 -2.88
N CYS B 98 11.70 3.40 -1.97
CA CYS B 98 10.85 2.22 -2.32
C CYS B 98 9.47 2.67 -2.81
N ALA B 99 8.78 3.44 -2.02
CA ALA B 99 7.43 3.91 -2.45
C ALA B 99 7.46 4.46 -3.87
N ASN B 100 8.53 5.10 -4.24
CA ASN B 100 8.64 5.65 -5.62
C ASN B 100 8.64 4.52 -6.65
N ILE B 101 9.54 3.59 -6.51
CA ILE B 101 9.61 2.47 -7.49
C ILE B 101 8.39 1.55 -7.34
N LEU B 102 8.19 1.01 -6.17
CA LEU B 102 7.04 0.08 -5.98
C LEU B 102 5.73 0.72 -6.45
N GLU B 103 5.64 2.02 -6.37
CA GLU B 103 4.41 2.70 -6.86
C GLU B 103 4.40 2.68 -8.40
N LYS B 104 5.53 2.94 -9.01
CA LYS B 104 5.59 2.94 -10.49
C LYS B 104 5.08 1.61 -11.05
N PHE B 105 5.66 0.52 -10.62
CA PHE B 105 5.22 -0.81 -11.14
C PHE B 105 3.71 -0.97 -10.95
N PHE B 106 3.24 -0.88 -9.73
CA PHE B 106 1.78 -1.03 -9.48
C PHE B 106 0.99 -0.09 -10.41
N PHE B 107 1.56 1.03 -10.76
CA PHE B 107 0.85 1.95 -11.69
C PHE B 107 0.77 1.32 -13.08
N SER B 108 1.65 0.40 -13.38
CA SER B 108 1.61 -0.27 -14.71
C SER B 108 0.54 -1.37 -14.73
N LYS B 109 0.48 -2.16 -13.70
CA LYS B 109 -0.53 -3.26 -13.67
C LYS B 109 -1.92 -2.69 -13.45
N ILE B 110 -2.05 -1.64 -12.68
CA ILE B 110 -3.40 -1.04 -12.48
C ILE B 110 -3.85 -0.37 -13.77
N LYS B 111 -3.00 0.40 -14.40
CA LYS B 111 -3.40 1.02 -15.69
C LYS B 111 -3.71 -0.08 -16.68
N GLU B 112 -2.94 -1.12 -16.67
CA GLU B 112 -3.20 -2.27 -17.58
C GLU B 112 -4.40 -3.06 -17.06
N ALA B 113 -4.64 -2.98 -15.78
CA ALA B 113 -5.82 -3.70 -15.19
C ALA B 113 -7.07 -2.84 -15.30
N GLY B 114 -7.01 -1.76 -16.03
CA GLY B 114 -8.20 -0.86 -16.08
C GLY B 114 -8.50 -0.39 -14.66
N LEU B 115 -7.51 -0.42 -13.79
CA LEU B 115 -7.75 0.03 -12.39
C LEU B 115 -7.83 1.55 -12.35
N ILE B 116 -6.90 2.21 -12.99
CA ILE B 116 -6.91 3.70 -13.01
C ILE B 116 -7.56 4.20 -14.30
N ASP B 117 -7.65 3.36 -15.30
CA ASP B 117 -8.29 3.79 -16.59
C ASP B 117 -7.67 5.10 -17.08
N LYS B 118 -6.40 5.30 -16.84
CA LYS B 118 -5.75 6.55 -17.30
C LYS B 118 -5.58 6.55 -18.81
N SER A 1 -19.39 4.18 -10.78
CA SER A 1 -18.57 2.93 -10.75
C SER A 1 -17.73 2.87 -9.48
N TYR A 2 -17.34 1.70 -9.07
CA TYR A 2 -16.52 1.58 -7.82
C TYR A 2 -15.22 0.82 -8.12
N GLY A 3 -14.14 1.51 -8.33
CA GLY A 3 -12.85 0.82 -8.62
C GLY A 3 -12.96 0.08 -9.95
N ARG A 4 -11.97 0.22 -10.80
CA ARG A 4 -12.03 -0.47 -12.12
C ARG A 4 -10.63 -0.83 -12.61
N LYS A 6 -9.62 -3.49 -14.81
CA LYS A 6 -9.72 -3.69 -16.29
C LYS A 6 -8.33 -3.72 -16.94
N ARG A 7 -8.29 -3.61 -18.24
CA ARG A 7 -6.99 -3.62 -18.96
C ARG A 7 -7.01 -2.61 -20.11
N ARG A 8 -7.33 -1.38 -19.80
CA ARG A 8 -7.38 -0.34 -20.86
C ARG A 8 -8.31 -0.78 -22.00
N GLN A 9 -9.52 -0.30 -22.00
CA GLN A 9 -10.48 -0.69 -23.08
C GLN A 9 -9.92 -0.34 -24.46
N ARG A 10 -10.57 -0.79 -25.49
CA ARG A 10 -10.08 -0.49 -26.87
C ARG A 10 -11.16 0.24 -27.67
N CYS A 11 -10.79 1.26 -28.39
CA CYS A 11 -11.81 2.02 -29.19
C CYS A 11 -12.22 1.20 -30.42
N GLY B 1 8.35 14.55 26.24
CA GLY B 1 8.30 13.09 25.96
C GLY B 1 6.93 12.54 26.33
N SER B 2 5.90 13.35 26.24
CA SER B 2 4.53 12.87 26.58
C SER B 2 3.76 12.52 25.31
N HIS B 3 4.42 11.99 24.32
CA HIS B 3 3.73 11.63 23.06
C HIS B 3 3.46 10.13 23.02
N MET B 4 2.25 9.74 22.70
CA MET B 4 1.92 8.29 22.64
C MET B 4 1.24 7.95 21.32
N SER B 5 2.01 7.55 20.33
CA SER B 5 1.40 7.20 19.01
C SER B 5 2.37 6.35 18.19
N LYS B 6 2.21 6.33 16.90
CA LYS B 6 3.13 5.51 16.05
C LYS B 6 4.58 5.96 16.26
N GLU B 7 4.94 7.10 15.74
CA GLU B 7 6.34 7.62 15.92
C GLU B 7 7.37 6.59 15.40
N PRO B 8 8.03 6.92 14.31
CA PRO B 8 9.04 6.02 13.74
C PRO B 8 10.43 6.29 14.35
N ARG B 9 10.48 6.84 15.54
CA ARG B 9 11.79 7.11 16.19
C ARG B 9 12.66 8.02 15.30
N ASP B 10 13.39 7.45 14.38
CA ASP B 10 14.25 8.29 13.49
C ASP B 10 14.02 7.94 12.02
N PRO B 11 14.33 8.87 11.15
CA PRO B 11 14.14 8.63 9.70
C PRO B 11 15.01 7.47 9.23
N ASP B 12 16.27 7.46 9.60
CA ASP B 12 17.16 6.34 9.20
C ASP B 12 16.60 5.02 9.73
N GLN B 13 16.27 4.96 10.99
CA GLN B 13 15.68 3.72 11.55
C GLN B 13 14.46 3.30 10.74
N LEU B 14 13.68 4.27 10.34
CA LEU B 14 12.46 3.96 9.55
C LEU B 14 12.80 3.75 8.07
N TYR B 15 13.92 4.24 7.63
CA TYR B 15 14.28 4.08 6.19
C TYR B 15 14.25 2.61 5.82
N SER B 16 15.07 1.82 6.46
CA SER B 16 15.07 0.37 6.15
C SER B 16 13.80 -0.27 6.69
N THR B 17 13.14 0.36 7.64
CA THR B 17 11.87 -0.22 8.14
C THR B 17 10.90 -0.32 6.97
N LEU B 18 10.73 0.76 6.24
CA LEU B 18 9.89 0.70 5.02
C LEU B 18 10.48 -0.32 4.07
N LYS B 19 11.78 -0.29 3.92
CA LYS B 19 12.47 -1.28 3.06
C LYS B 19 12.14 -2.69 3.55
N SER B 20 12.00 -2.87 4.83
CA SER B 20 11.66 -4.22 5.37
C SER B 20 10.22 -4.57 5.02
N ILE B 21 9.29 -3.71 5.37
CA ILE B 21 7.87 -3.99 5.03
C ILE B 21 7.72 -4.18 3.53
N LEU B 22 8.35 -3.35 2.74
CA LEU B 22 8.25 -3.48 1.26
C LEU B 22 9.02 -4.73 0.79
N GLN B 23 10.24 -4.88 1.24
CA GLN B 23 11.05 -6.05 0.82
C GLN B 23 10.25 -7.35 0.95
N GLN B 24 9.57 -7.57 2.06
CA GLN B 24 8.78 -8.81 2.20
C GLN B 24 7.44 -8.67 1.47
N VAL B 25 7.01 -7.45 1.24
CA VAL B 25 5.75 -7.22 0.50
C VAL B 25 5.99 -7.36 -1.01
N LYS B 26 7.19 -7.08 -1.45
CA LYS B 26 7.50 -7.17 -2.90
C LYS B 26 7.35 -8.62 -3.38
N SER B 27 7.99 -9.54 -2.71
CA SER B 27 7.87 -10.96 -3.11
C SER B 27 6.71 -11.63 -2.36
N HIS B 28 5.82 -10.84 -1.81
CA HIS B 28 4.67 -11.42 -1.07
C HIS B 28 3.78 -12.23 -2.01
N GLN B 29 3.05 -13.18 -1.48
CA GLN B 29 2.15 -14.00 -2.33
C GLN B 29 0.84 -13.27 -2.64
N SER B 30 0.73 -12.03 -2.24
CA SER B 30 -0.53 -11.27 -2.51
C SER B 30 -0.22 -9.85 -3.02
N ALA B 31 1.03 -9.57 -3.27
CA ALA B 31 1.38 -8.20 -3.78
C ALA B 31 1.12 -8.09 -5.28
N TRP B 32 0.62 -9.14 -5.90
CA TRP B 32 0.37 -9.06 -7.36
C TRP B 32 -0.63 -7.94 -7.72
N PRO B 33 -1.78 -7.93 -7.07
CA PRO B 33 -2.78 -6.87 -7.36
C PRO B 33 -2.24 -5.50 -6.93
N PHE B 34 -1.31 -5.48 -6.02
CA PHE B 34 -0.76 -4.18 -5.54
C PHE B 34 0.52 -3.83 -6.29
N MET B 35 0.81 -4.49 -7.37
CA MET B 35 2.05 -4.16 -8.14
C MET B 35 1.69 -3.66 -9.54
N GLU B 36 0.47 -3.26 -9.75
CA GLU B 36 0.07 -2.77 -11.09
C GLU B 36 -0.69 -1.43 -10.96
N PRO B 37 -0.35 -0.48 -11.80
CA PRO B 37 -1.02 0.84 -11.75
C PRO B 37 -2.41 0.76 -12.36
N VAL B 38 -3.43 1.08 -11.62
CA VAL B 38 -4.81 1.02 -12.19
C VAL B 38 -4.88 1.84 -13.49
N LYS B 39 -5.36 3.06 -13.46
CA LYS B 39 -5.45 3.88 -14.71
C LYS B 39 -6.05 5.25 -14.41
N ARG B 40 -6.02 6.13 -15.36
CA ARG B 40 -6.62 7.48 -15.14
C ARG B 40 -7.62 7.79 -16.27
N THR B 41 -8.35 6.79 -16.69
CA THR B 41 -9.33 6.99 -17.79
C THR B 41 -10.16 5.72 -18.01
N GLU B 42 -9.53 4.58 -17.95
CA GLU B 42 -10.27 3.30 -18.13
C GLU B 42 -10.56 2.64 -16.78
N ALA B 43 -10.23 3.30 -15.70
CA ALA B 43 -10.50 2.72 -14.36
C ALA B 43 -11.51 3.60 -13.60
N PRO B 44 -12.71 3.68 -14.13
CA PRO B 44 -13.76 4.53 -13.50
C PRO B 44 -14.03 4.07 -12.07
N GLY B 45 -14.54 4.95 -11.24
CA GLY B 45 -14.82 4.57 -9.83
C GLY B 45 -13.65 4.98 -8.95
N TYR B 46 -12.47 5.08 -9.52
CA TYR B 46 -11.29 5.49 -8.71
C TYR B 46 -11.39 6.96 -8.31
N TYR B 47 -12.00 7.22 -7.18
CA TYR B 47 -12.15 8.64 -6.73
C TYR B 47 -12.80 8.68 -5.35
N GLU B 48 -13.74 7.81 -5.10
CA GLU B 48 -14.42 7.78 -3.78
C GLU B 48 -14.06 6.50 -3.03
N VAL B 49 -13.65 5.48 -3.73
CA VAL B 49 -13.26 4.21 -3.05
C VAL B 49 -11.74 4.17 -2.89
N ILE B 50 -11.03 4.87 -3.74
CA ILE B 50 -9.55 4.87 -3.62
C ILE B 50 -9.05 6.31 -3.48
N ARG B 51 -8.99 6.82 -2.28
CA ARG B 51 -8.53 8.22 -2.06
C ARG B 51 -7.24 8.49 -2.85
N PHE B 52 -6.23 7.71 -2.62
CA PHE B 52 -4.96 7.93 -3.36
C PHE B 52 -4.54 6.65 -4.09
N PRO B 53 -5.02 6.49 -5.30
CA PRO B 53 -4.63 5.32 -6.15
C PRO B 53 -3.14 5.02 -6.02
N MET B 54 -2.78 4.16 -5.11
CA MET B 54 -1.34 3.84 -4.91
C MET B 54 -1.08 2.35 -5.09
N ASP B 55 0.10 2.00 -5.51
CA ASP B 55 0.43 0.55 -5.72
C ASP B 55 1.94 0.36 -5.72
N LEU B 56 2.40 -0.79 -5.30
CA LEU B 56 3.87 -1.05 -5.29
C LEU B 56 4.49 -0.69 -6.64
N LYS B 57 3.73 -0.83 -7.69
CA LYS B 57 4.25 -0.48 -9.06
C LYS B 57 4.97 0.88 -9.02
N THR B 58 4.39 1.83 -8.35
CA THR B 58 5.02 3.18 -8.27
C THR B 58 5.33 3.54 -6.80
N MET B 59 4.65 2.91 -5.87
CA MET B 59 4.92 3.22 -4.44
C MET B 59 6.37 2.89 -4.09
N SER B 60 7.00 2.03 -4.85
CA SER B 60 8.41 1.69 -4.57
C SER B 60 9.34 2.77 -5.13
N GLU B 61 8.95 3.39 -6.20
CA GLU B 61 9.81 4.43 -6.82
C GLU B 61 10.23 5.47 -5.78
N ARG B 62 9.38 5.74 -4.81
CA ARG B 62 9.76 6.75 -3.78
C ARG B 62 10.66 6.12 -2.71
N LEU B 63 10.51 4.85 -2.46
CA LEU B 63 11.39 4.19 -1.47
C LEU B 63 12.80 4.08 -2.03
N LYS B 64 12.92 4.05 -3.33
CA LYS B 64 14.27 4.03 -3.97
C LYS B 64 14.92 5.40 -3.77
N ASN B 65 14.12 6.43 -3.67
CA ASN B 65 14.68 7.79 -3.43
C ASN B 65 14.25 8.28 -2.05
N ARG B 66 13.96 7.37 -1.16
CA ARG B 66 13.52 7.74 0.22
C ARG B 66 12.53 8.91 0.22
N TYR B 67 11.82 9.13 -0.85
CA TYR B 67 10.83 10.25 -0.84
C TYR B 67 9.80 9.99 0.26
N TYR B 68 9.77 8.81 0.81
CA TYR B 68 8.80 8.50 1.90
C TYR B 68 9.53 7.77 3.02
N VAL B 69 10.05 8.48 3.98
CA VAL B 69 10.82 7.82 5.07
C VAL B 69 10.17 8.06 6.44
N SER B 70 8.95 7.64 6.61
CA SER B 70 8.29 7.82 7.94
C SER B 70 6.89 7.18 7.94
N LYS B 71 6.40 6.83 9.10
CA LYS B 71 5.06 6.17 9.17
C LYS B 71 4.01 6.96 8.37
N LYS B 72 3.58 8.11 8.87
CA LYS B 72 2.53 8.90 8.16
C LYS B 72 2.78 8.94 6.65
N LEU B 73 4.02 8.87 6.25
CA LEU B 73 4.32 8.85 4.78
C LEU B 73 4.15 7.44 4.21
N PHE B 74 4.88 6.49 4.71
CA PHE B 74 4.79 5.11 4.17
C PHE B 74 3.59 4.37 4.74
N MET B 75 3.48 4.27 6.04
CA MET B 75 2.31 3.57 6.63
C MET B 75 1.01 4.11 6.02
N ALA B 76 1.05 5.31 5.51
CA ALA B 76 -0.16 5.89 4.85
C ALA B 76 -0.29 5.31 3.43
N ASP B 77 0.70 5.50 2.61
CA ASP B 77 0.64 4.98 1.22
C ASP B 77 0.37 3.46 1.22
N LEU B 78 1.10 2.73 2.01
CA LEU B 78 0.88 1.27 2.06
C LEU B 78 -0.52 0.97 2.61
N GLN B 79 -0.85 1.51 3.74
CA GLN B 79 -2.23 1.30 4.28
C GLN B 79 -3.24 1.77 3.23
N ARG B 80 -2.96 2.86 2.58
CA ARG B 80 -3.88 3.36 1.53
C ARG B 80 -4.12 2.27 0.49
N VAL B 81 -3.07 1.70 -0.04
CA VAL B 81 -3.22 0.61 -1.05
C VAL B 81 -4.18 -0.46 -0.53
N PHE B 82 -3.90 -1.02 0.60
CA PHE B 82 -4.80 -2.08 1.16
C PHE B 82 -6.13 -1.47 1.61
N THR B 83 -6.07 -0.51 2.48
CA THR B 83 -7.31 0.15 2.97
C THR B 83 -8.20 0.58 1.81
N ASN B 84 -7.62 1.08 0.74
CA ASN B 84 -8.44 1.50 -0.42
C ASN B 84 -8.84 0.28 -1.25
N CYS B 85 -7.89 -0.53 -1.63
CA CYS B 85 -8.22 -1.73 -2.44
C CYS B 85 -9.28 -2.58 -1.73
N LYS B 86 -9.31 -2.54 -0.43
CA LYS B 86 -10.32 -3.33 0.32
C LYS B 86 -11.72 -2.72 0.11
N GLU B 87 -11.77 -1.46 -0.22
CA GLU B 87 -13.10 -0.82 -0.45
C GLU B 87 -13.61 -1.14 -1.86
N TYR B 88 -12.75 -1.59 -2.73
CA TYR B 88 -13.19 -1.90 -4.11
C TYR B 88 -13.22 -3.42 -4.33
N ASN B 89 -12.10 -4.07 -4.14
CA ASN B 89 -12.00 -5.55 -4.37
C ASN B 89 -13.26 -6.30 -3.87
N PRO B 90 -13.60 -7.34 -4.58
CA PRO B 90 -14.79 -8.15 -4.20
C PRO B 90 -14.77 -8.51 -2.71
N PRO B 91 -15.92 -8.85 -2.19
CA PRO B 91 -16.02 -9.22 -0.76
C PRO B 91 -15.20 -10.49 -0.49
N GLU B 92 -13.91 -10.36 -0.39
CA GLU B 92 -13.06 -11.55 -0.15
C GLU B 92 -13.32 -12.62 -1.20
N SER B 93 -13.42 -12.24 -2.45
CA SER B 93 -13.68 -13.25 -3.51
C SER B 93 -12.38 -13.67 -4.19
N GLU B 94 -11.68 -12.75 -4.80
CA GLU B 94 -10.41 -13.11 -5.47
C GLU B 94 -9.35 -12.03 -5.26
N TYR B 95 -9.71 -10.80 -5.47
CA TYR B 95 -8.71 -9.70 -5.30
C TYR B 95 -8.57 -9.33 -3.82
N TYR B 96 -9.67 -9.26 -3.12
CA TYR B 96 -9.61 -8.89 -1.67
C TYR B 96 -8.82 -9.93 -0.88
N LYS B 97 -8.70 -11.13 -1.41
CA LYS B 97 -7.93 -12.19 -0.68
C LYS B 97 -6.48 -11.76 -0.49
N CYS B 98 -5.92 -11.04 -1.42
CA CYS B 98 -4.50 -10.60 -1.28
C CYS B 98 -4.38 -9.55 -0.18
N ALA B 99 -5.23 -8.56 -0.19
CA ALA B 99 -5.16 -7.50 0.86
C ALA B 99 -5.14 -8.13 2.25
N ASN B 100 -5.90 -9.18 2.45
CA ASN B 100 -5.90 -9.84 3.79
C ASN B 100 -4.51 -10.39 4.11
N ILE B 101 -3.96 -11.18 3.24
CA ILE B 101 -2.61 -11.76 3.49
C ILE B 101 -1.58 -10.64 3.66
N LEU B 102 -1.61 -9.66 2.79
CA LEU B 102 -0.62 -8.55 2.89
C LEU B 102 -0.91 -7.67 4.11
N GLU B 103 -2.10 -7.13 4.19
CA GLU B 103 -2.44 -6.24 5.35
C GLU B 103 -2.02 -6.89 6.68
N LYS B 104 -2.11 -8.19 6.77
CA LYS B 104 -1.76 -8.85 8.05
C LYS B 104 -0.24 -9.00 8.19
N PHE B 105 0.43 -9.40 7.14
CA PHE B 105 1.90 -9.59 7.21
C PHE B 105 2.62 -8.25 7.41
N PHE B 106 2.41 -7.30 6.53
CA PHE B 106 3.09 -5.98 6.70
C PHE B 106 2.79 -5.42 8.10
N PHE B 107 1.71 -5.85 8.70
CA PHE B 107 1.36 -5.36 10.06
C PHE B 107 2.36 -5.92 11.07
N SER B 108 2.56 -7.21 11.08
CA SER B 108 3.56 -7.80 12.02
C SER B 108 4.91 -7.10 11.82
N LYS B 109 5.19 -6.68 10.62
CA LYS B 109 6.45 -5.95 10.37
C LYS B 109 6.40 -4.59 11.06
N ILE B 110 5.55 -3.72 10.61
CA ILE B 110 5.45 -2.37 11.24
C ILE B 110 5.32 -2.50 12.76
N LYS B 111 4.52 -3.43 13.23
CA LYS B 111 4.39 -3.60 14.70
C LYS B 111 5.77 -3.89 15.29
N GLU B 112 6.51 -4.74 14.63
CA GLU B 112 7.89 -5.05 15.10
C GLU B 112 8.86 -3.94 14.67
N ALA B 113 8.49 -3.20 13.67
CA ALA B 113 9.36 -2.08 13.19
C ALA B 113 9.12 -0.82 14.01
N GLY B 114 8.41 -0.91 15.10
CA GLY B 114 8.12 0.30 15.90
C GLY B 114 7.35 1.28 15.01
N LEU B 115 6.52 0.77 14.14
CA LEU B 115 5.75 1.65 13.23
C LEU B 115 4.36 1.92 13.80
N ILE B 116 3.71 0.90 14.28
CA ILE B 116 2.33 1.09 14.81
C ILE B 116 2.33 1.27 16.33
N ASP B 117 3.39 0.88 16.97
CA ASP B 117 3.47 1.06 18.43
C ASP B 117 4.92 1.35 18.82
N LYS B 118 5.71 1.85 17.89
CA LYS B 118 7.15 2.16 18.17
C LYS B 118 7.80 1.07 19.04
N SER A 1 -3.60 0.82 -21.81
CA SER A 1 -2.85 -0.46 -21.73
C SER A 1 -2.85 -0.99 -20.29
N TYR A 2 -3.12 -2.25 -20.11
CA TYR A 2 -3.13 -2.82 -18.73
C TYR A 2 -4.03 -1.98 -17.82
N GLY A 3 -4.11 -2.34 -16.56
CA GLY A 3 -4.96 -1.55 -15.62
C GLY A 3 -6.43 -1.79 -15.92
N ARG A 4 -7.16 -2.32 -14.98
CA ARG A 4 -8.62 -2.56 -15.18
C ARG A 4 -9.30 -2.63 -13.83
N LYS A 6 -12.10 -1.96 -12.31
CA LYS A 6 -13.54 -1.57 -12.41
C LYS A 6 -14.40 -2.47 -11.53
N ARG A 7 -14.05 -2.59 -10.28
CA ARG A 7 -14.86 -3.44 -9.35
C ARG A 7 -15.09 -4.83 -9.96
N ARG A 8 -15.95 -5.61 -9.38
CA ARG A 8 -16.22 -6.97 -9.93
C ARG A 8 -17.34 -6.90 -10.98
N GLN A 9 -17.90 -8.04 -11.33
CA GLN A 9 -18.98 -8.03 -12.35
C GLN A 9 -20.28 -8.60 -11.77
N ARG A 10 -20.20 -9.33 -10.70
CA ARG A 10 -21.44 -9.89 -10.09
C ARG A 10 -21.19 -10.27 -8.62
N CYS A 11 -22.05 -9.84 -7.74
CA CYS A 11 -21.87 -10.17 -6.30
C CYS A 11 -20.46 -9.83 -5.84
N GLY B 1 30.45 3.38 16.53
CA GLY B 1 28.99 3.12 16.55
C GLY B 1 28.29 4.05 15.57
N SER B 2 27.97 3.58 14.39
CA SER B 2 27.29 4.43 13.39
C SER B 2 26.68 3.58 12.29
N HIS B 3 25.78 2.70 12.62
CA HIS B 3 25.16 1.84 11.59
C HIS B 3 23.80 1.30 12.07
N MET B 4 22.77 2.09 11.94
CA MET B 4 21.43 1.63 12.40
C MET B 4 20.75 0.80 11.30
N SER B 5 20.44 -0.44 11.57
CA SER B 5 19.78 -1.29 10.55
C SER B 5 18.31 -0.89 10.38
N LYS B 6 17.69 -1.33 9.32
CA LYS B 6 16.26 -0.98 9.09
C LYS B 6 15.35 -1.82 9.99
N GLU B 7 15.18 -1.43 11.22
CA GLU B 7 14.30 -2.20 12.13
C GLU B 7 13.33 -1.26 12.86
N PRO B 8 12.15 -1.77 13.17
CA PRO B 8 11.13 -0.95 13.85
C PRO B 8 11.30 -0.99 15.38
N ARG B 9 12.49 -1.25 15.86
CA ARG B 9 12.71 -1.29 17.34
C ARG B 9 11.79 -2.32 17.99
N ASP B 10 10.59 -1.94 18.35
CA ASP B 10 9.67 -2.91 19.00
C ASP B 10 8.33 -2.96 18.26
N PRO B 11 7.69 -4.10 18.32
CA PRO B 11 6.38 -4.26 17.64
C PRO B 11 5.38 -3.22 18.13
N ASP B 12 5.23 -3.09 19.44
CA ASP B 12 4.27 -2.07 19.97
C ASP B 12 4.58 -0.71 19.39
N GLN B 13 5.82 -0.29 19.44
CA GLN B 13 6.19 1.02 18.86
C GLN B 13 5.80 1.06 17.38
N LEU B 14 6.01 -0.02 16.68
CA LEU B 14 5.64 -0.05 15.24
C LEU B 14 4.15 -0.32 15.07
N TYR B 15 3.47 -0.75 16.10
CA TYR B 15 2.01 -1.02 15.96
C TYR B 15 1.27 0.25 15.56
N SER B 16 1.24 1.21 16.44
CA SER B 16 0.55 2.47 16.09
C SER B 16 1.33 3.23 15.02
N THR B 17 2.54 2.82 14.72
CA THR B 17 3.27 3.49 13.63
C THR B 17 2.50 3.26 12.33
N LEU B 18 2.20 2.02 12.04
CA LEU B 18 1.36 1.72 10.85
C LEU B 18 0.02 2.41 11.03
N LYS B 19 -0.50 2.39 12.23
CA LYS B 19 -1.76 3.13 12.51
C LYS B 19 -1.57 4.59 12.13
N SER B 20 -0.48 5.18 12.52
CA SER B 20 -0.21 6.60 12.15
C SER B 20 -0.16 6.71 10.62
N ILE B 21 0.79 6.07 10.00
CA ILE B 21 0.87 6.13 8.51
C ILE B 21 -0.49 5.77 7.89
N LEU B 22 -0.92 4.55 8.08
CA LEU B 22 -2.22 4.13 7.48
C LEU B 22 -3.33 5.13 7.81
N GLN B 23 -3.48 5.52 9.06
CA GLN B 23 -4.56 6.49 9.41
C GLN B 23 -4.57 7.68 8.44
N GLN B 24 -3.43 8.25 8.15
CA GLN B 24 -3.42 9.42 7.21
C GLN B 24 -3.49 8.94 5.75
N VAL B 25 -3.02 7.75 5.44
CA VAL B 25 -3.11 7.29 4.01
C VAL B 25 -4.54 6.80 3.73
N LYS B 26 -5.16 6.18 4.70
CA LYS B 26 -6.56 5.70 4.50
C LYS B 26 -7.47 6.87 4.10
N SER B 27 -7.59 7.85 4.96
CA SER B 27 -8.46 9.02 4.64
C SER B 27 -7.86 9.86 3.52
N HIS B 28 -6.63 9.61 3.16
CA HIS B 28 -5.98 10.41 2.08
C HIS B 28 -6.87 10.46 0.84
N GLN B 29 -6.78 11.53 0.09
CA GLN B 29 -7.62 11.65 -1.14
C GLN B 29 -7.01 10.87 -2.30
N SER B 30 -5.97 10.10 -2.07
CA SER B 30 -5.34 9.34 -3.18
C SER B 30 -5.41 7.83 -2.94
N ALA B 31 -5.77 7.42 -1.75
CA ALA B 31 -5.86 5.95 -1.47
C ALA B 31 -7.16 5.35 -2.04
N TRP B 32 -7.94 6.14 -2.73
CA TRP B 32 -9.22 5.62 -3.29
C TRP B 32 -9.00 4.31 -4.07
N PRO B 33 -8.12 4.32 -5.05
CA PRO B 33 -7.89 3.10 -5.85
C PRO B 33 -7.33 1.96 -5.00
N PHE B 34 -6.59 2.29 -3.97
CA PHE B 34 -6.01 1.21 -3.12
C PHE B 34 -7.04 0.67 -2.13
N MET B 35 -8.23 1.20 -2.12
CA MET B 35 -9.24 0.71 -1.15
C MET B 35 -10.22 -0.28 -1.79
N GLU B 36 -9.79 -0.97 -2.83
CA GLU B 36 -10.69 -1.97 -3.46
C GLU B 36 -9.95 -3.29 -3.68
N PRO B 37 -10.69 -4.36 -3.75
CA PRO B 37 -10.09 -5.69 -3.92
C PRO B 37 -10.02 -6.09 -5.39
N VAL B 38 -8.99 -5.69 -6.09
CA VAL B 38 -8.89 -6.08 -7.53
C VAL B 38 -8.84 -7.60 -7.67
N LYS B 39 -9.01 -8.09 -8.85
CA LYS B 39 -8.99 -9.57 -9.07
C LYS B 39 -8.31 -9.91 -10.40
N ARG B 40 -8.45 -11.12 -10.86
CA ARG B 40 -7.82 -11.51 -12.15
C ARG B 40 -8.91 -11.82 -13.19
N THR B 41 -10.03 -12.31 -12.75
CA THR B 41 -11.12 -12.64 -13.70
C THR B 41 -11.73 -11.38 -14.31
N GLU B 42 -11.85 -10.34 -13.53
CA GLU B 42 -12.45 -9.08 -14.05
C GLU B 42 -11.41 -7.97 -14.16
N ALA B 43 -10.27 -8.15 -13.54
CA ALA B 43 -9.22 -7.10 -13.59
C ALA B 43 -8.05 -7.55 -14.48
N PRO B 44 -8.30 -7.63 -15.77
CA PRO B 44 -7.23 -8.04 -16.71
C PRO B 44 -6.07 -7.04 -16.67
N GLY B 45 -4.93 -7.43 -17.18
CA GLY B 45 -3.75 -6.51 -17.13
C GLY B 45 -2.92 -6.85 -15.89
N TYR B 46 -3.56 -7.13 -14.80
CA TYR B 46 -2.83 -7.51 -13.55
C TYR B 46 -1.96 -8.75 -13.82
N TYR B 47 -1.57 -9.45 -12.78
CA TYR B 47 -0.76 -10.70 -12.95
C TYR B 47 0.65 -10.41 -13.48
N GLU B 48 0.78 -9.74 -14.60
CA GLU B 48 2.13 -9.48 -15.15
C GLU B 48 2.61 -8.09 -14.77
N VAL B 49 2.11 -7.58 -13.68
CA VAL B 49 2.52 -6.21 -13.24
C VAL B 49 2.36 -6.09 -11.72
N ILE B 50 1.30 -6.64 -11.20
CA ILE B 50 1.05 -6.58 -9.73
C ILE B 50 1.59 -7.84 -9.07
N ARG B 51 2.82 -7.80 -8.60
CA ARG B 51 3.40 -9.00 -7.95
C ARG B 51 2.50 -9.45 -6.80
N PHE B 52 2.27 -8.59 -5.85
CA PHE B 52 1.40 -8.96 -4.71
C PHE B 52 0.18 -8.02 -4.64
N PRO B 53 -0.80 -8.32 -5.45
CA PRO B 53 -2.04 -7.51 -5.49
C PRO B 53 -2.53 -7.18 -4.06
N MET B 54 -2.11 -6.06 -3.54
CA MET B 54 -2.55 -5.67 -2.17
C MET B 54 -3.34 -4.37 -2.22
N ASP B 55 -4.08 -4.06 -1.19
CA ASP B 55 -4.88 -2.80 -1.19
C ASP B 55 -5.39 -2.49 0.21
N LEU B 56 -5.48 -1.22 0.56
CA LEU B 56 -5.99 -0.85 1.92
C LEU B 56 -7.30 -1.60 2.20
N LYS B 57 -8.04 -1.91 1.17
CA LYS B 57 -9.30 -2.68 1.33
C LYS B 57 -9.08 -3.88 2.26
N THR B 58 -7.97 -4.54 2.12
CA THR B 58 -7.67 -5.72 3.00
C THR B 58 -6.36 -5.50 3.76
N MET B 59 -5.52 -4.60 3.29
CA MET B 59 -4.24 -4.37 4.00
C MET B 59 -4.50 -3.74 5.38
N SER B 60 -5.56 -2.97 5.50
CA SER B 60 -5.87 -2.36 6.81
C SER B 60 -6.52 -3.39 7.73
N GLU B 61 -7.09 -4.41 7.17
CA GLU B 61 -7.74 -5.45 8.02
C GLU B 61 -6.69 -6.14 8.89
N ARG B 62 -5.45 -6.11 8.48
CA ARG B 62 -4.39 -6.77 9.28
C ARG B 62 -4.10 -5.94 10.54
N LEU B 63 -3.86 -4.67 10.39
CA LEU B 63 -3.59 -3.80 11.57
C LEU B 63 -4.69 -4.02 12.63
N LYS B 64 -5.89 -4.25 12.20
CA LYS B 64 -6.99 -4.52 13.16
C LYS B 64 -6.89 -5.95 13.67
N ASN B 65 -6.27 -6.82 12.90
CA ASN B 65 -6.12 -8.23 13.32
C ASN B 65 -4.72 -8.50 13.86
N ARG B 66 -3.92 -7.47 14.03
CA ARG B 66 -2.53 -7.68 14.53
C ARG B 66 -1.82 -8.71 13.66
N TYR B 67 -1.30 -8.30 12.54
CA TYR B 67 -0.60 -9.25 11.64
C TYR B 67 0.63 -8.58 11.04
N TYR B 68 0.45 -7.41 10.47
CA TYR B 68 1.61 -6.69 9.89
C TYR B 68 2.06 -5.59 10.86
N VAL B 69 3.08 -5.83 11.63
CA VAL B 69 3.52 -4.81 12.61
C VAL B 69 5.03 -4.56 12.50
N SER B 70 5.54 -4.51 11.30
CA SER B 70 7.00 -4.24 11.12
C SER B 70 7.28 -3.63 9.75
N LYS B 71 8.44 -3.08 9.55
CA LYS B 71 8.75 -2.43 8.25
C LYS B 71 8.63 -3.40 7.06
N LYS B 72 9.39 -4.46 7.04
CA LYS B 72 9.30 -5.40 5.88
C LYS B 72 7.87 -5.88 5.66
N LEU B 73 7.09 -5.95 6.70
CA LEU B 73 5.69 -6.42 6.55
C LEU B 73 4.79 -5.30 6.04
N PHE B 74 4.60 -4.28 6.83
CA PHE B 74 3.72 -3.16 6.41
C PHE B 74 4.24 -2.50 5.14
N MET B 75 5.43 -1.97 5.17
CA MET B 75 5.97 -1.27 3.98
C MET B 75 5.90 -2.16 2.75
N ALA B 76 5.99 -3.45 2.94
CA ALA B 76 5.88 -4.37 1.77
C ALA B 76 4.52 -4.21 1.12
N ASP B 77 3.48 -4.62 1.80
CA ASP B 77 2.11 -4.48 1.24
C ASP B 77 1.84 -3.04 0.82
N LEU B 78 2.09 -2.10 1.69
CA LEU B 78 1.85 -0.67 1.32
C LEU B 78 2.63 -0.32 0.06
N GLN B 79 3.91 -0.58 0.05
CA GLN B 79 4.72 -0.30 -1.17
C GLN B 79 4.14 -1.07 -2.35
N ARG B 80 3.75 -2.30 -2.13
CA ARG B 80 3.17 -3.11 -3.23
C ARG B 80 1.91 -2.42 -3.78
N VAL B 81 1.26 -1.62 -2.97
CA VAL B 81 0.05 -0.90 -3.45
C VAL B 81 0.50 0.33 -4.25
N PHE B 82 1.54 0.97 -3.83
CA PHE B 82 2.05 2.16 -4.56
C PHE B 82 2.91 1.72 -5.75
N THR B 83 3.54 0.59 -5.63
CA THR B 83 4.40 0.10 -6.75
C THR B 83 3.53 -0.50 -7.85
N ASN B 84 2.72 -1.47 -7.51
CA ASN B 84 1.82 -2.06 -8.55
C ASN B 84 0.97 -0.94 -9.17
N CYS B 85 0.51 -0.04 -8.34
CA CYS B 85 -0.30 1.12 -8.85
C CYS B 85 0.43 1.78 -10.02
N LYS B 86 1.71 2.01 -9.86
CA LYS B 86 2.49 2.64 -10.97
C LYS B 86 2.90 1.58 -12.00
N GLU B 87 2.39 0.38 -11.90
CA GLU B 87 2.78 -0.67 -12.86
C GLU B 87 1.78 -0.78 -14.01
N TYR B 88 0.57 -0.31 -13.82
CA TYR B 88 -0.44 -0.43 -14.91
C TYR B 88 -1.21 0.87 -15.12
N ASN B 89 -1.51 1.58 -14.06
CA ASN B 89 -2.31 2.83 -14.18
C ASN B 89 -1.80 3.74 -15.32
N PRO B 90 -2.60 4.70 -15.67
CA PRO B 90 -2.24 5.64 -16.77
C PRO B 90 -0.91 6.35 -16.47
N PRO B 91 -0.24 6.77 -17.51
CA PRO B 91 1.05 7.49 -17.34
C PRO B 91 0.81 8.82 -16.63
N GLU B 92 0.59 8.78 -15.34
CA GLU B 92 0.34 10.05 -14.59
C GLU B 92 -0.84 10.80 -15.19
N SER B 93 -1.93 10.12 -15.44
CA SER B 93 -3.11 10.82 -16.02
C SER B 93 -4.17 11.05 -14.94
N GLU B 94 -4.50 10.03 -14.20
CA GLU B 94 -5.51 10.20 -13.12
C GLU B 94 -5.36 9.10 -12.06
N TYR B 95 -5.21 7.88 -12.49
CA TYR B 95 -5.07 6.76 -11.51
C TYR B 95 -3.62 6.67 -10.99
N TYR B 96 -2.67 7.01 -11.81
CA TYR B 96 -1.25 6.93 -11.37
C TYR B 96 -0.87 8.17 -10.56
N LYS B 97 -1.66 9.21 -10.62
CA LYS B 97 -1.31 10.46 -9.88
C LYS B 97 -1.55 10.32 -8.38
N CYS B 98 -2.45 9.46 -7.96
CA CYS B 98 -2.70 9.33 -6.49
C CYS B 98 -1.53 8.60 -5.82
N ALA B 99 -0.93 7.65 -6.49
CA ALA B 99 0.21 6.93 -5.86
C ALA B 99 1.27 7.93 -5.44
N ASN B 100 1.79 8.69 -6.37
CA ASN B 100 2.85 9.69 -6.02
C ASN B 100 2.42 10.52 -4.79
N ILE B 101 1.21 10.97 -4.77
CA ILE B 101 0.73 11.80 -3.62
C ILE B 101 0.66 10.93 -2.35
N LEU B 102 -0.21 9.96 -2.35
CA LEU B 102 -0.35 9.10 -1.14
C LEU B 102 0.97 8.40 -0.81
N GLU B 103 1.86 8.30 -1.77
CA GLU B 103 3.18 7.63 -1.50
C GLU B 103 4.13 8.62 -0.81
N LYS B 104 4.01 9.88 -1.11
CA LYS B 104 4.92 10.87 -0.48
C LYS B 104 4.46 11.21 0.93
N PHE B 105 3.17 11.34 1.14
CA PHE B 105 2.66 11.69 2.49
C PHE B 105 3.09 10.65 3.52
N PHE B 106 2.85 9.40 3.25
CA PHE B 106 3.25 8.35 4.24
C PHE B 106 4.78 8.18 4.24
N PHE B 107 5.42 8.43 3.13
CA PHE B 107 6.90 8.30 3.07
C PHE B 107 7.54 9.16 4.17
N SER B 108 6.84 10.17 4.63
CA SER B 108 7.41 11.04 5.69
C SER B 108 7.29 10.38 7.06
N LYS B 109 6.21 9.70 7.33
CA LYS B 109 6.04 9.05 8.66
C LYS B 109 6.80 7.73 8.72
N ILE B 110 6.87 6.99 7.64
CA ILE B 110 7.61 5.69 7.68
C ILE B 110 9.11 5.96 7.79
N LYS B 111 9.58 7.06 7.26
CA LYS B 111 11.01 7.39 7.41
C LYS B 111 11.22 7.95 8.80
N GLU B 112 10.23 8.67 9.27
CA GLU B 112 10.27 9.25 10.63
C GLU B 112 9.94 8.18 11.68
N ALA B 113 9.30 7.13 11.27
CA ALA B 113 8.89 6.07 12.23
C ALA B 113 9.97 5.00 12.36
N GLY B 114 10.76 4.82 11.34
CA GLY B 114 11.83 3.78 11.41
C GLY B 114 11.58 2.73 10.32
N LEU B 115 10.87 3.09 9.28
CA LEU B 115 10.64 2.14 8.17
C LEU B 115 11.57 2.52 7.02
N ILE B 116 11.81 3.79 6.90
CA ILE B 116 12.60 4.30 5.77
C ILE B 116 13.57 5.39 6.27
N ASP B 117 13.95 5.30 7.51
CA ASP B 117 14.94 6.27 8.06
C ASP B 117 16.20 6.28 7.19
N LYS B 118 16.41 5.24 6.43
CA LYS B 118 17.62 5.19 5.56
C LYS B 118 17.36 4.27 4.36
N SER A 1 5.80 -8.53 16.97
CA SER A 1 6.13 -9.05 15.61
C SER A 1 6.90 -7.99 14.81
N TYR A 2 8.17 -7.86 15.06
CA TYR A 2 8.97 -6.85 14.31
C TYR A 2 8.31 -5.47 14.41
N GLY A 3 8.69 -4.56 13.54
CA GLY A 3 8.07 -3.20 13.59
C GLY A 3 8.99 -2.27 14.37
N ARG A 4 9.16 -1.05 13.92
CA ARG A 4 10.03 -0.09 14.64
C ARG A 4 9.43 1.32 14.55
N LYS A 6 10.53 4.01 14.84
CA LYS A 6 11.02 4.88 15.94
C LYS A 6 11.91 6.00 15.39
N ARG A 7 12.16 7.00 16.19
CA ARG A 7 13.03 8.12 15.70
C ARG A 7 14.49 7.89 16.10
N ARG A 8 15.06 6.80 15.67
CA ARG A 8 16.47 6.51 16.02
C ARG A 8 17.40 7.47 15.28
N GLN A 9 16.96 8.02 14.19
CA GLN A 9 17.82 8.95 13.40
C GLN A 9 17.08 10.26 13.14
N ARG A 10 17.68 11.37 13.48
CA ARG A 10 17.00 12.68 13.25
C ARG A 10 18.04 13.81 13.20
N CYS A 11 18.39 14.25 12.02
CA CYS A 11 19.39 15.35 11.90
C CYS A 11 18.91 16.41 10.91
N GLY B 1 -17.66 -16.32 -16.30
CA GLY B 1 -18.18 -17.72 -16.29
C GLY B 1 -17.04 -18.69 -16.54
N SER B 2 -16.59 -19.37 -15.50
CA SER B 2 -15.48 -20.34 -15.68
C SER B 2 -14.30 -19.69 -16.41
N HIS B 3 -14.09 -18.42 -16.21
CA HIS B 3 -12.96 -17.74 -16.90
C HIS B 3 -12.07 -17.02 -15.88
N MET B 4 -12.66 -16.44 -14.86
CA MET B 4 -11.84 -15.72 -13.85
C MET B 4 -10.91 -14.70 -14.52
N SER B 5 -11.32 -13.46 -14.55
CA SER B 5 -10.46 -12.43 -15.20
C SER B 5 -9.73 -11.60 -14.14
N LYS B 6 -8.60 -11.04 -14.48
CA LYS B 6 -7.85 -10.23 -13.48
C LYS B 6 -6.90 -9.25 -14.21
N GLU B 7 -7.33 -8.71 -15.31
CA GLU B 7 -6.46 -7.74 -16.05
C GLU B 7 -7.13 -6.35 -16.09
N PRO B 8 -6.31 -5.34 -16.25
CA PRO B 8 -6.83 -3.95 -16.29
C PRO B 8 -7.40 -3.62 -17.67
N ARG B 9 -7.25 -4.50 -18.64
CA ARG B 9 -7.76 -4.22 -20.01
C ARG B 9 -7.16 -2.93 -20.55
N ASP B 10 -7.76 -1.81 -20.27
CA ASP B 10 -7.19 -0.52 -20.75
C ASP B 10 -6.38 0.16 -19.62
N PRO B 11 -5.13 0.40 -19.87
CA PRO B 11 -4.26 1.02 -18.84
C PRO B 11 -4.85 2.37 -18.40
N ASP B 12 -5.31 3.16 -19.33
CA ASP B 12 -5.91 4.48 -18.95
C ASP B 12 -7.11 4.28 -18.02
N GLN B 13 -7.97 3.35 -18.34
CA GLN B 13 -9.15 3.11 -17.46
C GLN B 13 -8.68 2.87 -16.02
N LEU B 14 -7.53 2.27 -15.85
CA LEU B 14 -7.01 2.04 -14.48
C LEU B 14 -6.44 3.33 -13.90
N TYR B 15 -5.75 4.09 -14.71
CA TYR B 15 -5.13 5.36 -14.22
C TYR B 15 -6.11 6.15 -13.35
N SER B 16 -7.30 6.35 -13.83
CA SER B 16 -8.31 7.07 -13.01
C SER B 16 -8.84 6.13 -11.91
N THR B 17 -8.80 4.85 -12.14
CA THR B 17 -9.25 3.90 -11.09
C THR B 17 -8.27 3.92 -9.94
N LEU B 18 -7.01 3.65 -10.22
CA LEU B 18 -5.99 3.71 -9.12
C LEU B 18 -6.06 5.10 -8.49
N LYS B 19 -6.33 6.10 -9.29
CA LYS B 19 -6.48 7.47 -8.75
C LYS B 19 -7.62 7.49 -7.72
N SER B 20 -8.68 6.79 -7.99
CA SER B 20 -9.81 6.74 -7.04
C SER B 20 -9.42 5.95 -5.79
N ILE B 21 -9.10 4.69 -5.93
CA ILE B 21 -8.69 3.87 -4.75
C ILE B 21 -7.62 4.60 -3.94
N LEU B 22 -6.74 5.31 -4.61
CA LEU B 22 -5.68 6.06 -3.89
C LEU B 22 -6.26 7.33 -3.28
N GLN B 23 -7.03 8.04 -4.05
CA GLN B 23 -7.65 9.30 -3.55
C GLN B 23 -8.31 9.06 -2.19
N GLN B 24 -9.02 7.97 -2.05
CA GLN B 24 -9.67 7.69 -0.73
C GLN B 24 -8.66 7.06 0.22
N VAL B 25 -7.68 6.37 -0.31
CA VAL B 25 -6.67 5.71 0.56
C VAL B 25 -5.76 6.76 1.19
N LYS B 26 -4.89 7.36 0.43
CA LYS B 26 -3.96 8.38 0.99
C LYS B 26 -4.70 9.37 1.89
N SER B 27 -5.97 9.56 1.68
CA SER B 27 -6.74 10.51 2.55
C SER B 27 -7.66 9.74 3.50
N HIS B 28 -7.36 8.49 3.74
CA HIS B 28 -8.22 7.69 4.66
C HIS B 28 -7.92 8.01 6.12
N GLN B 29 -8.72 7.51 7.03
CA GLN B 29 -8.49 7.78 8.47
C GLN B 29 -7.33 6.95 9.03
N SER B 30 -6.78 6.08 8.23
CA SER B 30 -5.63 5.26 8.72
C SER B 30 -4.54 5.20 7.66
N ALA B 31 -4.60 6.06 6.68
CA ALA B 31 -3.57 6.06 5.61
C ALA B 31 -2.30 6.79 6.06
N TRP B 32 -2.31 7.42 7.20
CA TRP B 32 -1.10 8.15 7.63
C TRP B 32 0.14 7.24 7.65
N PRO B 33 0.04 6.10 8.32
CA PRO B 33 1.22 5.21 8.40
C PRO B 33 1.60 4.68 7.02
N PHE B 34 0.76 4.86 6.04
CA PHE B 34 1.09 4.36 4.68
C PHE B 34 1.36 5.54 3.74
N MET B 35 1.52 6.73 4.27
CA MET B 35 1.79 7.90 3.38
C MET B 35 3.16 8.51 3.73
N GLU B 36 4.04 7.71 4.26
CA GLU B 36 5.40 8.21 4.61
C GLU B 36 6.40 7.04 4.60
N PRO B 37 7.64 7.34 4.34
CA PRO B 37 8.67 6.27 4.31
C PRO B 37 8.81 5.65 5.72
N VAL B 38 9.11 4.38 5.81
CA VAL B 38 9.23 3.75 7.15
C VAL B 38 10.46 4.27 7.89
N LYS B 39 11.52 4.63 7.19
CA LYS B 39 12.70 5.16 7.93
C LYS B 39 13.78 5.75 7.01
N ARG B 40 14.11 5.08 5.93
CA ARG B 40 15.23 5.57 5.07
C ARG B 40 16.44 5.96 5.93
N THR B 41 16.58 5.40 7.12
CA THR B 41 17.72 5.82 7.99
C THR B 41 17.97 4.90 9.19
N GLU B 42 17.02 4.07 9.62
CA GLU B 42 17.32 3.26 10.85
C GLU B 42 16.50 1.97 11.00
N ALA B 43 15.22 1.99 10.66
CA ALA B 43 14.33 0.79 10.88
C ALA B 43 15.09 -0.54 10.84
N PRO B 44 15.53 -1.00 11.99
CA PRO B 44 16.27 -2.27 12.07
C PRO B 44 15.31 -3.46 12.03
N GLY B 45 15.17 -4.10 10.90
CA GLY B 45 14.26 -5.25 10.81
C GLY B 45 13.73 -5.37 9.38
N TYR B 46 13.42 -4.28 8.76
CA TYR B 46 12.90 -4.31 7.36
C TYR B 46 13.83 -5.14 6.46
N TYR B 47 13.57 -6.41 6.33
CA TYR B 47 14.44 -7.27 5.48
C TYR B 47 13.92 -8.72 5.46
N GLU B 48 13.40 -9.18 6.57
CA GLU B 48 12.87 -10.57 6.61
C GLU B 48 11.34 -10.54 6.67
N VAL B 49 10.79 -9.48 7.19
CA VAL B 49 9.30 -9.37 7.24
C VAL B 49 8.80 -8.46 6.11
N ILE B 50 9.65 -7.56 5.68
CA ILE B 50 9.23 -6.63 4.60
C ILE B 50 10.18 -6.76 3.41
N ARG B 51 9.93 -7.71 2.54
CA ARG B 51 10.80 -7.89 1.35
C ARG B 51 11.00 -6.56 0.63
N PHE B 52 9.96 -6.01 0.08
CA PHE B 52 10.08 -4.70 -0.61
C PHE B 52 9.01 -3.73 -0.09
N PRO B 53 9.27 -3.17 1.08
CA PRO B 53 8.34 -2.21 1.70
C PRO B 53 7.75 -1.24 0.67
N MET B 54 6.56 -0.77 0.91
CA MET B 54 5.92 0.18 -0.02
C MET B 54 5.10 1.20 0.76
N ASP B 55 4.74 2.29 0.15
CA ASP B 55 3.94 3.30 0.87
C ASP B 55 3.36 4.32 -0.11
N LEU B 56 2.20 4.85 0.18
CA LEU B 56 1.58 5.84 -0.74
C LEU B 56 2.58 6.94 -1.09
N LYS B 57 3.42 7.32 -0.16
CA LYS B 57 4.44 8.37 -0.46
C LYS B 57 5.26 7.94 -1.68
N THR B 58 5.61 6.68 -1.74
CA THR B 58 6.40 6.18 -2.90
C THR B 58 5.48 5.59 -3.96
N MET B 59 4.32 5.13 -3.58
CA MET B 59 3.38 4.55 -4.56
C MET B 59 2.63 5.65 -5.32
N SER B 60 2.39 6.77 -4.68
CA SER B 60 1.67 7.87 -5.36
C SER B 60 2.55 8.49 -6.43
N GLU B 61 3.82 8.66 -6.16
CA GLU B 61 4.73 9.25 -7.17
C GLU B 61 4.61 8.51 -8.49
N ARG B 62 4.27 7.25 -8.45
CA ARG B 62 4.10 6.49 -9.71
C ARG B 62 2.77 6.86 -10.38
N LEU B 63 1.72 6.88 -9.62
CA LEU B 63 0.39 7.26 -10.20
C LEU B 63 0.50 8.67 -10.79
N LYS B 64 1.34 9.50 -10.24
CA LYS B 64 1.51 10.87 -10.76
C LYS B 64 2.35 10.85 -12.04
N ASN B 65 3.17 9.85 -12.20
CA ASN B 65 4.02 9.75 -13.42
C ASN B 65 3.46 8.70 -14.38
N ARG B 66 2.25 8.27 -14.17
CA ARG B 66 1.65 7.25 -15.09
C ARG B 66 2.58 6.04 -15.21
N TYR B 67 3.07 5.54 -14.11
CA TYR B 67 3.97 4.36 -14.17
C TYR B 67 3.22 3.09 -13.78
N TYR B 68 2.43 3.14 -12.73
CA TYR B 68 1.66 1.94 -12.31
C TYR B 68 0.19 2.08 -12.71
N VAL B 69 -0.09 2.08 -13.98
CA VAL B 69 -1.50 2.22 -14.44
C VAL B 69 -2.12 0.85 -14.69
N SER B 70 -2.08 -0.02 -13.72
CA SER B 70 -2.66 -1.38 -13.92
C SER B 70 -3.04 -2.00 -12.57
N LYS B 71 -3.56 -3.20 -12.60
CA LYS B 71 -3.94 -3.89 -11.33
C LYS B 71 -2.70 -4.47 -10.65
N LYS B 72 -2.19 -5.56 -11.19
CA LYS B 72 -0.98 -6.20 -10.60
C LYS B 72 0.11 -5.17 -10.28
N LEU B 73 0.10 -4.05 -10.95
CA LEU B 73 1.12 -3.00 -10.66
C LEU B 73 0.74 -2.23 -9.40
N PHE B 74 -0.40 -1.59 -9.42
CA PHE B 74 -0.85 -0.82 -8.22
C PHE B 74 -1.35 -1.75 -7.12
N MET B 75 -2.21 -2.65 -7.47
CA MET B 75 -2.76 -3.60 -6.46
C MET B 75 -1.62 -4.32 -5.76
N ALA B 76 -0.49 -4.43 -6.40
CA ALA B 76 0.67 -5.09 -5.77
C ALA B 76 1.25 -4.20 -4.66
N ASP B 77 1.86 -3.11 -5.05
CA ASP B 77 2.45 -2.18 -4.03
C ASP B 77 1.44 -1.88 -2.92
N LEU B 78 0.25 -1.49 -3.27
CA LEU B 78 -0.77 -1.19 -2.23
C LEU B 78 -0.95 -2.41 -1.33
N GLN B 79 -1.10 -3.58 -1.90
CA GLN B 79 -1.23 -4.79 -1.07
C GLN B 79 0.06 -5.00 -0.28
N ARG B 80 1.19 -4.88 -0.94
CA ARG B 80 2.49 -5.04 -0.24
C ARG B 80 2.54 -4.10 0.98
N VAL B 81 1.92 -2.97 0.90
CA VAL B 81 1.90 -2.04 2.06
C VAL B 81 1.03 -2.63 3.16
N PHE B 82 -0.10 -3.18 2.80
CA PHE B 82 -0.99 -3.77 3.83
C PHE B 82 -0.45 -5.13 4.28
N THR B 83 0.20 -5.84 3.40
CA THR B 83 0.74 -7.17 3.77
C THR B 83 2.03 -7.02 4.59
N ASN B 84 2.96 -6.23 4.13
CA ASN B 84 4.23 -6.06 4.88
C ASN B 84 3.97 -5.32 6.20
N CYS B 85 3.20 -4.28 6.18
CA CYS B 85 2.94 -3.54 7.46
C CYS B 85 2.21 -4.43 8.45
N LYS B 86 1.47 -5.39 7.97
CA LYS B 86 0.76 -6.32 8.91
C LYS B 86 1.80 -7.15 9.64
N GLU B 87 2.93 -7.37 9.02
CA GLU B 87 4.02 -8.13 9.66
C GLU B 87 5.00 -7.16 10.33
N TYR B 88 4.54 -5.98 10.66
CA TYR B 88 5.44 -4.95 11.27
C TYR B 88 4.68 -4.15 12.34
N ASN B 89 3.50 -3.69 12.03
CA ASN B 89 2.72 -2.90 13.01
C ASN B 89 2.65 -3.62 14.36
N PRO B 90 2.07 -2.96 15.34
CA PRO B 90 1.94 -3.56 16.69
C PRO B 90 0.95 -4.73 16.65
N PRO B 91 0.85 -5.42 17.76
CA PRO B 91 -0.09 -6.56 17.83
C PRO B 91 -1.53 -6.04 17.82
N GLU B 92 -1.94 -5.40 16.75
CA GLU B 92 -3.32 -4.83 16.70
C GLU B 92 -3.49 -3.77 17.79
N SER B 93 -2.45 -3.01 18.04
CA SER B 93 -2.54 -1.96 19.09
C SER B 93 -3.10 -0.66 18.50
N GLU B 94 -2.40 -0.07 17.57
CA GLU B 94 -2.91 1.19 16.96
C GLU B 94 -2.42 1.34 15.52
N TYR B 95 -1.18 1.03 15.27
CA TYR B 95 -0.64 1.15 13.89
C TYR B 95 -1.06 -0.06 13.05
N TYR B 96 -1.38 -1.15 13.69
CA TYR B 96 -1.79 -2.37 12.93
C TYR B 96 -3.26 -2.26 12.51
N LYS B 97 -4.07 -1.61 13.31
CA LYS B 97 -5.51 -1.48 12.94
C LYS B 97 -5.66 -0.63 11.67
N CYS B 98 -4.72 0.22 11.41
CA CYS B 98 -4.81 1.08 10.18
C CYS B 98 -4.74 0.20 8.93
N ALA B 99 -3.74 -0.64 8.84
CA ALA B 99 -3.62 -1.52 7.64
C ALA B 99 -4.94 -2.28 7.41
N ASN B 100 -5.55 -2.75 8.46
CA ASN B 100 -6.83 -3.48 8.31
C ASN B 100 -7.90 -2.54 7.73
N ILE B 101 -7.90 -1.31 8.16
CA ILE B 101 -8.90 -0.34 7.63
C ILE B 101 -8.58 -0.03 6.17
N LEU B 102 -7.39 0.41 5.89
CA LEU B 102 -7.00 0.70 4.49
C LEU B 102 -7.24 -0.52 3.61
N GLU B 103 -6.91 -1.68 4.11
CA GLU B 103 -7.10 -2.93 3.31
C GLU B 103 -8.58 -3.15 2.99
N LYS B 104 -9.46 -2.85 3.91
CA LYS B 104 -10.90 -3.10 3.67
C LYS B 104 -11.51 -2.01 2.79
N PHE B 105 -11.12 -0.78 2.99
CA PHE B 105 -11.70 0.33 2.18
C PHE B 105 -11.31 0.19 0.70
N PHE B 106 -10.05 0.11 0.42
CA PHE B 106 -9.61 0.00 -1.01
C PHE B 106 -10.08 -1.34 -1.61
N PHE B 107 -10.49 -2.27 -0.79
CA PHE B 107 -10.95 -3.59 -1.33
C PHE B 107 -12.24 -3.44 -2.12
N SER B 108 -13.27 -2.91 -1.50
CA SER B 108 -14.56 -2.73 -2.23
C SER B 108 -14.32 -1.95 -3.53
N LYS B 109 -13.28 -1.16 -3.55
CA LYS B 109 -12.97 -0.36 -4.77
C LYS B 109 -12.25 -1.23 -5.80
N ILE B 110 -11.20 -1.89 -5.41
CA ILE B 110 -10.44 -2.74 -6.38
C ILE B 110 -11.30 -3.92 -6.83
N LYS B 111 -12.05 -4.50 -5.94
CA LYS B 111 -12.91 -5.64 -6.34
C LYS B 111 -13.97 -5.15 -7.31
N GLU B 112 -14.55 -4.02 -7.03
CA GLU B 112 -15.58 -3.45 -7.94
C GLU B 112 -14.89 -2.84 -9.16
N ALA B 113 -13.75 -2.25 -8.96
CA ALA B 113 -12.99 -1.66 -10.10
C ALA B 113 -12.57 -2.77 -11.07
N GLY B 114 -12.57 -3.99 -10.62
CA GLY B 114 -12.16 -5.11 -11.51
C GLY B 114 -10.66 -5.36 -11.34
N LEU B 115 -10.12 -5.05 -10.19
CA LEU B 115 -8.66 -5.28 -9.98
C LEU B 115 -8.46 -6.69 -9.47
N ILE B 116 -9.25 -7.07 -8.51
CA ILE B 116 -9.12 -8.42 -7.92
C ILE B 116 -10.16 -9.37 -8.54
N ASP B 117 -11.19 -8.84 -9.12
CA ASP B 117 -12.23 -9.70 -9.76
C ASP B 117 -12.73 -10.78 -8.79
N LYS B 118 -12.56 -10.59 -7.52
CA LYS B 118 -13.04 -11.61 -6.53
C LYS B 118 -12.80 -11.12 -5.10
N SER A 1 17.79 -4.98 13.31
CA SER A 1 17.68 -4.95 11.83
C SER A 1 16.37 -5.61 11.39
N TYR A 2 15.26 -5.00 11.70
CA TYR A 2 13.94 -5.58 11.30
C TYR A 2 12.84 -4.52 11.39
N GLY A 3 12.76 -3.65 10.42
CA GLY A 3 11.72 -2.58 10.47
C GLY A 3 11.97 -1.69 11.68
N ARG A 4 12.27 -0.43 11.47
CA ARG A 4 12.53 0.48 12.61
C ARG A 4 11.89 1.84 12.38
N LYS A 6 10.14 3.97 14.46
CA LYS A 6 10.61 4.89 15.54
C LYS A 6 10.27 6.35 15.20
N ARG A 7 10.91 7.28 15.85
CA ARG A 7 10.65 8.72 15.55
C ARG A 7 11.92 9.39 15.05
N ARG A 8 12.56 8.83 14.07
CA ARG A 8 13.82 9.42 13.53
C ARG A 8 14.86 9.56 14.64
N GLN A 9 16.10 9.76 14.28
CA GLN A 9 17.17 9.89 15.32
C GLN A 9 17.02 11.22 16.07
N ARG A 10 17.65 11.34 17.21
CA ARG A 10 17.55 12.62 17.98
C ARG A 10 18.93 13.18 18.26
N CYS A 11 19.89 12.34 18.51
CA CYS A 11 21.27 12.84 18.78
C CYS A 11 22.27 12.23 17.80
N GLY B 1 -0.89 -20.61 -23.53
CA GLY B 1 -2.00 -20.10 -22.67
C GLY B 1 -1.93 -18.58 -22.61
N SER B 2 -2.96 -17.91 -23.06
CA SER B 2 -2.96 -16.42 -23.02
C SER B 2 -4.38 -15.90 -22.80
N HIS B 3 -4.54 -14.61 -22.65
CA HIS B 3 -5.89 -14.04 -22.42
C HIS B 3 -6.58 -14.75 -21.25
N MET B 4 -5.95 -14.75 -20.10
CA MET B 4 -6.57 -15.42 -18.92
C MET B 4 -7.54 -14.47 -18.21
N SER B 5 -7.01 -13.57 -17.43
CA SER B 5 -7.90 -12.61 -16.71
C SER B 5 -7.10 -11.41 -16.21
N LYS B 6 -7.65 -10.64 -15.32
CA LYS B 6 -6.91 -9.45 -14.79
C LYS B 6 -6.44 -8.57 -15.95
N GLU B 7 -7.29 -7.71 -16.44
CA GLU B 7 -6.87 -6.82 -17.57
C GLU B 7 -7.65 -5.50 -17.51
N PRO B 8 -6.97 -4.46 -17.07
CA PRO B 8 -7.63 -3.15 -16.94
C PRO B 8 -7.69 -2.41 -18.28
N ARG B 9 -7.29 -3.05 -19.35
CA ARG B 9 -7.38 -2.43 -20.70
C ARG B 9 -7.04 -0.92 -20.67
N ASP B 10 -7.90 -0.07 -21.15
CA ASP B 10 -7.60 1.40 -21.12
C ASP B 10 -7.13 1.83 -19.72
N PRO B 11 -5.92 2.33 -19.62
CA PRO B 11 -5.38 2.76 -18.30
C PRO B 11 -6.29 3.81 -17.68
N ASP B 12 -6.90 4.65 -18.48
CA ASP B 12 -7.80 5.69 -17.93
C ASP B 12 -8.91 5.04 -17.10
N GLN B 13 -9.45 3.95 -17.56
CA GLN B 13 -10.53 3.26 -16.80
C GLN B 13 -10.04 2.94 -15.39
N LEU B 14 -8.82 2.53 -15.25
CA LEU B 14 -8.28 2.22 -13.90
C LEU B 14 -7.87 3.50 -13.17
N TYR B 15 -7.47 4.51 -13.91
CA TYR B 15 -7.05 5.79 -13.27
C TYR B 15 -8.06 6.22 -12.20
N SER B 16 -9.32 6.30 -12.56
CA SER B 16 -10.34 6.68 -11.56
C SER B 16 -10.60 5.51 -10.62
N THR B 17 -10.31 4.31 -11.06
CA THR B 17 -10.50 3.13 -10.17
C THR B 17 -9.47 3.18 -9.04
N LEU B 18 -8.20 3.20 -9.38
CA LEU B 18 -7.17 3.32 -8.31
C LEU B 18 -7.49 4.56 -7.47
N LYS B 19 -7.98 5.59 -8.12
CA LYS B 19 -8.39 6.81 -7.37
C LYS B 19 -9.50 6.44 -6.39
N SER B 20 -10.41 5.60 -6.81
CA SER B 20 -11.52 5.19 -5.90
C SER B 20 -10.96 4.38 -4.73
N ILE B 21 -10.28 3.30 -5.00
CA ILE B 21 -9.72 2.50 -3.87
C ILE B 21 -8.86 3.40 -2.97
N LEU B 22 -8.15 4.32 -3.55
CA LEU B 22 -7.31 5.26 -2.75
C LEU B 22 -8.19 6.28 -2.07
N GLN B 23 -9.24 6.67 -2.73
CA GLN B 23 -10.17 7.67 -2.15
C GLN B 23 -10.72 7.16 -0.81
N GLN B 24 -11.08 5.90 -0.75
CA GLN B 24 -11.57 5.36 0.56
C GLN B 24 -10.39 4.94 1.43
N VAL B 25 -9.25 4.67 0.84
CA VAL B 25 -8.07 4.24 1.64
C VAL B 25 -7.45 5.47 2.35
N LYS B 26 -7.26 6.55 1.65
CA LYS B 26 -6.67 7.75 2.28
C LYS B 26 -7.56 8.22 3.43
N SER B 27 -8.86 8.20 3.24
CA SER B 27 -9.77 8.64 4.33
C SER B 27 -10.07 7.47 5.28
N HIS B 28 -9.37 6.37 5.15
CA HIS B 28 -9.63 5.23 6.06
C HIS B 28 -8.94 5.43 7.40
N GLN B 29 -9.54 4.94 8.46
CA GLN B 29 -8.92 5.11 9.80
C GLN B 29 -7.80 4.07 10.03
N SER B 30 -7.50 3.27 9.04
CA SER B 30 -6.43 2.25 9.22
C SER B 30 -5.25 2.51 8.29
N ALA B 31 -5.40 3.42 7.35
CA ALA B 31 -4.27 3.71 6.42
C ALA B 31 -3.20 4.58 7.09
N TRP B 32 -3.34 4.88 8.36
CA TRP B 32 -2.31 5.73 9.03
C TRP B 32 -0.90 5.18 8.79
N PRO B 33 -0.65 3.93 9.13
CA PRO B 33 0.70 3.34 8.91
C PRO B 33 1.12 3.52 7.46
N PHE B 34 0.20 3.45 6.56
CA PHE B 34 0.55 3.51 5.11
C PHE B 34 0.72 4.96 4.66
N MET B 35 0.07 5.89 5.31
CA MET B 35 0.22 7.31 4.89
C MET B 35 1.50 7.93 5.44
N GLU B 36 2.32 7.17 6.12
CA GLU B 36 3.57 7.74 6.66
C GLU B 36 4.77 7.04 6.02
N PRO B 37 5.85 7.77 5.87
CA PRO B 37 7.06 7.21 5.24
C PRO B 37 7.99 6.61 6.30
N VAL B 38 8.43 5.39 6.12
CA VAL B 38 9.35 4.77 7.12
C VAL B 38 10.51 5.74 7.45
N LYS B 39 11.54 5.81 6.66
CA LYS B 39 12.66 6.75 6.94
C LYS B 39 13.76 6.59 5.89
N ARG B 40 14.05 5.38 5.49
CA ARG B 40 15.13 5.17 4.49
C ARG B 40 16.45 5.76 4.98
N THR B 41 16.58 5.92 6.27
CA THR B 41 17.84 6.50 6.83
C THR B 41 18.00 6.08 8.30
N GLU B 42 16.93 6.08 9.05
CA GLU B 42 17.03 5.67 10.49
C GLU B 42 16.10 4.49 10.78
N ALA B 43 15.56 3.88 9.76
CA ALA B 43 14.68 2.69 9.98
C ALA B 43 15.42 1.43 9.53
N PRO B 44 16.45 1.06 10.26
CA PRO B 44 17.25 -0.13 9.91
C PRO B 44 16.36 -1.38 9.84
N GLY B 45 16.79 -2.37 9.11
CA GLY B 45 15.97 -3.61 8.98
C GLY B 45 15.14 -3.52 7.70
N TYR B 46 14.85 -2.33 7.25
CA TYR B 46 14.05 -2.18 6.00
C TYR B 46 14.84 -2.70 4.81
N TYR B 47 14.61 -3.94 4.44
CA TYR B 47 15.35 -4.54 3.29
C TYR B 47 14.86 -5.97 3.07
N GLU B 48 14.74 -6.72 4.14
CA GLU B 48 14.23 -8.10 4.02
C GLU B 48 12.80 -8.19 4.59
N VAL B 49 12.29 -7.11 5.11
CA VAL B 49 10.90 -7.14 5.66
C VAL B 49 9.97 -6.35 4.75
N ILE B 50 10.51 -5.42 4.00
CA ILE B 50 9.65 -4.63 3.07
C ILE B 50 10.20 -4.74 1.65
N ARG B 51 9.64 -5.62 0.85
CA ARG B 51 10.13 -5.77 -0.55
C ARG B 51 10.29 -4.41 -1.22
N PHE B 52 9.23 -3.64 -1.26
CA PHE B 52 9.30 -2.30 -1.89
C PHE B 52 8.70 -1.25 -0.94
N PRO B 53 9.52 -0.78 -0.01
CA PRO B 53 9.08 0.27 0.95
C PRO B 53 8.10 1.26 0.32
N MET B 54 6.82 0.97 0.40
CA MET B 54 5.80 1.86 -0.22
C MET B 54 4.91 2.47 0.86
N ASP B 55 4.04 3.38 0.47
CA ASP B 55 3.14 4.01 1.48
C ASP B 55 2.23 5.03 0.81
N LEU B 56 1.00 5.14 1.26
CA LEU B 56 0.09 6.17 0.68
C LEU B 56 0.80 7.54 0.73
N LYS B 57 1.65 7.72 1.70
CA LYS B 57 2.44 8.98 1.79
C LYS B 57 3.06 9.32 0.43
N THR B 58 3.58 8.33 -0.25
CA THR B 58 4.21 8.59 -1.59
C THR B 58 3.35 7.97 -2.71
N MET B 59 2.67 6.88 -2.45
CA MET B 59 1.84 6.27 -3.53
C MET B 59 0.85 7.28 -4.07
N SER B 60 0.22 8.02 -3.21
CA SER B 60 -0.78 9.01 -3.68
C SER B 60 -0.13 9.97 -4.68
N GLU B 61 1.11 10.31 -4.45
CA GLU B 61 1.81 11.22 -5.40
C GLU B 61 1.90 10.59 -6.79
N ARG B 62 1.80 9.28 -6.85
CA ARG B 62 1.85 8.60 -8.18
C ARG B 62 0.52 8.79 -8.90
N LEU B 63 -0.56 8.38 -8.28
CA LEU B 63 -1.89 8.59 -8.89
C LEU B 63 -2.06 10.07 -9.21
N LYS B 64 -1.64 10.93 -8.32
CA LYS B 64 -1.69 12.39 -8.60
C LYS B 64 -0.88 12.66 -9.87
N ASN B 65 0.19 11.93 -10.03
CA ASN B 65 1.00 12.08 -11.27
C ASN B 65 0.56 11.02 -12.30
N ARG B 66 -0.61 10.47 -12.13
CA ARG B 66 -1.11 9.44 -13.07
C ARG B 66 -0.06 8.34 -13.25
N TYR B 67 0.74 8.09 -12.25
CA TYR B 67 1.75 7.01 -12.36
C TYR B 67 1.07 5.64 -12.26
N TYR B 68 0.32 5.42 -11.21
CA TYR B 68 -0.39 4.11 -11.09
C TYR B 68 -1.72 4.16 -11.84
N VAL B 69 -1.78 3.59 -13.02
CA VAL B 69 -3.03 3.63 -13.80
C VAL B 69 -3.46 2.22 -14.22
N SER B 70 -3.13 1.23 -13.43
CA SER B 70 -3.53 -0.16 -13.77
C SER B 70 -3.51 -1.04 -12.52
N LYS B 71 -4.29 -2.09 -12.51
CA LYS B 71 -4.33 -2.97 -11.31
C LYS B 71 -2.93 -3.52 -11.00
N LYS B 72 -2.15 -3.84 -12.01
CA LYS B 72 -0.79 -4.38 -11.75
C LYS B 72 0.05 -3.36 -10.97
N LEU B 73 -0.13 -2.10 -11.24
CA LEU B 73 0.66 -1.06 -10.51
C LEU B 73 0.06 -0.80 -9.13
N PHE B 74 -1.19 -0.43 -9.09
CA PHE B 74 -1.83 -0.14 -7.78
C PHE B 74 -1.86 -1.37 -6.91
N MET B 75 -2.54 -2.38 -7.35
CA MET B 75 -2.73 -3.56 -6.49
C MET B 75 -1.39 -4.06 -5.95
N ALA B 76 -0.35 -3.84 -6.69
CA ALA B 76 1.00 -4.29 -6.23
C ALA B 76 1.50 -3.39 -5.10
N ASP B 77 1.84 -2.17 -5.41
CA ASP B 77 2.36 -1.25 -4.35
C ASP B 77 1.41 -1.21 -3.16
N LEU B 78 0.14 -0.97 -3.38
CA LEU B 78 -0.82 -0.93 -2.25
C LEU B 78 -0.73 -2.25 -1.46
N GLN B 79 -0.86 -3.36 -2.12
CA GLN B 79 -0.73 -4.65 -1.39
C GLN B 79 0.65 -4.73 -0.75
N ARG B 80 1.64 -4.19 -1.42
CA ARG B 80 3.01 -4.19 -0.84
C ARG B 80 2.99 -3.47 0.51
N VAL B 81 2.12 -2.51 0.67
CA VAL B 81 2.03 -1.82 1.99
C VAL B 81 1.34 -2.75 2.99
N PHE B 82 0.16 -3.23 2.66
CA PHE B 82 -0.54 -4.17 3.58
C PHE B 82 0.36 -5.36 3.90
N THR B 83 0.69 -6.12 2.89
CA THR B 83 1.54 -7.34 3.11
C THR B 83 2.81 -7.00 3.88
N ASN B 84 3.69 -6.23 3.31
CA ASN B 84 4.97 -5.92 4.02
C ASN B 84 4.72 -5.43 5.44
N CYS B 85 3.79 -4.52 5.61
CA CYS B 85 3.51 -3.99 6.98
C CYS B 85 3.23 -5.15 7.94
N LYS B 86 2.63 -6.20 7.46
CA LYS B 86 2.35 -7.37 8.35
C LYS B 86 3.62 -8.21 8.56
N GLU B 87 4.72 -7.81 7.97
CA GLU B 87 5.97 -8.59 8.14
C GLU B 87 6.81 -8.01 9.29
N TYR B 88 6.74 -6.73 9.49
CA TYR B 88 7.53 -6.10 10.58
C TYR B 88 6.60 -5.71 11.74
N ASN B 89 5.62 -4.89 11.46
CA ASN B 89 4.69 -4.42 12.53
C ASN B 89 4.21 -5.59 13.40
N PRO B 90 3.71 -5.26 14.57
CA PRO B 90 3.22 -6.29 15.51
C PRO B 90 2.35 -7.32 14.81
N PRO B 91 2.41 -8.54 15.27
CA PRO B 91 1.55 -9.58 14.69
C PRO B 91 0.08 -9.22 14.90
N GLU B 92 -0.20 -8.29 15.79
CA GLU B 92 -1.62 -7.88 16.05
C GLU B 92 -1.67 -6.89 17.21
N SER B 93 -1.06 -5.74 17.06
CA SER B 93 -1.06 -4.76 18.19
C SER B 93 -1.66 -3.42 17.75
N GLU B 94 -1.00 -2.72 16.86
CA GLU B 94 -1.54 -1.40 16.44
C GLU B 94 -1.27 -1.15 14.95
N TYR B 95 -0.10 -1.46 14.48
CA TYR B 95 0.22 -1.21 13.05
C TYR B 95 -0.38 -2.32 12.17
N TYR B 96 -0.37 -3.53 12.64
CA TYR B 96 -0.93 -4.65 11.83
C TYR B 96 -2.46 -4.66 11.93
N LYS B 97 -2.99 -4.33 13.08
CA LYS B 97 -4.47 -4.33 13.25
C LYS B 97 -5.13 -3.50 12.15
N CYS B 98 -4.44 -2.53 11.61
CA CYS B 98 -5.04 -1.69 10.54
C CYS B 98 -4.98 -2.40 9.19
N ALA B 99 -3.89 -3.09 8.92
CA ALA B 99 -3.77 -3.78 7.61
C ALA B 99 -5.00 -4.65 7.36
N ASN B 100 -5.33 -5.52 8.27
CA ASN B 100 -6.51 -6.40 8.07
C ASN B 100 -7.75 -5.58 7.68
N ILE B 101 -7.99 -4.50 8.38
CA ILE B 101 -9.19 -3.67 8.05
C ILE B 101 -9.02 -2.98 6.70
N LEU B 102 -8.03 -2.15 6.57
CA LEU B 102 -7.84 -1.42 5.28
C LEU B 102 -7.57 -2.41 4.14
N GLU B 103 -7.17 -3.61 4.44
CA GLU B 103 -6.94 -4.61 3.37
C GLU B 103 -8.27 -5.23 2.95
N LYS B 104 -9.18 -5.39 3.86
CA LYS B 104 -10.49 -5.98 3.51
C LYS B 104 -11.40 -4.95 2.87
N PHE B 105 -11.29 -3.71 3.28
CA PHE B 105 -12.17 -2.66 2.70
C PHE B 105 -11.83 -2.44 1.21
N PHE B 106 -10.59 -2.21 0.91
CA PHE B 106 -10.22 -1.99 -0.53
C PHE B 106 -10.39 -3.31 -1.30
N PHE B 107 -10.33 -4.42 -0.63
CA PHE B 107 -10.52 -5.72 -1.32
C PHE B 107 -11.86 -5.74 -2.04
N SER B 108 -12.90 -5.28 -1.38
CA SER B 108 -14.24 -5.26 -2.03
C SER B 108 -14.25 -4.28 -3.20
N LYS B 109 -13.43 -3.26 -3.15
CA LYS B 109 -13.40 -2.29 -4.28
C LYS B 109 -12.55 -2.85 -5.42
N ILE B 110 -11.41 -3.41 -5.12
CA ILE B 110 -10.55 -3.95 -6.21
C ILE B 110 -11.21 -5.18 -6.84
N LYS B 111 -11.83 -6.01 -6.04
CA LYS B 111 -12.52 -7.20 -6.61
C LYS B 111 -13.70 -6.74 -7.47
N GLU B 112 -14.40 -5.74 -7.01
CA GLU B 112 -15.54 -5.21 -7.81
C GLU B 112 -15.01 -4.32 -8.93
N ALA B 113 -13.89 -3.69 -8.71
CA ALA B 113 -13.28 -2.83 -9.76
C ALA B 113 -12.65 -3.68 -10.86
N GLY B 114 -12.52 -4.96 -10.64
CA GLY B 114 -11.90 -5.84 -11.67
C GLY B 114 -10.39 -5.83 -11.47
N LEU B 115 -9.94 -5.63 -10.26
CA LEU B 115 -8.47 -5.60 -10.00
C LEU B 115 -7.99 -7.00 -9.68
N ILE B 116 -8.64 -7.64 -8.73
CA ILE B 116 -8.23 -9.00 -8.33
C ILE B 116 -9.01 -10.05 -9.14
N ASP B 117 -10.09 -9.66 -9.75
CA ASP B 117 -10.88 -10.64 -10.56
C ASP B 117 -11.22 -11.88 -9.74
N LYS B 118 -11.29 -11.75 -8.44
CA LYS B 118 -11.62 -12.92 -7.59
C LYS B 118 -13.04 -12.80 -7.03
N SER A 1 -17.24 3.11 -13.34
CA SER A 1 -18.22 2.44 -12.45
C SER A 1 -17.60 2.16 -11.08
N TYR A 2 -17.09 3.17 -10.43
CA TYR A 2 -16.46 2.97 -9.08
C TYR A 2 -15.34 1.93 -9.16
N GLY A 3 -14.11 2.36 -9.09
CA GLY A 3 -12.98 1.38 -9.15
C GLY A 3 -13.08 0.55 -10.42
N ARG A 4 -12.07 -0.23 -10.71
CA ARG A 4 -12.10 -1.09 -11.93
C ARG A 4 -10.89 -2.02 -11.96
N LYS A 6 -8.59 -2.87 -14.37
CA LYS A 6 -8.68 -3.81 -15.53
C LYS A 6 -7.58 -3.50 -16.56
N ARG A 7 -7.29 -4.43 -17.43
CA ARG A 7 -6.24 -4.18 -18.45
C ARG A 7 -6.85 -3.52 -19.69
N ARG A 8 -6.79 -2.22 -19.77
CA ARG A 8 -7.38 -1.52 -20.95
C ARG A 8 -8.83 -1.92 -21.13
N GLN A 9 -9.49 -1.41 -22.13
CA GLN A 9 -10.92 -1.76 -22.36
C GLN A 9 -11.27 -1.67 -23.85
N ARG A 10 -10.78 -0.68 -24.53
CA ARG A 10 -11.08 -0.55 -25.98
C ARG A 10 -9.80 -0.67 -26.81
N CYS A 11 -9.92 -0.65 -28.11
CA CYS A 11 -8.70 -0.77 -28.97
C CYS A 11 -8.81 0.17 -30.18
N GLY B 1 4.12 20.54 18.48
CA GLY B 1 4.27 19.81 19.77
C GLY B 1 4.83 18.40 19.50
N SER B 2 6.07 18.17 19.86
CA SER B 2 6.66 16.82 19.63
C SER B 2 5.82 15.75 20.31
N HIS B 3 6.05 14.50 19.97
CA HIS B 3 5.26 13.40 20.60
C HIS B 3 6.13 12.16 20.77
N MET B 4 5.88 11.39 21.80
CA MET B 4 6.70 10.17 22.02
C MET B 4 5.92 8.92 21.57
N SER B 5 5.21 9.02 20.48
CA SER B 5 4.44 7.85 20.00
C SER B 5 4.24 7.94 18.48
N LYS B 6 4.09 6.81 17.83
CA LYS B 6 3.91 6.82 16.36
C LYS B 6 5.00 7.64 15.67
N GLU B 7 6.14 7.78 16.29
CA GLU B 7 7.24 8.56 15.68
C GLU B 7 8.37 7.62 15.23
N PRO B 8 8.89 7.87 14.04
CA PRO B 8 9.98 7.02 13.53
C PRO B 8 11.35 7.50 14.04
N ARG B 9 11.37 8.50 14.89
CA ARG B 9 12.67 9.00 15.43
C ARG B 9 13.64 9.38 14.30
N ASP B 10 14.42 8.45 13.82
CA ASP B 10 15.37 8.77 12.73
C ASP B 10 14.87 8.23 11.38
N PRO B 11 15.11 8.97 10.33
CA PRO B 11 14.66 8.52 8.99
C PRO B 11 15.35 7.21 8.60
N ASP B 12 16.66 7.20 8.60
CA ASP B 12 17.40 5.95 8.25
C ASP B 12 16.85 4.76 9.03
N GLN B 13 16.62 4.94 10.30
CA GLN B 13 16.07 3.82 11.12
C GLN B 13 14.80 3.27 10.45
N LEU B 14 14.04 4.12 9.84
CA LEU B 14 12.80 3.66 9.14
C LEU B 14 13.16 3.08 7.78
N TYR B 15 14.19 3.58 7.16
CA TYR B 15 14.61 3.08 5.83
C TYR B 15 14.62 1.55 5.81
N SER B 16 15.37 0.95 6.69
CA SER B 16 15.41 -0.53 6.74
C SER B 16 14.11 -1.06 7.35
N THR B 17 13.44 -0.26 8.14
CA THR B 17 12.14 -0.72 8.71
C THR B 17 11.15 -0.95 7.58
N LEU B 18 10.84 0.09 6.83
CA LEU B 18 9.93 -0.10 5.67
C LEU B 18 10.48 -1.20 4.78
N LYS B 19 11.78 -1.29 4.70
CA LYS B 19 12.40 -2.37 3.90
C LYS B 19 11.95 -3.73 4.44
N SER B 20 11.96 -3.89 5.73
CA SER B 20 11.53 -5.19 6.34
C SER B 20 10.03 -5.42 6.13
N ILE B 21 9.20 -4.51 6.60
CA ILE B 21 7.73 -4.68 6.42
C ILE B 21 7.42 -5.00 4.95
N LEU B 22 7.93 -4.21 4.04
CA LEU B 22 7.68 -4.48 2.60
C LEU B 22 8.43 -5.74 2.16
N GLN B 23 9.59 -5.98 2.71
CA GLN B 23 10.35 -7.20 2.32
C GLN B 23 9.47 -8.44 2.45
N GLN B 24 8.67 -8.50 3.48
CA GLN B 24 7.80 -9.70 3.64
C GLN B 24 6.55 -9.56 2.76
N VAL B 25 6.04 -8.36 2.57
CA VAL B 25 4.84 -8.22 1.69
C VAL B 25 5.25 -8.21 0.21
N LYS B 26 6.52 -8.34 -0.07
CA LYS B 26 6.95 -8.35 -1.49
C LYS B 26 6.75 -9.74 -2.07
N SER B 27 7.14 -10.75 -1.35
CA SER B 27 6.89 -12.13 -1.81
C SER B 27 5.61 -12.65 -1.13
N HIS B 28 4.73 -11.75 -0.79
CA HIS B 28 3.48 -12.15 -0.09
C HIS B 28 2.52 -12.88 -1.02
N GLN B 29 1.88 -13.90 -0.55
CA GLN B 29 0.91 -14.65 -1.40
C GLN B 29 -0.28 -13.75 -1.77
N SER B 30 -0.41 -12.61 -1.15
CA SER B 30 -1.54 -11.70 -1.48
C SER B 30 -1.02 -10.33 -1.90
N ALA B 31 0.27 -10.16 -1.99
CA ALA B 31 0.81 -8.85 -2.41
C ALA B 31 0.72 -8.68 -3.94
N TRP B 32 0.32 -9.70 -4.65
CA TRP B 32 0.21 -9.54 -6.12
C TRP B 32 -0.72 -8.36 -6.45
N PRO B 33 -1.92 -8.35 -5.88
CA PRO B 33 -2.85 -7.22 -6.12
C PRO B 33 -2.14 -5.89 -5.96
N PHE B 34 -1.10 -5.86 -5.19
CA PHE B 34 -0.44 -4.56 -4.90
C PHE B 34 0.95 -4.49 -5.53
N MET B 35 1.16 -5.16 -6.63
CA MET B 35 2.49 -5.07 -7.30
C MET B 35 2.34 -4.60 -8.74
N GLU B 36 1.21 -4.07 -9.09
CA GLU B 36 1.02 -3.58 -10.49
C GLU B 36 0.28 -2.24 -10.48
N PRO B 37 0.41 -1.51 -11.56
CA PRO B 37 -0.25 -0.19 -11.67
C PRO B 37 -1.66 -0.33 -12.24
N VAL B 38 -2.60 0.40 -11.71
CA VAL B 38 -4.00 0.31 -12.26
C VAL B 38 -4.05 0.92 -13.66
N LYS B 39 -4.44 2.17 -13.79
CA LYS B 39 -4.48 2.80 -15.13
C LYS B 39 -4.88 4.27 -15.01
N ARG B 40 -4.21 5.13 -15.72
CA ARG B 40 -4.54 6.58 -15.65
C ARG B 40 -5.30 6.99 -16.90
N THR B 41 -6.22 6.17 -17.34
CA THR B 41 -7.00 6.48 -18.57
C THR B 41 -8.07 5.42 -18.82
N GLU B 42 -7.78 4.19 -18.50
CA GLU B 42 -8.77 3.10 -18.74
C GLU B 42 -9.22 2.49 -17.41
N ALA B 43 -9.17 3.24 -16.35
CA ALA B 43 -9.63 2.72 -15.03
C ALA B 43 -10.81 3.56 -14.53
N PRO B 44 -11.99 3.29 -15.07
CA PRO B 44 -13.19 4.07 -14.68
C PRO B 44 -13.52 3.88 -13.20
N GLY B 45 -14.21 4.81 -12.61
CA GLY B 45 -14.57 4.68 -11.17
C GLY B 45 -13.49 5.37 -10.31
N TYR B 46 -12.25 5.27 -10.71
CA TYR B 46 -11.16 5.90 -9.93
C TYR B 46 -11.41 7.40 -9.77
N TYR B 47 -10.45 8.12 -9.25
CA TYR B 47 -10.66 9.59 -9.05
C TYR B 47 -11.93 9.81 -8.22
N GLU B 48 -12.21 8.91 -7.31
CA GLU B 48 -13.42 9.05 -6.46
C GLU B 48 -13.43 7.98 -5.36
N VAL B 49 -12.94 6.81 -5.66
CA VAL B 49 -12.87 5.74 -4.63
C VAL B 49 -11.42 5.42 -4.30
N ILE B 50 -10.52 5.72 -5.21
CA ILE B 50 -9.09 5.41 -4.95
C ILE B 50 -8.33 6.67 -4.59
N ARG B 51 -8.12 6.87 -3.33
CA ARG B 51 -7.34 8.05 -2.87
C ARG B 51 -5.90 7.97 -3.38
N PHE B 52 -5.69 8.26 -4.63
CA PHE B 52 -4.30 8.20 -5.20
C PHE B 52 -3.84 6.74 -5.34
N PRO B 53 -4.47 6.04 -6.26
CA PRO B 53 -4.15 4.62 -6.54
C PRO B 53 -2.65 4.34 -6.42
N MET B 54 -2.27 3.48 -5.52
CA MET B 54 -0.83 3.16 -5.36
C MET B 54 -0.62 1.65 -5.33
N ASP B 55 0.60 1.22 -5.20
CA ASP B 55 0.91 -0.24 -5.16
C ASP B 55 2.41 -0.43 -5.02
N LEU B 56 2.85 -1.60 -4.60
CA LEU B 56 4.33 -1.84 -4.50
C LEU B 56 4.97 -1.46 -5.84
N LYS B 57 4.26 -1.68 -6.92
CA LYS B 57 4.74 -1.23 -8.25
C LYS B 57 5.26 0.21 -8.19
N THR B 58 4.53 1.06 -7.51
CA THR B 58 4.96 2.48 -7.40
C THR B 58 5.54 2.77 -6.02
N MET B 59 5.15 2.02 -5.02
CA MET B 59 5.66 2.27 -3.65
C MET B 59 7.09 1.77 -3.50
N SER B 60 7.33 0.51 -3.79
CA SER B 60 8.71 -0.04 -3.64
C SER B 60 9.71 0.85 -4.38
N GLU B 61 9.30 1.48 -5.44
CA GLU B 61 10.25 2.35 -6.20
C GLU B 61 10.71 3.52 -5.32
N ARG B 62 9.88 3.96 -4.41
CA ARG B 62 10.29 5.07 -3.51
C ARG B 62 11.39 4.59 -2.57
N LEU B 63 11.15 3.53 -1.84
CA LEU B 63 12.22 2.98 -0.97
C LEU B 63 13.42 2.63 -1.85
N LYS B 64 13.15 2.10 -3.00
CA LYS B 64 14.26 1.82 -3.96
C LYS B 64 14.99 3.14 -4.25
N ASN B 65 14.27 4.24 -4.18
CA ASN B 65 14.91 5.56 -4.39
C ASN B 65 15.03 6.30 -3.05
N ARG B 66 14.90 5.59 -1.96
CA ARG B 66 14.98 6.23 -0.62
C ARG B 66 14.12 7.50 -0.56
N TYR B 67 12.85 7.37 -0.83
CA TYR B 67 11.94 8.56 -0.77
C TYR B 67 11.04 8.44 0.46
N TYR B 68 10.35 7.35 0.60
CA TYR B 68 9.47 7.16 1.80
C TYR B 68 10.30 6.66 2.99
N VAL B 69 10.11 7.26 4.14
CA VAL B 69 10.90 6.84 5.33
C VAL B 69 10.25 7.36 6.61
N SER B 70 9.00 7.01 6.85
CA SER B 70 8.33 7.50 8.07
C SER B 70 6.93 6.88 8.19
N LYS B 71 6.23 7.20 9.25
CA LYS B 71 4.86 6.63 9.43
C LYS B 71 3.90 7.25 8.41
N LYS B 72 3.61 8.51 8.52
CA LYS B 72 2.68 9.16 7.56
C LYS B 72 3.11 8.88 6.12
N LEU B 73 4.37 8.64 5.90
CA LEU B 73 4.84 8.36 4.52
C LEU B 73 4.58 6.90 4.15
N PHE B 74 5.23 5.99 4.82
CA PHE B 74 5.06 4.54 4.49
C PHE B 74 3.63 4.08 4.77
N MET B 75 3.19 4.20 6.00
CA MET B 75 1.82 3.73 6.34
C MET B 75 0.79 4.37 5.40
N ALA B 76 1.11 5.47 4.78
CA ALA B 76 0.13 6.12 3.86
C ALA B 76 0.03 5.34 2.56
N ASP B 77 1.11 5.27 1.81
CA ASP B 77 1.07 4.52 0.53
C ASP B 77 0.51 3.12 0.74
N LEU B 78 1.04 2.39 1.69
CA LEU B 78 0.50 1.03 1.95
C LEU B 78 -1.00 1.11 2.22
N GLN B 79 -1.41 2.00 3.09
CA GLN B 79 -2.87 2.15 3.33
C GLN B 79 -3.57 2.53 2.03
N ARG B 80 -3.01 3.46 1.31
CA ARG B 80 -3.61 3.86 0.01
C ARG B 80 -3.81 2.64 -0.88
N VAL B 81 -3.03 1.61 -0.70
CA VAL B 81 -3.20 0.39 -1.53
C VAL B 81 -4.32 -0.49 -0.96
N PHE B 82 -4.30 -0.74 0.32
CA PHE B 82 -5.36 -1.57 0.94
C PHE B 82 -6.64 -0.76 1.09
N THR B 83 -6.55 0.40 1.67
CA THR B 83 -7.74 1.26 1.85
C THR B 83 -8.51 1.40 0.53
N ASN B 84 -7.82 1.72 -0.54
CA ASN B 84 -8.52 1.86 -1.85
C ASN B 84 -8.97 0.47 -2.34
N CYS B 85 -8.09 -0.50 -2.32
CA CYS B 85 -8.45 -1.87 -2.79
C CYS B 85 -9.77 -2.31 -2.16
N LYS B 86 -9.86 -2.28 -0.85
CA LYS B 86 -11.14 -2.69 -0.19
C LYS B 86 -12.23 -1.66 -0.48
N GLU B 87 -11.87 -0.49 -0.93
CA GLU B 87 -12.89 0.55 -1.24
C GLU B 87 -13.69 0.18 -2.48
N TYR B 88 -13.31 -0.87 -3.18
CA TYR B 88 -14.07 -1.24 -4.41
C TYR B 88 -14.07 -2.77 -4.62
N ASN B 89 -12.94 -3.41 -4.47
CA ASN B 89 -12.87 -4.87 -4.74
C ASN B 89 -14.05 -5.64 -4.14
N PRO B 90 -14.22 -6.85 -4.61
CA PRO B 90 -15.34 -7.70 -4.11
C PRO B 90 -15.23 -7.93 -2.60
N PRO B 91 -16.36 -8.06 -1.96
CA PRO B 91 -16.37 -8.28 -0.49
C PRO B 91 -15.61 -9.56 -0.14
N GLU B 92 -14.32 -9.47 0.04
CA GLU B 92 -13.52 -10.67 0.39
C GLU B 92 -13.76 -11.79 -0.63
N SER B 93 -13.31 -11.60 -1.85
CA SER B 93 -13.49 -12.65 -2.88
C SER B 93 -12.19 -12.91 -3.62
N GLU B 94 -11.72 -11.94 -4.36
CA GLU B 94 -10.44 -12.13 -5.11
C GLU B 94 -9.42 -11.08 -4.67
N TYR B 95 -9.80 -9.84 -4.72
CA TYR B 95 -8.86 -8.75 -4.32
C TYR B 95 -8.84 -8.59 -2.79
N TYR B 96 -9.96 -8.25 -2.22
CA TYR B 96 -10.04 -8.03 -0.74
C TYR B 96 -9.35 -9.16 0.02
N LYS B 97 -9.57 -10.39 -0.38
CA LYS B 97 -8.94 -11.53 0.36
C LYS B 97 -7.44 -11.29 0.58
N CYS B 98 -6.81 -10.60 -0.33
CA CYS B 98 -5.36 -10.31 -0.16
C CYS B 98 -5.17 -9.13 0.78
N ALA B 99 -5.82 -8.03 0.51
CA ALA B 99 -5.69 -6.85 1.40
C ALA B 99 -5.95 -7.26 2.85
N ASN B 100 -6.75 -8.27 3.05
CA ASN B 100 -7.00 -8.76 4.43
C ASN B 100 -5.76 -9.46 4.97
N ILE B 101 -5.24 -10.41 4.23
CA ILE B 101 -4.01 -11.11 4.66
C ILE B 101 -2.86 -10.11 4.81
N LEU B 102 -2.50 -9.47 3.74
CA LEU B 102 -1.38 -8.49 3.81
C LEU B 102 -1.59 -7.49 4.95
N GLU B 103 -2.76 -6.90 5.04
CA GLU B 103 -3.02 -5.91 6.12
C GLU B 103 -2.63 -6.51 7.48
N LYS B 104 -2.99 -7.73 7.72
CA LYS B 104 -2.66 -8.35 9.03
C LYS B 104 -1.19 -8.77 9.07
N PHE B 105 -0.64 -9.13 7.94
CA PHE B 105 0.79 -9.56 7.91
C PHE B 105 1.72 -8.38 8.18
N PHE B 106 1.47 -7.26 7.56
CA PHE B 106 2.37 -6.08 7.78
C PHE B 106 1.96 -5.36 9.08
N PHE B 107 0.73 -5.54 9.52
CA PHE B 107 0.30 -4.89 10.78
C PHE B 107 1.18 -5.35 11.94
N SER B 108 1.51 -6.62 11.96
CA SER B 108 2.39 -7.14 13.05
C SER B 108 3.76 -6.49 12.97
N LYS B 109 4.22 -6.17 11.79
CA LYS B 109 5.56 -5.53 11.66
C LYS B 109 5.47 -4.04 11.95
N ILE B 110 4.69 -3.31 11.21
CA ILE B 110 4.60 -1.84 11.45
C ILE B 110 4.32 -1.56 12.93
N LYS B 111 3.53 -2.38 13.57
CA LYS B 111 3.23 -2.15 15.01
C LYS B 111 4.47 -2.52 15.85
N GLU B 112 5.04 -3.65 15.58
CA GLU B 112 6.27 -4.06 16.33
C GLU B 112 7.44 -3.16 15.93
N ALA B 113 7.38 -2.61 14.76
CA ALA B 113 8.46 -1.69 14.29
C ALA B 113 8.33 -0.35 15.01
N GLY B 114 7.13 0.01 15.35
CA GLY B 114 6.92 1.31 16.04
C GLY B 114 6.20 2.28 15.09
N LEU B 115 5.62 1.80 14.03
CA LEU B 115 4.91 2.73 13.11
C LEU B 115 3.52 3.00 13.68
N ILE B 116 2.94 2.02 14.31
CA ILE B 116 1.61 2.23 14.92
C ILE B 116 1.65 1.76 16.35
N ASP B 117 2.41 2.44 17.15
CA ASP B 117 2.46 2.09 18.59
C ASP B 117 1.08 2.26 19.23
N LYS B 118 0.12 2.77 18.50
CA LYS B 118 -1.24 2.95 19.08
C LYS B 118 -2.05 1.67 18.96
N SER A 1 7.67 -6.87 16.04
CA SER A 1 8.40 -5.57 16.05
C SER A 1 9.59 -5.63 15.09
N TYR A 2 9.36 -5.39 13.83
CA TYR A 2 10.48 -5.42 12.84
C TYR A 2 10.70 -4.05 12.23
N GLY A 3 9.69 -3.21 12.25
CA GLY A 3 9.85 -1.85 11.66
C GLY A 3 9.94 -0.82 12.80
N ARG A 4 9.48 0.38 12.56
CA ARG A 4 9.53 1.42 13.64
C ARG A 4 8.84 2.69 13.16
N LYS A 6 9.46 5.90 13.62
CA LYS A 6 9.22 6.79 14.79
C LYS A 6 10.17 8.00 14.75
N ARG A 7 10.76 8.37 15.86
CA ARG A 7 11.70 9.53 15.86
C ARG A 7 13.02 9.15 15.19
N ARG A 8 13.74 10.10 14.68
CA ARG A 8 15.03 9.79 13.99
C ARG A 8 15.89 8.83 14.84
N GLN A 9 16.83 8.17 14.21
CA GLN A 9 17.70 7.23 14.96
C GLN A 9 18.50 7.98 16.03
N ARG A 10 18.57 7.44 17.22
CA ARG A 10 19.34 8.11 18.30
C ARG A 10 20.58 7.30 18.65
N CYS A 11 21.73 7.72 18.21
CA CYS A 11 22.98 6.95 18.52
C CYS A 11 23.67 7.54 19.76
N GLY B 1 -7.44 -19.76 -5.03
CA GLY B 1 -6.84 -19.19 -6.28
C GLY B 1 -5.32 -19.22 -6.18
N SER B 2 -4.63 -18.91 -7.24
CA SER B 2 -3.15 -18.92 -7.21
C SER B 2 -2.58 -18.15 -8.41
N HIS B 3 -2.26 -16.90 -8.22
CA HIS B 3 -1.71 -16.10 -9.35
C HIS B 3 -2.62 -16.20 -10.57
N MET B 4 -3.79 -15.65 -10.50
CA MET B 4 -4.73 -15.71 -11.66
C MET B 4 -4.39 -14.60 -12.67
N SER B 5 -4.88 -14.72 -13.87
CA SER B 5 -4.59 -13.68 -14.89
C SER B 5 -5.65 -12.58 -14.87
N LYS B 6 -5.28 -11.39 -14.48
CA LYS B 6 -6.27 -10.27 -14.43
C LYS B 6 -6.46 -9.67 -15.83
N GLU B 7 -7.15 -8.57 -15.94
CA GLU B 7 -7.35 -7.95 -17.28
C GLU B 7 -8.02 -6.57 -17.13
N PRO B 8 -7.23 -5.54 -17.30
CA PRO B 8 -7.77 -4.17 -17.18
C PRO B 8 -8.42 -3.71 -18.49
N ARG B 9 -8.30 -4.49 -19.52
CA ARG B 9 -8.92 -4.10 -20.84
C ARG B 9 -8.34 -2.76 -21.33
N ASP B 10 -8.87 -1.67 -20.86
CA ASP B 10 -8.36 -0.34 -21.31
C ASP B 10 -7.57 0.34 -20.18
N PRO B 11 -6.41 0.88 -20.52
CA PRO B 11 -5.58 1.56 -19.49
C PRO B 11 -6.36 2.70 -18.85
N ASP B 12 -6.81 3.65 -19.63
CA ASP B 12 -7.58 4.80 -19.07
C ASP B 12 -8.69 4.28 -18.14
N GLN B 13 -9.31 3.19 -18.50
CA GLN B 13 -10.37 2.63 -17.61
C GLN B 13 -9.79 2.38 -16.22
N LEU B 14 -8.64 1.77 -16.15
CA LEU B 14 -7.99 1.53 -14.83
C LEU B 14 -7.59 2.86 -14.21
N TYR B 15 -7.22 3.81 -15.02
CA TYR B 15 -6.79 5.14 -14.50
C TYR B 15 -7.73 5.66 -13.41
N SER B 16 -8.96 5.93 -13.76
CA SER B 16 -9.91 6.38 -12.72
C SER B 16 -10.24 5.23 -11.77
N THR B 17 -9.88 4.02 -12.14
CA THR B 17 -10.14 2.89 -11.21
C THR B 17 -9.10 2.93 -10.09
N LEU B 18 -7.84 2.93 -10.43
CA LEU B 18 -6.78 3.05 -9.38
C LEU B 18 -7.04 4.34 -8.61
N LYS B 19 -7.47 5.35 -9.29
CA LYS B 19 -7.83 6.62 -8.62
C LYS B 19 -8.98 6.36 -7.66
N SER B 20 -9.91 5.55 -8.06
CA SER B 20 -11.05 5.22 -7.16
C SER B 20 -10.53 4.52 -5.91
N ILE B 21 -9.94 3.37 -6.07
CA ILE B 21 -9.38 2.62 -4.91
C ILE B 21 -8.55 3.54 -4.01
N LEU B 22 -7.59 4.23 -4.57
CA LEU B 22 -6.74 5.13 -3.73
C LEU B 22 -7.55 6.32 -3.23
N GLN B 23 -8.34 6.94 -4.07
CA GLN B 23 -9.13 8.12 -3.59
C GLN B 23 -9.88 7.77 -2.30
N GLN B 24 -10.40 6.57 -2.18
CA GLN B 24 -11.13 6.22 -0.93
C GLN B 24 -10.15 5.81 0.19
N VAL B 25 -9.03 5.20 -0.13
CA VAL B 25 -8.09 4.81 0.96
C VAL B 25 -7.28 6.04 1.41
N LYS B 26 -7.15 7.00 0.54
CA LYS B 26 -6.39 8.23 0.90
C LYS B 26 -7.07 8.95 2.06
N SER B 27 -8.36 8.77 2.20
CA SER B 27 -9.08 9.45 3.31
C SER B 27 -9.57 8.41 4.34
N HIS B 28 -9.01 7.24 4.31
CA HIS B 28 -9.43 6.19 5.28
C HIS B 28 -8.76 6.42 6.64
N GLN B 29 -9.40 6.03 7.70
CA GLN B 29 -8.80 6.22 9.06
C GLN B 29 -7.65 5.24 9.30
N SER B 30 -7.32 4.41 8.35
CA SER B 30 -6.20 3.45 8.57
C SER B 30 -5.09 3.66 7.53
N ALA B 31 -5.30 4.50 6.57
CA ALA B 31 -4.23 4.76 5.56
C ALA B 31 -3.17 5.71 6.15
N TRP B 32 -3.41 6.24 7.34
CA TRP B 32 -2.42 7.16 7.95
C TRP B 32 -1.03 6.50 8.05
N PRO B 33 -0.95 5.33 8.66
CA PRO B 33 0.36 4.66 8.80
C PRO B 33 1.04 4.47 7.43
N PHE B 34 0.26 4.38 6.38
CA PHE B 34 0.87 4.16 5.04
C PHE B 34 1.07 5.49 4.32
N MET B 35 0.91 6.59 4.98
CA MET B 35 1.11 7.90 4.29
C MET B 35 2.41 8.57 4.75
N GLU B 36 3.35 7.80 5.20
CA GLU B 36 4.64 8.38 5.65
C GLU B 36 5.81 7.64 4.97
N PRO B 37 6.90 8.34 4.79
CA PRO B 37 8.08 7.75 4.14
C PRO B 37 9.00 7.13 5.19
N VAL B 38 8.84 5.87 5.49
CA VAL B 38 9.72 5.24 6.52
C VAL B 38 11.19 5.48 6.17
N LYS B 39 12.04 5.35 7.16
CA LYS B 39 13.51 5.57 6.99
C LYS B 39 13.86 7.05 6.94
N ARG B 40 12.90 7.93 6.82
CA ARG B 40 13.22 9.37 7.05
C ARG B 40 13.66 9.49 8.53
N THR B 41 13.23 8.53 9.32
CA THR B 41 13.62 8.45 10.76
C THR B 41 14.60 7.30 10.97
N GLU B 42 15.07 6.71 9.90
CA GLU B 42 15.96 5.52 10.00
C GLU B 42 15.27 4.38 10.74
N ALA B 43 14.07 4.07 10.34
CA ALA B 43 13.34 2.93 10.97
C ALA B 43 14.22 1.67 10.96
N PRO B 44 14.70 1.31 12.12
CA PRO B 44 15.58 0.11 12.23
C PRO B 44 14.78 -1.19 12.11
N GLY B 45 15.36 -2.21 11.54
CA GLY B 45 14.64 -3.50 11.42
C GLY B 45 13.93 -3.57 10.05
N TYR B 46 13.67 -2.44 9.45
CA TYR B 46 12.98 -2.44 8.13
C TYR B 46 13.84 -3.13 7.07
N TYR B 47 13.43 -3.03 5.82
CA TYR B 47 14.22 -3.67 4.71
C TYR B 47 14.20 -5.20 4.83
N GLU B 48 14.80 -5.73 5.86
CA GLU B 48 14.85 -7.21 6.01
C GLU B 48 13.46 -7.83 5.82
N VAL B 49 12.43 -7.10 6.15
CA VAL B 49 11.04 -7.66 5.98
C VAL B 49 10.30 -6.88 4.91
N ILE B 50 10.65 -5.63 4.73
CA ILE B 50 9.92 -4.79 3.74
C ILE B 50 10.76 -4.63 2.46
N ARG B 51 10.63 -5.55 1.54
CA ARG B 51 11.41 -5.47 0.28
C ARG B 51 11.26 -4.10 -0.36
N PHE B 52 10.07 -3.74 -0.76
CA PHE B 52 9.86 -2.42 -1.40
C PHE B 52 9.16 -1.46 -0.44
N PRO B 53 9.94 -0.85 0.43
CA PRO B 53 9.39 0.13 1.39
C PRO B 53 8.54 1.18 0.67
N MET B 54 7.27 0.93 0.49
CA MET B 54 6.41 1.91 -0.21
C MET B 54 5.34 2.46 0.73
N ASP B 55 4.50 3.33 0.23
CA ASP B 55 3.44 3.93 1.09
C ASP B 55 2.60 4.90 0.26
N LEU B 56 1.39 5.17 0.67
CA LEU B 56 0.55 6.15 -0.08
C LEU B 56 1.36 7.44 -0.30
N LYS B 57 2.26 7.73 0.60
CA LYS B 57 3.14 8.90 0.43
C LYS B 57 3.84 8.82 -0.93
N THR B 58 4.26 7.63 -1.29
CA THR B 58 4.98 7.46 -2.58
C THR B 58 4.05 6.80 -3.62
N MET B 59 3.26 5.85 -3.19
CA MET B 59 2.34 5.16 -4.15
C MET B 59 1.40 6.17 -4.81
N SER B 60 0.95 7.16 -4.08
CA SER B 60 0.03 8.16 -4.68
C SER B 60 0.78 9.02 -5.69
N GLU B 61 2.00 9.38 -5.39
CA GLU B 61 2.79 10.20 -6.35
C GLU B 61 2.87 9.49 -7.70
N ARG B 62 2.88 8.19 -7.69
CA ARG B 62 2.93 7.43 -8.97
C ARG B 62 1.56 7.48 -9.64
N LEU B 63 0.51 7.35 -8.88
CA LEU B 63 -0.85 7.42 -9.48
C LEU B 63 -1.08 8.82 -10.05
N LYS B 64 -0.49 9.81 -9.45
CA LYS B 64 -0.64 11.20 -9.98
C LYS B 64 0.14 11.32 -11.29
N ASN B 65 1.14 10.50 -11.47
CA ASN B 65 1.94 10.53 -12.72
C ASN B 65 1.64 9.28 -13.55
N ARG B 66 0.44 8.76 -13.42
CA ARG B 66 0.04 7.52 -14.16
C ARG B 66 1.17 6.48 -14.20
N TYR B 67 2.03 6.49 -13.21
CA TYR B 67 3.14 5.48 -13.18
C TYR B 67 2.56 4.08 -13.08
N TYR B 68 1.61 3.88 -12.21
CA TYR B 68 0.98 2.55 -12.08
C TYR B 68 -0.40 2.56 -12.73
N VAL B 69 -0.47 2.21 -13.99
CA VAL B 69 -1.78 2.21 -14.69
C VAL B 69 -2.14 0.81 -15.17
N SER B 70 -2.46 -0.07 -14.27
CA SER B 70 -2.84 -1.46 -14.69
C SER B 70 -3.25 -2.29 -13.48
N LYS B 71 -3.02 -3.58 -13.52
CA LYS B 71 -3.41 -4.45 -12.37
C LYS B 71 -2.17 -4.84 -11.57
N LYS B 72 -1.33 -5.67 -12.14
CA LYS B 72 -0.10 -6.11 -11.41
C LYS B 72 0.70 -4.90 -10.91
N LEU B 73 0.52 -3.76 -11.52
CA LEU B 73 1.27 -2.56 -11.08
C LEU B 73 0.64 -1.94 -9.85
N PHE B 74 -0.54 -1.38 -9.99
CA PHE B 74 -1.21 -0.74 -8.82
C PHE B 74 -1.44 -1.75 -7.70
N MET B 75 -2.17 -2.80 -7.98
CA MET B 75 -2.45 -3.81 -6.93
C MET B 75 -1.17 -4.25 -6.23
N ALA B 76 -0.07 -4.26 -6.95
CA ALA B 76 1.23 -4.66 -6.32
C ALA B 76 1.65 -3.64 -5.28
N ASP B 77 1.89 -2.42 -5.70
CA ASP B 77 2.31 -1.37 -4.73
C ASP B 77 1.40 -1.36 -3.50
N LEU B 78 0.14 -1.61 -3.70
CA LEU B 78 -0.80 -1.65 -2.53
C LEU B 78 -0.58 -2.93 -1.75
N GLN B 79 -0.58 -4.07 -2.41
CA GLN B 79 -0.33 -5.34 -1.68
C GLN B 79 1.01 -5.25 -0.96
N ARG B 80 1.98 -4.66 -1.60
CA ARG B 80 3.32 -4.50 -0.95
C ARG B 80 3.19 -3.68 0.32
N VAL B 81 2.44 -2.61 0.27
CA VAL B 81 2.25 -1.77 1.48
C VAL B 81 1.55 -2.58 2.56
N PHE B 82 0.44 -3.18 2.24
CA PHE B 82 -0.31 -3.97 3.26
C PHE B 82 0.45 -5.26 3.60
N THR B 83 0.72 -6.08 2.62
CA THR B 83 1.45 -7.36 2.89
C THR B 83 2.69 -7.10 3.75
N ASN B 84 3.43 -6.06 3.45
CA ASN B 84 4.65 -5.76 4.26
C ASN B 84 4.27 -5.06 5.56
N CYS B 85 3.32 -4.16 5.53
CA CYS B 85 2.92 -3.47 6.79
C CYS B 85 2.56 -4.49 7.86
N LYS B 86 1.83 -5.51 7.51
CA LYS B 86 1.46 -6.55 8.50
C LYS B 86 2.69 -7.40 8.86
N GLU B 87 3.75 -7.26 8.13
CA GLU B 87 4.97 -8.07 8.42
C GLU B 87 5.75 -7.46 9.61
N TYR B 88 5.85 -6.17 9.68
CA TYR B 88 6.63 -5.55 10.79
C TYR B 88 5.68 -4.98 11.87
N ASN B 89 4.54 -4.48 11.46
CA ASN B 89 3.59 -3.88 12.44
C ASN B 89 3.38 -4.80 13.65
N PRO B 90 2.76 -4.27 14.67
CA PRO B 90 2.51 -5.05 15.90
C PRO B 90 1.47 -6.13 15.63
N PRO B 91 1.27 -7.00 16.60
CA PRO B 91 0.28 -8.08 16.43
C PRO B 91 -1.14 -7.49 16.49
N GLU B 92 -1.49 -6.64 15.56
CA GLU B 92 -2.84 -6.01 15.56
C GLU B 92 -3.00 -5.13 16.80
N SER B 93 -1.98 -4.37 17.12
CA SER B 93 -2.05 -3.48 18.30
C SER B 93 -2.41 -2.05 17.88
N GLU B 94 -1.68 -1.49 16.97
CA GLU B 94 -1.99 -0.11 16.52
C GLU B 94 -1.56 0.09 15.06
N TYR B 95 -0.40 -0.37 14.71
CA TYR B 95 0.08 -0.21 13.30
C TYR B 95 -0.54 -1.28 12.40
N TYR B 96 -0.76 -2.45 12.93
CA TYR B 96 -1.34 -3.54 12.10
C TYR B 96 -2.86 -3.40 11.98
N LYS B 97 -3.49 -2.89 12.99
CA LYS B 97 -4.98 -2.73 12.93
C LYS B 97 -5.40 -1.94 11.69
N CYS B 98 -4.54 -1.08 11.19
CA CYS B 98 -4.90 -0.27 9.99
C CYS B 98 -4.83 -1.12 8.73
N ALA B 99 -3.73 -1.80 8.52
CA ALA B 99 -3.60 -2.63 7.28
C ALA B 99 -4.80 -3.56 7.13
N ASN B 100 -5.25 -4.15 8.19
CA ASN B 100 -6.45 -5.04 8.11
C ASN B 100 -7.63 -4.24 7.55
N ILE B 101 -7.88 -3.08 8.10
CA ILE B 101 -8.99 -2.24 7.59
C ILE B 101 -8.74 -1.88 6.12
N LEU B 102 -7.73 -1.10 5.85
CA LEU B 102 -7.45 -0.69 4.45
C LEU B 102 -7.44 -1.91 3.53
N GLU B 103 -6.79 -2.97 3.93
CA GLU B 103 -6.74 -4.18 3.07
C GLU B 103 -8.16 -4.63 2.70
N LYS B 104 -9.08 -4.57 3.61
CA LYS B 104 -10.46 -5.00 3.31
C LYS B 104 -11.22 -3.89 2.57
N PHE B 105 -10.98 -2.66 2.91
CA PHE B 105 -11.68 -1.54 2.24
C PHE B 105 -11.36 -1.50 0.75
N PHE B 106 -10.10 -1.43 0.40
CA PHE B 106 -9.74 -1.37 -1.05
C PHE B 106 -10.08 -2.71 -1.74
N PHE B 107 -10.24 -3.76 -0.97
CA PHE B 107 -10.56 -5.09 -1.58
C PHE B 107 -11.94 -5.06 -2.24
N SER B 108 -12.91 -4.48 -1.60
CA SER B 108 -14.27 -4.43 -2.19
C SER B 108 -14.23 -3.69 -3.53
N LYS B 109 -13.53 -2.60 -3.61
CA LYS B 109 -13.50 -1.84 -4.88
C LYS B 109 -12.71 -2.59 -5.95
N ILE B 110 -11.57 -3.13 -5.62
CA ILE B 110 -10.81 -3.87 -6.66
C ILE B 110 -11.65 -5.04 -7.16
N LYS B 111 -12.29 -5.75 -6.27
CA LYS B 111 -13.16 -6.86 -6.72
C LYS B 111 -14.25 -6.30 -7.61
N GLU B 112 -14.80 -5.19 -7.24
CA GLU B 112 -15.87 -4.57 -8.06
C GLU B 112 -15.24 -3.81 -9.23
N ALA B 113 -13.93 -3.62 -9.19
CA ALA B 113 -13.24 -2.91 -10.30
C ALA B 113 -12.63 -3.92 -11.28
N GLY B 114 -12.97 -5.17 -11.17
CA GLY B 114 -12.34 -6.18 -12.04
C GLY B 114 -10.83 -6.16 -11.79
N LEU B 115 -10.44 -5.82 -10.60
CA LEU B 115 -8.98 -5.78 -10.28
C LEU B 115 -8.53 -7.16 -9.80
N ILE B 116 -9.36 -7.79 -9.01
CA ILE B 116 -8.99 -9.14 -8.49
C ILE B 116 -9.73 -10.25 -9.26
N ASP B 117 -10.62 -9.88 -10.15
CA ASP B 117 -11.35 -10.91 -10.92
C ASP B 117 -11.98 -11.95 -9.99
N LYS B 118 -12.36 -11.55 -8.80
CA LYS B 118 -12.98 -12.51 -7.84
C LYS B 118 -12.07 -13.74 -7.68
N SER A 1 -3.05 -6.76 -22.00
CA SER A 1 -3.53 -5.56 -21.26
C SER A 1 -2.79 -5.41 -19.93
N TYR A 2 -2.94 -4.29 -19.28
CA TYR A 2 -2.24 -4.09 -17.98
C TYR A 2 -3.24 -4.12 -16.82
N GLY A 3 -2.84 -3.61 -15.68
CA GLY A 3 -3.75 -3.62 -14.49
C GLY A 3 -5.16 -3.13 -14.89
N ARG A 4 -6.11 -3.28 -14.02
CA ARG A 4 -7.49 -2.83 -14.33
C ARG A 4 -8.38 -3.00 -13.09
N LYS A 6 -11.97 -2.58 -11.80
CA LYS A 6 -13.39 -2.26 -12.13
C LYS A 6 -14.28 -3.46 -11.80
N ARG A 7 -15.57 -3.29 -11.88
CA ARG A 7 -16.50 -4.42 -11.58
C ARG A 7 -16.70 -5.27 -12.84
N ARG A 8 -16.96 -6.53 -12.69
CA ARG A 8 -17.16 -7.41 -13.88
C ARG A 8 -17.93 -8.67 -13.50
N GLN A 9 -17.49 -9.37 -12.49
CA GLN A 9 -18.18 -10.63 -12.10
C GLN A 9 -18.56 -10.60 -10.61
N ARG A 10 -18.53 -9.44 -9.99
CA ARG A 10 -18.91 -9.35 -8.55
C ARG A 10 -18.10 -10.36 -7.72
N CYS A 11 -18.50 -10.57 -6.50
CA CYS A 11 -17.77 -11.55 -5.64
C CYS A 11 -18.60 -12.80 -5.43
N GLY B 1 30.77 -1.69 3.37
CA GLY B 1 29.62 -2.64 3.40
C GLY B 1 28.34 -1.87 3.73
N SER B 2 27.61 -1.45 2.73
CA SER B 2 26.35 -0.71 2.98
C SER B 2 25.20 -1.68 3.26
N HIS B 3 24.85 -1.87 4.50
CA HIS B 3 23.74 -2.80 4.83
C HIS B 3 22.40 -2.05 4.87
N MET B 4 21.31 -2.75 4.81
CA MET B 4 19.98 -2.08 4.85
C MET B 4 19.12 -2.65 5.98
N SER B 5 19.61 -2.60 7.19
CA SER B 5 18.82 -3.13 8.33
C SER B 5 17.66 -2.18 8.67
N LYS B 6 16.62 -2.70 9.25
CA LYS B 6 15.46 -1.82 9.59
C LYS B 6 14.50 -2.55 10.53
N GLU B 7 15.02 -3.32 11.45
CA GLU B 7 14.13 -4.04 12.39
C GLU B 7 13.50 -3.06 13.40
N PRO B 8 12.21 -3.15 13.57
CA PRO B 8 11.51 -2.24 14.50
C PRO B 8 11.71 -2.70 15.96
N ARG B 9 12.18 -3.90 16.15
CA ARG B 9 12.40 -4.41 17.55
C ARG B 9 11.11 -4.32 18.38
N ASP B 10 10.86 -3.20 19.01
CA ASP B 10 9.63 -3.06 19.84
C ASP B 10 8.38 -3.20 18.96
N PRO B 11 7.55 -4.18 19.25
CA PRO B 11 6.32 -4.38 18.46
C PRO B 11 5.30 -3.27 18.76
N ASP B 12 5.26 -2.81 19.98
CA ASP B 12 4.29 -1.73 20.33
C ASP B 12 4.73 -0.40 19.71
N GLN B 13 6.01 -0.21 19.54
CA GLN B 13 6.50 1.06 18.93
C GLN B 13 5.97 1.21 17.51
N LEU B 14 6.04 0.16 16.74
CA LEU B 14 5.54 0.23 15.33
C LEU B 14 4.01 0.17 15.31
N TYR B 15 3.42 -0.53 16.24
CA TYR B 15 1.93 -0.67 16.26
C TYR B 15 1.25 0.68 16.03
N SER B 16 1.50 1.63 16.89
CA SER B 16 0.87 2.96 16.70
C SER B 16 1.54 3.70 15.54
N THR B 17 2.74 3.30 15.18
CA THR B 17 3.40 3.97 14.02
C THR B 17 2.65 3.63 12.75
N LEU B 18 2.54 2.36 12.44
CA LEU B 18 1.75 1.97 11.24
C LEU B 18 0.34 2.51 11.41
N LYS B 19 -0.11 2.60 12.63
CA LYS B 19 -1.42 3.23 12.89
C LYS B 19 -1.34 4.68 12.45
N SER B 20 -0.25 5.33 12.77
CA SER B 20 -0.07 6.75 12.34
C SER B 20 -0.12 6.83 10.82
N ILE B 21 0.82 6.22 10.14
CA ILE B 21 0.79 6.26 8.65
C ILE B 21 -0.59 5.84 8.13
N LEU B 22 -0.88 4.57 8.17
CA LEU B 22 -2.19 4.06 7.65
C LEU B 22 -3.37 4.97 8.03
N GLN B 23 -3.32 5.59 9.18
CA GLN B 23 -4.42 6.51 9.55
C GLN B 23 -4.46 7.68 8.57
N GLN B 24 -3.42 8.48 8.53
CA GLN B 24 -3.42 9.62 7.57
C GLN B 24 -3.54 9.14 6.11
N VAL B 25 -3.09 7.95 5.78
CA VAL B 25 -3.27 7.48 4.36
C VAL B 25 -4.70 6.96 4.18
N LYS B 26 -5.22 6.29 5.18
CA LYS B 26 -6.61 5.76 5.08
C LYS B 26 -7.59 6.89 4.73
N SER B 27 -7.47 8.01 5.39
CA SER B 27 -8.41 9.14 5.11
C SER B 27 -7.79 10.11 4.10
N HIS B 28 -6.84 9.65 3.33
CA HIS B 28 -6.18 10.55 2.34
C HIS B 28 -7.03 10.68 1.09
N GLN B 29 -6.85 11.73 0.34
CA GLN B 29 -7.63 11.91 -0.92
C GLN B 29 -7.03 11.05 -2.05
N SER B 30 -6.03 10.25 -1.76
CA SER B 30 -5.44 9.40 -2.83
C SER B 30 -5.46 7.91 -2.42
N ALA B 31 -5.90 7.62 -1.22
CA ALA B 31 -6.00 6.19 -0.81
C ALA B 31 -7.23 5.53 -1.43
N TRP B 32 -8.15 6.31 -1.94
CA TRP B 32 -9.37 5.73 -2.56
C TRP B 32 -9.04 4.55 -3.50
N PRO B 33 -8.12 4.75 -4.43
CA PRO B 33 -7.77 3.67 -5.39
C PRO B 33 -7.17 2.45 -4.67
N PHE B 34 -6.74 2.60 -3.44
CA PHE B 34 -6.14 1.45 -2.74
C PHE B 34 -7.15 0.77 -1.82
N MET B 35 -8.31 1.33 -1.69
CA MET B 35 -9.34 0.70 -0.82
C MET B 35 -10.31 -0.13 -1.66
N GLU B 36 -9.83 -0.73 -2.71
CA GLU B 36 -10.72 -1.56 -3.57
C GLU B 36 -10.03 -2.89 -3.89
N PRO B 37 -10.74 -3.98 -3.74
CA PRO B 37 -10.15 -5.31 -3.98
C PRO B 37 -10.25 -5.69 -5.46
N VAL B 38 -9.18 -5.60 -6.20
CA VAL B 38 -9.23 -6.00 -7.65
C VAL B 38 -9.83 -7.40 -7.76
N LYS B 39 -10.65 -7.59 -8.76
CA LYS B 39 -11.33 -8.89 -8.96
C LYS B 39 -10.34 -10.06 -8.84
N ARG B 40 -9.08 -9.81 -9.10
CA ARG B 40 -8.09 -10.92 -9.04
C ARG B 40 -8.53 -12.08 -9.92
N THR B 41 -9.38 -11.80 -10.89
CA THR B 41 -9.84 -12.88 -11.81
C THR B 41 -10.48 -12.26 -13.07
N GLU B 42 -11.19 -11.18 -12.92
CA GLU B 42 -11.79 -10.51 -14.12
C GLU B 42 -10.83 -9.41 -14.60
N ALA B 43 -10.15 -8.80 -13.67
CA ALA B 43 -9.17 -7.72 -14.02
C ALA B 43 -8.12 -8.26 -15.02
N PRO B 44 -8.20 -7.83 -16.25
CA PRO B 44 -7.25 -8.30 -17.28
C PRO B 44 -5.92 -7.57 -17.17
N GLY B 45 -4.85 -8.18 -17.62
CA GLY B 45 -3.52 -7.52 -17.55
C GLY B 45 -2.93 -7.63 -16.14
N TYR B 46 -3.66 -8.20 -15.21
CA TYR B 46 -3.12 -8.34 -13.83
C TYR B 46 -2.11 -9.48 -13.76
N TYR B 47 -1.87 -10.00 -12.59
CA TYR B 47 -0.92 -11.14 -12.46
C TYR B 47 0.41 -10.81 -13.14
N GLU B 48 0.81 -9.57 -13.15
CA GLU B 48 2.10 -9.21 -13.80
C GLU B 48 2.55 -7.80 -13.40
N VAL B 49 1.62 -6.89 -13.28
CA VAL B 49 2.01 -5.49 -12.90
C VAL B 49 1.96 -5.30 -11.40
N ILE B 50 1.17 -6.08 -10.72
CA ILE B 50 1.04 -5.90 -9.25
C ILE B 50 1.84 -6.95 -8.50
N ARG B 51 2.04 -8.07 -9.11
CA ARG B 51 2.81 -9.18 -8.45
C ARG B 51 2.10 -9.64 -7.17
N PHE B 52 2.14 -8.86 -6.13
CA PHE B 52 1.44 -9.23 -4.87
C PHE B 52 0.24 -8.31 -4.66
N PRO B 53 -0.86 -8.66 -5.29
CA PRO B 53 -2.11 -7.85 -5.18
C PRO B 53 -2.36 -7.38 -3.74
N MET B 54 -2.04 -6.15 -3.46
CA MET B 54 -2.31 -5.60 -2.10
C MET B 54 -3.20 -4.36 -2.23
N ASP B 55 -3.70 -3.85 -1.12
CA ASP B 55 -4.57 -2.63 -1.20
C ASP B 55 -4.99 -2.18 0.19
N LEU B 56 -5.12 -0.89 0.39
CA LEU B 56 -5.58 -0.38 1.71
C LEU B 56 -6.83 -1.14 2.14
N LYS B 57 -7.60 -1.62 1.19
CA LYS B 57 -8.81 -2.42 1.51
C LYS B 57 -8.46 -3.50 2.53
N THR B 58 -7.50 -4.33 2.22
CA THR B 58 -7.12 -5.42 3.15
C THR B 58 -5.83 -5.08 3.90
N MET B 59 -5.01 -4.22 3.37
CA MET B 59 -3.76 -3.86 4.09
C MET B 59 -4.07 -3.22 5.43
N SER B 60 -5.09 -2.39 5.47
CA SER B 60 -5.45 -1.74 6.76
C SER B 60 -6.12 -2.75 7.69
N GLU B 61 -6.86 -3.67 7.12
CA GLU B 61 -7.53 -4.71 7.97
C GLU B 61 -6.49 -5.48 8.79
N ARG B 62 -5.25 -5.44 8.38
CA ARG B 62 -4.21 -6.19 9.12
C ARG B 62 -3.93 -5.51 10.46
N LEU B 63 -3.68 -4.22 10.47
CA LEU B 63 -3.40 -3.54 11.76
C LEU B 63 -4.53 -3.83 12.75
N LYS B 64 -5.74 -3.95 12.27
CA LYS B 64 -6.86 -4.31 13.17
C LYS B 64 -6.59 -5.70 13.76
N ASN B 65 -5.88 -6.52 13.02
CA ASN B 65 -5.55 -7.88 13.53
C ASN B 65 -4.03 -7.99 13.78
N ARG B 66 -3.35 -6.87 13.79
CA ARG B 66 -1.87 -6.90 13.97
C ARG B 66 -1.21 -7.97 13.10
N TYR B 67 -1.48 -7.94 11.83
CA TYR B 67 -0.81 -8.91 10.91
C TYR B 67 0.37 -8.22 10.22
N TYR B 68 0.37 -6.92 10.21
CA TYR B 68 1.51 -6.15 9.62
C TYR B 68 1.98 -5.11 10.63
N VAL B 69 2.38 -5.54 11.78
CA VAL B 69 2.80 -4.59 12.85
C VAL B 69 4.32 -4.46 12.92
N SER B 70 4.96 -4.13 11.83
CA SER B 70 6.45 -3.99 11.87
C SER B 70 6.93 -3.05 10.76
N LYS B 71 8.12 -3.26 10.25
CA LYS B 71 8.63 -2.38 9.17
C LYS B 71 8.64 -3.12 7.84
N LYS B 72 9.50 -4.09 7.69
CA LYS B 72 9.56 -4.86 6.41
C LYS B 72 8.15 -5.32 6.00
N LEU B 73 7.27 -5.48 6.94
CA LEU B 73 5.89 -5.93 6.61
C LEU B 73 5.06 -4.75 6.11
N PHE B 74 4.82 -3.78 6.94
CA PHE B 74 4.01 -2.60 6.53
C PHE B 74 4.67 -1.87 5.37
N MET B 75 5.91 -1.48 5.54
CA MET B 75 6.61 -0.76 4.44
C MET B 75 6.51 -1.54 3.13
N ALA B 76 6.46 -2.85 3.22
CA ALA B 76 6.34 -3.67 1.98
C ALA B 76 4.93 -3.55 1.40
N ASP B 77 3.94 -3.93 2.15
CA ASP B 77 2.55 -3.85 1.65
C ASP B 77 2.23 -2.42 1.17
N LEU B 78 2.54 -1.44 1.97
CA LEU B 78 2.28 -0.04 1.55
C LEU B 78 3.11 0.32 0.33
N GLN B 79 4.40 0.15 0.40
CA GLN B 79 5.26 0.47 -0.78
C GLN B 79 4.75 -0.29 -2.00
N ARG B 80 4.43 -1.55 -1.84
CA ARG B 80 3.89 -2.32 -2.97
C ARG B 80 2.62 -1.65 -3.51
N VAL B 81 1.62 -1.50 -2.67
CA VAL B 81 0.37 -0.82 -3.10
C VAL B 81 0.69 0.49 -3.81
N PHE B 82 1.79 1.11 -3.47
CA PHE B 82 2.16 2.39 -4.13
C PHE B 82 2.80 2.12 -5.49
N THR B 83 3.74 1.21 -5.55
CA THR B 83 4.40 0.92 -6.85
C THR B 83 3.53 0.01 -7.72
N ASN B 84 2.93 -0.99 -7.13
CA ASN B 84 2.07 -1.90 -7.93
C ASN B 84 0.89 -1.13 -8.52
N CYS B 85 0.44 -0.11 -7.84
CA CYS B 85 -0.65 0.72 -8.42
C CYS B 85 -0.05 1.61 -9.48
N LYS B 86 1.15 2.07 -9.23
CA LYS B 86 1.86 2.89 -10.24
C LYS B 86 2.40 1.99 -11.36
N GLU B 87 2.39 0.70 -11.15
CA GLU B 87 2.87 -0.22 -12.21
C GLU B 87 1.92 -0.17 -13.40
N TYR B 88 0.64 -0.02 -13.16
CA TYR B 88 -0.33 0.00 -14.28
C TYR B 88 -1.18 1.29 -14.28
N ASN B 89 -1.18 2.01 -13.18
CA ASN B 89 -2.00 3.26 -13.09
C ASN B 89 -1.90 4.09 -14.38
N PRO B 90 -2.94 4.86 -14.63
CA PRO B 90 -2.97 5.72 -15.85
C PRO B 90 -1.74 6.63 -15.91
N PRO B 91 -1.36 7.01 -17.10
CA PRO B 91 -0.18 7.90 -17.28
C PRO B 91 -0.46 9.25 -16.60
N GLU B 92 -0.33 9.31 -15.30
CA GLU B 92 -0.58 10.59 -14.59
C GLU B 92 -1.97 11.14 -14.96
N SER B 93 -2.98 10.31 -14.86
CA SER B 93 -4.36 10.77 -15.21
C SER B 93 -5.18 11.00 -13.95
N GLU B 94 -5.46 9.95 -13.22
CA GLU B 94 -6.28 10.12 -11.98
C GLU B 94 -5.85 9.11 -10.92
N TYR B 95 -5.58 7.89 -11.30
CA TYR B 95 -5.16 6.87 -10.30
C TYR B 95 -3.68 7.03 -9.95
N TYR B 96 -2.88 7.41 -10.92
CA TYR B 96 -1.42 7.57 -10.65
C TYR B 96 -1.17 8.75 -9.72
N LYS B 97 -1.88 9.83 -9.90
CA LYS B 97 -1.69 11.02 -9.02
C LYS B 97 -1.94 10.65 -7.56
N CYS B 98 -2.61 9.55 -7.32
CA CYS B 98 -2.89 9.13 -5.91
C CYS B 98 -1.66 8.45 -5.32
N ALA B 99 -1.22 7.37 -5.92
CA ALA B 99 -0.02 6.65 -5.39
C ALA B 99 1.12 7.65 -5.14
N ASN B 100 1.23 8.64 -5.97
CA ASN B 100 2.30 9.65 -5.79
C ASN B 100 2.04 10.48 -4.53
N ILE B 101 0.89 11.10 -4.45
CA ILE B 101 0.58 11.93 -3.26
C ILE B 101 0.48 11.07 -1.99
N LEU B 102 -0.40 10.11 -1.97
CA LEU B 102 -0.55 9.26 -0.76
C LEU B 102 0.82 8.71 -0.32
N GLU B 103 1.65 8.35 -1.26
CA GLU B 103 3.01 7.87 -0.88
C GLU B 103 3.81 9.02 -0.28
N LYS B 104 3.73 10.17 -0.87
CA LYS B 104 4.47 11.34 -0.34
C LYS B 104 4.16 11.56 1.14
N PHE B 105 2.91 11.78 1.46
CA PHE B 105 2.53 11.97 2.89
C PHE B 105 3.04 10.80 3.74
N PHE B 106 3.17 9.65 3.15
CA PHE B 106 3.65 8.47 3.90
C PHE B 106 5.19 8.49 3.98
N PHE B 107 5.85 8.98 2.95
CA PHE B 107 7.33 9.03 2.96
C PHE B 107 7.81 9.94 4.10
N SER B 108 7.13 11.02 4.33
CA SER B 108 7.55 11.94 5.43
C SER B 108 7.20 11.31 6.79
N LYS B 109 6.15 10.54 6.85
CA LYS B 109 5.78 9.90 8.13
C LYS B 109 6.67 8.70 8.40
N ILE B 110 7.03 7.95 7.40
CA ILE B 110 7.93 6.79 7.62
C ILE B 110 9.33 7.28 7.97
N LYS B 111 9.84 8.24 7.26
CA LYS B 111 11.18 8.77 7.60
C LYS B 111 11.15 9.32 9.02
N GLU B 112 10.07 9.96 9.36
CA GLU B 112 9.94 10.50 10.74
C GLU B 112 9.52 9.38 11.69
N ALA B 113 8.96 8.32 11.17
CA ALA B 113 8.58 7.17 12.03
C ALA B 113 9.76 6.20 12.18
N GLY B 114 10.92 6.59 11.74
CA GLY B 114 12.07 5.64 11.80
C GLY B 114 11.71 4.41 10.98
N LEU B 115 10.85 4.57 10.01
CA LEU B 115 10.44 3.42 9.17
C LEU B 115 11.52 3.14 8.12
N ILE B 116 11.87 4.13 7.35
CA ILE B 116 12.91 3.93 6.31
C ILE B 116 14.31 4.11 6.92
N ASP B 117 14.40 4.84 8.00
CA ASP B 117 15.70 5.04 8.67
C ASP B 117 16.81 5.39 7.67
N LYS B 118 16.50 6.19 6.69
CA LYS B 118 17.55 6.57 5.70
C LYS B 118 18.09 7.97 5.99
N SER A 1 -2.76 -1.90 -21.29
CA SER A 1 -2.35 -3.33 -21.45
C SER A 1 -2.63 -4.11 -20.16
N TYR A 2 -2.57 -3.45 -19.03
CA TYR A 2 -2.83 -4.15 -17.74
C TYR A 2 -3.79 -3.35 -16.87
N GLY A 3 -4.02 -3.78 -15.67
CA GLY A 3 -4.94 -3.04 -14.76
C GLY A 3 -6.39 -3.39 -15.12
N ARG A 4 -7.32 -3.25 -14.19
CA ARG A 4 -8.73 -3.60 -14.51
C ARG A 4 -9.65 -3.31 -13.33
N LYS A 6 -12.51 -2.78 -11.96
CA LYS A 6 -13.92 -2.71 -12.45
C LYS A 6 -14.90 -3.10 -11.34
N ARG A 7 -16.10 -3.44 -11.71
CA ARG A 7 -17.11 -3.82 -10.68
C ARG A 7 -17.63 -5.24 -10.97
N ARG A 8 -16.96 -6.24 -10.47
CA ARG A 8 -17.42 -7.65 -10.73
C ARG A 8 -17.58 -7.90 -12.23
N GLN A 9 -16.71 -7.35 -13.02
CA GLN A 9 -16.81 -7.57 -14.50
C GLN A 9 -18.22 -7.23 -14.99
N ARG A 10 -18.65 -6.01 -14.83
CA ARG A 10 -20.00 -5.63 -15.29
C ARG A 10 -20.03 -4.18 -15.77
N CYS A 11 -19.47 -3.28 -14.97
CA CYS A 11 -19.42 -1.82 -15.31
C CYS A 11 -20.63 -1.37 -16.14
N GLY B 1 24.54 -6.14 18.45
CA GLY B 1 23.41 -5.45 17.75
C GLY B 1 22.48 -6.51 17.15
N SER B 2 21.25 -6.55 17.59
CA SER B 2 20.29 -7.54 17.03
C SER B 2 19.66 -7.02 15.75
N HIS B 3 19.63 -7.83 14.71
CA HIS B 3 19.03 -7.39 13.41
C HIS B 3 19.84 -6.24 12.79
N MET B 4 19.82 -5.08 13.40
CA MET B 4 20.59 -3.92 12.84
C MET B 4 20.13 -3.63 11.41
N SER B 5 20.47 -2.47 10.91
CA SER B 5 20.06 -2.10 9.52
C SER B 5 18.53 -2.15 9.38
N LYS B 6 17.90 -1.02 9.17
CA LYS B 6 16.42 -1.01 9.02
C LYS B 6 15.76 -1.66 10.23
N GLU B 7 15.36 -0.88 11.20
CA GLU B 7 14.72 -1.47 12.41
C GLU B 7 13.76 -0.45 13.06
N PRO B 8 12.58 -0.90 13.44
CA PRO B 8 11.60 0.00 14.08
C PRO B 8 11.83 0.05 15.60
N ARG B 9 12.97 -0.40 16.07
CA ARG B 9 13.25 -0.36 17.53
C ARG B 9 12.19 -1.14 18.31
N ASP B 10 11.08 -0.52 18.65
CA ASP B 10 10.03 -1.24 19.41
C ASP B 10 8.73 -1.30 18.61
N PRO B 11 7.92 -2.29 18.92
CA PRO B 11 6.62 -2.45 18.21
C PRO B 11 5.69 -1.27 18.53
N ASP B 12 5.44 -1.03 19.79
CA ASP B 12 4.55 0.10 20.17
C ASP B 12 5.01 1.39 19.48
N GLN B 13 6.30 1.57 19.37
CA GLN B 13 6.82 2.80 18.70
C GLN B 13 6.27 2.88 17.27
N LEU B 14 6.29 1.79 16.56
CA LEU B 14 5.79 1.80 15.15
C LEU B 14 4.26 1.85 15.12
N TYR B 15 3.62 1.27 16.09
CA TYR B 15 2.12 1.26 16.12
C TYR B 15 1.58 2.66 15.81
N SER B 16 1.98 3.64 16.57
CA SER B 16 1.52 5.02 16.29
C SER B 16 2.21 5.55 15.03
N THR B 17 3.37 5.04 14.71
CA THR B 17 4.05 5.49 13.46
C THR B 17 3.24 5.01 12.25
N LEU B 18 3.10 3.72 12.10
CA LEU B 18 2.26 3.20 10.98
C LEU B 18 0.89 3.90 11.02
N LYS B 19 0.48 4.28 12.20
CA LYS B 19 -0.79 5.03 12.34
C LYS B 19 -0.64 6.39 11.65
N SER B 20 0.50 7.00 11.80
CA SER B 20 0.74 8.34 11.18
C SER B 20 0.94 8.22 9.67
N ILE B 21 1.89 7.43 9.24
CA ILE B 21 2.13 7.29 7.76
C ILE B 21 0.80 7.02 7.04
N LEU B 22 0.00 6.13 7.55
CA LEU B 22 -1.32 5.86 6.91
C LEU B 22 -2.28 7.01 7.22
N GLN B 23 -2.25 7.54 8.41
CA GLN B 23 -3.17 8.67 8.75
C GLN B 23 -3.05 9.77 7.69
N GLN B 24 -1.87 10.03 7.21
CA GLN B 24 -1.71 11.09 6.18
C GLN B 24 -2.08 10.56 4.80
N VAL B 25 -1.84 9.28 4.51
CA VAL B 25 -2.25 8.77 3.16
C VAL B 25 -3.74 8.47 3.14
N LYS B 26 -4.30 8.08 4.26
CA LYS B 26 -5.76 7.79 4.29
C LYS B 26 -6.55 9.01 3.80
N SER B 27 -5.96 10.17 3.85
CA SER B 27 -6.65 11.38 3.36
C SER B 27 -5.90 11.98 2.18
N HIS B 28 -5.10 11.19 1.50
CA HIS B 28 -4.34 11.72 0.34
C HIS B 28 -5.23 11.81 -0.89
N GLN B 29 -5.10 12.86 -1.65
CA GLN B 29 -5.93 13.01 -2.87
C GLN B 29 -5.62 11.92 -3.89
N SER B 30 -4.53 11.20 -3.71
CA SER B 30 -4.19 10.12 -4.66
C SER B 30 -4.33 8.75 -3.99
N ALA B 31 -4.76 8.72 -2.75
CA ALA B 31 -4.96 7.41 -2.06
C ALA B 31 -6.34 6.83 -2.41
N TRP B 32 -6.99 7.36 -3.41
CA TRP B 32 -8.35 6.87 -3.79
C TRP B 32 -8.29 5.47 -4.44
N PRO B 33 -7.45 5.31 -5.44
CA PRO B 33 -7.31 3.96 -6.05
C PRO B 33 -6.67 3.04 -5.02
N PHE B 34 -5.90 3.63 -4.16
CA PHE B 34 -5.22 2.86 -3.09
C PHE B 34 -6.20 2.49 -1.97
N MET B 35 -7.44 2.90 -2.09
CA MET B 35 -8.43 2.55 -1.04
C MET B 35 -9.52 1.65 -1.62
N GLU B 36 -9.28 1.05 -2.75
CA GLU B 36 -10.32 0.16 -3.35
C GLU B 36 -9.82 -1.29 -3.39
N PRO B 37 -10.73 -2.22 -3.32
CA PRO B 37 -10.35 -3.64 -3.30
C PRO B 37 -10.51 -4.29 -4.68
N VAL B 38 -9.45 -4.37 -5.44
CA VAL B 38 -9.56 -5.04 -6.78
C VAL B 38 -10.22 -6.42 -6.62
N LYS B 39 -10.63 -7.01 -7.70
CA LYS B 39 -11.31 -8.33 -7.62
C LYS B 39 -10.30 -9.47 -7.80
N ARG B 40 -10.49 -10.55 -7.10
CA ARG B 40 -9.57 -11.72 -7.26
C ARG B 40 -10.17 -12.71 -8.26
N THR B 41 -10.93 -12.21 -9.21
CA THR B 41 -11.56 -13.11 -10.21
C THR B 41 -12.09 -12.28 -11.38
N GLU B 42 -12.66 -11.14 -11.10
CA GLU B 42 -13.19 -10.27 -12.19
C GLU B 42 -12.19 -9.16 -12.48
N ALA B 43 -10.96 -9.31 -12.06
CA ALA B 43 -9.93 -8.28 -12.34
C ALA B 43 -8.83 -8.90 -13.23
N PRO B 44 -9.13 -9.00 -14.51
CA PRO B 44 -8.17 -9.62 -15.46
C PRO B 44 -6.78 -9.01 -15.35
N GLY B 45 -5.77 -9.74 -15.75
CA GLY B 45 -4.38 -9.19 -15.69
C GLY B 45 -3.72 -9.58 -14.37
N TYR B 46 -4.49 -9.93 -13.38
CA TYR B 46 -3.88 -10.28 -12.06
C TYR B 46 -3.28 -11.68 -12.09
N TYR B 47 -2.98 -12.22 -10.94
CA TYR B 47 -2.34 -13.57 -10.89
C TYR B 47 -1.06 -13.56 -11.73
N GLU B 48 -0.44 -12.41 -11.83
CA GLU B 48 0.81 -12.32 -12.63
C GLU B 48 1.52 -10.99 -12.35
N VAL B 49 0.77 -9.92 -12.18
CA VAL B 49 1.42 -8.61 -11.90
C VAL B 49 1.25 -8.24 -10.43
N ILE B 50 0.25 -8.77 -9.78
CA ILE B 50 0.03 -8.44 -8.34
C ILE B 50 0.05 -9.72 -7.51
N ARG B 51 1.19 -10.11 -7.04
CA ARG B 51 1.27 -11.36 -6.22
C ARG B 51 0.42 -11.22 -4.97
N PHE B 52 0.72 -10.27 -4.13
CA PHE B 52 -0.07 -10.10 -2.88
C PHE B 52 -0.98 -8.87 -2.97
N PRO B 53 -2.10 -9.02 -3.63
CA PRO B 53 -3.08 -7.91 -3.74
C PRO B 53 -3.28 -7.24 -2.37
N MET B 54 -3.52 -5.96 -2.34
CA MET B 54 -3.69 -5.27 -1.03
C MET B 54 -4.09 -3.82 -1.28
N ASP B 55 -4.96 -3.29 -0.46
CA ASP B 55 -5.39 -1.89 -0.67
C ASP B 55 -5.67 -1.21 0.67
N LEU B 56 -5.50 0.08 0.76
CA LEU B 56 -5.75 0.79 2.04
C LEU B 56 -7.14 0.43 2.58
N LYS B 57 -8.06 0.12 1.70
CA LYS B 57 -9.43 -0.27 2.16
C LYS B 57 -9.33 -1.39 3.20
N THR B 58 -8.44 -2.33 2.99
CA THR B 58 -8.31 -3.45 3.97
C THR B 58 -6.95 -3.40 4.67
N MET B 59 -5.99 -2.72 4.09
CA MET B 59 -4.64 -2.64 4.73
C MET B 59 -4.71 -1.79 6.00
N SER B 60 -5.43 -0.69 5.96
CA SER B 60 -5.54 0.15 7.17
C SER B 60 -6.33 -0.59 8.24
N GLU B 61 -7.20 -1.46 7.82
CA GLU B 61 -7.99 -2.24 8.81
C GLU B 61 -7.08 -3.19 9.60
N ARG B 62 -5.89 -3.42 9.10
CA ARG B 62 -4.94 -4.32 9.83
C ARG B 62 -4.40 -3.58 11.06
N LEU B 63 -3.85 -2.40 10.85
CA LEU B 63 -3.36 -1.61 12.01
C LEU B 63 -4.49 -1.43 13.01
N LYS B 64 -5.66 -1.11 12.53
CA LYS B 64 -6.83 -0.99 13.44
C LYS B 64 -7.03 -2.33 14.15
N ASN B 65 -6.70 -3.41 13.49
CA ASN B 65 -6.81 -4.74 14.14
C ASN B 65 -5.45 -5.19 14.68
N ARG B 66 -4.52 -4.27 14.81
CA ARG B 66 -3.16 -4.65 15.29
C ARG B 66 -2.60 -5.81 14.48
N TYR B 67 -2.31 -5.57 13.23
CA TYR B 67 -1.73 -6.64 12.37
C TYR B 67 -0.43 -6.15 11.77
N TYR B 68 -0.46 -5.00 11.15
CA TYR B 68 0.79 -4.43 10.57
C TYR B 68 1.38 -3.41 11.56
N VAL B 69 2.16 -3.87 12.50
CA VAL B 69 2.73 -2.94 13.51
C VAL B 69 4.26 -2.89 13.40
N SER B 70 4.78 -2.94 12.20
CA SER B 70 6.26 -2.87 12.04
C SER B 70 6.62 -2.51 10.59
N LYS B 71 7.85 -2.73 10.22
CA LYS B 71 8.27 -2.36 8.83
C LYS B 71 7.90 -3.48 7.84
N LYS B 72 8.65 -4.56 7.83
CA LYS B 72 8.38 -5.68 6.88
C LYS B 72 6.87 -5.94 6.73
N LEU B 73 6.12 -5.70 7.76
CA LEU B 73 4.66 -5.90 7.67
C LEU B 73 3.99 -4.69 7.01
N PHE B 74 4.13 -3.53 7.60
CA PHE B 74 3.50 -2.32 7.02
C PHE B 74 4.24 -1.85 5.77
N MET B 75 5.52 -1.62 5.86
CA MET B 75 6.28 -1.16 4.66
C MET B 75 6.03 -2.10 3.49
N ALA B 76 5.64 -3.32 3.76
CA ALA B 76 5.38 -4.28 2.67
C ALA B 76 3.99 -4.05 2.06
N ASP B 77 2.95 -4.33 2.81
CA ASP B 77 1.56 -4.13 2.29
C ASP B 77 1.43 -2.76 1.63
N LEU B 78 2.17 -1.79 2.10
CA LEU B 78 2.11 -0.44 1.48
C LEU B 78 2.90 -0.47 0.17
N GLN B 79 4.09 -1.02 0.20
CA GLN B 79 4.87 -1.13 -1.06
C GLN B 79 4.06 -1.93 -2.07
N ARG B 80 3.59 -3.10 -1.68
CA ARG B 80 2.75 -3.92 -2.60
C ARG B 80 1.67 -3.06 -3.26
N VAL B 81 0.92 -2.33 -2.48
CA VAL B 81 -0.14 -1.45 -3.06
C VAL B 81 0.43 -0.59 -4.19
N PHE B 82 1.52 0.08 -3.94
CA PHE B 82 2.13 0.94 -5.01
C PHE B 82 2.89 0.06 -6.02
N THR B 83 3.77 -0.76 -5.52
CA THR B 83 4.54 -1.65 -6.43
C THR B 83 3.59 -2.43 -7.35
N ASN B 84 2.51 -2.93 -6.83
CA ASN B 84 1.55 -3.67 -7.69
C ASN B 84 0.76 -2.67 -8.55
N CYS B 85 0.24 -1.63 -7.96
CA CYS B 85 -0.51 -0.63 -8.77
C CYS B 85 0.39 -0.09 -9.87
N LYS B 86 1.67 0.00 -9.62
CA LYS B 86 2.61 0.47 -10.67
C LYS B 86 2.71 -0.59 -11.78
N GLU B 87 2.40 -1.82 -11.45
CA GLU B 87 2.44 -2.89 -12.48
C GLU B 87 1.02 -3.30 -12.86
N TYR B 88 0.09 -2.39 -12.76
CA TYR B 88 -1.33 -2.73 -13.08
C TYR B 88 -2.06 -1.49 -13.61
N ASN B 89 -2.03 -0.42 -12.88
CA ASN B 89 -2.75 0.81 -13.32
C ASN B 89 -2.32 1.20 -14.75
N PRO B 90 -3.05 2.12 -15.33
CA PRO B 90 -2.73 2.57 -16.71
C PRO B 90 -1.25 2.95 -16.84
N PRO B 91 -0.77 2.94 -18.06
CA PRO B 91 0.65 3.31 -18.31
C PRO B 91 0.87 4.79 -18.01
N GLU B 92 1.02 5.15 -16.77
CA GLU B 92 1.21 6.59 -16.42
C GLU B 92 0.08 7.43 -17.01
N SER B 93 -1.14 7.02 -16.80
CA SER B 93 -2.29 7.80 -17.37
C SER B 93 -2.99 8.58 -16.25
N GLU B 94 -3.62 7.91 -15.33
CA GLU B 94 -4.32 8.63 -14.24
C GLU B 94 -4.25 7.84 -12.94
N TYR B 95 -4.45 6.55 -13.00
CA TYR B 95 -4.38 5.72 -11.76
C TYR B 95 -2.92 5.42 -11.41
N TYR B 96 -2.03 5.56 -12.34
CA TYR B 96 -0.59 5.29 -12.06
C TYR B 96 0.07 6.48 -11.36
N LYS B 97 -0.35 7.67 -11.69
CA LYS B 97 0.29 8.89 -11.11
C LYS B 97 0.18 8.91 -9.58
N CYS B 98 -0.99 8.68 -9.04
CA CYS B 98 -1.15 8.74 -7.56
C CYS B 98 -0.09 7.89 -6.86
N ALA B 99 0.27 6.78 -7.45
CA ALA B 99 1.31 5.93 -6.82
C ALA B 99 2.60 6.74 -6.63
N ASN B 100 2.89 7.62 -7.54
CA ASN B 100 4.10 8.47 -7.39
C ASN B 100 3.90 9.44 -6.23
N ILE B 101 2.71 9.96 -6.09
CA ILE B 101 2.43 10.90 -4.96
C ILE B 101 2.43 10.12 -3.65
N LEU B 102 1.51 9.22 -3.46
CA LEU B 102 1.46 8.44 -2.19
C LEU B 102 2.84 7.88 -1.85
N GLU B 103 3.52 7.32 -2.82
CA GLU B 103 4.88 6.79 -2.55
C GLU B 103 5.82 7.93 -2.15
N LYS B 104 5.60 9.08 -2.71
CA LYS B 104 6.48 10.24 -2.41
C LYS B 104 6.21 10.80 -1.01
N PHE B 105 4.96 10.84 -0.62
CA PHE B 105 4.61 11.42 0.72
C PHE B 105 4.96 10.44 1.85
N PHE B 106 4.49 9.23 1.77
CA PHE B 106 4.77 8.26 2.87
C PHE B 106 6.29 8.00 2.99
N PHE B 107 7.04 8.33 1.97
CA PHE B 107 8.52 8.12 2.03
C PHE B 107 9.12 8.98 3.14
N SER B 108 8.94 10.28 3.07
CA SER B 108 9.49 11.17 4.13
C SER B 108 9.07 10.67 5.52
N LYS B 109 8.01 9.93 5.62
CA LYS B 109 7.63 9.41 6.95
C LYS B 109 8.43 8.14 7.26
N ILE B 110 8.37 7.16 6.39
CA ILE B 110 9.07 5.87 6.67
C ILE B 110 10.59 6.05 6.74
N LYS B 111 11.17 6.81 5.86
CA LYS B 111 12.65 7.00 5.91
C LYS B 111 13.03 7.76 7.16
N GLU B 112 12.27 8.76 7.47
CA GLU B 112 12.55 9.57 8.68
C GLU B 112 12.04 8.84 9.92
N ALA B 113 11.07 7.97 9.75
CA ALA B 113 10.57 7.17 10.90
C ALA B 113 11.58 6.09 11.23
N GLY B 114 12.32 5.65 10.24
CA GLY B 114 13.33 4.60 10.47
C GLY B 114 12.82 3.28 9.90
N LEU B 115 11.95 3.31 8.91
CA LEU B 115 11.45 2.04 8.34
C LEU B 115 12.36 1.64 7.17
N ILE B 116 12.72 2.58 6.35
CA ILE B 116 13.58 2.28 5.18
C ILE B 116 15.06 2.45 5.54
N ASP B 117 15.34 3.26 6.53
CA ASP B 117 16.76 3.47 6.95
C ASP B 117 17.63 3.77 5.73
N LYS B 118 17.11 4.51 4.78
CA LYS B 118 17.91 4.85 3.57
C LYS B 118 18.48 3.58 2.93
N SER A 1 -19.44 2.16 -6.73
CA SER A 1 -18.81 0.99 -7.38
C SER A 1 -17.34 1.28 -7.71
N TYR A 2 -17.11 2.10 -8.71
CA TYR A 2 -15.71 2.43 -9.09
C TYR A 2 -14.90 1.15 -9.34
N GLY A 3 -13.60 1.27 -9.40
CA GLY A 3 -12.76 0.06 -9.63
C GLY A 3 -12.75 -0.27 -11.13
N ARG A 4 -11.60 -0.27 -11.75
CA ARG A 4 -11.54 -0.59 -13.20
C ARG A 4 -10.09 -0.65 -13.67
N LYS A 6 -8.26 -1.98 -15.63
CA LYS A 6 -8.20 -2.87 -16.83
C LYS A 6 -6.80 -2.80 -17.46
N ARG A 7 -6.54 -3.63 -18.44
CA ARG A 7 -5.22 -3.60 -19.10
C ARG A 7 -4.95 -2.20 -19.69
N ARG A 8 -5.98 -1.55 -20.16
CA ARG A 8 -5.81 -0.19 -20.73
C ARG A 8 -7.17 0.40 -21.11
N GLN A 9 -7.24 1.16 -22.17
CA GLN A 9 -8.54 1.77 -22.57
C GLN A 9 -9.34 0.80 -23.45
N ARG A 10 -10.17 -0.02 -22.86
CA ARG A 10 -10.97 -0.98 -23.66
C ARG A 10 -10.06 -1.80 -24.59
N CYS A 11 -9.13 -2.52 -24.02
CA CYS A 11 -8.21 -3.34 -24.87
C CYS A 11 -8.95 -4.54 -25.47
N GLY B 1 6.41 14.24 16.21
CA GLY B 1 7.15 15.53 16.33
C GLY B 1 6.88 16.15 17.70
N SER B 2 5.66 16.09 18.16
CA SER B 2 5.32 16.68 19.48
C SER B 2 5.02 15.58 20.50
N HIS B 3 5.77 14.51 20.47
CA HIS B 3 5.53 13.41 21.44
C HIS B 3 4.06 12.96 21.38
N MET B 4 3.63 12.46 20.27
CA MET B 4 2.21 12.00 20.15
C MET B 4 2.15 10.54 19.71
N SER B 5 2.84 9.68 20.41
CA SER B 5 2.83 8.23 20.03
C SER B 5 3.24 8.07 18.57
N LYS B 6 3.37 6.85 18.11
CA LYS B 6 3.77 6.63 16.70
C LYS B 6 5.04 7.40 16.36
N GLU B 7 6.19 6.81 16.55
CA GLU B 7 7.45 7.52 16.24
C GLU B 7 8.51 6.53 15.71
N PRO B 8 9.11 6.85 14.60
CA PRO B 8 10.13 5.96 14.02
C PRO B 8 11.50 6.18 14.66
N ARG B 9 11.60 7.11 15.57
CA ARG B 9 12.92 7.37 16.24
C ARG B 9 13.98 7.74 15.20
N ASP B 10 14.62 6.76 14.60
CA ASP B 10 15.66 7.07 13.58
C ASP B 10 15.14 6.73 12.19
N PRO B 11 15.52 7.53 11.22
CA PRO B 11 15.07 7.29 9.83
C PRO B 11 15.62 5.96 9.31
N ASP B 12 16.86 5.67 9.58
CA ASP B 12 17.46 4.39 9.12
C ASP B 12 16.76 3.21 9.80
N GLN B 13 16.49 3.32 11.08
CA GLN B 13 15.80 2.21 11.79
C GLN B 13 14.52 1.83 11.05
N LEU B 14 13.88 2.78 10.41
CA LEU B 14 12.64 2.47 9.66
C LEU B 14 12.98 1.85 8.30
N TYR B 15 13.97 2.39 7.63
CA TYR B 15 14.37 1.88 6.29
C TYR B 15 14.33 0.36 6.22
N SER B 16 15.01 -0.29 7.12
CA SER B 16 14.99 -1.78 7.12
C SER B 16 13.68 -2.29 7.72
N THR B 17 13.02 -1.48 8.51
CA THR B 17 11.71 -1.92 9.06
C THR B 17 10.69 -1.96 7.93
N LEU B 18 10.53 -0.88 7.21
CA LEU B 18 9.60 -0.90 6.05
C LEU B 18 10.05 -2.01 5.10
N LYS B 19 11.34 -2.20 5.00
CA LYS B 19 11.86 -3.30 4.14
C LYS B 19 11.30 -4.63 4.64
N SER B 20 11.19 -4.80 5.92
CA SER B 20 10.64 -6.07 6.45
C SER B 20 9.16 -6.18 6.08
N ILE B 21 8.32 -5.36 6.67
CA ILE B 21 6.86 -5.39 6.36
C ILE B 21 6.60 -5.61 4.85
N LEU B 22 7.36 -4.94 4.05
CA LEU B 22 7.20 -5.04 2.57
C LEU B 22 7.89 -6.29 2.00
N GLN B 23 9.18 -6.44 2.21
CA GLN B 23 9.91 -7.63 1.65
C GLN B 23 9.06 -8.90 1.79
N GLN B 24 8.39 -9.02 2.90
CA GLN B 24 7.45 -10.18 3.09
C GLN B 24 6.19 -10.00 2.25
N VAL B 25 5.53 -8.85 2.30
CA VAL B 25 4.29 -8.70 1.49
C VAL B 25 4.63 -8.67 0.00
N LYS B 26 5.85 -8.34 -0.33
CA LYS B 26 6.24 -8.32 -1.76
C LYS B 26 6.07 -9.71 -2.35
N SER B 27 6.20 -10.71 -1.54
CA SER B 27 6.00 -12.10 -2.03
C SER B 27 4.74 -12.68 -1.38
N HIS B 28 3.79 -11.84 -1.07
CA HIS B 28 2.55 -12.34 -0.41
C HIS B 28 1.67 -13.08 -1.41
N GLN B 29 0.78 -13.90 -0.92
CA GLN B 29 -0.13 -14.65 -1.84
C GLN B 29 -1.28 -13.75 -2.32
N SER B 30 -1.28 -12.50 -1.94
CA SER B 30 -2.38 -11.59 -2.38
C SER B 30 -1.82 -10.22 -2.80
N ALA B 31 -0.53 -10.05 -2.78
CA ALA B 31 0.06 -8.74 -3.19
C ALA B 31 0.13 -8.64 -4.71
N TRP B 32 0.04 -9.76 -5.40
CA TRP B 32 0.07 -9.73 -6.89
C TRP B 32 -0.77 -8.57 -7.45
N PRO B 33 -1.98 -8.42 -6.97
CA PRO B 33 -2.86 -7.32 -7.45
C PRO B 33 -2.21 -5.95 -7.23
N PHE B 34 -1.42 -5.83 -6.20
CA PHE B 34 -0.81 -4.50 -5.90
C PHE B 34 0.59 -4.37 -6.51
N MET B 35 1.02 -5.33 -7.29
CA MET B 35 2.38 -5.23 -7.90
C MET B 35 2.31 -4.62 -9.29
N GLU B 36 1.25 -3.91 -9.59
CA GLU B 36 1.14 -3.29 -10.94
C GLU B 36 0.60 -1.86 -10.83
N PRO B 37 0.99 -1.03 -11.76
CA PRO B 37 0.53 0.38 -11.75
C PRO B 37 -0.87 0.47 -12.38
N VAL B 38 -1.76 1.22 -11.79
CA VAL B 38 -3.12 1.35 -12.39
C VAL B 38 -3.01 2.13 -13.72
N LYS B 39 -3.84 3.10 -13.96
CA LYS B 39 -3.74 3.85 -15.24
C LYS B 39 -3.72 5.36 -14.99
N ARG B 40 -4.52 5.82 -14.07
CA ARG B 40 -4.56 7.29 -13.78
C ARG B 40 -4.89 8.09 -15.04
N THR B 41 -5.77 7.57 -15.85
CA THR B 41 -6.17 8.28 -17.11
C THR B 41 -7.16 7.41 -17.90
N GLU B 42 -7.02 6.12 -17.81
CA GLU B 42 -7.95 5.20 -18.51
C GLU B 42 -8.68 4.31 -17.50
N ALA B 43 -8.37 4.44 -16.23
CA ALA B 43 -9.04 3.60 -15.20
C ALA B 43 -10.15 4.39 -14.51
N PRO B 44 -11.36 4.22 -15.00
CA PRO B 44 -12.51 4.94 -14.40
C PRO B 44 -12.73 4.50 -12.95
N GLY B 45 -13.24 5.37 -12.13
CA GLY B 45 -13.48 5.00 -10.70
C GLY B 45 -12.39 5.62 -9.82
N TYR B 46 -11.17 5.63 -10.29
CA TYR B 46 -10.06 6.20 -9.47
C TYR B 46 -10.22 7.72 -9.37
N TYR B 47 -9.21 8.40 -8.88
CA TYR B 47 -9.32 9.88 -8.74
C TYR B 47 -10.56 10.25 -7.91
N GLU B 48 -11.05 9.33 -7.14
CA GLU B 48 -12.26 9.61 -6.31
C GLU B 48 -12.22 8.75 -5.04
N VAL B 49 -11.88 7.51 -5.17
CA VAL B 49 -11.76 6.63 -3.96
C VAL B 49 -10.29 6.38 -3.65
N ILE B 50 -9.45 6.45 -4.65
CA ILE B 50 -7.99 6.20 -4.41
C ILE B 50 -7.24 7.54 -4.32
N ARG B 51 -7.15 8.10 -3.15
CA ARG B 51 -6.42 9.39 -3.00
C ARG B 51 -5.04 9.29 -3.63
N PHE B 52 -4.32 8.24 -3.35
CA PHE B 52 -2.96 8.07 -3.94
C PHE B 52 -2.77 6.64 -4.45
N PRO B 53 -3.19 6.40 -5.68
CA PRO B 53 -3.05 5.05 -6.27
C PRO B 53 -1.65 4.51 -6.08
N MET B 54 -1.43 3.78 -5.03
CA MET B 54 -0.07 3.21 -4.77
C MET B 54 0.00 1.75 -5.22
N ASP B 55 1.14 1.14 -5.14
CA ASP B 55 1.28 -0.29 -5.54
C ASP B 55 2.73 -0.75 -5.36
N LEU B 56 2.91 -1.98 -4.95
CA LEU B 56 4.29 -2.50 -4.77
C LEU B 56 5.10 -2.29 -6.05
N LYS B 57 4.42 -2.22 -7.17
CA LYS B 57 5.13 -1.97 -8.46
C LYS B 57 6.04 -0.73 -8.34
N THR B 58 5.59 0.27 -7.63
CA THR B 58 6.43 1.50 -7.48
C THR B 58 6.65 1.83 -6.00
N MET B 59 5.74 1.45 -5.14
CA MET B 59 5.91 1.78 -3.70
C MET B 59 7.23 1.20 -3.18
N SER B 60 7.65 0.08 -3.70
CA SER B 60 8.93 -0.53 -3.24
C SER B 60 10.11 0.25 -3.81
N GLU B 61 10.03 0.65 -5.05
CA GLU B 61 11.15 1.41 -5.66
C GLU B 61 11.50 2.62 -4.79
N ARG B 62 10.56 3.09 -4.01
CA ARG B 62 10.84 4.27 -3.14
C ARG B 62 11.61 3.84 -1.90
N LEU B 63 11.17 2.80 -1.24
CA LEU B 63 11.91 2.32 -0.05
C LEU B 63 13.36 2.02 -0.44
N LYS B 64 13.58 1.67 -1.67
CA LYS B 64 14.98 1.43 -2.13
C LYS B 64 15.79 2.69 -1.88
N ASN B 65 15.18 3.84 -1.97
CA ASN B 65 15.90 5.09 -1.68
C ASN B 65 15.53 5.59 -0.28
N ARG B 66 14.56 6.47 -0.15
CA ARG B 66 14.15 6.96 1.19
C ARG B 66 13.00 7.97 1.06
N TYR B 67 12.16 7.79 0.08
CA TYR B 67 11.02 8.74 -0.10
C TYR B 67 10.01 8.55 1.02
N TYR B 68 9.83 7.33 1.44
CA TYR B 68 8.88 7.06 2.57
C TYR B 68 9.62 6.30 3.66
N VAL B 69 10.67 6.87 4.18
CA VAL B 69 11.47 6.18 5.22
C VAL B 69 11.17 6.74 6.62
N SER B 70 9.93 6.71 7.03
CA SER B 70 9.58 7.25 8.38
C SER B 70 8.44 6.41 9.00
N LYS B 71 7.40 7.03 9.51
CA LYS B 71 6.30 6.23 10.13
C LYS B 71 5.03 6.30 9.25
N LYS B 72 4.10 7.18 9.55
CA LYS B 72 2.86 7.26 8.72
C LYS B 72 3.20 7.33 7.24
N LEU B 73 4.38 7.80 6.91
CA LEU B 73 4.77 7.90 5.47
C LEU B 73 4.62 6.55 4.78
N PHE B 74 5.39 5.58 5.19
CA PHE B 74 5.32 4.24 4.55
C PHE B 74 3.99 3.56 4.91
N MET B 75 3.51 3.77 6.09
CA MET B 75 2.22 3.14 6.50
C MET B 75 1.09 3.74 5.68
N ALA B 76 1.17 5.00 5.38
CA ALA B 76 0.11 5.65 4.57
C ALA B 76 0.05 5.02 3.17
N ASP B 77 1.13 5.11 2.44
CA ASP B 77 1.14 4.52 1.07
C ASP B 77 0.68 3.07 1.10
N LEU B 78 1.14 2.30 2.06
CA LEU B 78 0.70 0.89 2.15
C LEU B 78 -0.80 0.83 2.47
N GLN B 79 -1.22 1.51 3.50
CA GLN B 79 -2.69 1.54 3.80
C GLN B 79 -3.43 2.01 2.56
N ARG B 80 -2.91 3.02 1.91
CA ARG B 80 -3.53 3.50 0.65
C ARG B 80 -3.76 2.32 -0.30
N VAL B 81 -2.72 1.58 -0.62
CA VAL B 81 -2.89 0.40 -1.49
C VAL B 81 -3.92 -0.57 -0.90
N PHE B 82 -3.58 -1.23 0.17
CA PHE B 82 -4.52 -2.21 0.78
C PHE B 82 -5.90 -1.60 0.97
N THR B 83 -5.97 -0.46 1.60
CA THR B 83 -7.29 0.16 1.86
C THR B 83 -7.98 0.61 0.57
N ASN B 84 -7.37 1.49 -0.19
CA ASN B 84 -8.02 1.94 -1.47
C ASN B 84 -8.44 0.72 -2.29
N CYS B 85 -7.61 -0.29 -2.32
CA CYS B 85 -7.97 -1.51 -3.10
C CYS B 85 -9.30 -2.07 -2.61
N LYS B 86 -9.52 -2.11 -1.33
CA LYS B 86 -10.81 -2.64 -0.81
C LYS B 86 -11.92 -1.58 -0.91
N GLU B 87 -11.62 -0.44 -1.50
CA GLU B 87 -12.65 0.63 -1.62
C GLU B 87 -13.46 0.45 -2.91
N TYR B 88 -12.85 -0.10 -3.93
CA TYR B 88 -13.59 -0.28 -5.21
C TYR B 88 -13.53 -1.73 -5.69
N ASN B 89 -12.61 -2.50 -5.20
CA ASN B 89 -12.50 -3.92 -5.65
C ASN B 89 -13.87 -4.63 -5.59
N PRO B 90 -13.91 -5.83 -6.11
CA PRO B 90 -15.18 -6.61 -6.11
C PRO B 90 -15.72 -6.78 -4.69
N PRO B 91 -17.01 -7.03 -4.59
CA PRO B 91 -17.62 -7.24 -3.25
C PRO B 91 -17.06 -8.49 -2.61
N GLU B 92 -15.87 -8.42 -2.08
CA GLU B 92 -15.25 -9.62 -1.45
C GLU B 92 -15.23 -10.79 -2.43
N SER B 93 -14.71 -10.58 -3.60
CA SER B 93 -14.66 -11.68 -4.61
C SER B 93 -13.22 -12.18 -4.80
N GLU B 94 -12.36 -11.34 -5.31
CA GLU B 94 -10.96 -11.78 -5.53
C GLU B 94 -10.00 -10.59 -5.42
N TYR B 95 -10.37 -9.48 -5.98
CA TYR B 95 -9.48 -8.27 -5.91
C TYR B 95 -9.61 -7.59 -4.55
N TYR B 96 -10.75 -7.72 -3.92
CA TYR B 96 -10.95 -7.08 -2.58
C TYR B 96 -10.32 -7.93 -1.48
N LYS B 97 -10.52 -9.22 -1.53
CA LYS B 97 -9.99 -10.11 -0.47
C LYS B 97 -8.50 -9.83 -0.18
N CYS B 98 -7.67 -9.93 -1.17
CA CYS B 98 -6.21 -9.72 -0.95
C CYS B 98 -5.93 -8.46 -0.13
N ALA B 99 -6.70 -7.42 -0.32
CA ALA B 99 -6.46 -6.18 0.47
C ALA B 99 -6.70 -6.47 1.96
N ASN B 100 -7.56 -7.42 2.25
CA ASN B 100 -7.80 -7.77 3.67
C ASN B 100 -6.65 -8.63 4.19
N ILE B 101 -6.25 -9.62 3.44
CA ILE B 101 -5.10 -10.47 3.87
C ILE B 101 -3.86 -9.59 4.02
N LEU B 102 -3.42 -8.98 2.96
CA LEU B 102 -2.22 -8.13 3.02
C LEU B 102 -2.33 -7.11 4.16
N GLU B 103 -3.42 -6.38 4.21
CA GLU B 103 -3.60 -5.39 5.31
C GLU B 103 -3.40 -6.06 6.67
N LYS B 104 -3.76 -7.31 6.78
CA LYS B 104 -3.60 -8.00 8.09
C LYS B 104 -2.15 -8.47 8.31
N PHE B 105 -1.62 -9.21 7.38
CA PHE B 105 -0.23 -9.73 7.54
C PHE B 105 0.75 -8.59 7.88
N PHE B 106 0.88 -7.62 7.01
CA PHE B 106 1.83 -6.51 7.30
C PHE B 106 1.44 -5.79 8.60
N PHE B 107 0.23 -5.99 9.07
CA PHE B 107 -0.22 -5.32 10.32
C PHE B 107 0.56 -5.84 11.54
N SER B 108 0.85 -7.10 11.57
CA SER B 108 1.57 -7.67 12.74
C SER B 108 2.99 -7.08 12.86
N LYS B 109 3.65 -6.83 11.77
CA LYS B 109 5.03 -6.28 11.86
C LYS B 109 5.00 -4.76 12.08
N ILE B 110 4.10 -4.05 11.46
CA ILE B 110 4.07 -2.57 11.68
C ILE B 110 3.67 -2.27 13.13
N LYS B 111 2.75 -3.01 13.67
CA LYS B 111 2.37 -2.78 15.09
C LYS B 111 3.54 -3.15 15.99
N GLU B 112 4.19 -4.24 15.67
CA GLU B 112 5.36 -4.66 16.50
C GLU B 112 6.60 -3.85 16.09
N ALA B 113 6.54 -3.18 14.97
CA ALA B 113 7.69 -2.34 14.54
C ALA B 113 7.56 -0.93 15.11
N GLY B 114 6.41 -0.60 15.65
CA GLY B 114 6.22 0.77 16.19
C GLY B 114 5.61 1.64 15.10
N LEU B 115 4.92 1.05 14.16
CA LEU B 115 4.31 1.84 13.07
C LEU B 115 2.87 2.17 13.44
N ILE B 116 2.25 1.27 14.15
CA ILE B 116 0.86 1.48 14.54
C ILE B 116 0.75 1.43 16.04
N ASP B 117 1.28 2.41 16.66
CA ASP B 117 1.16 2.52 18.13
C ASP B 117 -0.31 2.73 18.52
N LYS B 118 -1.20 2.85 17.57
CA LYS B 118 -2.64 3.05 17.90
C LYS B 118 -3.44 1.77 17.63
N SER A 1 8.49 11.88 17.47
CA SER A 1 7.03 11.52 17.41
C SER A 1 6.48 11.82 16.03
N TYR A 2 7.04 11.24 15.00
CA TYR A 2 6.54 11.51 13.62
C TYR A 2 7.28 10.63 12.61
N GLY A 3 6.85 9.41 12.42
CA GLY A 3 7.54 8.53 11.44
C GLY A 3 8.47 7.56 12.18
N ARG A 4 8.06 6.32 12.31
CA ARG A 4 8.95 5.33 13.02
C ARG A 4 8.66 3.92 12.51
N LYS A 6 10.28 0.86 13.73
CA LYS A 6 11.13 -0.05 14.55
C LYS A 6 10.28 -0.83 15.56
N ARG A 7 10.83 -1.19 16.68
CA ARG A 7 10.04 -1.94 17.69
C ARG A 7 10.45 -1.51 19.11
N ARG A 8 9.53 -0.93 19.85
CA ARG A 8 9.84 -0.48 21.22
C ARG A 8 8.74 -0.93 22.19
N GLN A 9 8.73 -2.18 22.56
CA GLN A 9 7.70 -2.67 23.50
C GLN A 9 8.02 -4.10 23.96
N ARG A 10 9.27 -4.45 24.04
CA ARG A 10 9.65 -5.81 24.49
C ARG A 10 8.90 -6.87 23.67
N CYS A 11 8.97 -8.10 24.08
CA CYS A 11 8.26 -9.17 23.32
C CYS A 11 7.89 -10.33 24.26
N GLY B 1 -19.48 14.63 -20.71
CA GLY B 1 -20.74 13.85 -20.77
C GLY B 1 -20.64 12.65 -19.83
N SER B 2 -19.62 11.84 -19.98
CA SER B 2 -19.47 10.66 -19.09
C SER B 2 -18.03 10.13 -19.15
N HIS B 3 -17.20 10.58 -18.25
CA HIS B 3 -15.79 10.10 -18.25
C HIS B 3 -15.25 10.02 -16.82
N MET B 4 -16.12 9.92 -15.86
CA MET B 4 -15.67 9.84 -14.44
C MET B 4 -16.49 8.79 -13.68
N SER B 5 -16.05 7.57 -13.68
CA SER B 5 -16.80 6.50 -12.95
C SER B 5 -15.86 5.76 -11.98
N LYS B 6 -14.78 5.25 -12.48
CA LYS B 6 -13.84 4.50 -11.59
C LYS B 6 -14.58 3.42 -10.82
N GLU B 7 -14.69 2.24 -11.37
CA GLU B 7 -15.40 1.14 -10.67
C GLU B 7 -14.84 -0.22 -11.10
N PRO B 8 -14.63 -1.09 -10.14
CA PRO B 8 -14.08 -2.43 -10.45
C PRO B 8 -15.12 -3.31 -11.15
N ARG B 9 -16.33 -2.83 -11.31
CA ARG B 9 -17.38 -3.65 -12.00
C ARG B 9 -17.62 -4.95 -11.22
N ASP B 10 -16.84 -5.96 -11.47
CA ASP B 10 -17.04 -7.25 -10.76
C ASP B 10 -15.93 -7.45 -9.71
N PRO B 11 -16.31 -7.92 -8.55
CA PRO B 11 -15.32 -8.15 -7.47
C PRO B 11 -14.33 -9.24 -7.89
N ASP B 12 -14.81 -10.36 -8.36
CA ASP B 12 -13.89 -11.44 -8.81
C ASP B 12 -12.95 -10.90 -9.88
N GLN B 13 -13.46 -10.16 -10.82
CA GLN B 13 -12.59 -9.58 -11.87
C GLN B 13 -11.45 -8.79 -11.21
N LEU B 14 -11.71 -8.23 -10.06
CA LEU B 14 -10.65 -7.47 -9.35
C LEU B 14 -9.72 -8.44 -8.62
N TYR B 15 -10.27 -9.49 -8.07
CA TYR B 15 -9.44 -10.49 -7.33
C TYR B 15 -8.16 -10.82 -8.10
N SER B 16 -8.29 -11.14 -9.35
CA SER B 16 -7.08 -11.41 -10.17
C SER B 16 -6.39 -10.09 -10.51
N THR B 17 -7.13 -9.02 -10.57
CA THR B 17 -6.49 -7.70 -10.86
C THR B 17 -5.63 -7.29 -9.68
N LEU B 18 -6.21 -7.17 -8.51
CA LEU B 18 -5.39 -6.82 -7.31
C LEU B 18 -4.27 -7.85 -7.18
N LYS B 19 -4.54 -9.06 -7.60
CA LYS B 19 -3.49 -10.10 -7.59
C LYS B 19 -2.37 -9.71 -8.55
N SER B 20 -2.73 -9.17 -9.68
CA SER B 20 -1.70 -8.73 -10.68
C SER B 20 -0.91 -7.56 -10.13
N ILE B 21 -1.56 -6.44 -9.88
CA ILE B 21 -0.85 -5.26 -9.32
C ILE B 21 0.05 -5.67 -8.15
N LEU B 22 -0.44 -6.49 -7.26
CA LEU B 22 0.39 -6.92 -6.10
C LEU B 22 1.35 -8.03 -6.52
N GLN B 23 0.99 -8.85 -7.47
CA GLN B 23 1.91 -9.93 -7.89
C GLN B 23 3.26 -9.32 -8.30
N GLN B 24 3.22 -8.22 -8.99
CA GLN B 24 4.50 -7.57 -9.41
C GLN B 24 5.09 -6.74 -8.26
N VAL B 25 4.28 -6.10 -7.45
CA VAL B 25 4.86 -5.31 -6.33
C VAL B 25 5.22 -6.24 -5.15
N LYS B 26 4.69 -7.42 -5.14
CA LYS B 26 5.00 -8.39 -4.05
C LYS B 26 6.44 -8.87 -4.19
N SER B 27 6.89 -9.05 -5.41
CA SER B 27 8.30 -9.46 -5.63
C SER B 27 9.07 -8.27 -6.18
N HIS B 28 8.67 -7.10 -5.79
CA HIS B 28 9.31 -5.85 -6.32
C HIS B 28 10.62 -5.55 -5.61
N GLN B 29 11.55 -4.97 -6.31
CA GLN B 29 12.88 -4.65 -5.70
C GLN B 29 12.74 -3.57 -4.61
N SER B 30 11.58 -2.97 -4.49
CA SER B 30 11.43 -1.87 -3.49
C SER B 30 10.24 -2.11 -2.56
N ALA B 31 9.47 -3.13 -2.78
CA ALA B 31 8.31 -3.39 -1.86
C ALA B 31 8.77 -4.13 -0.60
N TRP B 32 10.05 -4.33 -0.44
CA TRP B 32 10.59 -4.99 0.79
C TRP B 32 10.16 -4.21 2.04
N PRO B 33 10.48 -2.92 2.09
CA PRO B 33 10.02 -2.09 3.23
C PRO B 33 8.51 -2.20 3.35
N PHE B 34 7.89 -2.52 2.25
CA PHE B 34 6.42 -2.56 2.19
C PHE B 34 5.89 -3.95 2.54
N MET B 35 6.74 -4.82 3.01
CA MET B 35 6.28 -6.20 3.36
C MET B 35 6.35 -6.41 4.87
N GLU B 36 6.40 -5.37 5.64
CA GLU B 36 6.44 -5.53 7.12
C GLU B 36 5.43 -4.59 7.80
N PRO B 37 4.92 -5.02 8.92
CA PRO B 37 3.92 -4.22 9.66
C PRO B 37 4.60 -3.33 10.70
N VAL B 38 4.38 -2.04 10.64
CA VAL B 38 5.00 -1.13 11.67
C VAL B 38 4.74 -1.70 13.09
N LYS B 39 3.64 -1.34 13.70
CA LYS B 39 3.33 -1.86 15.06
C LYS B 39 1.97 -1.34 15.53
N ARG B 40 1.64 -0.13 15.17
CA ARG B 40 0.33 0.45 15.59
C ARG B 40 0.19 0.41 17.11
N THR B 41 1.29 0.31 17.82
CA THR B 41 1.23 0.29 19.30
C THR B 41 2.41 1.07 19.89
N GLU B 42 3.57 0.92 19.33
CA GLU B 42 4.75 1.67 19.86
C GLU B 42 5.23 2.71 18.85
N ALA B 43 5.13 2.40 17.58
CA ALA B 43 5.59 3.36 16.53
C ALA B 43 5.12 4.79 16.83
N PRO B 44 6.03 5.59 17.36
CA PRO B 44 5.69 6.98 17.71
C PRO B 44 5.57 7.84 16.45
N GLY B 45 4.68 8.79 16.45
CA GLY B 45 4.54 9.67 15.27
C GLY B 45 3.34 9.23 14.42
N TYR B 46 2.98 7.97 14.51
CA TYR B 46 1.82 7.49 13.71
C TYR B 46 0.58 8.32 14.04
N TYR B 47 -0.56 7.94 13.55
CA TYR B 47 -1.79 8.76 13.81
C TYR B 47 -1.58 10.20 13.33
N GLU B 48 -0.63 10.41 12.47
CA GLU B 48 -0.37 11.78 11.94
C GLU B 48 0.21 11.66 10.53
N VAL B 49 1.24 10.89 10.38
CA VAL B 49 1.80 10.64 9.01
C VAL B 49 1.20 9.36 8.45
N ILE B 50 0.78 8.48 9.32
CA ILE B 50 0.18 7.20 8.84
C ILE B 50 -1.29 7.13 9.26
N ARG B 51 -2.14 7.83 8.56
CA ARG B 51 -3.59 7.82 8.91
C ARG B 51 -4.08 6.38 9.09
N PHE B 52 -3.68 5.50 8.23
CA PHE B 52 -4.13 4.08 8.35
C PHE B 52 -2.99 3.13 7.95
N PRO B 53 -2.21 2.72 8.93
CA PRO B 53 -1.08 1.78 8.68
C PRO B 53 -1.52 0.65 7.73
N MET B 54 -0.64 0.22 6.87
CA MET B 54 -1.01 -0.86 5.90
C MET B 54 0.22 -1.28 5.11
N ASP B 55 0.44 -2.56 4.98
CA ASP B 55 1.65 -3.02 4.25
C ASP B 55 1.37 -4.34 3.52
N LEU B 56 2.19 -4.69 2.57
CA LEU B 56 1.97 -5.96 1.82
C LEU B 56 1.87 -7.14 2.80
N LYS B 57 2.59 -7.08 3.88
CA LYS B 57 2.53 -8.18 4.89
C LYS B 57 1.06 -8.38 5.33
N THR B 58 0.29 -7.33 5.35
CA THR B 58 -1.14 -7.46 5.77
C THR B 58 -2.05 -7.52 4.54
N MET B 59 -1.80 -6.68 3.57
CA MET B 59 -2.65 -6.69 2.34
C MET B 59 -2.76 -8.11 1.78
N SER B 60 -1.66 -8.78 1.63
CA SER B 60 -1.69 -10.15 1.08
C SER B 60 -2.66 -11.02 1.88
N GLU B 61 -2.68 -10.85 3.18
CA GLU B 61 -3.64 -11.64 4.01
C GLU B 61 -5.06 -11.23 3.64
N ARG B 62 -5.25 -10.01 3.23
CA ARG B 62 -6.60 -9.56 2.81
C ARG B 62 -6.88 -10.09 1.41
N LEU B 63 -5.96 -9.88 0.50
CA LEU B 63 -6.14 -10.44 -0.88
C LEU B 63 -6.32 -11.95 -0.77
N LYS B 64 -5.69 -12.55 0.20
CA LYS B 64 -5.84 -14.01 0.41
C LYS B 64 -7.27 -14.31 0.92
N ASN B 65 -7.88 -13.34 1.53
CA ASN B 65 -9.27 -13.54 2.05
C ASN B 65 -10.23 -12.57 1.37
N ARG B 66 -9.96 -12.25 0.12
CA ARG B 66 -10.82 -11.29 -0.67
C ARG B 66 -11.39 -10.16 0.21
N TYR B 67 -10.66 -9.74 1.20
CA TYR B 67 -11.15 -8.64 2.08
C TYR B 67 -11.11 -7.32 1.31
N TYR B 68 -10.02 -7.07 0.65
CA TYR B 68 -9.92 -5.83 -0.17
C TYR B 68 -10.13 -6.19 -1.64
N VAL B 69 -11.25 -6.77 -1.96
CA VAL B 69 -11.50 -7.23 -3.34
C VAL B 69 -12.30 -6.18 -4.13
N SER B 70 -11.79 -4.98 -4.25
CA SER B 70 -12.53 -3.95 -5.02
C SER B 70 -11.57 -2.83 -5.46
N LYS B 71 -12.09 -1.65 -5.63
CA LYS B 71 -11.23 -0.51 -6.07
C LYS B 71 -10.83 0.35 -4.87
N LYS B 72 -11.73 1.17 -4.40
CA LYS B 72 -11.40 2.06 -3.25
C LYS B 72 -10.82 1.24 -2.09
N LEU B 73 -11.08 -0.04 -2.05
CA LEU B 73 -10.56 -0.87 -0.93
C LEU B 73 -9.11 -1.27 -1.17
N PHE B 74 -8.82 -1.91 -2.27
CA PHE B 74 -7.42 -2.34 -2.53
C PHE B 74 -6.55 -1.15 -2.93
N MET B 75 -7.02 -0.35 -3.84
CA MET B 75 -6.23 0.84 -4.25
C MET B 75 -5.92 1.70 -3.04
N ALA B 76 -6.86 1.83 -2.14
CA ALA B 76 -6.61 2.64 -0.90
C ALA B 76 -5.47 2.03 -0.10
N ASP B 77 -5.65 0.82 0.38
CA ASP B 77 -4.59 0.16 1.19
C ASP B 77 -3.23 0.29 0.49
N LEU B 78 -3.21 0.15 -0.81
CA LEU B 78 -1.92 0.32 -1.52
C LEU B 78 -1.52 1.79 -1.49
N GLN B 79 -2.43 2.67 -1.76
CA GLN B 79 -2.11 4.12 -1.68
C GLN B 79 -1.65 4.44 -0.26
N ARG B 80 -2.37 3.94 0.71
CA ARG B 80 -1.96 4.16 2.13
C ARG B 80 -0.48 3.84 2.30
N VAL B 81 -0.07 2.66 1.91
CA VAL B 81 1.38 2.28 1.99
C VAL B 81 2.22 3.34 1.29
N PHE B 82 1.84 3.74 0.11
CA PHE B 82 2.61 4.79 -0.62
C PHE B 82 2.50 6.12 0.13
N THR B 83 1.31 6.62 0.25
CA THR B 83 1.08 7.93 0.92
C THR B 83 1.62 7.91 2.37
N ASN B 84 1.20 6.97 3.17
CA ASN B 84 1.66 6.95 4.59
C ASN B 84 3.19 6.90 4.68
N CYS B 85 3.81 6.10 3.87
CA CYS B 85 5.29 5.98 3.93
C CYS B 85 5.92 7.25 3.36
N LYS B 86 5.40 7.69 2.25
CA LYS B 86 5.91 8.92 1.62
C LYS B 86 5.77 10.12 2.58
N GLU B 87 4.98 9.99 3.61
CA GLU B 87 4.79 11.14 4.55
C GLU B 87 5.83 11.11 5.68
N TYR B 88 6.78 10.22 5.62
CA TYR B 88 7.81 10.18 6.70
C TYR B 88 9.18 9.87 6.09
N ASN B 89 9.32 8.71 5.51
CA ASN B 89 10.64 8.28 4.96
C ASN B 89 11.36 9.43 4.23
N PRO B 90 12.66 9.28 4.09
CA PRO B 90 13.50 10.32 3.43
C PRO B 90 12.82 10.88 2.19
N PRO B 91 13.07 12.13 1.92
CA PRO B 91 12.52 12.73 0.69
C PRO B 91 13.02 11.95 -0.52
N GLU B 92 14.11 11.21 -0.37
CA GLU B 92 14.66 10.41 -1.50
C GLU B 92 15.99 9.77 -1.08
N SER B 93 15.97 8.86 -0.16
CA SER B 93 17.25 8.24 0.30
C SER B 93 17.20 6.72 0.16
N GLU B 94 16.32 6.07 0.86
CA GLU B 94 16.26 4.58 0.77
C GLU B 94 14.85 4.07 1.00
N TYR B 95 14.16 4.61 1.97
CA TYR B 95 12.77 4.13 2.25
C TYR B 95 11.78 4.73 1.26
N TYR B 96 11.99 5.95 0.87
CA TYR B 96 11.06 6.59 -0.11
C TYR B 96 11.39 6.14 -1.53
N LYS B 97 12.63 5.85 -1.81
CA LYS B 97 13.00 5.38 -3.17
C LYS B 97 12.15 4.17 -3.55
N CYS B 98 11.61 3.48 -2.58
CA CYS B 98 10.75 2.31 -2.90
C CYS B 98 9.35 2.78 -3.27
N ALA B 99 8.72 3.53 -2.41
CA ALA B 99 7.36 4.06 -2.74
C ALA B 99 7.43 4.78 -4.09
N ASN B 100 8.45 5.54 -4.32
CA ASN B 100 8.59 6.22 -5.64
C ASN B 100 8.54 5.16 -6.75
N ILE B 101 9.47 4.25 -6.74
CA ILE B 101 9.46 3.16 -7.76
C ILE B 101 8.11 2.44 -7.70
N LEU B 102 7.87 1.73 -6.63
CA LEU B 102 6.61 0.95 -6.49
C LEU B 102 5.39 1.78 -6.90
N GLU B 103 5.16 2.91 -6.28
CA GLU B 103 3.95 3.72 -6.62
C GLU B 103 3.82 3.90 -8.13
N LYS B 104 4.90 4.19 -8.80
CA LYS B 104 4.82 4.38 -10.27
C LYS B 104 4.72 3.02 -10.97
N PHE B 105 5.16 1.98 -10.34
CA PHE B 105 5.08 0.63 -10.98
C PHE B 105 3.65 0.08 -10.88
N PHE B 106 3.14 -0.09 -9.69
CA PHE B 106 1.76 -0.62 -9.56
C PHE B 106 0.79 0.30 -10.34
N PHE B 107 1.19 1.51 -10.58
CA PHE B 107 0.32 2.44 -11.35
C PHE B 107 -0.02 1.84 -12.71
N SER B 108 0.96 1.46 -13.46
CA SER B 108 0.72 0.87 -14.81
C SER B 108 -0.40 -0.18 -14.79
N LYS B 109 -0.46 -0.98 -13.77
CA LYS B 109 -1.52 -2.03 -13.72
C LYS B 109 -2.86 -1.45 -13.27
N ILE B 110 -2.87 -0.69 -12.21
CA ILE B 110 -4.17 -0.11 -11.74
C ILE B 110 -4.70 0.87 -12.79
N LYS B 111 -3.85 1.64 -13.40
CA LYS B 111 -4.34 2.57 -14.46
C LYS B 111 -4.93 1.76 -15.62
N GLU B 112 -4.25 0.73 -16.02
CA GLU B 112 -4.76 -0.11 -17.14
C GLU B 112 -5.88 -1.02 -16.63
N ALA B 113 -5.86 -1.33 -15.35
CA ALA B 113 -6.92 -2.18 -14.77
C ALA B 113 -8.22 -1.38 -14.60
N GLY B 114 -8.16 -0.08 -14.80
CA GLY B 114 -9.39 0.75 -14.62
C GLY B 114 -9.51 1.15 -13.15
N LEU B 115 -8.40 1.17 -12.43
CA LEU B 115 -8.47 1.53 -11.00
C LEU B 115 -8.31 3.04 -10.85
N ILE B 116 -7.23 3.55 -11.35
CA ILE B 116 -6.95 5.00 -11.25
C ILE B 116 -7.75 5.78 -12.30
N ASP B 117 -8.09 5.15 -13.39
CA ASP B 117 -8.88 5.82 -14.45
C ASP B 117 -8.21 7.13 -14.88
N LYS B 118 -6.93 7.26 -14.64
CA LYS B 118 -6.24 8.51 -15.06
C LYS B 118 -4.73 8.39 -14.80
N SER A 1 14.32 -8.28 14.83
CA SER A 1 14.74 -7.61 13.57
C SER A 1 13.56 -7.49 12.61
N TYR A 2 12.54 -6.77 13.00
CA TYR A 2 11.34 -6.61 12.12
C TYR A 2 11.06 -5.13 11.88
N GLY A 3 10.10 -4.82 11.05
CA GLY A 3 9.76 -3.40 10.76
C GLY A 3 9.65 -2.61 12.06
N ARG A 4 9.62 -1.31 11.99
CA ARG A 4 9.54 -0.49 13.23
C ARG A 4 9.34 0.98 12.87
N LYS A 6 9.10 3.56 15.06
CA LYS A 6 9.30 4.35 16.30
C LYS A 6 9.78 5.76 15.96
N ARG A 7 10.09 6.55 16.96
CA ARG A 7 10.58 7.93 16.69
C ARG A 7 11.95 7.90 16.03
N ARG A 8 12.57 9.03 15.87
CA ARG A 8 13.91 9.07 15.22
C ARG A 8 15.01 9.04 16.29
N GLN A 9 16.24 8.94 15.89
CA GLN A 9 17.36 8.91 16.87
C GLN A 9 18.36 10.03 16.58
N ARG A 10 18.23 11.14 17.25
CA ARG A 10 19.17 12.27 17.00
C ARG A 10 20.49 12.04 17.76
N CYS A 11 21.59 12.45 17.20
CA CYS A 11 22.90 12.25 17.88
C CYS A 11 23.15 13.39 18.88
N GLY B 1 -14.52 -13.52 -24.25
CA GLY B 1 -14.50 -12.32 -23.36
C GLY B 1 -14.80 -12.74 -21.93
N SER B 2 -13.81 -13.17 -21.20
CA SER B 2 -14.04 -13.59 -19.79
C SER B 2 -13.49 -12.55 -18.82
N HIS B 3 -13.65 -12.76 -17.54
CA HIS B 3 -13.13 -11.78 -16.55
C HIS B 3 -12.81 -12.47 -15.23
N MET B 4 -12.04 -13.52 -15.27
CA MET B 4 -11.69 -14.25 -14.01
C MET B 4 -10.18 -14.28 -13.82
N SER B 5 -9.54 -13.14 -13.86
CA SER B 5 -8.06 -13.10 -13.68
C SER B 5 -7.60 -11.66 -13.45
N LYS B 6 -6.31 -11.44 -13.43
CA LYS B 6 -5.80 -10.06 -13.21
C LYS B 6 -5.42 -9.42 -14.55
N GLU B 7 -6.32 -8.67 -15.13
CA GLU B 7 -6.02 -8.02 -16.44
C GLU B 7 -6.73 -6.67 -16.54
N PRO B 8 -5.99 -5.59 -16.38
CA PRO B 8 -6.59 -4.25 -16.46
C PRO B 8 -6.97 -3.87 -17.90
N ARG B 9 -6.71 -4.74 -18.85
CA ARG B 9 -7.06 -4.42 -20.27
C ARG B 9 -6.36 -3.13 -20.72
N ASP B 10 -6.94 -1.99 -20.47
CA ASP B 10 -6.31 -0.71 -20.90
C ASP B 10 -5.75 0.04 -19.68
N PRO B 11 -4.56 0.57 -19.82
CA PRO B 11 -3.94 1.32 -18.69
C PRO B 11 -4.80 2.53 -18.32
N ASP B 12 -5.27 3.26 -19.31
CA ASP B 12 -6.11 4.46 -19.01
C ASP B 12 -7.29 4.06 -18.12
N GLN B 13 -8.00 3.02 -18.48
CA GLN B 13 -9.14 2.58 -17.62
C GLN B 13 -8.64 2.35 -16.20
N LEU B 14 -7.40 1.96 -16.06
CA LEU B 14 -6.83 1.74 -14.71
C LEU B 14 -6.39 3.06 -14.09
N TYR B 15 -5.95 3.99 -14.91
CA TYR B 15 -5.50 5.31 -14.38
C TYR B 15 -6.54 5.87 -13.41
N SER B 16 -7.78 5.94 -13.84
CA SER B 16 -8.84 6.47 -12.94
C SER B 16 -9.21 5.40 -11.90
N THR B 17 -8.99 4.15 -12.21
CA THR B 17 -9.31 3.07 -11.23
C THR B 17 -8.36 3.20 -10.04
N LEU B 18 -7.08 3.19 -10.30
CA LEU B 18 -6.09 3.35 -9.18
C LEU B 18 -6.41 4.68 -8.49
N LYS B 19 -6.71 5.69 -9.26
CA LYS B 19 -7.11 6.98 -8.65
C LYS B 19 -8.32 6.76 -7.76
N SER B 20 -9.24 5.95 -8.20
CA SER B 20 -10.44 5.65 -7.36
C SER B 20 -9.99 5.00 -6.06
N ILE B 21 -9.42 3.82 -6.13
CA ILE B 21 -8.91 3.16 -4.89
C ILE B 21 -8.05 4.13 -4.08
N LEU B 22 -6.96 4.55 -4.65
CA LEU B 22 -6.05 5.51 -3.96
C LEU B 22 -6.84 6.66 -3.34
N GLN B 23 -7.75 7.23 -4.06
CA GLN B 23 -8.55 8.36 -3.49
C GLN B 23 -9.20 7.93 -2.17
N GLN B 24 -10.16 7.05 -2.22
CA GLN B 24 -10.80 6.57 -0.95
C GLN B 24 -9.73 6.03 -0.02
N VAL B 25 -8.63 5.57 -0.57
CA VAL B 25 -7.54 5.02 0.27
C VAL B 25 -6.84 6.17 1.01
N LYS B 26 -6.20 7.04 0.28
CA LYS B 26 -5.52 8.20 0.92
C LYS B 26 -6.44 8.89 1.92
N SER B 27 -7.73 8.88 1.65
CA SER B 27 -8.68 9.52 2.59
C SER B 27 -9.30 8.48 3.53
N HIS B 28 -8.80 7.26 3.51
CA HIS B 28 -9.36 6.22 4.40
C HIS B 28 -8.90 6.47 5.84
N GLN B 29 -9.77 6.25 6.79
CA GLN B 29 -9.40 6.50 8.21
C GLN B 29 -8.47 5.41 8.75
N SER B 30 -8.12 4.44 7.94
CA SER B 30 -7.24 3.35 8.46
C SER B 30 -5.87 3.35 7.78
N ALA B 31 -5.73 3.98 6.63
CA ALA B 31 -4.40 3.94 5.93
C ALA B 31 -3.41 4.94 6.52
N TRP B 32 -3.78 5.65 7.56
CA TRP B 32 -2.81 6.60 8.22
C TRP B 32 -1.39 6.00 8.32
N PRO B 33 -1.29 4.79 8.84
CA PRO B 33 0.05 4.14 8.97
C PRO B 33 0.73 4.04 7.60
N PHE B 34 -0.02 4.07 6.54
CA PHE B 34 0.60 3.96 5.19
C PHE B 34 0.89 5.33 4.61
N MET B 35 1.00 6.33 5.45
CA MET B 35 1.27 7.70 4.91
C MET B 35 2.64 8.19 5.38
N GLU B 36 3.52 7.29 5.73
CA GLU B 36 4.88 7.71 6.16
C GLU B 36 5.95 6.85 5.47
N PRO B 37 7.11 7.41 5.28
CA PRO B 37 8.21 6.67 4.61
C PRO B 37 9.09 5.96 5.64
N VAL B 38 8.53 5.63 6.78
CA VAL B 38 9.33 4.96 7.87
C VAL B 38 10.63 5.76 8.11
N LYS B 39 11.30 5.46 9.17
CA LYS B 39 12.54 6.21 9.50
C LYS B 39 13.54 6.14 8.34
N ARG B 40 13.68 4.98 7.74
CA ARG B 40 14.64 4.83 6.61
C ARG B 40 16.05 5.22 7.07
N THR B 41 16.39 4.90 8.29
CA THR B 41 17.74 5.23 8.81
C THR B 41 17.92 4.63 10.21
N GLU B 42 16.89 4.64 11.00
CA GLU B 42 16.99 4.06 12.37
C GLU B 42 16.06 2.86 12.51
N ALA B 43 15.01 2.81 11.75
CA ALA B 43 14.06 1.66 11.83
C ALA B 43 14.83 0.33 11.77
N PRO B 44 14.94 -0.34 12.89
CA PRO B 44 15.68 -1.61 12.95
C PRO B 44 14.80 -2.79 12.50
N GLY B 45 15.36 -3.69 11.74
CA GLY B 45 14.56 -4.88 11.29
C GLY B 45 14.20 -4.73 9.82
N TYR B 46 14.02 -3.54 9.34
CA TYR B 46 13.67 -3.34 7.90
C TYR B 46 14.69 -4.04 7.01
N TYR B 47 14.60 -3.86 5.72
CA TYR B 47 15.58 -4.51 4.80
C TYR B 47 15.63 -6.02 5.05
N GLU B 48 14.52 -6.59 5.43
CA GLU B 48 14.49 -8.05 5.70
C GLU B 48 13.04 -8.55 5.78
N VAL B 49 12.17 -7.76 6.37
CA VAL B 49 10.74 -8.17 6.45
C VAL B 49 9.93 -7.32 5.48
N ILE B 50 10.36 -6.12 5.25
CA ILE B 50 9.63 -5.22 4.31
C ILE B 50 10.29 -5.26 2.94
N ARG B 51 9.82 -6.11 2.07
CA ARG B 51 10.41 -6.24 0.71
C ARG B 51 10.73 -4.87 0.10
N PHE B 52 9.71 -4.10 -0.19
CA PHE B 52 9.96 -2.75 -0.78
C PHE B 52 9.16 -1.69 -0.01
N PRO B 53 9.78 -1.17 1.03
CA PRO B 53 9.15 -0.09 1.85
C PRO B 53 8.36 0.89 1.00
N MET B 54 7.07 0.90 1.13
CA MET B 54 6.24 1.83 0.33
C MET B 54 5.06 2.36 1.14
N ASP B 55 4.53 3.49 0.77
CA ASP B 55 3.38 4.05 1.51
C ASP B 55 2.68 5.13 0.68
N LEU B 56 1.45 5.40 0.95
CA LEU B 56 0.72 6.45 0.19
C LEU B 56 1.55 7.74 0.17
N LYS B 57 2.29 7.98 1.22
CA LYS B 57 3.17 9.20 1.26
C LYS B 57 3.99 9.32 -0.03
N THR B 58 4.46 8.22 -0.55
CA THR B 58 5.29 8.28 -1.79
C THR B 58 4.67 7.42 -2.90
N MET B 59 3.78 6.53 -2.57
CA MET B 59 3.16 5.67 -3.62
C MET B 59 2.17 6.48 -4.45
N SER B 60 1.47 7.40 -3.83
CA SER B 60 0.49 8.23 -4.58
C SER B 60 1.25 9.16 -5.54
N GLU B 61 2.49 9.44 -5.25
CA GLU B 61 3.28 10.34 -6.13
C GLU B 61 3.47 9.71 -7.52
N ARG B 62 3.31 8.43 -7.62
CA ARG B 62 3.46 7.75 -8.94
C ARG B 62 2.19 7.95 -9.76
N LEU B 63 1.06 7.54 -9.24
CA LEU B 63 -0.21 7.77 -9.96
C LEU B 63 -0.35 9.27 -10.24
N LYS B 64 0.02 10.09 -9.30
CA LYS B 64 0.01 11.55 -9.55
C LYS B 64 0.91 11.84 -10.73
N ASN B 65 1.96 11.06 -10.88
CA ASN B 65 2.85 11.23 -12.05
C ASN B 65 2.50 10.21 -13.13
N ARG B 66 1.32 9.64 -13.06
CA ARG B 66 0.91 8.63 -14.07
C ARG B 66 1.99 7.55 -14.20
N TYR B 67 2.67 7.25 -13.14
CA TYR B 67 3.74 6.21 -13.20
C TYR B 67 3.14 4.82 -13.06
N TYR B 68 2.29 4.61 -12.08
CA TYR B 68 1.66 3.27 -11.90
C TYR B 68 0.25 3.27 -12.48
N VAL B 69 0.09 2.86 -13.72
CA VAL B 69 -1.25 2.85 -14.33
C VAL B 69 -1.65 1.42 -14.74
N SER B 70 -1.72 0.52 -13.79
CA SER B 70 -2.11 -0.88 -14.13
C SER B 70 -2.34 -1.69 -12.86
N LYS B 71 -2.29 -2.99 -12.97
CA LYS B 71 -2.52 -3.85 -11.76
C LYS B 71 -1.19 -4.22 -11.11
N LYS B 72 -0.36 -4.95 -11.81
CA LYS B 72 0.95 -5.36 -11.24
C LYS B 72 1.69 -4.17 -10.63
N LEU B 73 1.44 -2.99 -11.13
CA LEU B 73 2.13 -1.78 -10.57
C LEU B 73 1.43 -1.30 -9.30
N PHE B 74 0.27 -0.72 -9.43
CA PHE B 74 -0.46 -0.23 -8.23
C PHE B 74 -0.57 -1.30 -7.19
N MET B 75 -1.15 -2.40 -7.56
CA MET B 75 -1.44 -3.44 -6.56
C MET B 75 -0.16 -3.95 -5.91
N ALA B 76 0.93 -3.90 -6.63
CA ALA B 76 2.22 -4.37 -6.05
C ALA B 76 2.59 -3.52 -4.84
N ASP B 77 3.06 -2.33 -5.08
CA ASP B 77 3.46 -1.44 -3.95
C ASP B 77 2.33 -1.35 -2.92
N LEU B 78 1.14 -1.07 -3.36
CA LEU B 78 0.01 -0.96 -2.39
C LEU B 78 -0.09 -2.24 -1.56
N GLN B 79 -0.13 -3.37 -2.21
CA GLN B 79 -0.17 -4.65 -1.45
C GLN B 79 1.10 -4.77 -0.62
N ARG B 80 2.20 -4.28 -1.14
CA ARG B 80 3.47 -4.32 -0.38
C ARG B 80 3.37 -3.44 0.87
N VAL B 81 2.45 -2.52 0.89
CA VAL B 81 2.27 -1.66 2.10
C VAL B 81 1.44 -2.43 3.12
N PHE B 82 0.45 -3.11 2.64
CA PHE B 82 -0.43 -3.91 3.55
C PHE B 82 0.24 -5.24 3.88
N THR B 83 0.76 -5.91 2.89
CA THR B 83 1.43 -7.22 3.13
C THR B 83 2.58 -7.05 4.12
N ASN B 84 3.46 -6.11 3.88
CA ASN B 84 4.59 -5.91 4.83
C ASN B 84 4.03 -5.45 6.19
N CYS B 85 3.08 -4.56 6.18
CA CYS B 85 2.47 -4.10 7.47
C CYS B 85 2.09 -5.31 8.33
N LYS B 86 1.61 -6.36 7.73
CA LYS B 86 1.24 -7.57 8.50
C LYS B 86 2.46 -8.45 8.77
N GLU B 87 3.66 -7.92 8.66
CA GLU B 87 4.86 -8.76 8.91
C GLU B 87 5.61 -8.26 10.14
N TYR B 88 5.43 -7.02 10.50
CA TYR B 88 6.15 -6.48 11.68
C TYR B 88 5.23 -5.70 12.62
N ASN B 89 4.13 -5.18 12.12
CA ASN B 89 3.20 -4.42 13.00
C ASN B 89 2.82 -5.27 14.22
N PRO B 90 2.05 -4.69 15.12
CA PRO B 90 1.65 -5.42 16.36
C PRO B 90 0.74 -6.59 16.00
N PRO B 91 0.54 -7.47 16.96
CA PRO B 91 -0.34 -8.64 16.72
C PRO B 91 -1.79 -8.18 16.57
N GLU B 92 -2.08 -7.37 15.57
CA GLU B 92 -3.47 -6.87 15.40
C GLU B 92 -3.86 -6.03 16.63
N SER B 93 -2.95 -5.24 17.11
CA SER B 93 -3.24 -4.39 18.30
C SER B 93 -3.77 -3.03 17.85
N GLU B 94 -3.02 -2.33 17.05
CA GLU B 94 -3.48 -1.00 16.57
C GLU B 94 -2.87 -0.67 15.21
N TYR B 95 -1.60 -0.93 15.06
CA TYR B 95 -0.92 -0.63 13.77
C TYR B 95 -1.21 -1.73 12.75
N TYR B 96 -1.42 -2.94 13.20
CA TYR B 96 -1.68 -4.06 12.24
C TYR B 96 -3.16 -4.05 11.79
N LYS B 97 -4.00 -3.32 12.46
CA LYS B 97 -5.44 -3.31 12.09
C LYS B 97 -5.71 -2.43 10.86
N CYS B 98 -4.75 -1.65 10.43
CA CYS B 98 -4.99 -0.77 9.25
C CYS B 98 -4.97 -1.59 7.96
N ALA B 99 -4.13 -2.58 7.89
CA ALA B 99 -4.09 -3.40 6.65
C ALA B 99 -5.35 -4.25 6.54
N ASN B 100 -5.90 -4.66 7.65
CA ASN B 100 -7.15 -5.46 7.61
C ASN B 100 -8.33 -4.59 7.16
N ILE B 101 -8.53 -3.48 7.82
CA ILE B 101 -9.67 -2.59 7.43
C ILE B 101 -9.43 -1.98 6.05
N LEU B 102 -8.38 -1.22 5.89
CA LEU B 102 -8.12 -0.59 4.58
C LEU B 102 -8.17 -1.61 3.45
N GLU B 103 -7.60 -2.78 3.64
CA GLU B 103 -7.66 -3.80 2.56
C GLU B 103 -9.11 -4.13 2.21
N LYS B 104 -9.92 -4.43 3.18
CA LYS B 104 -11.33 -4.75 2.89
C LYS B 104 -11.98 -3.67 2.02
N PHE B 105 -11.84 -2.43 2.41
CA PHE B 105 -12.43 -1.33 1.60
C PHE B 105 -11.76 -1.27 0.23
N PHE B 106 -10.45 -1.36 0.19
CA PHE B 106 -9.74 -1.31 -1.12
C PHE B 106 -9.89 -2.65 -1.85
N PHE B 107 -10.46 -3.65 -1.23
CA PHE B 107 -10.62 -4.96 -1.90
C PHE B 107 -11.85 -4.94 -2.81
N SER B 108 -12.99 -4.60 -2.29
CA SER B 108 -14.21 -4.55 -3.14
C SER B 108 -13.97 -3.62 -4.34
N LYS B 109 -13.09 -2.68 -4.20
CA LYS B 109 -12.79 -1.74 -5.32
C LYS B 109 -11.85 -2.40 -6.32
N ILE B 110 -10.71 -2.85 -5.86
CA ILE B 110 -9.73 -3.49 -6.79
C ILE B 110 -10.33 -4.74 -7.42
N LYS B 111 -11.09 -5.49 -6.66
CA LYS B 111 -11.70 -6.72 -7.23
C LYS B 111 -12.71 -6.33 -8.31
N GLU B 112 -13.50 -5.32 -8.06
CA GLU B 112 -14.47 -4.86 -9.08
C GLU B 112 -13.75 -4.02 -10.14
N ALA B 113 -12.63 -3.44 -9.78
CA ALA B 113 -11.87 -2.62 -10.77
C ALA B 113 -11.16 -3.53 -11.77
N GLY B 114 -10.87 -4.74 -11.37
CA GLY B 114 -10.17 -5.67 -12.29
C GLY B 114 -8.78 -6.01 -11.72
N LEU B 115 -8.59 -5.80 -10.45
CA LEU B 115 -7.28 -6.11 -9.83
C LEU B 115 -7.34 -7.47 -9.15
N ILE B 116 -8.47 -7.76 -8.57
CA ILE B 116 -8.62 -9.03 -7.83
C ILE B 116 -9.94 -9.71 -8.20
N ASP B 117 -10.45 -9.40 -9.36
CA ASP B 117 -11.69 -10.08 -9.82
C ASP B 117 -11.41 -11.55 -10.13
N LYS B 118 -10.16 -11.95 -10.11
CA LYS B 118 -9.83 -13.38 -10.39
C LYS B 118 -10.67 -14.30 -9.51
N SER A 1 -2.08 -8.19 -20.36
CA SER A 1 -3.11 -7.94 -19.29
C SER A 1 -2.41 -7.55 -17.98
N TYR A 2 -1.74 -6.43 -17.97
CA TYR A 2 -1.05 -5.99 -16.71
C TYR A 2 -2.09 -5.62 -15.65
N GLY A 3 -1.99 -6.20 -14.48
CA GLY A 3 -2.98 -5.90 -13.41
C GLY A 3 -4.40 -6.09 -13.96
N ARG A 4 -5.38 -5.51 -13.34
CA ARG A 4 -6.77 -5.66 -13.87
C ARG A 4 -7.70 -4.64 -13.24
N LYS A 6 -10.06 -3.33 -14.87
CA LYS A 6 -11.12 -3.28 -15.91
C LYS A 6 -12.52 -3.30 -15.27
N ARG A 7 -13.51 -2.89 -16.01
CA ARG A 7 -14.90 -2.88 -15.46
C ARG A 7 -15.73 -3.98 -16.13
N ARG A 8 -15.98 -5.05 -15.44
CA ARG A 8 -16.77 -6.16 -16.04
C ARG A 8 -17.62 -6.85 -14.96
N GLN A 9 -18.74 -7.40 -15.34
CA GLN A 9 -19.61 -8.09 -14.35
C GLN A 9 -19.93 -7.15 -13.17
N ARG A 10 -21.09 -6.55 -13.18
CA ARG A 10 -21.47 -5.63 -12.07
C ARG A 10 -22.95 -5.76 -11.75
N CYS A 11 -23.27 -6.45 -10.68
CA CYS A 11 -24.71 -6.62 -10.30
C CYS A 11 -25.12 -5.55 -9.29
N GLY B 1 21.69 -7.29 15.56
CA GLY B 1 21.80 -8.28 14.45
C GLY B 1 23.02 -7.96 13.59
N SER B 2 22.82 -7.70 12.33
CA SER B 2 23.97 -7.38 11.44
C SER B 2 23.83 -5.95 10.89
N HIS B 3 22.95 -5.75 9.95
CA HIS B 3 22.77 -4.39 9.38
C HIS B 3 21.55 -3.70 10.01
N MET B 4 21.78 -2.79 10.91
CA MET B 4 20.65 -2.09 11.57
C MET B 4 20.03 -1.07 10.60
N SER B 5 19.19 -1.51 9.72
CA SER B 5 18.55 -0.57 8.75
C SER B 5 17.04 -0.51 8.98
N LYS B 6 16.33 -1.56 8.66
CA LYS B 6 14.85 -1.55 8.86
C LYS B 6 14.50 -2.13 10.24
N GLU B 7 14.22 -1.29 11.20
CA GLU B 7 13.86 -1.81 12.54
C GLU B 7 12.88 -0.85 13.25
N PRO B 8 11.80 -1.39 13.76
CA PRO B 8 10.79 -0.55 14.45
C PRO B 8 11.17 -0.31 15.91
N ARG B 9 12.35 -0.74 16.32
CA ARG B 9 12.78 -0.55 17.74
C ARG B 9 11.74 -1.17 18.68
N ASP B 10 10.73 -0.44 19.05
CA ASP B 10 9.69 -1.02 19.95
C ASP B 10 8.43 -1.36 19.14
N PRO B 11 7.86 -2.51 19.40
CA PRO B 11 6.64 -2.93 18.67
C PRO B 11 5.53 -1.89 18.86
N ASP B 12 5.39 -1.38 20.06
CA ASP B 12 4.33 -0.35 20.30
C ASP B 12 4.66 0.93 19.55
N GLN B 13 5.89 1.33 19.53
CA GLN B 13 6.27 2.55 18.78
C GLN B 13 5.82 2.43 17.33
N LEU B 14 5.99 1.27 16.76
CA LEU B 14 5.58 1.07 15.34
C LEU B 14 4.06 0.93 15.22
N TYR B 15 3.41 0.52 16.26
CA TYR B 15 1.93 0.35 16.19
C TYR B 15 1.28 1.65 15.73
N SER B 16 1.47 2.70 16.46
CA SER B 16 0.88 3.99 16.04
C SER B 16 1.67 4.59 14.87
N THR B 17 2.85 4.10 14.61
CA THR B 17 3.61 4.60 13.43
C THR B 17 2.80 4.30 12.18
N LEU B 18 2.44 3.06 11.98
CA LEU B 18 1.58 2.71 10.82
C LEU B 18 0.28 3.50 10.96
N LYS B 19 -0.24 3.54 12.15
CA LYS B 19 -1.46 4.33 12.41
C LYS B 19 -1.26 5.77 11.91
N SER B 20 -0.10 6.32 12.17
CA SER B 20 0.18 7.71 11.72
C SER B 20 0.25 7.77 10.19
N ILE B 21 1.15 7.04 9.59
CA ILE B 21 1.26 7.05 8.10
C ILE B 21 -0.12 6.82 7.46
N LEU B 22 -0.66 5.65 7.63
CA LEU B 22 -2.00 5.36 7.03
C LEU B 22 -3.00 6.46 7.35
N GLN B 23 -3.02 6.95 8.56
CA GLN B 23 -4.00 8.02 8.92
C GLN B 23 -3.91 9.18 7.92
N GLN B 24 -2.73 9.64 7.61
CA GLN B 24 -2.61 10.79 6.66
C GLN B 24 -2.75 10.32 5.21
N VAL B 25 -2.40 9.09 4.90
CA VAL B 25 -2.56 8.62 3.49
C VAL B 25 -4.03 8.22 3.26
N LYS B 26 -4.70 7.78 4.29
CA LYS B 26 -6.12 7.40 4.16
C LYS B 26 -6.94 8.59 3.64
N SER B 27 -6.47 9.78 3.86
CA SER B 27 -7.20 10.98 3.37
C SER B 27 -6.42 11.67 2.27
N HIS B 28 -5.48 10.99 1.67
CA HIS B 28 -4.67 11.61 0.58
C HIS B 28 -5.49 11.70 -0.70
N GLN B 29 -5.21 12.67 -1.53
CA GLN B 29 -5.98 12.81 -2.80
C GLN B 29 -5.50 11.79 -3.85
N SER B 30 -4.62 10.90 -3.49
CA SER B 30 -4.13 9.91 -4.48
C SER B 30 -4.39 8.47 -3.99
N ALA B 31 -4.75 8.31 -2.74
CA ALA B 31 -5.02 6.95 -2.21
C ALA B 31 -6.43 6.47 -2.57
N TRP B 32 -7.28 7.35 -3.02
CA TRP B 32 -8.65 6.94 -3.45
C TRP B 32 -8.64 5.61 -4.22
N PRO B 33 -7.77 5.50 -5.20
CA PRO B 33 -7.65 4.24 -5.99
C PRO B 33 -7.28 3.06 -5.09
N PHE B 34 -6.53 3.30 -4.05
CA PHE B 34 -6.09 2.18 -3.17
C PHE B 34 -7.10 1.93 -2.04
N MET B 35 -8.24 2.56 -2.09
CA MET B 35 -9.24 2.34 -1.01
C MET B 35 -10.23 1.25 -1.41
N GLU B 36 -9.83 0.38 -2.30
CA GLU B 36 -10.74 -0.72 -2.73
C GLU B 36 -9.91 -1.85 -3.34
N PRO B 37 -10.52 -3.01 -3.47
CA PRO B 37 -9.82 -4.16 -4.06
C PRO B 37 -9.76 -4.00 -5.59
N VAL B 38 -9.03 -4.84 -6.27
CA VAL B 38 -8.97 -4.69 -7.76
C VAL B 38 -10.30 -5.15 -8.38
N LYS B 39 -10.81 -6.28 -7.95
CA LYS B 39 -12.12 -6.79 -8.46
C LYS B 39 -12.38 -8.18 -7.89
N ARG B 40 -13.52 -8.38 -7.28
CA ARG B 40 -13.83 -9.71 -6.71
C ARG B 40 -14.88 -10.43 -7.55
N THR B 41 -14.64 -10.55 -8.84
CA THR B 41 -15.64 -11.21 -9.71
C THR B 41 -15.14 -11.33 -11.17
N GLU B 42 -14.28 -10.45 -11.61
CA GLU B 42 -13.80 -10.54 -13.02
C GLU B 42 -12.29 -10.31 -13.11
N ALA B 43 -11.63 -10.21 -12.01
CA ALA B 43 -10.15 -10.01 -12.02
C ALA B 43 -9.46 -11.28 -12.55
N PRO B 44 -8.71 -11.15 -13.63
CA PRO B 44 -8.14 -12.33 -14.32
C PRO B 44 -6.67 -12.64 -13.97
N GLY B 45 -5.72 -12.13 -14.73
CA GLY B 45 -4.29 -12.56 -14.55
C GLY B 45 -3.52 -11.67 -13.58
N TYR B 46 -4.05 -11.42 -12.42
CA TYR B 46 -3.29 -10.63 -11.40
C TYR B 46 -2.27 -11.55 -10.70
N TYR B 47 -1.58 -11.05 -9.70
CA TYR B 47 -0.56 -11.87 -8.93
C TYR B 47 0.74 -12.07 -9.70
N GLU B 48 0.76 -11.96 -11.00
CA GLU B 48 2.03 -12.12 -11.75
C GLU B 48 2.74 -10.76 -11.83
N VAL B 49 1.99 -9.71 -11.76
CA VAL B 49 2.57 -8.34 -11.79
C VAL B 49 2.20 -7.59 -10.50
N ILE B 50 1.59 -8.27 -9.57
CA ILE B 50 1.12 -7.59 -8.33
C ILE B 50 1.77 -8.22 -7.10
N ARG B 51 2.32 -9.39 -7.25
CA ARG B 51 2.98 -10.09 -6.09
C ARG B 51 1.94 -10.40 -5.01
N PHE B 52 1.46 -9.39 -4.33
CA PHE B 52 0.44 -9.62 -3.28
C PHE B 52 -0.55 -8.45 -3.28
N PRO B 53 -1.68 -8.66 -3.91
CA PRO B 53 -2.71 -7.58 -3.99
C PRO B 53 -2.98 -6.99 -2.61
N MET B 54 -3.04 -5.69 -2.51
CA MET B 54 -3.32 -5.05 -1.20
C MET B 54 -3.98 -3.70 -1.45
N ASP B 55 -4.67 -3.17 -0.49
CA ASP B 55 -5.34 -1.87 -0.70
C ASP B 55 -5.90 -1.34 0.61
N LEU B 56 -5.85 -0.05 0.83
CA LEU B 56 -6.36 0.53 2.11
C LEU B 56 -7.71 -0.07 2.47
N LYS B 57 -8.54 -0.34 1.49
CA LYS B 57 -9.87 -0.97 1.77
C LYS B 57 -9.68 -2.19 2.69
N THR B 58 -8.67 -2.98 2.45
CA THR B 58 -8.43 -4.18 3.31
C THR B 58 -7.11 -4.06 4.07
N MET B 59 -6.31 -3.07 3.77
CA MET B 59 -5.01 -2.92 4.48
C MET B 59 -5.21 -2.30 5.86
N SER B 60 -6.19 -1.44 6.00
CA SER B 60 -6.43 -0.79 7.32
C SER B 60 -7.08 -1.78 8.29
N GLU B 61 -7.92 -2.64 7.79
CA GLU B 61 -8.59 -3.63 8.68
C GLU B 61 -7.55 -4.41 9.49
N ARG B 62 -6.39 -4.65 8.93
CA ARG B 62 -5.34 -5.39 9.67
C ARG B 62 -4.77 -4.53 10.79
N LEU B 63 -4.46 -3.29 10.50
CA LEU B 63 -3.91 -2.38 11.54
C LEU B 63 -4.81 -2.40 12.78
N LYS B 64 -6.06 -2.72 12.60
CA LYS B 64 -7.00 -2.77 13.76
C LYS B 64 -6.83 -4.09 14.51
N ASN B 65 -6.63 -5.16 13.78
CA ASN B 65 -6.45 -6.48 14.44
C ASN B 65 -4.99 -6.72 14.81
N ARG B 66 -4.17 -5.70 14.74
CA ARG B 66 -2.73 -5.87 15.09
C ARG B 66 -2.13 -7.03 14.28
N TYR B 67 -2.29 -7.01 12.99
CA TYR B 67 -1.72 -8.10 12.16
C TYR B 67 -0.40 -7.64 11.53
N TYR B 68 -0.42 -6.53 10.86
CA TYR B 68 0.85 -6.00 10.25
C TYR B 68 1.38 -4.85 11.10
N VAL B 69 1.73 -5.14 12.33
CA VAL B 69 2.22 -4.06 13.23
C VAL B 69 3.76 -4.07 13.31
N SER B 70 4.43 -3.82 12.22
CA SER B 70 5.92 -3.80 12.27
C SER B 70 6.51 -3.07 11.07
N LYS B 71 7.80 -3.11 10.93
CA LYS B 71 8.47 -2.39 9.79
C LYS B 71 8.03 -2.96 8.42
N LYS B 72 8.88 -3.67 7.72
CA LYS B 72 8.52 -4.20 6.37
C LYS B 72 7.09 -4.76 6.34
N LEU B 73 6.59 -5.23 7.44
CA LEU B 73 5.21 -5.78 7.45
C LEU B 73 4.22 -4.77 6.87
N PHE B 74 4.24 -3.57 7.39
CA PHE B 74 3.33 -2.53 6.86
C PHE B 74 3.95 -1.92 5.60
N MET B 75 5.23 -1.66 5.65
CA MET B 75 5.93 -1.12 4.45
C MET B 75 5.65 -2.01 3.24
N ALA B 76 5.62 -3.29 3.46
CA ALA B 76 5.36 -4.24 2.34
C ALA B 76 3.94 -4.03 1.80
N ASP B 77 2.95 -4.15 2.63
CA ASP B 77 1.54 -3.95 2.15
C ASP B 77 1.42 -2.62 1.41
N LEU B 78 1.96 -1.57 1.96
CA LEU B 78 1.87 -0.25 1.27
C LEU B 78 2.69 -0.29 -0.01
N GLN B 79 3.89 -0.79 0.06
CA GLN B 79 4.73 -0.88 -1.16
C GLN B 79 4.01 -1.71 -2.22
N ARG B 80 3.54 -2.87 -1.84
CA ARG B 80 2.81 -3.72 -2.83
C ARG B 80 1.69 -2.92 -3.49
N VAL B 81 1.03 -2.07 -2.75
CA VAL B 81 -0.06 -1.25 -3.33
C VAL B 81 0.50 -0.26 -4.35
N PHE B 82 1.62 0.34 -4.05
CA PHE B 82 2.23 1.31 -5.00
C PHE B 82 3.00 0.54 -6.09
N THR B 83 3.77 -0.43 -5.70
CA THR B 83 4.55 -1.22 -6.69
C THR B 83 3.59 -1.88 -7.70
N ASN B 84 2.60 -2.60 -7.23
CA ASN B 84 1.65 -3.24 -8.17
C ASN B 84 0.93 -2.15 -8.98
N CYS B 85 0.40 -1.15 -8.31
CA CYS B 85 -0.27 -0.06 -9.06
C CYS B 85 0.68 0.49 -10.13
N LYS B 86 1.94 0.58 -9.82
CA LYS B 86 2.94 1.04 -10.82
C LYS B 86 3.38 -0.12 -11.73
N GLU B 87 2.63 -1.18 -11.81
CA GLU B 87 3.03 -2.31 -12.68
C GLU B 87 2.08 -2.43 -13.86
N TYR B 88 0.89 -1.91 -13.72
CA TYR B 88 -0.09 -1.98 -14.85
C TYR B 88 -0.80 -0.65 -15.08
N ASN B 89 -0.90 0.19 -14.08
CA ASN B 89 -1.60 1.49 -14.27
C ASN B 89 -1.10 2.22 -15.53
N PRO B 90 -1.82 3.24 -15.93
CA PRO B 90 -1.43 4.01 -17.13
C PRO B 90 -0.03 4.60 -16.99
N PRO B 91 0.55 5.01 -18.09
CA PRO B 91 1.90 5.60 -18.06
C PRO B 91 1.85 7.00 -17.45
N GLU B 92 1.85 7.09 -16.15
CA GLU B 92 1.78 8.43 -15.49
C GLU B 92 0.60 9.23 -16.03
N SER B 93 -0.50 8.57 -16.27
CA SER B 93 -1.70 9.29 -16.80
C SER B 93 -2.60 9.74 -15.65
N GLU B 94 -3.13 8.81 -14.89
CA GLU B 94 -4.00 9.21 -13.76
C GLU B 94 -3.86 8.23 -12.60
N TYR B 95 -3.81 6.96 -12.88
CA TYR B 95 -3.68 5.95 -11.79
C TYR B 95 -2.22 5.83 -11.35
N TYR B 96 -1.29 6.10 -12.25
CA TYR B 96 0.15 6.00 -11.88
C TYR B 96 0.59 7.25 -11.13
N LYS B 97 -0.06 8.36 -11.36
CA LYS B 97 0.34 9.62 -10.68
C LYS B 97 0.07 9.53 -9.18
N CYS B 98 -1.15 9.27 -8.80
CA CYS B 98 -1.49 9.18 -7.36
C CYS B 98 -0.55 8.21 -6.65
N ALA B 99 -0.12 7.18 -7.33
CA ALA B 99 0.83 6.23 -6.70
C ALA B 99 2.11 6.97 -6.31
N ASN B 100 2.66 7.74 -7.22
CA ASN B 100 3.89 8.50 -6.91
C ASN B 100 3.63 9.51 -5.78
N ILE B 101 2.63 10.33 -5.93
CA ILE B 101 2.32 11.34 -4.87
C ILE B 101 2.14 10.64 -3.52
N LEU B 102 1.06 9.92 -3.35
CA LEU B 102 0.82 9.22 -2.06
C LEU B 102 2.06 8.44 -1.62
N GLU B 103 2.90 8.05 -2.56
CA GLU B 103 4.14 7.30 -2.19
C GLU B 103 5.20 8.27 -1.65
N LYS B 104 5.34 9.41 -2.27
CA LYS B 104 6.39 10.37 -1.82
C LYS B 104 5.96 11.06 -0.52
N PHE B 105 4.69 11.13 -0.25
CA PHE B 105 4.23 11.82 0.98
C PHE B 105 4.44 10.91 2.20
N PHE B 106 3.79 9.78 2.24
CA PHE B 106 3.95 8.88 3.41
C PHE B 106 5.43 8.50 3.59
N PHE B 107 6.22 8.66 2.56
CA PHE B 107 7.67 8.30 2.67
C PHE B 107 8.32 9.07 3.83
N SER B 108 8.20 10.37 3.84
CA SER B 108 8.82 11.17 4.93
C SER B 108 8.44 10.59 6.30
N LYS B 109 7.21 10.21 6.47
CA LYS B 109 6.80 9.63 7.78
C LYS B 109 7.50 8.28 8.00
N ILE B 110 7.24 7.31 7.16
CA ILE B 110 7.89 5.98 7.35
C ILE B 110 9.41 6.15 7.47
N LYS B 111 9.98 7.14 6.83
CA LYS B 111 11.43 7.35 6.93
C LYS B 111 11.76 7.91 8.31
N GLU B 112 10.93 8.78 8.81
CA GLU B 112 11.13 9.32 10.17
C GLU B 112 10.63 8.32 11.22
N ALA B 113 9.75 7.46 10.82
CA ALA B 113 9.22 6.43 11.77
C ALA B 113 10.24 5.31 11.94
N GLY B 114 11.05 5.09 10.95
CA GLY B 114 12.07 4.01 11.05
C GLY B 114 11.73 2.88 10.08
N LEU B 115 10.99 3.17 9.04
CA LEU B 115 10.63 2.12 8.06
C LEU B 115 11.65 2.03 6.95
N ILE B 116 11.82 3.10 6.22
CA ILE B 116 12.77 3.10 5.08
C ILE B 116 14.17 3.53 5.56
N ASP B 117 14.23 4.22 6.68
CA ASP B 117 15.56 4.65 7.21
C ASP B 117 16.45 5.22 6.11
N LYS B 118 15.87 5.89 5.15
CA LYS B 118 16.69 6.47 4.04
C LYS B 118 17.56 5.39 3.40
N SER A 1 17.50 -7.16 11.23
CA SER A 1 16.80 -8.19 10.41
C SER A 1 15.29 -7.98 10.51
N TYR A 2 14.83 -6.76 10.46
CA TYR A 2 13.36 -6.51 10.55
C TYR A 2 13.07 -5.05 10.20
N GLY A 3 11.81 -4.67 10.21
CA GLY A 3 11.46 -3.26 9.87
C GLY A 3 11.93 -2.33 10.98
N ARG A 4 11.74 -1.05 10.82
CA ARG A 4 12.17 -0.08 11.87
C ARG A 4 11.01 0.84 12.25
N LYS A 6 10.96 3.30 13.72
CA LYS A 6 11.17 3.83 15.10
C LYS A 6 10.92 5.34 15.12
N ARG A 7 11.14 5.99 14.01
CA ARG A 7 10.90 7.46 13.96
C ARG A 7 11.63 8.17 15.10
N ARG A 8 12.90 8.43 14.95
CA ARG A 8 13.65 9.13 16.04
C ARG A 8 14.94 9.75 15.49
N GLN A 9 14.80 10.71 14.62
CA GLN A 9 16.01 11.37 14.05
C GLN A 9 15.73 12.84 13.73
N ARG A 10 16.49 13.74 14.29
CA ARG A 10 16.26 15.18 14.01
C ARG A 10 14.80 15.55 14.26
N CYS A 11 14.13 14.80 15.10
CA CYS A 11 12.70 15.11 15.38
C CYS A 11 12.58 15.90 16.70
N GLY B 1 -10.99 -14.82 -24.99
CA GLY B 1 -9.54 -14.50 -24.99
C GLY B 1 -8.88 -15.08 -23.73
N SER B 2 -7.66 -15.53 -23.85
CA SER B 2 -6.96 -16.11 -22.67
C SER B 2 -5.58 -15.50 -22.50
N HIS B 3 -5.43 -14.25 -22.83
CA HIS B 3 -4.10 -13.58 -22.69
C HIS B 3 -4.12 -12.59 -21.54
N MET B 4 -5.16 -11.80 -21.43
CA MET B 4 -5.22 -10.80 -20.32
C MET B 4 -5.08 -11.50 -18.97
N SER B 5 -4.11 -11.11 -18.19
CA SER B 5 -3.93 -11.76 -16.86
C SER B 5 -4.20 -10.76 -15.73
N LYS B 6 -3.61 -9.59 -15.81
CA LYS B 6 -3.85 -8.57 -14.75
C LYS B 6 -3.68 -7.16 -15.32
N GLU B 7 -4.64 -6.69 -16.07
CA GLU B 7 -4.55 -5.32 -16.64
C GLU B 7 -5.90 -4.59 -16.54
N PRO B 8 -5.83 -3.30 -16.28
CA PRO B 8 -7.07 -2.48 -16.17
C PRO B 8 -7.81 -2.37 -17.50
N ARG B 9 -7.24 -2.87 -18.57
CA ARG B 9 -7.89 -2.75 -19.91
C ARG B 9 -8.03 -1.26 -20.28
N ASP B 10 -9.03 -0.60 -19.75
CA ASP B 10 -9.18 0.85 -20.03
C ASP B 10 -8.58 1.66 -18.87
N PRO B 11 -7.49 2.34 -19.13
CA PRO B 11 -6.83 3.12 -18.06
C PRO B 11 -7.79 4.13 -17.44
N ASP B 12 -8.52 4.84 -18.25
CA ASP B 12 -9.49 5.84 -17.70
C ASP B 12 -10.43 5.18 -16.69
N GLN B 13 -10.63 3.89 -16.80
CA GLN B 13 -11.54 3.19 -15.86
C GLN B 13 -10.82 2.89 -14.54
N LEU B 14 -9.81 2.05 -14.57
CA LEU B 14 -9.08 1.70 -13.32
C LEU B 14 -8.52 2.96 -12.65
N TYR B 15 -8.09 3.93 -13.41
CA TYR B 15 -7.54 5.17 -12.78
C TYR B 15 -8.53 5.70 -11.73
N SER B 16 -9.75 5.93 -12.12
CA SER B 16 -10.75 6.40 -11.14
C SER B 16 -11.04 5.28 -10.13
N THR B 17 -10.89 4.06 -10.54
CA THR B 17 -11.10 2.93 -9.58
C THR B 17 -10.01 3.00 -8.51
N LEU B 18 -8.77 3.12 -8.91
CA LEU B 18 -7.69 3.27 -7.90
C LEU B 18 -8.03 4.45 -7.00
N LYS B 19 -8.66 5.44 -7.56
CA LYS B 19 -9.10 6.60 -6.75
C LYS B 19 -10.13 6.12 -5.74
N SER B 20 -10.97 5.18 -6.12
CA SER B 20 -11.96 4.63 -5.16
C SER B 20 -11.22 3.90 -4.02
N ILE B 21 -10.54 2.82 -4.34
CA ILE B 21 -9.75 2.09 -3.30
C ILE B 21 -8.92 3.08 -2.46
N LEU B 22 -8.22 3.96 -3.11
CA LEU B 22 -7.39 4.95 -2.37
C LEU B 22 -8.27 5.94 -1.60
N GLN B 23 -9.40 6.28 -2.14
CA GLN B 23 -10.30 7.25 -1.44
C GLN B 23 -10.75 6.68 -0.09
N GLN B 24 -11.27 5.48 -0.09
CA GLN B 24 -11.70 4.87 1.19
C GLN B 24 -10.48 4.47 2.02
N VAL B 25 -9.37 4.25 1.35
CA VAL B 25 -8.13 3.86 2.07
C VAL B 25 -7.49 5.11 2.69
N LYS B 26 -7.32 6.15 1.92
CA LYS B 26 -6.72 7.39 2.46
C LYS B 26 -7.46 7.85 3.72
N SER B 27 -8.77 7.91 3.66
CA SER B 27 -9.55 8.35 4.85
C SER B 27 -9.98 7.15 5.69
N HIS B 28 -9.28 6.06 5.58
CA HIS B 28 -9.64 4.85 6.37
C HIS B 28 -9.20 5.00 7.82
N GLN B 29 -9.79 4.27 8.71
CA GLN B 29 -9.39 4.38 10.15
C GLN B 29 -8.11 3.57 10.42
N SER B 30 -7.53 2.97 9.41
CA SER B 30 -6.29 2.18 9.63
C SER B 30 -5.24 2.53 8.56
N ALA B 31 -5.49 3.52 7.75
CA ALA B 31 -4.48 3.89 6.71
C ALA B 31 -3.36 4.73 7.33
N TRP B 32 -3.39 4.96 8.62
CA TRP B 32 -2.31 5.77 9.24
C TRP B 32 -0.94 5.13 8.97
N PRO B 33 -0.77 3.84 9.29
CA PRO B 33 0.52 3.18 9.01
C PRO B 33 0.94 3.41 7.56
N PHE B 34 0.00 3.66 6.70
CA PHE B 34 0.34 3.87 5.27
C PHE B 34 0.25 5.36 4.91
N MET B 35 0.49 6.23 5.84
CA MET B 35 0.44 7.68 5.51
C MET B 35 1.80 8.34 5.77
N GLU B 36 2.84 7.56 5.91
CA GLU B 36 4.18 8.17 6.15
C GLU B 36 5.25 7.39 5.36
N PRO B 37 6.37 8.03 5.14
CA PRO B 37 7.45 7.40 4.36
C PRO B 37 8.49 6.75 5.29
N VAL B 38 8.09 6.39 6.47
CA VAL B 38 9.05 5.76 7.44
C VAL B 38 10.23 6.71 7.69
N LYS B 39 10.97 6.47 8.74
CA LYS B 39 12.14 7.35 9.02
C LYS B 39 13.22 7.16 7.95
N ARG B 40 13.48 8.18 7.18
CA ARG B 40 14.53 8.07 6.12
C ARG B 40 15.90 8.37 6.70
N THR B 41 16.25 7.72 7.78
CA THR B 41 17.58 7.98 8.43
C THR B 41 17.73 7.07 9.64
N GLU B 42 16.65 6.87 10.37
CA GLU B 42 16.71 5.98 11.56
C GLU B 42 16.01 4.65 11.28
N ALA B 43 15.82 4.35 10.03
CA ALA B 43 15.16 3.07 9.67
C ALA B 43 16.15 2.15 8.93
N PRO B 44 17.10 1.62 9.67
CA PRO B 44 18.13 0.74 9.07
C PRO B 44 17.58 -0.67 8.81
N GLY B 45 16.92 -1.24 9.78
CA GLY B 45 16.37 -2.62 9.62
C GLY B 45 15.64 -2.75 8.27
N TYR B 46 15.14 -1.67 7.74
CA TYR B 46 14.45 -1.74 6.43
C TYR B 46 15.34 -2.41 5.38
N TYR B 47 14.89 -2.49 4.16
CA TYR B 47 15.70 -3.14 3.09
C TYR B 47 15.97 -4.62 3.42
N GLU B 48 15.25 -5.16 4.37
CA GLU B 48 15.45 -6.60 4.71
C GLU B 48 14.14 -7.19 5.22
N VAL B 49 13.05 -6.59 4.83
CA VAL B 49 11.70 -7.07 5.27
C VAL B 49 10.62 -6.28 4.54
N ILE B 50 10.86 -5.02 4.32
CA ILE B 50 9.84 -4.15 3.70
C ILE B 50 9.96 -4.16 2.17
N ARG B 51 10.88 -4.93 1.63
CA ARG B 51 11.05 -4.98 0.14
C ARG B 51 11.28 -3.57 -0.42
N PHE B 52 10.22 -2.83 -0.62
CA PHE B 52 10.36 -1.45 -1.11
C PHE B 52 9.33 -0.56 -0.38
N PRO B 53 9.81 0.21 0.57
CA PRO B 53 8.92 1.11 1.36
C PRO B 53 7.83 1.73 0.49
N MET B 54 6.64 1.87 1.03
CA MET B 54 5.53 2.45 0.24
C MET B 54 4.40 2.85 1.19
N ASP B 55 3.62 3.81 0.80
CA ASP B 55 2.50 4.25 1.68
C ASP B 55 1.63 5.27 0.94
N LEU B 56 0.42 5.45 1.38
CA LEU B 56 -0.48 6.43 0.71
C LEU B 56 0.25 7.77 0.51
N LYS B 57 0.93 8.24 1.52
CA LYS B 57 1.70 9.51 1.39
C LYS B 57 2.55 9.46 0.10
N THR B 58 3.01 8.29 -0.26
CA THR B 58 3.88 8.17 -1.48
C THR B 58 3.10 7.57 -2.66
N MET B 59 2.16 6.70 -2.38
CA MET B 59 1.38 6.07 -3.48
C MET B 59 0.30 7.01 -4.00
N SER B 60 -0.45 7.61 -3.13
CA SER B 60 -1.53 8.54 -3.59
C SER B 60 -0.94 9.64 -4.46
N GLU B 61 0.27 10.03 -4.21
CA GLU B 61 0.90 11.09 -5.05
C GLU B 61 1.20 10.57 -6.44
N ARG B 62 1.30 9.27 -6.59
CA ARG B 62 1.59 8.69 -7.93
C ARG B 62 0.30 8.63 -8.76
N LEU B 63 -0.79 8.21 -8.18
CA LEU B 63 -2.06 8.17 -8.94
C LEU B 63 -2.35 9.53 -9.54
N LYS B 64 -2.04 10.58 -8.83
CA LYS B 64 -2.23 11.94 -9.38
C LYS B 64 -1.49 12.07 -10.72
N ASN B 65 -0.48 11.26 -10.90
CA ASN B 65 0.29 11.29 -12.19
C ASN B 65 0.02 10.01 -12.99
N ARG B 66 -0.91 9.20 -12.56
CA ARG B 66 -1.17 7.90 -13.25
C ARG B 66 0.14 7.16 -13.49
N TYR B 67 0.81 6.80 -12.44
CA TYR B 67 2.07 6.02 -12.57
C TYR B 67 1.81 4.58 -12.13
N TYR B 68 0.72 4.34 -11.45
CA TYR B 68 0.39 2.96 -11.02
C TYR B 68 -1.07 2.67 -11.38
N VAL B 69 -1.43 2.91 -12.61
CA VAL B 69 -2.85 2.74 -13.03
C VAL B 69 -3.09 1.35 -13.63
N SER B 70 -3.12 0.33 -12.81
CA SER B 70 -3.37 -1.03 -13.36
C SER B 70 -3.61 -2.07 -12.24
N LYS B 71 -3.68 -3.31 -12.61
CA LYS B 71 -3.93 -4.38 -11.60
C LYS B 71 -2.66 -4.65 -10.78
N LYS B 72 -1.77 -5.48 -11.27
CA LYS B 72 -0.52 -5.77 -10.52
C LYS B 72 0.15 -4.48 -10.06
N LEU B 73 0.18 -3.47 -10.89
CA LEU B 73 0.81 -2.19 -10.49
C LEU B 73 0.22 -1.69 -9.18
N PHE B 74 -1.00 -1.23 -9.21
CA PHE B 74 -1.65 -0.75 -7.95
C PHE B 74 -1.69 -1.87 -6.92
N MET B 75 -2.11 -3.04 -7.32
CA MET B 75 -2.17 -4.18 -6.37
C MET B 75 -0.79 -4.43 -5.76
N ALA B 76 0.26 -4.14 -6.47
CA ALA B 76 1.63 -4.34 -5.91
C ALA B 76 1.93 -3.30 -4.85
N ASP B 77 1.86 -2.04 -5.20
CA ASP B 77 2.15 -0.97 -4.21
C ASP B 77 1.35 -1.21 -2.92
N LEU B 78 0.09 -1.50 -3.04
CA LEU B 78 -0.72 -1.74 -1.82
C LEU B 78 -0.30 -3.06 -1.16
N GLN B 79 -0.21 -4.12 -1.92
CA GLN B 79 0.24 -5.41 -1.33
C GLN B 79 1.57 -5.21 -0.63
N ARG B 80 2.39 -4.34 -1.16
CA ARG B 80 3.70 -4.05 -0.52
C ARG B 80 3.47 -3.35 0.82
N VAL B 81 2.50 -2.47 0.88
CA VAL B 81 2.18 -1.81 2.17
C VAL B 81 1.52 -2.82 3.11
N PHE B 82 0.84 -3.79 2.55
CA PHE B 82 0.20 -4.84 3.39
C PHE B 82 1.24 -5.86 3.80
N THR B 83 2.03 -6.32 2.88
CA THR B 83 3.09 -7.31 3.21
C THR B 83 4.13 -6.67 4.13
N ASN B 84 4.75 -5.61 3.69
CA ASN B 84 5.78 -4.95 4.55
C ASN B 84 5.18 -4.63 5.92
N CYS B 85 3.91 -4.30 5.96
CA CYS B 85 3.25 -4.01 7.26
C CYS B 85 3.07 -5.31 8.04
N LYS B 86 2.68 -6.35 7.36
CA LYS B 86 2.50 -7.67 8.05
C LYS B 86 3.85 -8.38 8.22
N GLU B 87 4.93 -7.74 7.85
CA GLU B 87 6.26 -8.40 7.97
C GLU B 87 7.04 -7.83 9.17
N TYR B 88 6.59 -6.74 9.73
CA TYR B 88 7.34 -6.14 10.88
C TYR B 88 6.37 -5.70 11.98
N ASN B 89 5.33 -5.00 11.62
CA ASN B 89 4.35 -4.53 12.65
C ASN B 89 3.94 -5.69 13.57
N PRO B 90 3.37 -5.33 14.71
CA PRO B 90 2.92 -6.35 15.69
C PRO B 90 2.16 -7.47 14.99
N PRO B 91 2.21 -8.64 15.59
CA PRO B 91 1.44 -9.78 15.04
C PRO B 91 -0.05 -9.44 15.02
N GLU B 92 -0.46 -8.44 15.80
CA GLU B 92 -1.89 -8.04 15.86
C GLU B 92 -2.09 -7.06 17.02
N SER B 93 -1.42 -5.93 16.97
CA SER B 93 -1.55 -4.96 18.09
C SER B 93 -2.19 -3.65 17.61
N GLU B 94 -1.52 -2.92 16.77
CA GLU B 94 -2.10 -1.63 16.31
C GLU B 94 -1.67 -1.31 14.88
N TYR B 95 -0.43 -1.54 14.56
CA TYR B 95 0.05 -1.22 13.18
C TYR B 95 -0.35 -2.33 12.21
N TYR B 96 -0.37 -3.55 12.67
CA TYR B 96 -0.75 -4.69 11.78
C TYR B 96 -2.28 -4.77 11.65
N LYS B 97 -2.99 -4.49 12.70
CA LYS B 97 -4.48 -4.57 12.63
C LYS B 97 -5.01 -3.66 11.51
N CYS B 98 -4.23 -2.72 11.08
CA CYS B 98 -4.69 -1.80 9.99
C CYS B 98 -4.73 -2.54 8.65
N ALA B 99 -3.65 -3.14 8.25
CA ALA B 99 -3.63 -3.87 6.95
C ALA B 99 -4.83 -4.80 6.84
N ASN B 100 -5.07 -5.58 7.87
CA ASN B 100 -6.23 -6.51 7.84
C ASN B 100 -7.51 -5.75 7.49
N ILE B 101 -7.84 -4.73 8.24
CA ILE B 101 -9.08 -3.96 7.93
C ILE B 101 -8.95 -3.26 6.58
N LEU B 102 -7.96 -2.41 6.45
CA LEU B 102 -7.79 -1.67 5.17
C LEU B 102 -7.85 -2.62 3.98
N GLU B 103 -6.98 -3.59 3.93
CA GLU B 103 -7.01 -4.56 2.79
C GLU B 103 -8.41 -5.15 2.66
N LYS B 104 -9.04 -5.52 3.75
CA LYS B 104 -10.41 -6.07 3.65
C LYS B 104 -11.29 -5.13 2.81
N PHE B 105 -11.05 -3.86 2.92
CA PHE B 105 -11.83 -2.87 2.12
C PHE B 105 -11.33 -2.89 0.67
N PHE B 106 -10.14 -2.40 0.43
CA PHE B 106 -9.60 -2.39 -0.96
C PHE B 106 -9.71 -3.80 -1.56
N PHE B 107 -9.75 -4.82 -0.76
CA PHE B 107 -9.88 -6.21 -1.31
C PHE B 107 -11.22 -6.34 -2.03
N SER B 108 -12.27 -5.83 -1.46
CA SER B 108 -13.59 -5.91 -2.12
C SER B 108 -13.62 -4.95 -3.32
N LYS B 109 -12.84 -3.91 -3.28
CA LYS B 109 -12.81 -2.97 -4.43
C LYS B 109 -11.91 -3.52 -5.53
N ILE B 110 -10.78 -4.10 -5.19
CA ILE B 110 -9.86 -4.62 -6.25
C ILE B 110 -10.50 -5.77 -7.00
N LYS B 111 -11.16 -6.66 -6.32
CA LYS B 111 -11.81 -7.81 -7.02
C LYS B 111 -12.99 -7.29 -7.83
N GLU B 112 -13.64 -6.29 -7.30
CA GLU B 112 -14.80 -5.69 -8.01
C GLU B 112 -14.30 -4.71 -9.08
N ALA B 113 -13.14 -4.15 -8.84
CA ALA B 113 -12.54 -3.20 -9.82
C ALA B 113 -11.84 -3.97 -10.92
N GLY B 114 -11.47 -5.18 -10.65
CA GLY B 114 -10.70 -5.97 -11.64
C GLY B 114 -9.22 -5.65 -11.47
N LEU B 115 -8.71 -5.82 -10.28
CA LEU B 115 -7.26 -5.55 -10.05
C LEU B 115 -6.62 -6.86 -9.67
N ILE B 116 -7.25 -7.49 -8.74
CA ILE B 116 -6.72 -8.74 -8.16
C ILE B 116 -7.15 -9.95 -8.99
N ASP B 117 -8.14 -9.80 -9.83
CA ASP B 117 -8.61 -10.93 -10.69
C ASP B 117 -9.10 -12.13 -9.85
N LYS B 118 -9.30 -11.94 -8.57
CA LYS B 118 -9.81 -13.06 -7.73
C LYS B 118 -10.06 -12.57 -6.30
N SER A 1 -3.43 -6.16 -20.69
CA SER A 1 -2.12 -6.66 -20.15
C SER A 1 -1.60 -5.71 -19.08
N TYR A 2 -2.47 -4.99 -18.43
CA TYR A 2 -2.01 -4.04 -17.38
C TYR A 2 -2.98 -4.05 -16.20
N GLY A 3 -2.80 -3.17 -15.24
CA GLY A 3 -3.72 -3.14 -14.07
C GLY A 3 -5.17 -3.02 -14.57
N ARG A 4 -6.07 -3.78 -13.98
CA ARG A 4 -7.48 -3.72 -14.41
C ARG A 4 -8.40 -3.41 -13.23
N LYS A 6 -11.49 -2.69 -12.05
CA LYS A 6 -12.91 -2.59 -12.50
C LYS A 6 -13.85 -3.08 -11.40
N ARG A 7 -15.13 -2.91 -11.57
CA ARG A 7 -16.10 -3.37 -10.53
C ARG A 7 -16.20 -4.90 -10.54
N ARG A 8 -16.82 -5.45 -11.56
CA ARG A 8 -16.94 -6.94 -11.62
C ARG A 8 -17.44 -7.38 -13.00
N GLN A 9 -17.13 -6.62 -14.02
CA GLN A 9 -17.56 -7.01 -15.39
C GLN A 9 -19.07 -7.30 -15.42
N ARG A 10 -19.54 -7.93 -16.47
CA ARG A 10 -21.00 -8.23 -16.56
C ARG A 10 -21.28 -9.63 -16.03
N CYS A 11 -21.97 -9.74 -14.93
CA CYS A 11 -22.27 -11.08 -14.36
C CYS A 11 -23.56 -11.03 -13.55
N GLY B 1 31.17 -3.21 4.24
CA GLY B 1 30.53 -3.01 5.57
C GLY B 1 29.02 -2.85 5.38
N SER B 2 28.25 -3.21 6.38
CA SER B 2 26.77 -3.08 6.26
C SER B 2 26.34 -1.63 6.56
N HIS B 3 25.06 -1.39 6.60
CA HIS B 3 24.57 -0.01 6.90
C HIS B 3 23.36 -0.06 7.84
N MET B 4 23.23 -1.12 8.59
CA MET B 4 22.08 -1.22 9.53
C MET B 4 20.75 -1.01 8.80
N SER B 5 20.06 -2.07 8.48
CA SER B 5 18.76 -1.93 7.77
C SER B 5 17.74 -1.22 8.67
N LYS B 6 16.48 -1.48 8.48
CA LYS B 6 15.45 -0.81 9.33
C LYS B 6 14.75 -1.84 10.23
N GLU B 7 14.67 -1.55 11.50
CA GLU B 7 13.98 -2.50 12.42
C GLU B 7 12.99 -1.73 13.31
N PRO B 8 11.91 -2.37 13.66
CA PRO B 8 10.87 -1.72 14.49
C PRO B 8 11.26 -1.74 15.98
N ARG B 9 12.36 -2.37 16.32
CA ARG B 9 12.77 -2.44 17.75
C ARG B 9 11.64 -3.04 18.60
N ASP B 10 10.74 -2.22 19.10
CA ASP B 10 9.62 -2.76 19.90
C ASP B 10 8.39 -2.96 19.01
N PRO B 11 7.86 -4.16 18.99
CA PRO B 11 6.67 -4.45 18.15
C PRO B 11 5.51 -3.54 18.56
N ASP B 12 5.27 -3.41 19.85
CA ASP B 12 4.15 -2.53 20.30
C ASP B 12 4.37 -1.10 19.81
N GLN B 13 5.58 -0.63 19.83
CA GLN B 13 5.85 0.75 19.33
C GLN B 13 5.47 0.84 17.85
N LEU B 14 5.70 -0.21 17.11
CA LEU B 14 5.34 -0.20 15.67
C LEU B 14 3.84 -0.46 15.48
N TYR B 15 3.23 -1.16 16.40
CA TYR B 15 1.77 -1.44 16.27
C TYR B 15 1.01 -0.13 16.01
N SER B 16 1.12 0.82 16.88
CA SER B 16 0.40 2.10 16.67
C SER B 16 1.07 2.90 15.56
N THR B 17 2.33 2.65 15.31
CA THR B 17 3.01 3.37 14.21
C THR B 17 2.30 3.08 12.89
N LEU B 18 2.17 1.82 12.54
CA LEU B 18 1.44 1.47 11.30
C LEU B 18 0.02 2.00 11.41
N LYS B 19 -0.62 1.75 12.52
CA LYS B 19 -1.98 2.30 12.74
C LYS B 19 -1.96 3.81 12.48
N SER B 20 -0.84 4.43 12.74
CA SER B 20 -0.71 5.89 12.48
C SER B 20 -0.54 6.14 10.98
N ILE B 21 0.56 5.70 10.40
CA ILE B 21 0.76 5.89 8.94
C ILE B 21 -0.49 5.44 8.16
N LEU B 22 -1.14 4.46 8.69
CA LEU B 22 -2.36 3.88 8.04
C LEU B 22 -3.59 4.74 8.31
N GLN B 23 -3.96 4.89 9.56
CA GLN B 23 -5.19 5.71 9.90
C GLN B 23 -5.21 6.99 9.05
N GLN B 24 -4.09 7.65 8.96
CA GLN B 24 -4.02 8.85 8.08
C GLN B 24 -4.14 8.43 6.62
N VAL B 25 -3.47 7.37 6.23
CA VAL B 25 -3.60 6.89 4.83
C VAL B 25 -5.06 6.55 4.52
N LYS B 26 -5.72 5.89 5.44
CA LYS B 26 -7.14 5.51 5.21
C LYS B 26 -7.99 6.75 4.89
N SER B 27 -7.84 7.79 5.67
CA SER B 27 -8.64 9.02 5.41
C SER B 27 -7.87 9.97 4.47
N HIS B 28 -6.87 9.47 3.80
CA HIS B 28 -6.09 10.33 2.86
C HIS B 28 -6.92 10.65 1.61
N GLN B 29 -6.69 11.78 1.01
CA GLN B 29 -7.46 12.14 -0.21
C GLN B 29 -6.90 11.42 -1.45
N SER B 30 -5.89 10.61 -1.28
CA SER B 30 -5.32 9.89 -2.46
C SER B 30 -5.46 8.37 -2.30
N ALA B 31 -5.97 7.91 -1.18
CA ALA B 31 -6.13 6.44 -0.99
C ALA B 31 -7.39 5.91 -1.69
N TRP B 32 -8.06 6.74 -2.46
CA TRP B 32 -9.30 6.28 -3.14
C TRP B 32 -9.02 5.06 -4.04
N PRO B 33 -8.05 5.16 -4.93
CA PRO B 33 -7.75 4.02 -5.84
C PRO B 33 -7.26 2.81 -5.04
N PHE B 34 -6.48 3.02 -4.02
CA PHE B 34 -5.95 1.86 -3.24
C PHE B 34 -7.03 1.29 -2.31
N MET B 35 -8.19 1.90 -2.26
CA MET B 35 -9.25 1.37 -1.36
C MET B 35 -10.15 0.38 -2.11
N GLU B 36 -9.78 -0.03 -3.30
CA GLU B 36 -10.62 -1.00 -4.05
C GLU B 36 -9.96 -2.38 -4.06
N PRO B 37 -10.77 -3.41 -4.08
CA PRO B 37 -10.24 -4.79 -4.04
C PRO B 37 -10.18 -5.39 -5.45
N VAL B 38 -9.07 -5.27 -6.13
CA VAL B 38 -8.96 -5.87 -7.49
C VAL B 38 -9.12 -7.38 -7.39
N LYS B 39 -9.57 -8.00 -8.44
CA LYS B 39 -9.78 -9.47 -8.39
C LYS B 39 -8.61 -10.22 -9.01
N ARG B 40 -8.46 -11.47 -8.66
CA ARG B 40 -7.37 -12.29 -9.26
C ARG B 40 -7.94 -13.13 -10.40
N THR B 41 -8.96 -12.63 -11.04
CA THR B 41 -9.61 -13.38 -12.15
C THR B 41 -10.41 -12.41 -13.02
N GLU B 42 -11.10 -11.49 -12.41
CA GLU B 42 -11.87 -10.48 -13.19
C GLU B 42 -10.97 -9.30 -13.55
N ALA B 43 -9.81 -9.23 -12.94
CA ALA B 43 -8.88 -8.12 -13.23
C ALA B 43 -7.72 -8.60 -14.12
N PRO B 44 -7.98 -8.66 -15.41
CA PRO B 44 -6.94 -9.15 -16.36
C PRO B 44 -5.71 -8.23 -16.36
N GLY B 45 -4.59 -8.74 -16.77
CA GLY B 45 -3.36 -7.90 -16.79
C GLY B 45 -2.59 -8.06 -15.49
N TYR B 46 -3.28 -8.39 -14.42
CA TYR B 46 -2.57 -8.57 -13.11
C TYR B 46 -1.59 -9.73 -13.19
N TYR B 47 -0.89 -10.01 -12.10
CA TYR B 47 0.13 -11.12 -12.07
C TYR B 47 1.45 -10.71 -12.75
N GLU B 48 1.44 -9.69 -13.57
CA GLU B 48 2.70 -9.24 -14.23
C GLU B 48 3.05 -7.82 -13.77
N VAL B 49 2.07 -7.07 -13.34
CA VAL B 49 2.35 -5.68 -12.86
C VAL B 49 2.11 -5.59 -11.35
N ILE B 50 1.28 -6.44 -10.82
CA ILE B 50 1.01 -6.40 -9.35
C ILE B 50 1.41 -7.74 -8.72
N ARG B 51 2.63 -7.84 -8.26
CA ARG B 51 3.09 -9.12 -7.65
C ARG B 51 2.09 -9.61 -6.60
N PHE B 52 1.86 -8.85 -5.56
CA PHE B 52 0.94 -9.30 -4.50
C PHE B 52 -0.20 -8.28 -4.29
N PRO B 53 -1.22 -8.39 -5.11
CA PRO B 53 -2.38 -7.48 -4.99
C PRO B 53 -2.85 -7.37 -3.53
N MET B 54 -2.98 -6.18 -3.03
CA MET B 54 -3.43 -6.01 -1.62
C MET B 54 -4.49 -4.91 -1.52
N ASP B 55 -4.10 -3.68 -1.72
CA ASP B 55 -5.05 -2.52 -1.64
C ASP B 55 -5.44 -2.26 -0.18
N LEU B 56 -5.60 -1.02 0.19
CA LEU B 56 -5.93 -0.68 1.59
C LEU B 56 -7.20 -1.42 2.05
N LYS B 57 -8.19 -1.49 1.21
CA LYS B 57 -9.46 -2.20 1.60
C LYS B 57 -9.13 -3.58 2.21
N THR B 58 -8.04 -4.16 1.79
CA THR B 58 -7.65 -5.49 2.34
C THR B 58 -6.42 -5.35 3.23
N MET B 59 -5.51 -4.48 2.87
CA MET B 59 -4.29 -4.30 3.71
C MET B 59 -4.66 -3.74 5.08
N SER B 60 -5.79 -3.08 5.19
CA SER B 60 -6.19 -2.51 6.50
C SER B 60 -6.65 -3.65 7.42
N GLU B 61 -7.34 -4.62 6.89
CA GLU B 61 -7.80 -5.76 7.74
C GLU B 61 -6.61 -6.36 8.49
N ARG B 62 -5.44 -6.29 7.91
CA ARG B 62 -4.23 -6.84 8.60
C ARG B 62 -4.02 -6.15 9.93
N LEU B 63 -3.89 -4.85 9.97
CA LEU B 63 -3.65 -4.19 11.29
C LEU B 63 -4.64 -4.68 12.35
N LYS B 64 -5.77 -5.18 11.93
CA LYS B 64 -6.73 -5.77 12.92
C LYS B 64 -6.61 -7.30 12.90
N ASN B 65 -6.11 -7.84 11.81
CA ASN B 65 -5.94 -9.32 11.69
C ASN B 65 -4.50 -9.71 11.98
N ARG B 66 -3.61 -9.57 11.02
CA ARG B 66 -2.18 -9.88 11.26
C ARG B 66 -1.64 -8.87 12.25
N TYR B 67 -2.19 -7.69 12.21
CA TYR B 67 -1.74 -6.61 13.10
C TYR B 67 -0.28 -6.32 12.79
N TYR B 68 0.00 -6.15 11.49
CA TYR B 68 1.40 -5.86 10.97
C TYR B 68 2.40 -5.57 12.09
N VAL B 69 3.45 -6.34 12.17
CA VAL B 69 4.39 -6.20 13.30
C VAL B 69 5.73 -5.58 12.89
N SER B 70 5.88 -5.08 11.68
CA SER B 70 7.18 -4.45 11.31
C SER B 70 7.15 -3.80 9.92
N LYS B 71 8.25 -3.19 9.54
CA LYS B 71 8.35 -2.52 8.22
C LYS B 71 8.02 -3.50 7.10
N LYS B 72 8.87 -4.47 6.88
CA LYS B 72 8.63 -5.49 5.82
C LYS B 72 7.19 -6.02 5.86
N LEU B 73 6.55 -5.94 6.99
CA LEU B 73 5.13 -6.40 7.08
C LEU B 73 4.17 -5.33 6.57
N PHE B 74 4.13 -4.22 7.25
CA PHE B 74 3.22 -3.11 6.82
C PHE B 74 3.82 -2.32 5.67
N MET B 75 4.97 -1.73 5.89
CA MET B 75 5.60 -0.91 4.82
C MET B 75 5.64 -1.69 3.51
N ALA B 76 5.63 -2.98 3.59
CA ALA B 76 5.59 -3.81 2.35
C ALA B 76 4.22 -3.70 1.69
N ASP B 77 3.21 -4.25 2.31
CA ASP B 77 1.84 -4.18 1.73
C ASP B 77 1.50 -2.74 1.32
N LEU B 78 1.82 -1.80 2.17
CA LEU B 78 1.54 -0.38 1.83
C LEU B 78 2.36 0.05 0.63
N GLN B 79 3.65 -0.15 0.68
CA GLN B 79 4.50 0.22 -0.48
C GLN B 79 4.04 -0.54 -1.72
N ARG B 80 3.78 -1.80 -1.58
CA ARG B 80 3.29 -2.60 -2.75
C ARG B 80 2.06 -1.92 -3.35
N VAL B 81 1.23 -1.35 -2.52
CA VAL B 81 0.02 -0.65 -3.04
C VAL B 81 0.43 0.60 -3.80
N PHE B 82 1.44 1.28 -3.33
CA PHE B 82 1.90 2.50 -4.04
C PHE B 82 2.80 2.10 -5.22
N THR B 83 3.54 1.04 -5.07
CA THR B 83 4.45 0.60 -6.17
C THR B 83 3.67 -0.18 -7.24
N ASN B 84 2.85 -1.11 -6.83
CA ASN B 84 2.09 -1.90 -7.84
C ASN B 84 1.06 -1.00 -8.54
N CYS B 85 0.53 -0.02 -7.86
CA CYS B 85 -0.44 0.89 -8.52
C CYS B 85 0.32 1.82 -9.47
N LYS B 86 1.56 2.09 -9.15
CA LYS B 86 2.40 2.94 -10.02
C LYS B 86 2.79 2.14 -11.27
N GLU B 87 2.80 0.84 -11.15
CA GLU B 87 3.17 -0.02 -12.30
C GLU B 87 2.11 0.09 -13.40
N TYR B 88 0.88 0.36 -13.03
CA TYR B 88 -0.20 0.47 -14.05
C TYR B 88 -0.67 1.92 -14.18
N ASN B 89 -0.73 2.63 -13.08
CA ASN B 89 -1.22 4.05 -13.11
C ASN B 89 -0.66 4.82 -14.33
N PRO B 90 -1.33 5.90 -14.67
CA PRO B 90 -0.90 6.71 -15.84
C PRO B 90 0.40 7.45 -15.52
N PRO B 91 0.97 8.08 -16.51
CA PRO B 91 2.21 8.85 -16.30
C PRO B 91 1.89 10.12 -15.51
N GLU B 92 1.42 9.97 -14.29
CA GLU B 92 1.05 11.17 -13.48
C GLU B 92 -0.12 11.90 -14.13
N SER B 93 -1.16 11.19 -14.49
CA SER B 93 -2.32 11.84 -15.16
C SER B 93 -3.50 11.96 -14.19
N GLU B 94 -3.93 10.87 -13.62
CA GLU B 94 -5.08 10.94 -12.67
C GLU B 94 -4.97 9.87 -11.60
N TYR B 95 -4.72 8.66 -12.00
CA TYR B 95 -4.59 7.55 -10.99
C TYR B 95 -3.20 7.55 -10.37
N TYR B 96 -2.24 8.11 -11.06
CA TYR B 96 -0.85 8.13 -10.53
C TYR B 96 -0.67 9.26 -9.51
N LYS B 97 -1.32 10.38 -9.73
CA LYS B 97 -1.18 11.52 -8.78
C LYS B 97 -1.46 11.06 -7.34
N CYS B 98 -2.19 9.99 -7.17
CA CYS B 98 -2.49 9.51 -5.80
C CYS B 98 -1.27 8.82 -5.19
N ALA B 99 -0.75 7.83 -5.87
CA ALA B 99 0.45 7.11 -5.33
C ALA B 99 1.54 8.11 -4.97
N ASN B 100 1.82 9.03 -5.84
CA ASN B 100 2.88 10.04 -5.54
C ASN B 100 2.64 10.68 -4.18
N ILE B 101 1.46 11.19 -3.95
CA ILE B 101 1.17 11.83 -2.64
C ILE B 101 1.19 10.80 -1.51
N LEU B 102 0.33 9.82 -1.56
CA LEU B 102 0.29 8.81 -0.46
C LEU B 102 1.70 8.26 -0.19
N GLU B 103 2.48 8.08 -1.21
CA GLU B 103 3.87 7.58 -1.00
C GLU B 103 4.73 8.71 -0.43
N LYS B 104 4.38 9.93 -0.70
CA LYS B 104 5.19 11.06 -0.19
C LYS B 104 4.84 11.37 1.26
N PHE B 105 3.61 11.70 1.52
CA PHE B 105 3.19 12.05 2.92
C PHE B 105 3.60 10.94 3.89
N PHE B 106 3.06 9.77 3.74
CA PHE B 106 3.39 8.67 4.69
C PHE B 106 4.91 8.48 4.79
N PHE B 107 5.64 8.84 3.76
CA PHE B 107 7.11 8.68 3.80
C PHE B 107 7.69 9.37 5.04
N SER B 108 7.31 10.61 5.26
CA SER B 108 7.82 11.34 6.44
C SER B 108 7.43 10.62 7.73
N LYS B 109 6.34 9.91 7.72
CA LYS B 109 5.90 9.17 8.94
C LYS B 109 6.70 7.88 9.08
N ILE B 110 6.82 7.11 8.03
CA ILE B 110 7.59 5.85 8.12
C ILE B 110 9.07 6.12 8.37
N LYS B 111 9.59 7.17 7.79
CA LYS B 111 11.02 7.50 8.02
C LYS B 111 11.20 7.99 9.45
N GLU B 112 10.28 8.78 9.93
CA GLU B 112 10.37 9.26 11.33
C GLU B 112 9.94 8.13 12.27
N ALA B 113 9.06 7.28 11.80
CA ALA B 113 8.61 6.12 12.63
C ALA B 113 9.74 5.10 12.75
N GLY B 114 10.72 5.19 11.89
CA GLY B 114 11.84 4.21 11.95
C GLY B 114 11.53 3.04 11.02
N LEU B 115 10.70 3.24 10.04
CA LEU B 115 10.37 2.13 9.11
C LEU B 115 11.39 2.09 7.99
N ILE B 116 11.56 3.19 7.32
CA ILE B 116 12.55 3.25 6.21
C ILE B 116 13.95 3.55 6.75
N ASP B 117 14.02 4.21 7.88
CA ASP B 117 15.35 4.53 8.50
C ASP B 117 16.32 5.08 7.45
N LYS B 118 15.81 5.69 6.42
CA LYS B 118 16.72 6.24 5.37
C LYS B 118 17.71 5.17 4.89
N SER A 1 17.47 -7.34 11.87
CA SER A 1 16.80 -7.87 10.66
C SER A 1 15.28 -7.67 10.75
N TYR A 2 14.85 -6.75 11.56
CA TYR A 2 13.38 -6.51 11.71
C TYR A 2 13.05 -5.05 11.41
N GLY A 3 11.81 -4.76 11.12
CA GLY A 3 11.42 -3.35 10.83
C GLY A 3 11.75 -2.48 12.03
N ARG A 4 11.23 -1.28 12.08
CA ARG A 4 11.51 -0.39 13.23
C ARG A 4 10.32 0.55 13.49
N LYS A 6 10.16 3.37 14.52
CA LYS A 6 10.32 4.07 15.82
C LYS A 6 10.72 5.53 15.59
N ARG A 7 11.12 6.21 16.64
CA ARG A 7 11.52 7.64 16.47
C ARG A 7 12.82 7.72 15.64
N ARG A 8 13.49 8.84 15.69
CA ARG A 8 14.75 8.97 14.90
C ARG A 8 15.82 8.00 15.43
N GLN A 9 17.02 8.08 14.92
CA GLN A 9 18.09 7.17 15.39
C GLN A 9 18.79 7.74 16.62
N ARG A 10 18.68 9.02 16.85
CA ARG A 10 19.34 9.63 18.02
C ARG A 10 18.35 9.77 19.19
N CYS A 11 18.55 9.01 20.24
CA CYS A 11 17.61 9.09 21.39
C CYS A 11 18.31 9.72 22.60
N GLY B 1 -8.12 -13.91 -22.05
CA GLY B 1 -9.31 -14.69 -22.49
C GLY B 1 -9.72 -15.68 -21.40
N SER B 2 -9.12 -16.85 -21.39
CA SER B 2 -9.47 -17.86 -20.35
C SER B 2 -8.48 -17.78 -19.18
N HIS B 3 -8.88 -18.24 -18.02
CA HIS B 3 -7.99 -18.20 -16.83
C HIS B 3 -7.63 -16.76 -16.46
N MET B 4 -6.74 -16.14 -17.21
CA MET B 4 -6.35 -14.73 -16.89
C MET B 4 -7.60 -13.83 -16.85
N SER B 5 -8.13 -13.60 -15.68
CA SER B 5 -9.33 -12.73 -15.57
C SER B 5 -8.92 -11.31 -15.14
N LYS B 6 -7.75 -11.17 -14.57
CA LYS B 6 -7.30 -9.82 -14.13
C LYS B 6 -7.11 -8.90 -15.35
N GLU B 7 -7.85 -7.83 -15.41
CA GLU B 7 -7.70 -6.89 -16.55
C GLU B 7 -8.29 -5.52 -16.20
N PRO B 8 -7.48 -4.49 -16.22
CA PRO B 8 -7.96 -3.14 -15.91
C PRO B 8 -8.78 -2.57 -17.08
N ARG B 9 -8.87 -3.29 -18.17
CA ARG B 9 -9.64 -2.77 -19.34
C ARG B 9 -9.12 -1.39 -19.72
N ASP B 10 -7.93 -1.34 -20.28
CA ASP B 10 -7.31 -0.04 -20.67
C ASP B 10 -6.94 0.75 -19.42
N PRO B 11 -5.83 1.45 -19.48
CA PRO B 11 -5.37 2.24 -18.31
C PRO B 11 -6.36 3.36 -17.98
N ASP B 12 -6.80 4.10 -18.97
CA ASP B 12 -7.78 5.19 -18.70
C ASP B 12 -8.93 4.70 -17.83
N GLN B 13 -9.26 3.44 -17.94
CA GLN B 13 -10.36 2.89 -17.09
C GLN B 13 -9.88 2.75 -15.65
N LEU B 14 -8.86 1.95 -15.43
CA LEU B 14 -8.34 1.79 -14.03
C LEU B 14 -7.71 3.09 -13.53
N TYR B 15 -7.36 3.97 -14.44
CA TYR B 15 -6.70 5.25 -14.02
C TYR B 15 -7.45 5.90 -12.87
N SER B 16 -8.60 6.45 -13.12
CA SER B 16 -9.37 7.05 -12.01
C SER B 16 -9.89 5.95 -11.09
N THR B 17 -9.77 4.71 -11.48
CA THR B 17 -10.18 3.63 -10.55
C THR B 17 -9.16 3.60 -9.42
N LEU B 18 -7.90 3.69 -9.74
CA LEU B 18 -6.87 3.78 -8.68
C LEU B 18 -7.10 5.07 -7.90
N LYS B 19 -7.43 6.13 -8.60
CA LYS B 19 -7.73 7.41 -7.92
C LYS B 19 -8.85 7.20 -6.92
N SER B 20 -9.87 6.47 -7.29
CA SER B 20 -11.02 6.24 -6.39
C SER B 20 -10.62 5.33 -5.21
N ILE B 21 -10.12 4.16 -5.48
CA ILE B 21 -9.71 3.25 -4.37
C ILE B 21 -8.81 3.99 -3.37
N LEU B 22 -7.87 4.74 -3.86
CA LEU B 22 -6.99 5.50 -2.93
C LEU B 22 -7.75 6.70 -2.38
N GLN B 23 -8.61 7.28 -3.18
CA GLN B 23 -9.41 8.43 -2.69
C GLN B 23 -10.11 8.06 -1.38
N GLN B 24 -10.62 6.85 -1.30
CA GLN B 24 -11.32 6.44 -0.05
C GLN B 24 -10.33 5.99 1.03
N VAL B 25 -9.21 5.40 0.65
CA VAL B 25 -8.23 4.98 1.71
C VAL B 25 -7.41 6.19 2.19
N LYS B 26 -7.27 7.18 1.36
CA LYS B 26 -6.47 8.38 1.76
C LYS B 26 -7.01 8.96 3.07
N SER B 27 -8.30 9.14 3.17
CA SER B 27 -8.87 9.70 4.42
C SER B 27 -9.37 8.57 5.33
N HIS B 28 -8.80 7.41 5.23
CA HIS B 28 -9.24 6.27 6.07
C HIS B 28 -8.64 6.36 7.47
N GLN B 29 -9.26 5.73 8.42
CA GLN B 29 -8.72 5.76 9.82
C GLN B 29 -7.57 4.75 9.99
N SER B 30 -7.14 4.13 8.92
CA SER B 30 -6.03 3.14 9.03
C SER B 30 -4.96 3.40 7.97
N ALA B 31 -5.15 4.39 7.13
CA ALA B 31 -4.13 4.69 6.09
C ALA B 31 -2.99 5.51 6.69
N TRP B 32 -3.19 6.08 7.86
CA TRP B 32 -2.10 6.85 8.54
C TRP B 32 -0.76 6.10 8.43
N PRO B 33 -0.77 4.81 8.74
CA PRO B 33 0.48 4.01 8.64
C PRO B 33 1.05 4.05 7.23
N PHE B 34 0.27 4.42 6.26
CA PHE B 34 0.77 4.43 4.86
C PHE B 34 0.83 5.86 4.32
N MET B 35 0.50 6.81 5.14
CA MET B 35 0.45 8.21 4.68
C MET B 35 1.75 8.93 4.98
N GLU B 36 2.80 8.21 5.22
CA GLU B 36 4.12 8.83 5.51
C GLU B 36 5.26 7.83 5.27
N PRO B 37 6.40 8.34 4.88
CA PRO B 37 7.58 7.45 4.64
C PRO B 37 7.85 6.60 5.88
N VAL B 38 8.77 5.67 5.80
CA VAL B 38 9.09 4.85 7.00
C VAL B 38 10.41 5.30 7.61
N LYS B 39 10.81 6.51 7.34
CA LYS B 39 12.11 7.01 7.88
C LYS B 39 13.26 6.16 7.32
N ARG B 40 13.18 5.79 6.07
CA ARG B 40 14.25 4.94 5.46
C ARG B 40 15.65 5.47 5.82
N THR B 41 15.75 6.75 6.05
CA THR B 41 17.08 7.32 6.42
C THR B 41 17.51 6.82 7.80
N GLU B 42 16.58 6.39 8.61
CA GLU B 42 16.93 5.88 9.96
C GLU B 42 16.33 4.49 10.17
N ALA B 43 15.09 4.31 9.80
CA ALA B 43 14.43 2.97 9.97
C ALA B 43 15.34 1.85 9.47
N PRO B 44 16.00 1.19 10.40
CA PRO B 44 16.94 0.12 10.05
C PRO B 44 16.23 -1.25 10.02
N GLY B 45 16.71 -2.16 9.23
CA GLY B 45 16.08 -3.50 9.18
C GLY B 45 15.11 -3.59 8.00
N TYR B 46 14.47 -2.50 7.65
CA TYR B 46 13.50 -2.54 6.52
C TYR B 46 14.20 -3.02 5.25
N TYR B 47 14.19 -4.29 5.01
CA TYR B 47 14.84 -4.84 3.78
C TYR B 47 14.65 -6.36 3.72
N GLU B 48 14.79 -7.03 4.84
CA GLU B 48 14.61 -8.50 4.85
C GLU B 48 13.12 -8.84 4.98
N VAL B 49 12.42 -8.12 5.82
CA VAL B 49 10.96 -8.39 5.98
C VAL B 49 10.19 -7.52 4.98
N ILE B 50 10.74 -6.39 4.66
CA ILE B 50 10.05 -5.45 3.75
C ILE B 50 10.81 -5.33 2.43
N ARG B 51 10.56 -6.23 1.51
CA ARG B 51 11.27 -6.19 0.20
C ARG B 51 11.16 -4.79 -0.42
N PHE B 52 9.99 -4.38 -0.80
CA PHE B 52 9.83 -3.02 -1.39
C PHE B 52 8.74 -2.24 -0.65
N PRO B 53 9.11 -1.71 0.49
CA PRO B 53 8.16 -0.91 1.30
C PRO B 53 7.42 0.11 0.43
N MET B 54 6.37 0.68 0.94
CA MET B 54 5.60 1.68 0.16
C MET B 54 4.49 2.26 1.04
N ASP B 55 3.86 3.31 0.60
CA ASP B 55 2.81 3.93 1.44
C ASP B 55 2.05 4.99 0.63
N LEU B 56 0.78 5.18 0.90
CA LEU B 56 -0.02 6.20 0.15
C LEU B 56 0.79 7.50 -0.02
N LYS B 57 1.37 7.97 1.04
CA LYS B 57 2.23 9.20 0.96
C LYS B 57 3.20 9.08 -0.23
N THR B 58 3.65 7.90 -0.52
CA THR B 58 4.62 7.72 -1.64
C THR B 58 3.92 7.10 -2.87
N MET B 59 2.93 6.29 -2.66
CA MET B 59 2.22 5.66 -3.80
C MET B 59 1.34 6.69 -4.53
N SER B 60 0.92 7.71 -3.84
CA SER B 60 0.07 8.75 -4.49
C SER B 60 0.88 9.49 -5.56
N GLU B 61 2.16 9.62 -5.36
CA GLU B 61 3.00 10.34 -6.36
C GLU B 61 2.92 9.63 -7.73
N ARG B 62 2.76 8.33 -7.71
CA ARG B 62 2.67 7.58 -9.00
C ARG B 62 1.37 7.93 -9.72
N LEU B 63 0.25 7.82 -9.06
CA LEU B 63 -1.03 8.17 -9.73
C LEU B 63 -0.93 9.58 -10.33
N LYS B 64 -0.32 10.48 -9.61
CA LYS B 64 -0.13 11.85 -10.16
C LYS B 64 0.69 11.76 -11.45
N ASN B 65 1.52 10.75 -11.56
CA ASN B 65 2.32 10.56 -12.79
C ASN B 65 1.70 9.46 -13.67
N ARG B 66 0.51 9.03 -13.34
CA ARG B 66 -0.15 7.97 -14.16
C ARG B 66 0.76 6.74 -14.28
N TYR B 67 1.70 6.59 -13.38
CA TYR B 67 2.60 5.41 -13.46
C TYR B 67 1.81 4.12 -13.28
N TYR B 68 1.16 3.97 -12.16
CA TYR B 68 0.35 2.75 -11.91
C TYR B 68 -1.01 2.85 -12.60
N VAL B 69 -1.31 1.94 -13.48
CA VAL B 69 -2.63 2.00 -14.19
C VAL B 69 -3.07 0.58 -14.56
N SER B 70 -2.85 -0.37 -13.69
CA SER B 70 -3.25 -1.77 -13.99
C SER B 70 -3.43 -2.56 -12.68
N LYS B 71 -3.17 -3.83 -12.71
CA LYS B 71 -3.33 -4.63 -11.47
C LYS B 71 -1.98 -4.76 -10.73
N LYS B 72 -1.09 -5.56 -11.24
CA LYS B 72 0.23 -5.74 -10.57
C LYS B 72 0.86 -4.38 -10.22
N LEU B 73 0.48 -3.34 -10.90
CA LEU B 73 1.07 -2.01 -10.58
C LEU B 73 0.38 -1.38 -9.37
N PHE B 74 -0.92 -1.27 -9.42
CA PHE B 74 -1.66 -0.67 -8.27
C PHE B 74 -1.70 -1.66 -7.10
N MET B 75 -2.25 -2.82 -7.32
CA MET B 75 -2.37 -3.82 -6.23
C MET B 75 -1.02 -4.01 -5.53
N ALA B 76 0.04 -4.07 -6.28
CA ALA B 76 1.39 -4.27 -5.66
C ALA B 76 1.66 -3.23 -4.58
N ASP B 77 1.90 -2.00 -4.97
CA ASP B 77 2.23 -0.94 -3.98
C ASP B 77 1.25 -0.96 -2.80
N LEU B 78 -0.01 -1.23 -3.06
CA LEU B 78 -0.98 -1.26 -1.93
C LEU B 78 -0.82 -2.52 -1.10
N GLN B 79 -0.66 -3.65 -1.72
CA GLN B 79 -0.46 -4.90 -0.93
C GLN B 79 0.87 -4.79 -0.18
N ARG B 80 1.91 -4.39 -0.86
CA ARG B 80 3.23 -4.20 -0.20
C ARG B 80 3.05 -3.38 1.09
N VAL B 81 2.32 -2.30 1.01
CA VAL B 81 2.07 -1.51 2.23
C VAL B 81 1.40 -2.39 3.29
N PHE B 82 0.42 -3.15 2.89
CA PHE B 82 -0.28 -4.03 3.87
C PHE B 82 0.65 -5.17 4.30
N THR B 83 1.27 -5.83 3.37
CA THR B 83 2.21 -6.94 3.76
C THR B 83 3.32 -6.39 4.64
N ASN B 84 4.11 -5.47 4.13
CA ASN B 84 5.21 -4.89 4.95
C ASN B 84 4.64 -4.38 6.29
N CYS B 85 3.48 -3.79 6.25
CA CYS B 85 2.85 -3.31 7.52
C CYS B 85 2.59 -4.49 8.46
N LYS B 86 1.99 -5.54 7.95
CA LYS B 86 1.70 -6.72 8.81
C LYS B 86 2.94 -7.62 8.96
N GLU B 87 4.07 -7.20 8.44
CA GLU B 87 5.29 -8.05 8.51
C GLU B 87 6.15 -7.66 9.73
N TYR B 88 5.99 -6.46 10.22
CA TYR B 88 6.80 -6.04 11.39
C TYR B 88 5.90 -5.47 12.50
N ASN B 89 5.03 -4.56 12.16
CA ASN B 89 4.13 -3.96 13.19
C ASN B 89 3.51 -5.03 14.08
N PRO B 90 2.96 -4.61 15.20
CA PRO B 90 2.33 -5.55 16.16
C PRO B 90 1.47 -6.58 15.45
N PRO B 91 1.47 -7.78 15.96
CA PRO B 91 0.61 -8.84 15.39
C PRO B 91 -0.86 -8.41 15.49
N GLU B 92 -1.15 -7.43 16.31
CA GLU B 92 -2.57 -6.95 16.47
C GLU B 92 -2.64 -5.91 17.58
N SER B 93 -2.01 -4.79 17.40
CA SER B 93 -2.03 -3.75 18.46
C SER B 93 -2.56 -2.42 17.92
N GLU B 94 -1.85 -1.80 17.03
CA GLU B 94 -2.33 -0.49 16.51
C GLU B 94 -1.97 -0.32 15.02
N TYR B 95 -0.79 -0.73 14.64
CA TYR B 95 -0.37 -0.57 13.22
C TYR B 95 -0.99 -1.68 12.36
N TYR B 96 -1.00 -2.88 12.85
CA TYR B 96 -1.59 -3.99 12.05
C TYR B 96 -3.11 -3.85 11.99
N LYS B 97 -3.71 -3.34 13.02
CA LYS B 97 -5.20 -3.17 13.02
C LYS B 97 -5.62 -2.25 11.88
N CYS B 98 -4.70 -1.48 11.34
CA CYS B 98 -5.05 -0.57 10.23
C CYS B 98 -5.08 -1.34 8.91
N ALA B 99 -4.02 -2.04 8.59
CA ALA B 99 -4.01 -2.82 7.33
C ALA B 99 -5.22 -3.74 7.27
N ASN B 100 -5.63 -4.28 8.39
CA ASN B 100 -6.83 -5.16 8.40
C ASN B 100 -8.01 -4.41 7.80
N ILE B 101 -8.28 -3.22 8.29
CA ILE B 101 -9.40 -2.43 7.73
C ILE B 101 -9.09 -1.99 6.30
N LEU B 102 -8.05 -1.23 6.13
CA LEU B 102 -7.71 -0.74 4.76
C LEU B 102 -7.66 -1.89 3.75
N GLU B 103 -7.06 -2.99 4.12
CA GLU B 103 -6.98 -4.14 3.16
C GLU B 103 -8.39 -4.64 2.81
N LYS B 104 -9.25 -4.75 3.78
CA LYS B 104 -10.62 -5.26 3.47
C LYS B 104 -11.46 -4.19 2.79
N PHE B 105 -11.16 -2.94 3.00
CA PHE B 105 -11.97 -1.84 2.39
C PHE B 105 -11.60 -1.66 0.92
N PHE B 106 -10.38 -1.31 0.63
CA PHE B 106 -10.00 -1.10 -0.80
C PHE B 106 -10.28 -2.36 -1.62
N PHE B 107 -10.41 -3.50 -0.97
CA PHE B 107 -10.70 -4.75 -1.72
C PHE B 107 -12.05 -4.64 -2.46
N SER B 108 -13.08 -4.24 -1.78
CA SER B 108 -14.40 -4.11 -2.46
C SER B 108 -14.28 -3.29 -3.74
N LYS B 109 -13.37 -2.35 -3.78
CA LYS B 109 -13.20 -1.52 -5.00
C LYS B 109 -12.35 -2.26 -6.03
N ILE B 110 -11.09 -2.46 -5.74
CA ILE B 110 -10.20 -3.16 -6.72
C ILE B 110 -10.87 -4.43 -7.26
N LYS B 111 -11.47 -5.21 -6.41
CA LYS B 111 -12.15 -6.45 -6.90
C LYS B 111 -13.21 -6.07 -7.93
N GLU B 112 -14.06 -5.14 -7.57
CA GLU B 112 -15.12 -4.70 -8.51
C GLU B 112 -14.50 -3.86 -9.62
N ALA B 113 -13.30 -3.39 -9.43
CA ALA B 113 -12.62 -2.59 -10.49
C ALA B 113 -12.01 -3.52 -11.53
N GLY B 114 -11.69 -4.73 -11.14
CA GLY B 114 -11.08 -5.69 -12.09
C GLY B 114 -9.62 -5.94 -11.71
N LEU B 115 -9.28 -5.73 -10.47
CA LEU B 115 -7.88 -5.95 -10.04
C LEU B 115 -7.69 -7.35 -9.47
N ILE B 116 -8.58 -7.75 -8.60
CA ILE B 116 -8.47 -9.08 -8.00
C ILE B 116 -9.77 -9.83 -8.21
N ASP B 117 -10.13 -10.02 -9.44
CA ASP B 117 -11.34 -10.82 -9.72
C ASP B 117 -11.13 -12.26 -9.21
N LYS B 118 -9.95 -12.58 -8.73
CA LYS B 118 -9.72 -13.97 -8.22
C LYS B 118 -10.35 -14.14 -6.85
N SER A 1 -3.34 0.97 -19.70
CA SER A 1 -2.93 -0.19 -20.54
C SER A 1 -3.15 -1.49 -19.77
N TYR A 2 -2.75 -1.54 -18.52
CA TYR A 2 -2.93 -2.79 -17.73
C TYR A 2 -3.91 -2.54 -16.58
N GLY A 3 -3.99 -3.46 -15.66
CA GLY A 3 -4.94 -3.29 -14.52
C GLY A 3 -6.35 -2.98 -15.05
N ARG A 4 -7.30 -2.84 -14.18
CA ARG A 4 -8.69 -2.55 -14.63
C ARG A 4 -9.36 -1.63 -13.61
N LYS A 6 -12.09 -1.75 -12.05
CA LYS A 6 -13.53 -1.48 -12.37
C LYS A 6 -14.44 -2.38 -11.53
N ARG A 7 -15.72 -2.29 -11.74
CA ARG A 7 -16.67 -3.13 -10.94
C ARG A 7 -17.07 -4.38 -11.73
N ARG A 8 -16.23 -5.38 -11.74
CA ARG A 8 -16.57 -6.62 -12.48
C ARG A 8 -16.95 -6.30 -13.92
N GLN A 9 -17.70 -7.16 -14.56
CA GLN A 9 -18.10 -6.91 -15.97
C GLN A 9 -19.28 -7.80 -16.36
N ARG A 10 -20.44 -7.22 -16.58
CA ARG A 10 -21.63 -8.02 -16.97
C ARG A 10 -21.92 -9.10 -15.91
N CYS A 11 -21.29 -10.24 -16.01
CA CYS A 11 -21.53 -11.31 -15.00
C CYS A 11 -23.04 -11.60 -14.88
N GLY B 1 28.49 9.15 8.72
CA GLY B 1 28.54 8.61 7.34
C GLY B 1 27.20 7.95 7.01
N SER B 2 27.10 7.31 5.88
CA SER B 2 25.82 6.64 5.50
C SER B 2 25.73 5.25 6.13
N HIS B 3 24.75 5.01 6.95
CA HIS B 3 24.62 3.68 7.60
C HIS B 3 23.38 2.95 7.06
N MET B 4 23.04 1.84 7.63
CA MET B 4 21.84 1.08 7.15
C MET B 4 21.26 0.23 8.28
N SER B 5 19.99 0.38 8.56
CA SER B 5 19.36 -0.42 9.65
C SER B 5 17.86 -0.53 9.43
N LYS B 6 17.20 -1.37 10.20
CA LYS B 6 15.73 -1.54 10.04
C LYS B 6 15.20 -2.49 11.12
N GLU B 7 14.48 -1.99 12.09
CA GLU B 7 13.95 -2.87 13.15
C GLU B 7 12.92 -2.14 14.03
N PRO B 8 11.73 -2.71 14.13
CA PRO B 8 10.66 -2.10 14.97
C PRO B 8 11.04 -2.09 16.45
N ARG B 9 12.13 -2.71 16.82
CA ARG B 9 12.54 -2.76 18.26
C ARG B 9 11.47 -3.49 19.07
N ASP B 10 10.42 -2.80 19.44
CA ASP B 10 9.33 -3.47 20.21
C ASP B 10 8.09 -3.65 19.30
N PRO B 11 7.51 -4.83 19.35
CA PRO B 11 6.31 -5.09 18.51
C PRO B 11 5.17 -4.14 18.88
N ASP B 12 4.82 -4.09 20.13
CA ASP B 12 3.72 -3.18 20.56
C ASP B 12 4.01 -1.74 20.12
N GLN B 13 5.25 -1.43 19.87
CA GLN B 13 5.60 -0.05 19.44
C GLN B 13 5.27 0.15 17.96
N LEU B 14 5.72 -0.74 17.11
CA LEU B 14 5.44 -0.59 15.66
C LEU B 14 3.96 -0.90 15.37
N TYR B 15 3.35 -1.75 16.15
CA TYR B 15 1.91 -2.05 15.92
C TYR B 15 1.11 -0.75 15.83
N SER B 16 1.22 0.09 16.81
CA SER B 16 0.51 1.39 16.76
C SER B 16 1.16 2.31 15.72
N THR B 17 2.43 2.12 15.48
CA THR B 17 3.11 2.95 14.45
C THR B 17 2.45 2.71 13.10
N LEU B 18 2.44 1.48 12.64
CA LEU B 18 1.76 1.19 11.35
C LEU B 18 0.34 1.74 11.41
N LYS B 19 -0.30 1.58 12.55
CA LYS B 19 -1.65 2.18 12.71
C LYS B 19 -1.57 3.68 12.45
N SER B 20 -0.51 4.30 12.93
CA SER B 20 -0.32 5.76 12.69
C SER B 20 -0.23 6.04 11.18
N ILE B 21 0.77 5.49 10.52
CA ILE B 21 0.88 5.71 9.06
C ILE B 21 -0.45 5.41 8.37
N LEU B 22 -0.86 4.18 8.38
CA LEU B 22 -2.14 3.78 7.74
C LEU B 22 -3.28 4.72 8.16
N GLN B 23 -3.31 5.13 9.40
CA GLN B 23 -4.41 6.03 9.85
C GLN B 23 -4.44 7.28 8.98
N GLN B 24 -3.32 7.90 8.77
CA GLN B 24 -3.29 9.13 7.93
C GLN B 24 -3.30 8.78 6.44
N VAL B 25 -2.92 7.58 6.06
CA VAL B 25 -3.00 7.22 4.60
C VAL B 25 -4.45 6.84 4.27
N LYS B 26 -5.12 6.21 5.19
CA LYS B 26 -6.53 5.79 4.96
C LYS B 26 -7.39 7.01 4.60
N SER B 27 -7.32 8.04 5.39
CA SER B 27 -8.13 9.26 5.09
C SER B 27 -7.32 10.25 4.26
N HIS B 28 -6.36 9.77 3.51
CA HIS B 28 -5.53 10.67 2.68
C HIS B 28 -6.26 11.06 1.40
N GLN B 29 -5.84 12.12 0.77
CA GLN B 29 -6.50 12.54 -0.50
C GLN B 29 -6.01 11.69 -1.69
N SER B 30 -5.20 10.69 -1.43
CA SER B 30 -4.69 9.84 -2.55
C SER B 30 -4.94 8.35 -2.28
N ALA B 31 -5.41 8.02 -1.10
CA ALA B 31 -5.68 6.58 -0.78
C ALA B 31 -7.00 6.13 -1.42
N TRP B 32 -7.78 7.03 -1.94
CA TRP B 32 -9.08 6.62 -2.55
C TRP B 32 -8.91 5.42 -3.51
N PRO B 33 -8.03 5.54 -4.47
CA PRO B 33 -7.82 4.43 -5.44
C PRO B 33 -7.33 3.17 -4.73
N PHE B 34 -6.67 3.31 -3.61
CA PHE B 34 -6.12 2.12 -2.91
C PHE B 34 -7.12 1.61 -1.87
N MET B 35 -8.38 1.93 -2.03
CA MET B 35 -9.38 1.46 -1.04
C MET B 35 -10.45 0.61 -1.72
N GLU B 36 -10.15 0.04 -2.85
CA GLU B 36 -11.14 -0.82 -3.54
C GLU B 36 -10.52 -2.18 -3.90
N PRO B 37 -11.24 -3.25 -3.66
CA PRO B 37 -10.71 -4.60 -3.95
C PRO B 37 -10.78 -4.90 -5.46
N VAL B 38 -9.65 -5.00 -6.12
CA VAL B 38 -9.69 -5.36 -7.57
C VAL B 38 -10.24 -6.78 -7.73
N LYS B 39 -10.83 -7.06 -8.84
CA LYS B 39 -11.41 -8.41 -9.05
C LYS B 39 -10.33 -9.40 -9.52
N ARG B 40 -10.59 -10.66 -9.40
CA ARG B 40 -9.60 -11.67 -9.84
C ARG B 40 -10.07 -12.35 -11.13
N THR B 41 -10.91 -11.68 -11.86
CA THR B 41 -11.42 -12.28 -13.14
C THR B 41 -11.69 -11.16 -14.16
N GLU B 42 -12.29 -10.09 -13.74
CA GLU B 42 -12.54 -8.96 -14.68
C GLU B 42 -11.41 -7.93 -14.59
N ALA B 43 -10.45 -8.14 -13.72
CA ALA B 43 -9.32 -7.19 -13.61
C ALA B 43 -8.05 -7.78 -14.24
N PRO B 44 -7.97 -7.69 -15.55
CA PRO B 44 -6.80 -8.26 -16.26
C PRO B 44 -5.51 -7.52 -15.92
N GLY B 45 -4.38 -8.14 -16.11
CA GLY B 45 -3.08 -7.47 -15.81
C GLY B 45 -2.63 -7.84 -14.40
N TYR B 46 -3.55 -8.17 -13.54
CA TYR B 46 -3.17 -8.53 -12.14
C TYR B 46 -2.69 -9.98 -12.07
N TYR B 47 -1.40 -10.17 -12.10
CA TYR B 47 -0.83 -11.55 -12.03
C TYR B 47 0.69 -11.49 -12.05
N GLU B 48 1.24 -10.74 -12.97
CA GLU B 48 2.72 -10.63 -13.06
C GLU B 48 3.18 -9.18 -13.02
N VAL B 49 2.27 -8.24 -13.14
CA VAL B 49 2.68 -6.80 -13.12
C VAL B 49 2.42 -6.23 -11.72
N ILE B 50 1.33 -6.60 -11.13
CA ILE B 50 0.99 -6.06 -9.79
C ILE B 50 1.63 -6.87 -8.67
N ARG B 51 2.35 -7.91 -9.02
CA ARG B 51 3.01 -8.77 -7.98
C ARG B 51 1.97 -9.39 -7.04
N PHE B 52 1.41 -8.60 -6.16
CA PHE B 52 0.36 -9.13 -5.25
C PHE B 52 -0.70 -8.04 -5.02
N PRO B 53 -1.76 -8.09 -5.79
CA PRO B 53 -2.87 -7.11 -5.66
C PRO B 53 -3.12 -6.70 -4.20
N MET B 54 -2.60 -5.57 -3.80
CA MET B 54 -2.83 -5.10 -2.40
C MET B 54 -3.67 -3.82 -2.43
N ASP B 55 -4.22 -3.44 -1.31
CA ASP B 55 -5.06 -2.21 -1.28
C ASP B 55 -5.52 -1.96 0.16
N LEU B 56 -5.59 -0.71 0.58
CA LEU B 56 -6.03 -0.40 1.97
C LEU B 56 -7.28 -1.22 2.33
N LYS B 57 -8.16 -1.40 1.38
CA LYS B 57 -9.37 -2.24 1.60
C LYS B 57 -9.00 -3.53 2.35
N THR B 58 -7.95 -4.19 1.93
CA THR B 58 -7.53 -5.44 2.61
C THR B 58 -6.28 -5.19 3.46
N MET B 59 -5.37 -4.39 2.98
CA MET B 59 -4.12 -4.14 3.74
C MET B 59 -4.43 -3.69 5.17
N SER B 60 -5.52 -2.99 5.37
CA SER B 60 -5.85 -2.52 6.74
C SER B 60 -6.36 -3.69 7.59
N GLU B 61 -7.14 -4.56 7.02
CA GLU B 61 -7.65 -5.73 7.79
C GLU B 61 -6.49 -6.47 8.46
N ARG B 62 -5.34 -6.49 7.83
CA ARG B 62 -4.17 -7.18 8.44
C ARG B 62 -3.82 -6.51 9.77
N LEU B 63 -3.55 -5.25 9.76
CA LEU B 63 -3.23 -4.53 11.03
C LEU B 63 -4.35 -4.76 12.05
N LYS B 64 -5.54 -4.98 11.58
CA LYS B 64 -6.68 -5.23 12.51
C LYS B 64 -6.55 -6.61 13.15
N ASN B 65 -5.88 -7.51 12.50
CA ASN B 65 -5.72 -8.88 13.07
C ASN B 65 -4.32 -9.07 13.66
N ARG B 66 -3.59 -8.00 13.84
CA ARG B 66 -2.20 -8.13 14.40
C ARG B 66 -1.41 -9.17 13.61
N TYR B 67 -0.91 -8.82 12.47
CA TYR B 67 -0.13 -9.78 11.66
C TYR B 67 1.08 -9.09 11.04
N TYR B 68 0.89 -7.94 10.45
CA TYR B 68 2.04 -7.21 9.86
C TYR B 68 2.55 -6.14 10.83
N VAL B 69 3.36 -6.53 11.78
CA VAL B 69 3.85 -5.55 12.78
C VAL B 69 5.38 -5.38 12.67
N SER B 70 5.86 -5.00 11.51
CA SER B 70 7.32 -4.80 11.34
C SER B 70 7.60 -3.86 10.17
N LYS B 71 8.71 -4.03 9.50
CA LYS B 71 9.03 -3.14 8.35
C LYS B 71 8.82 -3.88 7.03
N LYS B 72 9.61 -4.89 6.77
CA LYS B 72 9.44 -5.64 5.49
C LYS B 72 8.00 -6.10 5.32
N LEU B 73 7.26 -6.22 6.40
CA LEU B 73 5.84 -6.65 6.29
C LEU B 73 4.94 -5.48 5.88
N PHE B 74 4.75 -4.55 6.78
CA PHE B 74 3.87 -3.37 6.47
C PHE B 74 4.42 -2.58 5.29
N MET B 75 5.67 -2.19 5.35
CA MET B 75 6.26 -1.38 4.24
C MET B 75 6.08 -2.10 2.90
N ALA B 76 6.20 -3.41 2.89
CA ALA B 76 6.06 -4.16 1.61
C ALA B 76 4.67 -4.00 1.02
N ASP B 77 3.68 -4.56 1.65
CA ASP B 77 2.29 -4.46 1.12
C ASP B 77 1.94 -3.01 0.79
N LEU B 78 2.28 -2.09 1.66
CA LEU B 78 1.95 -0.67 1.36
C LEU B 78 2.66 -0.23 0.09
N GLN B 79 3.93 -0.47 -0.03
CA GLN B 79 4.62 -0.12 -1.30
C GLN B 79 3.98 -0.91 -2.43
N ARG B 80 3.70 -2.15 -2.21
CA ARG B 80 3.03 -2.98 -3.25
C ARG B 80 1.80 -2.24 -3.80
N VAL B 81 1.18 -1.46 -2.98
CA VAL B 81 -0.01 -0.68 -3.44
C VAL B 81 0.46 0.56 -4.21
N PHE B 82 1.53 1.16 -3.78
CA PHE B 82 2.05 2.35 -4.51
C PHE B 82 2.84 1.91 -5.75
N THR B 83 3.79 1.04 -5.57
CA THR B 83 4.62 0.58 -6.71
C THR B 83 3.74 -0.01 -7.82
N ASN B 84 2.88 -0.95 -7.49
CA ASN B 84 2.02 -1.55 -8.55
C ASN B 84 1.08 -0.49 -9.14
N CYS B 85 0.56 0.39 -8.32
CA CYS B 85 -0.34 1.44 -8.86
C CYS B 85 0.38 2.23 -9.95
N LYS B 86 1.66 2.39 -9.83
CA LYS B 86 2.42 3.10 -10.89
C LYS B 86 2.75 2.14 -12.05
N GLU B 87 2.14 0.98 -12.10
CA GLU B 87 2.48 0.01 -13.16
C GLU B 87 1.31 -0.21 -14.12
N TYR B 88 0.09 0.05 -13.72
CA TYR B 88 -1.04 -0.23 -14.66
C TYR B 88 -2.00 0.96 -14.84
N ASN B 89 -2.31 1.72 -13.81
CA ASN B 89 -3.25 2.86 -14.05
C ASN B 89 -2.62 4.02 -14.83
N PRO B 90 -1.31 4.19 -14.76
CA PRO B 90 -0.66 5.28 -15.53
C PRO B 90 -0.21 4.74 -16.90
N PRO B 91 0.58 5.47 -17.68
CA PRO B 91 1.21 6.76 -17.31
C PRO B 91 0.25 7.76 -16.67
N GLU B 92 0.62 8.28 -15.51
CA GLU B 92 -0.18 9.31 -14.75
C GLU B 92 -1.61 9.47 -15.27
N SER B 93 -2.41 8.45 -15.13
CA SER B 93 -3.81 8.56 -15.62
C SER B 93 -4.68 9.15 -14.52
N GLU B 94 -4.46 8.74 -13.30
CA GLU B 94 -5.26 9.29 -12.16
C GLU B 94 -4.90 8.61 -10.86
N TYR B 95 -4.69 7.32 -10.90
CA TYR B 95 -4.32 6.59 -9.67
C TYR B 95 -2.84 6.78 -9.36
N TYR B 96 -2.00 6.76 -10.37
CA TYR B 96 -0.55 6.96 -10.13
C TYR B 96 -0.30 8.26 -9.33
N LYS B 97 -0.78 9.37 -9.83
CA LYS B 97 -0.56 10.67 -9.12
C LYS B 97 -0.86 10.54 -7.63
N CYS B 98 -1.77 9.66 -7.27
CA CYS B 98 -2.08 9.47 -5.82
C CYS B 98 -1.01 8.60 -5.16
N ALA B 99 -0.58 7.57 -5.84
CA ALA B 99 0.45 6.67 -5.25
C ALA B 99 1.66 7.49 -4.78
N ASN B 100 2.08 8.44 -5.54
CA ASN B 100 3.26 9.27 -5.15
C ASN B 100 2.94 10.09 -3.90
N ILE B 101 1.89 10.86 -3.95
CA ILE B 101 1.53 11.71 -2.77
C ILE B 101 1.33 10.83 -1.53
N LEU B 102 0.34 9.96 -1.55
CA LEU B 102 0.10 9.09 -0.37
C LEU B 102 1.38 8.40 0.07
N GLU B 103 2.22 8.05 -0.87
CA GLU B 103 3.52 7.41 -0.52
C GLU B 103 4.44 8.44 0.13
N LYS B 104 4.43 9.65 -0.38
CA LYS B 104 5.31 10.71 0.18
C LYS B 104 5.04 10.87 1.68
N PHE B 105 3.82 11.11 2.05
CA PHE B 105 3.49 11.28 3.49
C PHE B 105 3.94 10.05 4.30
N PHE B 106 3.52 8.89 3.88
CA PHE B 106 3.93 7.66 4.61
C PHE B 106 5.47 7.58 4.66
N PHE B 107 6.13 8.13 3.67
CA PHE B 107 7.62 8.09 3.68
C PHE B 107 8.17 8.95 4.82
N SER B 108 7.52 10.04 5.10
CA SER B 108 7.97 10.90 6.23
C SER B 108 7.65 10.21 7.56
N LYS B 109 6.52 9.58 7.65
CA LYS B 109 6.14 8.92 8.91
C LYS B 109 6.98 7.66 9.14
N ILE B 110 7.34 6.94 8.11
CA ILE B 110 8.18 5.72 8.32
C ILE B 110 9.61 6.14 8.67
N LYS B 111 10.12 7.16 8.03
CA LYS B 111 11.47 7.64 8.42
C LYS B 111 11.37 8.20 9.83
N GLU B 112 10.25 8.81 10.11
CA GLU B 112 9.99 9.34 11.47
C GLU B 112 9.71 8.17 12.42
N ALA B 113 9.19 7.10 11.88
CA ALA B 113 8.89 5.91 12.72
C ALA B 113 10.10 4.99 12.80
N GLY B 114 11.22 5.39 12.26
CA GLY B 114 12.40 4.49 12.27
C GLY B 114 12.08 3.26 11.43
N LEU B 115 11.14 3.37 10.52
CA LEU B 115 10.77 2.22 9.68
C LEU B 115 11.82 2.02 8.60
N ILE B 116 12.23 3.09 7.99
CA ILE B 116 13.25 3.01 6.91
C ILE B 116 14.64 3.29 7.47
N ASP B 117 14.73 3.94 8.59
CA ASP B 117 16.05 4.25 9.21
C ASP B 117 16.99 4.87 8.16
N LYS B 118 16.46 5.60 7.23
CA LYS B 118 17.33 6.23 6.19
C LYS B 118 17.97 7.51 6.74
N SER A 1 -3.34 0.97 -19.70
CA SER A 1 -2.93 -0.19 -20.54
C SER A 1 -3.15 -1.49 -19.77
N TYR A 2 -2.75 -1.54 -18.52
CA TYR A 2 -2.93 -2.79 -17.73
C TYR A 2 -3.91 -2.54 -16.58
N GLY A 3 -3.99 -3.46 -15.66
CA GLY A 3 -4.94 -3.29 -14.52
C GLY A 3 -6.35 -2.98 -15.05
N ARG A 4 -7.30 -2.84 -14.18
CA ARG A 4 -8.69 -2.55 -14.63
C ARG A 4 -9.36 -1.63 -13.61
N LYS A 6 -12.09 -1.75 -12.05
CA LYS A 6 -13.53 -1.48 -12.37
C LYS A 6 -14.44 -2.38 -11.53
N ARG A 7 -15.72 -2.29 -11.74
CA ARG A 7 -16.67 -3.13 -10.94
C ARG A 7 -17.07 -4.38 -11.73
N ARG A 8 -16.23 -5.38 -11.74
CA ARG A 8 -16.57 -6.62 -12.48
C ARG A 8 -16.95 -6.30 -13.92
N GLN A 9 -17.70 -7.16 -14.56
CA GLN A 9 -18.10 -6.91 -15.97
C GLN A 9 -19.28 -7.80 -16.36
N ARG A 10 -20.44 -7.22 -16.58
CA ARG A 10 -21.63 -8.02 -16.97
C ARG A 10 -21.92 -9.10 -15.91
N CYS A 11 -21.29 -10.24 -16.01
CA CYS A 11 -21.53 -11.31 -15.00
C CYS A 11 -23.04 -11.60 -14.88
N GLY B 1 28.49 9.15 8.72
CA GLY B 1 28.54 8.61 7.34
C GLY B 1 27.20 7.95 7.01
N SER B 2 27.10 7.31 5.88
CA SER B 2 25.82 6.64 5.50
C SER B 2 25.73 5.25 6.13
N HIS B 3 24.75 5.01 6.95
CA HIS B 3 24.62 3.68 7.60
C HIS B 3 23.38 2.95 7.06
N MET B 4 23.04 1.84 7.63
CA MET B 4 21.84 1.08 7.15
C MET B 4 21.26 0.23 8.28
N SER B 5 19.99 0.38 8.56
CA SER B 5 19.36 -0.42 9.65
C SER B 5 17.86 -0.53 9.43
N LYS B 6 17.20 -1.37 10.20
CA LYS B 6 15.73 -1.54 10.04
C LYS B 6 15.20 -2.49 11.12
N GLU B 7 14.48 -1.99 12.09
CA GLU B 7 13.95 -2.87 13.15
C GLU B 7 12.92 -2.14 14.03
N PRO B 8 11.73 -2.71 14.13
CA PRO B 8 10.66 -2.10 14.97
C PRO B 8 11.04 -2.09 16.45
N ARG B 9 12.13 -2.71 16.82
CA ARG B 9 12.54 -2.76 18.26
C ARG B 9 11.47 -3.49 19.07
N ASP B 10 10.42 -2.80 19.44
CA ASP B 10 9.33 -3.47 20.21
C ASP B 10 8.09 -3.65 19.30
N PRO B 11 7.51 -4.83 19.35
CA PRO B 11 6.31 -5.09 18.51
C PRO B 11 5.17 -4.14 18.88
N ASP B 12 4.82 -4.09 20.13
CA ASP B 12 3.72 -3.18 20.56
C ASP B 12 4.01 -1.74 20.12
N GLN B 13 5.25 -1.43 19.87
CA GLN B 13 5.60 -0.05 19.44
C GLN B 13 5.27 0.15 17.96
N LEU B 14 5.72 -0.74 17.11
CA LEU B 14 5.44 -0.59 15.66
C LEU B 14 3.96 -0.90 15.37
N TYR B 15 3.35 -1.75 16.15
CA TYR B 15 1.91 -2.05 15.92
C TYR B 15 1.11 -0.75 15.83
N SER B 16 1.22 0.09 16.81
CA SER B 16 0.51 1.39 16.76
C SER B 16 1.16 2.31 15.72
N THR B 17 2.43 2.12 15.48
CA THR B 17 3.11 2.95 14.45
C THR B 17 2.45 2.71 13.10
N LEU B 18 2.44 1.48 12.64
CA LEU B 18 1.76 1.19 11.35
C LEU B 18 0.34 1.74 11.41
N LYS B 19 -0.30 1.58 12.55
CA LYS B 19 -1.65 2.18 12.71
C LYS B 19 -1.57 3.68 12.45
N SER B 20 -0.51 4.30 12.93
CA SER B 20 -0.32 5.76 12.69
C SER B 20 -0.23 6.04 11.18
N ILE B 21 0.77 5.49 10.52
CA ILE B 21 0.88 5.71 9.06
C ILE B 21 -0.45 5.41 8.37
N LEU B 22 -0.86 4.18 8.38
CA LEU B 22 -2.14 3.78 7.74
C LEU B 22 -3.28 4.72 8.16
N GLN B 23 -3.31 5.13 9.40
CA GLN B 23 -4.41 6.03 9.85
C GLN B 23 -4.44 7.28 8.98
N GLN B 24 -3.32 7.90 8.77
CA GLN B 24 -3.29 9.13 7.93
C GLN B 24 -3.30 8.78 6.44
N VAL B 25 -2.92 7.58 6.06
CA VAL B 25 -3.00 7.22 4.60
C VAL B 25 -4.45 6.84 4.27
N LYS B 26 -5.12 6.21 5.19
CA LYS B 26 -6.53 5.79 4.96
C LYS B 26 -7.39 7.01 4.60
N SER B 27 -7.32 8.04 5.39
CA SER B 27 -8.13 9.26 5.09
C SER B 27 -7.32 10.25 4.26
N HIS B 28 -6.36 9.77 3.51
CA HIS B 28 -5.53 10.67 2.68
C HIS B 28 -6.26 11.06 1.40
N GLN B 29 -5.84 12.12 0.77
CA GLN B 29 -6.50 12.54 -0.50
C GLN B 29 -6.01 11.69 -1.69
N SER B 30 -5.20 10.69 -1.43
CA SER B 30 -4.69 9.84 -2.55
C SER B 30 -4.94 8.35 -2.28
N ALA B 31 -5.41 8.02 -1.10
CA ALA B 31 -5.68 6.58 -0.78
C ALA B 31 -7.00 6.13 -1.42
N TRP B 32 -7.78 7.03 -1.94
CA TRP B 32 -9.08 6.62 -2.55
C TRP B 32 -8.91 5.42 -3.51
N PRO B 33 -8.03 5.54 -4.47
CA PRO B 33 -7.82 4.43 -5.44
C PRO B 33 -7.33 3.17 -4.73
N PHE B 34 -6.67 3.31 -3.61
CA PHE B 34 -6.12 2.12 -2.91
C PHE B 34 -7.12 1.61 -1.87
N MET B 35 -8.38 1.93 -2.03
CA MET B 35 -9.38 1.46 -1.04
C MET B 35 -10.45 0.61 -1.72
N GLU B 36 -10.15 0.04 -2.85
CA GLU B 36 -11.14 -0.82 -3.54
C GLU B 36 -10.52 -2.18 -3.90
N PRO B 37 -11.24 -3.25 -3.66
CA PRO B 37 -10.71 -4.60 -3.95
C PRO B 37 -10.78 -4.90 -5.46
N VAL B 38 -9.65 -5.00 -6.12
CA VAL B 38 -9.69 -5.36 -7.57
C VAL B 38 -10.24 -6.78 -7.73
N LYS B 39 -10.83 -7.06 -8.84
CA LYS B 39 -11.41 -8.41 -9.05
C LYS B 39 -10.33 -9.40 -9.52
N ARG B 40 -10.59 -10.66 -9.40
CA ARG B 40 -9.60 -11.67 -9.84
C ARG B 40 -10.07 -12.35 -11.13
N THR B 41 -10.91 -11.68 -11.86
CA THR B 41 -11.42 -12.28 -13.14
C THR B 41 -11.69 -11.16 -14.16
N GLU B 42 -12.29 -10.09 -13.74
CA GLU B 42 -12.54 -8.96 -14.68
C GLU B 42 -11.41 -7.93 -14.59
N ALA B 43 -10.45 -8.14 -13.72
CA ALA B 43 -9.32 -7.19 -13.61
C ALA B 43 -8.05 -7.78 -14.24
N PRO B 44 -7.97 -7.69 -15.55
CA PRO B 44 -6.80 -8.26 -16.26
C PRO B 44 -5.51 -7.52 -15.92
N GLY B 45 -4.38 -8.14 -16.11
CA GLY B 45 -3.08 -7.47 -15.81
C GLY B 45 -2.63 -7.84 -14.40
N TYR B 46 -3.55 -8.17 -13.54
CA TYR B 46 -3.17 -8.53 -12.14
C TYR B 46 -2.69 -9.98 -12.07
N TYR B 47 -1.40 -10.17 -12.10
CA TYR B 47 -0.83 -11.55 -12.03
C TYR B 47 0.69 -11.49 -12.05
N GLU B 48 1.24 -10.74 -12.97
CA GLU B 48 2.72 -10.63 -13.06
C GLU B 48 3.18 -9.18 -13.02
N VAL B 49 2.27 -8.24 -13.14
CA VAL B 49 2.68 -6.80 -13.12
C VAL B 49 2.42 -6.23 -11.72
N ILE B 50 1.33 -6.60 -11.13
CA ILE B 50 0.99 -6.06 -9.79
C ILE B 50 1.63 -6.87 -8.67
N ARG B 51 2.35 -7.91 -9.02
CA ARG B 51 3.01 -8.77 -7.98
C ARG B 51 1.97 -9.39 -7.04
N PHE B 52 1.41 -8.60 -6.16
CA PHE B 52 0.36 -9.13 -5.25
C PHE B 52 -0.70 -8.04 -5.02
N PRO B 53 -1.76 -8.09 -5.79
CA PRO B 53 -2.87 -7.11 -5.66
C PRO B 53 -3.12 -6.70 -4.20
N MET B 54 -2.60 -5.57 -3.80
CA MET B 54 -2.83 -5.10 -2.40
C MET B 54 -3.67 -3.82 -2.43
N ASP B 55 -4.22 -3.44 -1.31
CA ASP B 55 -5.06 -2.21 -1.28
C ASP B 55 -5.52 -1.96 0.16
N LEU B 56 -5.59 -0.71 0.58
CA LEU B 56 -6.03 -0.40 1.97
C LEU B 56 -7.28 -1.22 2.33
N LYS B 57 -8.16 -1.40 1.38
CA LYS B 57 -9.37 -2.24 1.60
C LYS B 57 -9.00 -3.53 2.35
N THR B 58 -7.95 -4.19 1.93
CA THR B 58 -7.53 -5.44 2.61
C THR B 58 -6.28 -5.19 3.46
N MET B 59 -5.37 -4.39 2.98
CA MET B 59 -4.12 -4.14 3.74
C MET B 59 -4.43 -3.69 5.17
N SER B 60 -5.52 -2.99 5.37
CA SER B 60 -5.85 -2.52 6.74
C SER B 60 -6.36 -3.69 7.59
N GLU B 61 -7.14 -4.56 7.02
CA GLU B 61 -7.65 -5.73 7.79
C GLU B 61 -6.49 -6.47 8.46
N ARG B 62 -5.34 -6.49 7.83
CA ARG B 62 -4.17 -7.18 8.44
C ARG B 62 -3.82 -6.51 9.77
N LEU B 63 -3.55 -5.25 9.76
CA LEU B 63 -3.23 -4.53 11.03
C LEU B 63 -4.35 -4.76 12.05
N LYS B 64 -5.54 -4.98 11.58
CA LYS B 64 -6.68 -5.23 12.51
C LYS B 64 -6.55 -6.61 13.15
N ASN B 65 -5.88 -7.51 12.50
CA ASN B 65 -5.72 -8.88 13.07
C ASN B 65 -4.32 -9.07 13.66
N ARG B 66 -3.59 -8.00 13.84
CA ARG B 66 -2.20 -8.13 14.40
C ARG B 66 -1.41 -9.17 13.61
N TYR B 67 -0.91 -8.82 12.47
CA TYR B 67 -0.13 -9.78 11.66
C TYR B 67 1.08 -9.09 11.04
N TYR B 68 0.89 -7.94 10.45
CA TYR B 68 2.04 -7.21 9.86
C TYR B 68 2.55 -6.14 10.83
N VAL B 69 3.36 -6.53 11.78
CA VAL B 69 3.85 -5.55 12.78
C VAL B 69 5.38 -5.38 12.67
N SER B 70 5.86 -5.00 11.51
CA SER B 70 7.32 -4.80 11.34
C SER B 70 7.60 -3.86 10.17
N LYS B 71 8.71 -4.03 9.50
CA LYS B 71 9.03 -3.14 8.35
C LYS B 71 8.82 -3.88 7.03
N LYS B 72 9.61 -4.89 6.77
CA LYS B 72 9.44 -5.64 5.49
C LYS B 72 8.00 -6.10 5.32
N LEU B 73 7.26 -6.22 6.40
CA LEU B 73 5.84 -6.65 6.29
C LEU B 73 4.94 -5.48 5.88
N PHE B 74 4.75 -4.55 6.78
CA PHE B 74 3.87 -3.37 6.47
C PHE B 74 4.42 -2.58 5.29
N MET B 75 5.67 -2.19 5.35
CA MET B 75 6.26 -1.38 4.24
C MET B 75 6.08 -2.10 2.90
N ALA B 76 6.20 -3.41 2.89
CA ALA B 76 6.06 -4.16 1.61
C ALA B 76 4.67 -4.00 1.02
N ASP B 77 3.68 -4.56 1.65
CA ASP B 77 2.29 -4.46 1.12
C ASP B 77 1.94 -3.01 0.79
N LEU B 78 2.28 -2.09 1.66
CA LEU B 78 1.95 -0.67 1.36
C LEU B 78 2.66 -0.23 0.09
N GLN B 79 3.93 -0.47 -0.03
CA GLN B 79 4.62 -0.12 -1.30
C GLN B 79 3.98 -0.91 -2.43
N ARG B 80 3.70 -2.15 -2.21
CA ARG B 80 3.03 -2.98 -3.25
C ARG B 80 1.80 -2.24 -3.80
N VAL B 81 1.18 -1.46 -2.98
CA VAL B 81 -0.01 -0.68 -3.44
C VAL B 81 0.46 0.56 -4.21
N PHE B 82 1.53 1.16 -3.78
CA PHE B 82 2.05 2.35 -4.51
C PHE B 82 2.84 1.91 -5.75
N THR B 83 3.79 1.04 -5.57
CA THR B 83 4.62 0.58 -6.71
C THR B 83 3.74 -0.01 -7.82
N ASN B 84 2.88 -0.95 -7.49
CA ASN B 84 2.02 -1.55 -8.55
C ASN B 84 1.08 -0.49 -9.14
N CYS B 85 0.56 0.39 -8.32
CA CYS B 85 -0.34 1.44 -8.86
C CYS B 85 0.38 2.23 -9.95
N LYS B 86 1.66 2.39 -9.83
CA LYS B 86 2.42 3.10 -10.89
C LYS B 86 2.75 2.14 -12.05
N GLU B 87 2.14 0.98 -12.10
CA GLU B 87 2.48 0.01 -13.16
C GLU B 87 1.31 -0.21 -14.12
N TYR B 88 0.09 0.05 -13.72
CA TYR B 88 -1.04 -0.23 -14.66
C TYR B 88 -2.00 0.96 -14.84
N ASN B 89 -2.31 1.72 -13.81
CA ASN B 89 -3.25 2.86 -14.05
C ASN B 89 -2.62 4.02 -14.83
N PRO B 90 -1.31 4.19 -14.76
CA PRO B 90 -0.66 5.28 -15.53
C PRO B 90 -0.21 4.74 -16.90
N PRO B 91 0.58 5.47 -17.68
CA PRO B 91 1.21 6.76 -17.31
C PRO B 91 0.25 7.76 -16.67
N GLU B 92 0.62 8.28 -15.51
CA GLU B 92 -0.18 9.31 -14.75
C GLU B 92 -1.61 9.47 -15.27
N SER B 93 -2.41 8.45 -15.13
CA SER B 93 -3.81 8.56 -15.62
C SER B 93 -4.68 9.15 -14.52
N GLU B 94 -4.46 8.74 -13.30
CA GLU B 94 -5.26 9.29 -12.16
C GLU B 94 -4.90 8.61 -10.86
N TYR B 95 -4.69 7.32 -10.90
CA TYR B 95 -4.32 6.59 -9.67
C TYR B 95 -2.84 6.78 -9.36
N TYR B 96 -2.00 6.76 -10.37
CA TYR B 96 -0.55 6.96 -10.13
C TYR B 96 -0.30 8.26 -9.33
N LYS B 97 -0.78 9.37 -9.83
CA LYS B 97 -0.56 10.67 -9.12
C LYS B 97 -0.86 10.54 -7.63
N CYS B 98 -1.77 9.66 -7.27
CA CYS B 98 -2.08 9.47 -5.82
C CYS B 98 -1.01 8.60 -5.16
N ALA B 99 -0.58 7.57 -5.84
CA ALA B 99 0.45 6.67 -5.25
C ALA B 99 1.66 7.49 -4.78
N ASN B 100 2.08 8.44 -5.54
CA ASN B 100 3.26 9.27 -5.15
C ASN B 100 2.94 10.09 -3.90
N ILE B 101 1.89 10.86 -3.95
CA ILE B 101 1.53 11.71 -2.77
C ILE B 101 1.33 10.83 -1.53
N LEU B 102 0.34 9.96 -1.55
CA LEU B 102 0.10 9.09 -0.37
C LEU B 102 1.38 8.40 0.07
N GLU B 103 2.22 8.05 -0.87
CA GLU B 103 3.52 7.41 -0.52
C GLU B 103 4.44 8.44 0.13
N LYS B 104 4.43 9.65 -0.38
CA LYS B 104 5.31 10.71 0.18
C LYS B 104 5.04 10.87 1.68
N PHE B 105 3.82 11.11 2.05
CA PHE B 105 3.49 11.28 3.49
C PHE B 105 3.94 10.05 4.30
N PHE B 106 3.52 8.89 3.88
CA PHE B 106 3.93 7.66 4.61
C PHE B 106 5.47 7.58 4.66
N PHE B 107 6.13 8.13 3.67
CA PHE B 107 7.62 8.09 3.68
C PHE B 107 8.17 8.95 4.82
N SER B 108 7.52 10.04 5.10
CA SER B 108 7.97 10.90 6.23
C SER B 108 7.65 10.21 7.56
N LYS B 109 6.52 9.58 7.65
CA LYS B 109 6.14 8.92 8.91
C LYS B 109 6.98 7.66 9.14
N ILE B 110 7.34 6.94 8.11
CA ILE B 110 8.18 5.72 8.32
C ILE B 110 9.61 6.14 8.67
N LYS B 111 10.12 7.16 8.03
CA LYS B 111 11.47 7.64 8.42
C LYS B 111 11.37 8.20 9.83
N GLU B 112 10.25 8.81 10.11
CA GLU B 112 9.99 9.34 11.47
C GLU B 112 9.71 8.17 12.42
N ALA B 113 9.19 7.10 11.88
CA ALA B 113 8.89 5.91 12.72
C ALA B 113 10.10 4.99 12.80
N GLY B 114 11.22 5.39 12.26
CA GLY B 114 12.40 4.49 12.27
C GLY B 114 12.08 3.26 11.43
N LEU B 115 11.14 3.37 10.52
CA LEU B 115 10.77 2.22 9.68
C LEU B 115 11.82 2.02 8.60
N ILE B 116 12.23 3.09 7.99
CA ILE B 116 13.25 3.01 6.91
C ILE B 116 14.64 3.29 7.47
N ASP B 117 14.73 3.94 8.59
CA ASP B 117 16.05 4.25 9.21
C ASP B 117 16.99 4.87 8.16
N LYS B 118 16.46 5.60 7.23
CA LYS B 118 17.33 6.23 6.19
C LYS B 118 17.97 7.51 6.74
#